data_4GMS
#
_entry.id   4GMS
#
_cell.length_a   225.510
_cell.length_b   112.940
_cell.length_c   196.970
_cell.angle_alpha   90.00
_cell.angle_beta   118.76
_cell.angle_gamma   90.00
#
_symmetry.space_group_name_H-M   'C 1 2 1'
#
loop_
_entity.id
_entity.type
_entity.pdbx_description
1 polymer 'Hemagglutinin HA1 chain'
2 polymer 'Hemagglutinin HA2 chain'
3 polymer 'Fab S139/1 light chain'
4 polymer 'Fab S139/1 heavy chain'
5 branched 2-acetamido-2-deoxy-beta-D-glucopyranose-(1-4)-2-acetamido-2-deoxy-beta-D-glucopyranose
6 branched alpha-D-mannopyranose-(1-3)-[alpha-D-mannopyranose-(1-6)]beta-D-mannopyranose-(1-4)-2-acetamido-2-deoxy-beta-D-glucopyranose-(1-4)-2-acetamido-2-deoxy-beta-D-glucopyranose
7 branched beta-D-mannopyranose-(1-4)-2-acetamido-2-deoxy-beta-D-glucopyranose-(1-4)-2-acetamido-2-deoxy-beta-D-glucopyranose
8 branched alpha-D-mannopyranose-(1-3)-beta-D-mannopyranose-(1-4)-2-acetamido-2-deoxy-beta-D-glucopyranose-(1-4)-2-acetamido-2-deoxy-beta-D-glucopyranose
9 non-polymer 2-acetamido-2-deoxy-beta-D-glucopyranose
10 non-polymer 'SULFATE ION'
11 non-polymer GLYCEROL
12 non-polymer 'TETRAETHYLENE GLYCOL'
13 water water
#
loop_
_entity_poly.entity_id
_entity_poly.type
_entity_poly.pdbx_seq_one_letter_code
_entity_poly.pdbx_strand_id
1 'polypeptide(L)'
;GATLCLGHHAVPNGTLVKTITNDQIEVTNATELVQSSSTGKICNNPHRILDGINCTLIDALLGDPHCDGFQNEKWDLFVE
RSKAFSNCYPYDVPDYASLRSLVASSGTLEFINEGFNWTGVTQNGGSSACKRGPDSGFFSRLNWLYKSGSTYPVQNVTMP
NNDNSDKLYIWGVHHPSTDKEQTNLYVQASGKVTVSTKRSQQTIIPNVGSRPWVRGLSSRISIYWTIVKPGDILVINSNG
NLIAPRGYFKMRTGKSSIMRSDAPIGTCSSECITPNGSIPNDKPFQNVNKITYGACPKYVKQNTLKLATGMRNVPEKQTR
;
A,C,E
2 'polypeptide(L)'
;GIFGAIAGFIENGWEGMIDGWYGFRHQNSEGTGQAADLKSTQAAIDQINGKLNRVIEKTNEKFHQIEKEFSEVEGRIQDL
EKYVEDTKIDLWSYNAELLVALENQHTIDLTDSEMNKLFEKTRRQLRENAEDMGNGCFKIYHKCDNACIGSIRNGTYDHD
VYRDEALNNRFQIKGV
;
B,D,F
3 'polypeptide(L)'
;DIVMTQSQKFMSTSVGDRVSVTCKASQNVDTNVAWYQEKPGQSPKTLIYSASNRYSGVPDRFTGSASGTDFTLTITNVQS
EDLAEYFCQQYNSYPYTFGGGTKLEIKRADAAPTVSIFPPSSEQLTSGGASVVCFLNNFYPKDINVKWKIDGSERQNGVL
NSWTDQDSKDSTYSMSSTLTLTKDEYERHNSYTCEATHKTSTSPIVKSFNRNEC
;
L,M,N
4 'polypeptide(L)'
;(PCA)VQLQQSGTELKKPGASVKISCKATGYTFSSYWIEWIKQRPGHGLEWIGEILPEIGMTNYNENFKGKATFTANTSS
NTVYMQLSSLTSEDSAVYYCARPYDYSWFAYWGQGTLVTVSAAKTTAPSVYPLAPVCGDTTGSSVTLGCLVKGYFPEPVT
LTWNSGSLSSGVHTFPAVLQSDLYTLSSSVTVTSSTWPSQSITCNVAHPASSTKVDKKIEPRGHHHHHH
;
H,I,J
#
loop_
_chem_comp.id
_chem_comp.type
_chem_comp.name
_chem_comp.formula
BMA D-saccharide, beta linking beta-D-mannopyranose 'C6 H12 O6'
GOL non-polymer GLYCEROL 'C3 H8 O3'
MAN D-saccharide, alpha linking alpha-D-mannopyranose 'C6 H12 O6'
NAG D-saccharide, beta linking 2-acetamido-2-deoxy-beta-D-glucopyranose 'C8 H15 N O6'
PG4 non-polymer 'TETRAETHYLENE GLYCOL' 'C8 H18 O5'
SO4 non-polymer 'SULFATE ION' 'O4 S -2'
#
# COMPACT_ATOMS: atom_id res chain seq x y z
N GLY A 1 -12.32 61.81 -77.91
CA GLY A 1 -11.40 61.08 -77.05
C GLY A 1 -11.92 59.74 -76.53
N ALA A 2 -11.17 59.12 -75.63
CA ALA A 2 -11.53 57.81 -75.08
C ALA A 2 -11.53 57.79 -73.57
N THR A 3 -12.23 56.81 -72.99
CA THR A 3 -12.19 56.60 -71.56
C THR A 3 -11.68 55.21 -71.28
N LEU A 4 -10.70 55.11 -70.38
CA LEU A 4 -10.15 53.82 -69.96
C LEU A 4 -10.41 53.56 -68.48
N CYS A 5 -11.10 52.46 -68.17
CA CYS A 5 -11.47 52.19 -66.80
C CYS A 5 -10.72 51.01 -66.23
N LEU A 6 -10.18 51.22 -65.03
CA LEU A 6 -9.55 50.15 -64.26
C LEU A 6 -10.58 49.57 -63.31
N GLY A 7 -10.58 48.25 -63.17
CA GLY A 7 -11.55 47.59 -62.31
C GLY A 7 -11.07 46.26 -61.78
N HIS A 8 -11.85 45.69 -60.87
CA HIS A 8 -11.59 44.36 -60.33
C HIS A 8 -12.90 43.59 -60.39
N HIS A 9 -12.84 42.27 -60.28
CA HIS A 9 -14.04 41.47 -60.48
C HIS A 9 -14.85 41.35 -59.19
N ALA A 10 -16.00 40.68 -59.33
CA ALA A 10 -16.92 40.45 -58.24
C ALA A 10 -17.75 39.23 -58.58
N VAL A 11 -18.44 38.69 -57.58
CA VAL A 11 -19.21 37.47 -57.77
C VAL A 11 -20.59 37.63 -57.15
N PRO A 12 -21.57 36.85 -57.63
CA PRO A 12 -22.93 36.84 -57.08
C PRO A 12 -22.97 36.35 -55.63
N ASN A 13 -22.32 35.22 -55.36
CA ASN A 13 -22.34 34.67 -54.03
C ASN A 13 -20.98 34.82 -53.38
N GLY A 14 -20.89 35.72 -52.42
CA GLY A 14 -19.65 35.95 -51.71
C GLY A 14 -19.66 35.23 -50.37
N THR A 15 -18.56 35.35 -49.62
CA THR A 15 -18.41 34.64 -48.35
C THR A 15 -17.98 35.56 -47.23
N LEU A 16 -18.60 35.42 -46.06
CA LEU A 16 -18.18 36.21 -44.91
C LEU A 16 -16.94 35.58 -44.23
N VAL A 17 -15.92 36.41 -44.01
CA VAL A 17 -14.79 35.95 -43.23
C VAL A 17 -14.50 36.95 -42.14
N LYS A 18 -13.51 36.60 -41.32
CA LYS A 18 -13.25 37.36 -40.11
C LYS A 18 -11.87 37.96 -40.25
N THR A 19 -11.70 39.21 -39.86
CA THR A 19 -10.38 39.85 -39.92
C THR A 19 -10.02 40.51 -38.58
N ILE A 20 -8.86 41.15 -38.55
CA ILE A 20 -8.39 41.83 -37.37
C ILE A 20 -9.36 42.92 -36.93
N THR A 21 -9.87 43.68 -37.89
CA THR A 21 -10.73 44.83 -37.62
C THR A 21 -12.21 44.54 -37.83
N ASN A 22 -12.50 43.36 -38.34
CA ASN A 22 -13.84 43.12 -38.82
C ASN A 22 -14.31 41.74 -38.48
N ASP A 23 -15.50 41.68 -37.91
CA ASP A 23 -16.04 40.42 -37.45
C ASP A 23 -16.59 39.60 -38.62
N GLN A 24 -17.38 40.27 -39.46
CA GLN A 24 -17.90 39.67 -40.68
C GLN A 24 -17.63 40.64 -41.81
N ILE A 25 -16.95 40.17 -42.85
CA ILE A 25 -16.75 40.98 -44.05
C ILE A 25 -16.72 40.08 -45.27
N GLU A 26 -17.34 40.53 -46.37
CA GLU A 26 -17.56 39.67 -47.55
C GLU A 26 -16.39 39.68 -48.53
N VAL A 27 -15.86 38.50 -48.82
CA VAL A 27 -14.82 38.31 -49.83
C VAL A 27 -15.38 37.42 -50.94
N THR A 28 -14.60 37.19 -51.99
CA THR A 28 -15.14 36.50 -53.16
C THR A 28 -15.13 34.98 -52.99
N ASN A 29 -14.14 34.49 -52.27
CA ASN A 29 -14.00 33.07 -52.02
C ASN A 29 -13.25 32.86 -50.72
N ALA A 30 -13.53 31.77 -50.02
CA ALA A 30 -12.70 31.45 -48.87
C ALA A 30 -12.61 29.94 -48.79
N THR A 31 -11.69 29.45 -47.97
CA THR A 31 -11.54 28.02 -47.81
C THR A 31 -11.56 27.66 -46.32
N GLU A 32 -12.14 26.51 -46.00
CA GLU A 32 -12.36 26.11 -44.61
C GLU A 32 -11.13 25.44 -44.02
N LEU A 33 -10.66 25.94 -42.88
CA LEU A 33 -9.47 25.39 -42.26
C LEU A 33 -9.75 24.41 -41.12
N VAL A 34 -11.02 24.21 -40.77
CA VAL A 34 -11.35 23.29 -39.69
C VAL A 34 -12.17 22.13 -40.19
N GLN A 35 -11.62 20.93 -40.06
CA GLN A 35 -12.33 19.72 -40.46
C GLN A 35 -13.35 19.33 -39.39
N SER A 36 -14.64 19.41 -39.71
CA SER A 36 -15.69 19.12 -38.73
C SER A 36 -16.46 17.80 -38.89
N SER A 37 -16.17 17.02 -39.91
CA SER A 37 -16.96 15.82 -40.18
C SER A 37 -16.11 14.56 -40.21
N SER A 38 -16.76 13.41 -40.08
CA SER A 38 -16.07 12.14 -40.25
C SER A 38 -16.90 11.20 -41.10
N THR A 39 -16.20 10.36 -41.86
CA THR A 39 -16.89 9.35 -42.65
C THR A 39 -17.63 8.37 -41.73
N GLY A 40 -17.04 8.10 -40.57
CA GLY A 40 -17.68 7.24 -39.56
C GLY A 40 -17.04 5.87 -39.40
N LYS A 41 -16.12 5.53 -40.29
CA LYS A 41 -15.44 4.26 -40.23
C LYS A 41 -13.97 4.49 -39.95
N ILE A 42 -13.38 3.62 -39.14
CA ILE A 42 -11.94 3.61 -39.00
C ILE A 42 -11.35 2.89 -40.21
N CYS A 43 -10.51 3.58 -40.96
CA CYS A 43 -9.97 3.01 -42.17
C CYS A 43 -8.83 2.06 -41.87
N ASN A 44 -8.92 0.87 -42.45
CA ASN A 44 -7.94 -0.16 -42.16
C ASN A 44 -6.57 0.07 -42.79
N ASN A 45 -6.44 1.09 -43.65
CA ASN A 45 -5.14 1.45 -44.20
C ASN A 45 -4.82 2.91 -43.97
N PRO A 46 -3.53 3.26 -43.93
CA PRO A 46 -2.38 2.34 -43.94
C PRO A 46 -1.86 2.01 -42.54
N HIS A 47 -2.72 1.73 -41.58
CA HIS A 47 -2.22 1.46 -40.25
C HIS A 47 -2.68 0.07 -39.92
N ARG A 48 -1.88 -0.72 -39.20
CA ARG A 48 -2.36 -2.04 -38.84
C ARG A 48 -3.31 -1.78 -37.69
N ILE A 49 -4.58 -2.04 -37.93
CA ILE A 49 -5.62 -1.84 -36.95
C ILE A 49 -5.98 -3.20 -36.39
N LEU A 50 -5.96 -3.34 -35.06
CA LEU A 50 -6.40 -4.59 -34.47
C LEU A 50 -7.70 -4.37 -33.71
N ASP A 51 -8.79 -4.88 -34.28
CA ASP A 51 -10.08 -4.78 -33.63
C ASP A 51 -10.14 -5.82 -32.53
N GLY A 52 -10.28 -5.36 -31.29
CA GLY A 52 -10.25 -6.23 -30.13
C GLY A 52 -11.56 -6.95 -29.93
N ILE A 53 -12.62 -6.49 -30.57
CA ILE A 53 -13.93 -7.11 -30.44
C ILE A 53 -14.23 -7.27 -28.96
N ASN A 54 -14.59 -8.46 -28.48
CA ASN A 54 -14.99 -8.65 -27.07
C ASN A 54 -13.85 -8.54 -26.06
N CYS A 55 -12.63 -8.39 -26.55
CA CYS A 55 -11.44 -8.37 -25.71
C CYS A 55 -10.84 -7.00 -25.47
N THR A 56 -10.51 -6.70 -24.21
CA THR A 56 -9.66 -5.56 -23.89
C THR A 56 -8.21 -6.00 -24.07
N LEU A 57 -7.30 -5.05 -24.27
CA LEU A 57 -5.88 -5.37 -24.46
C LEU A 57 -5.31 -6.16 -23.28
N ILE A 58 -5.66 -5.81 -22.06
CA ILE A 58 -5.11 -6.52 -20.90
C ILE A 58 -5.52 -8.00 -20.90
N ASP A 59 -6.80 -8.28 -21.18
CA ASP A 59 -7.26 -9.67 -21.22
C ASP A 59 -6.56 -10.48 -22.30
N ALA A 60 -6.32 -9.85 -23.46
CA ALA A 60 -5.54 -10.44 -24.52
C ALA A 60 -4.12 -10.72 -24.03
N LEU A 61 -3.54 -9.78 -23.31
CA LEU A 61 -2.22 -9.96 -22.73
C LEU A 61 -2.20 -11.18 -21.82
N LEU A 62 -3.09 -11.18 -20.82
CA LEU A 62 -3.13 -12.23 -19.80
C LEU A 62 -3.51 -13.61 -20.38
N GLY A 63 -4.35 -13.65 -21.41
CA GLY A 63 -4.77 -14.93 -21.94
C GLY A 63 -6.12 -15.49 -21.49
N ASP A 64 -7.01 -14.60 -21.10
CA ASP A 64 -8.40 -14.96 -20.84
C ASP A 64 -8.85 -15.81 -22.02
N PRO A 65 -9.47 -16.97 -21.78
CA PRO A 65 -9.73 -17.92 -22.87
C PRO A 65 -10.42 -17.33 -24.10
N HIS A 66 -11.50 -16.56 -23.93
CA HIS A 66 -12.20 -16.06 -25.11
C HIS A 66 -11.35 -15.05 -25.89
N CYS A 67 -10.21 -14.68 -25.32
CA CYS A 67 -9.26 -13.82 -25.99
C CYS A 67 -8.12 -14.54 -26.68
N ASP A 68 -8.12 -15.86 -26.67
CA ASP A 68 -6.93 -16.57 -27.12
C ASP A 68 -6.60 -16.40 -28.60
N GLY A 69 -7.54 -15.80 -29.34
CA GLY A 69 -7.27 -15.46 -30.72
C GLY A 69 -6.19 -14.40 -30.84
N PHE A 70 -6.03 -13.61 -29.80
CA PHE A 70 -5.11 -12.49 -29.85
C PHE A 70 -3.68 -12.86 -29.53
N GLN A 71 -3.43 -14.14 -29.32
CA GLN A 71 -2.08 -14.55 -28.94
C GLN A 71 -1.05 -14.14 -29.99
N ASN A 72 0.05 -13.55 -29.53
CA ASN A 72 1.15 -13.12 -30.41
C ASN A 72 0.78 -12.12 -31.50
N GLU A 73 -0.33 -11.39 -31.29
CA GLU A 73 -0.81 -10.41 -32.26
C GLU A 73 0.04 -9.13 -32.30
N LYS A 74 -0.09 -8.38 -33.38
CA LYS A 74 0.59 -7.09 -33.53
C LYS A 74 -0.40 -6.05 -33.95
N TRP A 75 -0.11 -4.80 -33.65
CA TRP A 75 -0.92 -3.68 -34.13
C TRP A 75 -0.14 -2.38 -34.21
N ASP A 76 -0.57 -1.48 -35.06
CA ASP A 76 -0.20 -0.08 -34.94
C ASP A 76 -1.19 0.58 -33.99
N LEU A 77 -2.46 0.24 -34.15
CA LEU A 77 -3.49 0.80 -33.29
C LEU A 77 -4.44 -0.28 -32.83
N PHE A 78 -4.46 -0.51 -31.52
CA PHE A 78 -5.37 -1.48 -30.94
C PHE A 78 -6.67 -0.77 -30.62
N VAL A 79 -7.78 -1.28 -31.13
CA VAL A 79 -9.06 -0.64 -30.84
C VAL A 79 -9.88 -1.40 -29.79
N GLU A 80 -10.10 -0.81 -28.62
CA GLU A 80 -10.91 -1.49 -27.58
C GLU A 80 -12.37 -1.07 -27.72
N ARG A 81 -13.27 -2.05 -27.78
CA ARG A 81 -14.71 -1.79 -27.84
C ARG A 81 -15.38 -1.66 -26.50
N SER A 82 -16.54 -1.01 -26.45
CA SER A 82 -17.24 -0.85 -25.17
C SER A 82 -17.88 -2.15 -24.71
N LYS A 83 -18.16 -3.04 -25.65
CA LYS A 83 -18.86 -4.30 -25.38
C LYS A 83 -17.92 -5.36 -24.82
N ALA A 84 -16.65 -5.03 -24.70
CA ALA A 84 -15.69 -6.00 -24.22
C ALA A 84 -16.05 -6.42 -22.79
N PHE A 85 -15.60 -7.61 -22.40
CA PHE A 85 -15.93 -8.18 -21.10
C PHE A 85 -14.89 -9.20 -20.70
N SER A 86 -14.80 -9.49 -19.41
CA SER A 86 -13.83 -10.46 -18.88
C SER A 86 -14.52 -11.74 -18.45
N ASN A 87 -14.12 -12.87 -19.03
CA ASN A 87 -14.72 -14.16 -18.67
C ASN A 87 -13.95 -15.07 -17.71
N CYS A 88 -12.83 -14.61 -17.16
CA CYS A 88 -11.91 -15.47 -16.44
C CYS A 88 -11.90 -15.15 -14.94
N TYR A 89 -10.95 -15.72 -14.21
CA TYR A 89 -10.82 -15.43 -12.78
C TYR A 89 -10.85 -13.93 -12.55
N PRO A 90 -11.66 -13.44 -11.59
CA PRO A 90 -11.75 -12.00 -11.40
C PRO A 90 -10.45 -11.45 -10.87
N TYR A 91 -9.99 -10.33 -11.41
CA TYR A 91 -8.68 -9.81 -11.05
C TYR A 91 -8.67 -8.31 -10.97
N ASP A 92 -7.51 -7.77 -10.61
CA ASP A 92 -7.29 -6.35 -10.74
C ASP A 92 -5.82 -6.07 -11.04
N VAL A 93 -5.57 -4.94 -11.68
CA VAL A 93 -4.20 -4.51 -11.93
C VAL A 93 -3.93 -3.20 -11.22
N PRO A 94 -3.08 -3.22 -10.19
CA PRO A 94 -2.66 -1.90 -9.71
C PRO A 94 -1.90 -1.15 -10.83
N ASP A 95 -2.16 0.13 -10.99
CA ASP A 95 -1.62 0.88 -12.11
C ASP A 95 -1.97 0.22 -13.44
N TYR A 96 -3.23 -0.18 -13.55
CA TYR A 96 -3.76 -0.74 -14.78
C TYR A 96 -3.42 0.16 -15.97
N ALA A 97 -3.59 1.47 -15.78
CA ALA A 97 -3.36 2.42 -16.86
C ALA A 97 -1.96 2.27 -17.45
N SER A 98 -0.96 2.10 -16.60
CA SER A 98 0.40 2.04 -17.08
C SER A 98 0.70 0.76 -17.82
N LEU A 99 0.26 -0.36 -17.28
CA LEU A 99 0.45 -1.62 -17.98
C LEU A 99 -0.19 -1.51 -19.37
N ARG A 100 -1.44 -1.05 -19.37
CA ARG A 100 -2.18 -0.87 -20.63
C ARG A 100 -1.41 0.00 -21.61
N SER A 101 -0.93 1.15 -21.13
CA SER A 101 -0.15 2.06 -21.95
C SER A 101 1.08 1.37 -22.52
N LEU A 102 1.95 0.85 -21.66
CA LEU A 102 3.24 0.36 -22.12
C LEU A 102 3.09 -0.83 -23.08
N VAL A 103 2.09 -1.68 -22.86
CA VAL A 103 1.82 -2.76 -23.80
C VAL A 103 1.29 -2.19 -25.10
N ALA A 104 0.32 -1.28 -25.01
CA ALA A 104 -0.23 -0.66 -26.23
C ALA A 104 0.90 -0.08 -27.07
N SER A 105 1.82 0.62 -26.41
CA SER A 105 2.95 1.23 -27.05
C SER A 105 3.93 0.22 -27.62
N SER A 106 4.19 -0.87 -26.90
CA SER A 106 5.07 -1.93 -27.43
C SER A 106 4.48 -2.50 -28.72
N GLY A 107 3.15 -2.53 -28.80
CA GLY A 107 2.45 -2.80 -30.05
C GLY A 107 2.51 -4.24 -30.51
N THR A 108 2.92 -5.13 -29.61
CA THR A 108 2.99 -6.55 -29.90
C THR A 108 2.68 -7.38 -28.64
N LEU A 109 1.95 -8.46 -28.86
CA LEU A 109 1.68 -9.46 -27.84
C LEU A 109 2.61 -10.69 -27.93
N GLU A 110 3.64 -10.60 -28.77
CA GLU A 110 4.51 -11.74 -29.02
C GLU A 110 5.07 -12.30 -27.72
N PHE A 111 4.81 -13.58 -27.49
CA PHE A 111 5.15 -14.25 -26.23
C PHE A 111 6.16 -15.36 -26.49
N ILE A 112 7.19 -15.41 -25.65
CA ILE A 112 8.26 -16.38 -25.75
C ILE A 112 8.28 -17.12 -24.46
N ASN A 113 8.11 -18.44 -24.53
CA ASN A 113 8.05 -19.29 -23.35
C ASN A 113 9.40 -19.53 -22.71
N GLU A 114 9.38 -19.71 -21.41
CA GLU A 114 10.57 -20.11 -20.65
C GLU A 114 10.21 -21.09 -19.55
N GLY A 115 10.93 -22.20 -19.46
CA GLY A 115 10.80 -23.08 -18.31
C GLY A 115 11.47 -22.52 -17.06
N PHE A 116 10.69 -22.36 -16.00
CA PHE A 116 11.23 -21.94 -14.72
C PHE A 116 11.36 -23.19 -13.91
N ASN A 117 12.40 -23.31 -13.10
CA ASN A 117 12.57 -24.56 -12.38
C ASN A 117 11.80 -24.43 -11.09
N TRP A 118 10.62 -25.01 -11.07
CA TRP A 118 9.76 -24.95 -9.89
C TRP A 118 9.93 -26.29 -9.22
N THR A 119 9.79 -26.31 -7.91
CA THR A 119 10.12 -27.51 -7.16
C THR A 119 9.04 -27.86 -6.16
N GLY A 120 8.55 -29.09 -6.25
CA GLY A 120 7.64 -29.63 -5.25
C GLY A 120 6.33 -28.88 -5.10
N VAL A 121 5.88 -28.28 -6.19
CA VAL A 121 4.58 -27.65 -6.22
C VAL A 121 3.83 -28.18 -7.42
N THR A 122 2.51 -28.16 -7.35
CA THR A 122 1.68 -28.52 -8.50
C THR A 122 1.58 -27.32 -9.39
N GLN A 123 1.67 -27.52 -10.69
CA GLN A 123 1.51 -26.41 -11.63
C GLN A 123 0.14 -26.40 -12.31
N ASN A 124 -0.08 -25.41 -13.16
CA ASN A 124 -1.29 -25.34 -13.98
C ASN A 124 -2.62 -25.44 -13.22
N GLY A 125 -2.67 -24.83 -12.05
CA GLY A 125 -3.92 -24.67 -11.35
C GLY A 125 -4.90 -23.97 -12.26
N GLY A 126 -6.19 -24.20 -12.00
CA GLY A 126 -7.25 -23.63 -12.81
C GLY A 126 -8.54 -23.51 -12.02
N SER A 127 -9.62 -23.10 -12.68
CA SER A 127 -10.87 -22.83 -11.97
C SER A 127 -12.04 -23.01 -12.91
N SER A 128 -13.23 -23.10 -12.34
CA SER A 128 -14.46 -23.11 -13.12
C SER A 128 -14.91 -21.71 -13.46
N ALA A 129 -14.33 -20.73 -12.78
CA ALA A 129 -14.60 -19.34 -13.10
C ALA A 129 -13.95 -19.00 -14.44
N CYS A 130 -12.82 -19.64 -14.73
CA CYS A 130 -12.19 -19.46 -16.01
C CYS A 130 -12.24 -20.77 -16.76
N LYS A 131 -13.21 -20.94 -17.65
CA LYS A 131 -13.41 -22.26 -18.27
C LYS A 131 -12.84 -22.23 -19.66
N ARG A 132 -11.89 -23.12 -19.94
CA ARG A 132 -11.42 -23.21 -21.31
C ARG A 132 -12.06 -24.42 -21.93
N GLY A 133 -12.99 -24.18 -22.82
CA GLY A 133 -13.76 -25.25 -23.39
C GLY A 133 -14.73 -25.77 -22.34
N PRO A 134 -14.98 -27.09 -22.35
CA PRO A 134 -15.94 -27.72 -21.44
C PRO A 134 -15.42 -27.75 -20.01
N ASP A 135 -14.10 -27.78 -19.89
CA ASP A 135 -13.46 -28.00 -18.60
C ASP A 135 -12.91 -26.72 -18.00
N SER A 136 -12.36 -26.86 -16.80
CA SER A 136 -11.86 -25.74 -16.01
C SER A 136 -10.54 -25.23 -16.59
N GLY A 137 -10.16 -24.00 -16.26
CA GLY A 137 -9.07 -23.33 -16.96
C GLY A 137 -8.48 -22.14 -16.24
N PHE A 138 -7.74 -21.31 -16.97
CA PHE A 138 -7.03 -20.19 -16.37
C PHE A 138 -6.33 -19.36 -17.46
N PHE A 139 -5.83 -18.18 -17.09
CA PHE A 139 -5.15 -17.31 -18.04
C PHE A 139 -4.02 -18.09 -18.71
N SER A 140 -4.02 -18.08 -20.05
CA SER A 140 -3.08 -18.88 -20.80
C SER A 140 -1.62 -18.51 -20.52
N ARG A 141 -1.36 -17.26 -20.16
CA ARG A 141 0.02 -16.84 -19.97
C ARG A 141 0.48 -16.90 -18.52
N LEU A 142 -0.39 -17.39 -17.65
CA LEU A 142 -0.05 -17.48 -16.24
C LEU A 142 -0.09 -18.94 -15.79
N ASN A 143 0.72 -19.26 -14.79
CA ASN A 143 0.85 -20.61 -14.29
C ASN A 143 0.55 -20.57 -12.81
N TRP A 144 -0.56 -21.20 -12.40
CA TRP A 144 -1.00 -21.10 -10.99
C TRP A 144 -0.37 -22.23 -10.20
N LEU A 145 0.54 -21.87 -9.30
CA LEU A 145 1.30 -22.86 -8.53
C LEU A 145 0.62 -23.10 -7.19
N TYR A 146 0.53 -24.36 -6.77
CA TYR A 146 0.09 -24.67 -5.41
C TYR A 146 0.78 -25.88 -4.83
N LYS A 147 0.33 -26.28 -3.64
CA LYS A 147 1.01 -27.30 -2.84
C LYS A 147 1.10 -28.66 -3.51
N SER A 148 2.12 -29.41 -3.15
CA SER A 148 2.19 -30.82 -3.49
C SER A 148 2.06 -31.61 -2.20
N GLY A 149 0.93 -32.27 -1.99
CA GLY A 149 0.72 -33.01 -0.76
C GLY A 149 0.64 -32.10 0.45
N SER A 150 1.54 -32.30 1.41
CA SER A 150 1.51 -31.54 2.66
C SER A 150 2.45 -30.33 2.70
N THR A 151 3.12 -30.03 1.60
CA THR A 151 4.03 -28.87 1.61
C THR A 151 4.00 -27.97 0.35
N TYR A 152 4.32 -26.69 0.57
CA TYR A 152 4.57 -25.71 -0.50
C TYR A 152 5.96 -25.15 -0.25
N PRO A 153 6.99 -25.81 -0.82
CA PRO A 153 8.37 -25.44 -0.56
C PRO A 153 8.63 -24.03 -1.03
N VAL A 154 9.39 -23.27 -0.26
CA VAL A 154 9.74 -21.93 -0.70
C VAL A 154 10.35 -22.00 -2.09
N GLN A 155 10.01 -21.04 -2.92
CA GLN A 155 10.25 -21.12 -4.35
C GLN A 155 11.24 -20.01 -4.69
N ASN A 156 12.37 -20.39 -5.26
CA ASN A 156 13.46 -19.45 -5.54
C ASN A 156 14.01 -19.74 -6.92
N VAL A 157 13.78 -18.86 -7.89
CA VAL A 157 14.14 -19.15 -9.28
C VAL A 157 14.71 -17.95 -10.05
N THR A 158 15.51 -18.25 -11.07
CA THR A 158 16.23 -17.22 -11.80
C THR A 158 15.99 -17.32 -13.28
N MET A 159 15.89 -16.17 -13.92
CA MET A 159 15.83 -16.12 -15.37
C MET A 159 16.72 -15.01 -15.88
N PRO A 160 17.97 -15.32 -16.23
CA PRO A 160 18.85 -14.31 -16.82
C PRO A 160 18.28 -13.81 -18.13
N ASN A 161 18.50 -12.54 -18.48
CA ASN A 161 18.21 -12.08 -19.83
C ASN A 161 19.51 -11.99 -20.61
N ASN A 162 19.74 -12.95 -21.49
CA ASN A 162 20.95 -12.96 -22.29
C ASN A 162 20.70 -12.45 -23.71
N ASP A 163 19.46 -12.03 -23.94
CA ASP A 163 19.04 -11.62 -25.26
C ASP A 163 19.38 -10.17 -25.56
N ASN A 164 19.01 -9.75 -26.77
CA ASN A 164 19.34 -8.43 -27.30
C ASN A 164 18.36 -7.33 -26.90
N SER A 165 17.18 -7.74 -26.43
CA SER A 165 16.10 -6.80 -26.15
C SER A 165 15.49 -6.96 -24.76
N ASP A 166 14.52 -6.11 -24.44
CA ASP A 166 13.92 -6.10 -23.12
C ASP A 166 12.84 -7.16 -23.00
N LYS A 167 12.74 -7.76 -21.82
CA LYS A 167 11.71 -8.74 -21.55
C LYS A 167 10.62 -8.14 -20.65
N LEU A 168 9.35 -8.37 -20.99
CA LEU A 168 8.24 -7.92 -20.14
C LEU A 168 7.59 -9.12 -19.44
N TYR A 169 7.76 -9.22 -18.12
CA TYR A 169 7.18 -10.33 -17.35
C TYR A 169 5.89 -9.94 -16.67
N ILE A 170 4.83 -10.70 -16.92
CA ILE A 170 3.55 -10.48 -16.26
C ILE A 170 3.33 -11.59 -15.25
N TRP A 171 3.12 -11.21 -14.00
CA TRP A 171 2.90 -12.20 -12.96
C TRP A 171 1.80 -11.72 -12.02
N GLY A 172 1.50 -12.48 -11.00
CA GLY A 172 0.36 -12.15 -10.16
C GLY A 172 0.46 -12.67 -8.74
N VAL A 173 -0.42 -12.19 -7.88
CA VAL A 173 -0.56 -12.71 -6.53
C VAL A 173 -2.03 -13.09 -6.29
N HIS A 174 -2.24 -14.21 -5.60
CA HIS A 174 -3.58 -14.70 -5.35
C HIS A 174 -4.07 -14.29 -3.97
N HIS A 175 -5.24 -13.64 -3.91
CA HIS A 175 -5.86 -13.29 -2.65
C HIS A 175 -7.02 -14.23 -2.40
N PRO A 176 -6.88 -15.16 -1.46
CA PRO A 176 -7.97 -16.10 -1.14
C PRO A 176 -9.05 -15.45 -0.30
N SER A 177 -10.25 -16.03 -0.31
CA SER A 177 -11.40 -15.48 0.38
C SER A 177 -11.42 -15.82 1.89
N THR A 178 -10.94 -17.02 2.21
CA THR A 178 -10.98 -17.53 3.57
C THR A 178 -9.60 -18.06 3.93
N ASP A 179 -9.32 -18.26 5.21
CA ASP A 179 -8.01 -18.74 5.61
C ASP A 179 -7.88 -20.20 5.24
N LYS A 180 -9.00 -20.89 5.31
CA LYS A 180 -9.05 -22.27 4.89
C LYS A 180 -8.57 -22.38 3.46
N GLU A 181 -9.11 -21.53 2.59
CA GLU A 181 -8.72 -21.52 1.20
C GLU A 181 -7.23 -21.26 1.04
N GLN A 182 -6.70 -20.30 1.81
CA GLN A 182 -5.26 -20.07 1.83
C GLN A 182 -4.48 -21.35 2.13
N THR A 183 -4.82 -22.02 3.23
CA THR A 183 -4.06 -23.21 3.63
C THR A 183 -4.29 -24.40 2.68
N ASN A 184 -5.52 -24.61 2.24
CA ASN A 184 -5.82 -25.69 1.31
C ASN A 184 -4.94 -25.65 0.08
N LEU A 185 -4.52 -24.44 -0.29
CA LEU A 185 -3.73 -24.21 -1.51
C LEU A 185 -2.23 -24.13 -1.20
N TYR A 186 -1.87 -23.20 -0.34
CA TYR A 186 -0.48 -22.92 -0.05
C TYR A 186 0.14 -23.50 1.22
N VAL A 187 -0.59 -24.34 1.99
CA VAL A 187 -0.09 -24.72 3.33
C VAL A 187 0.02 -23.46 4.18
N GLN A 188 1.20 -22.84 4.21
CA GLN A 188 1.44 -21.67 5.07
C GLN A 188 0.30 -20.65 5.09
N ALA A 189 0.01 -20.11 6.27
CA ALA A 189 -1.15 -19.25 6.46
C ALA A 189 -0.92 -17.92 5.79
N SER A 190 0.33 -17.50 5.69
CA SER A 190 0.63 -16.22 5.07
C SER A 190 1.61 -16.36 3.94
N GLY A 191 1.14 -16.13 2.72
CA GLY A 191 1.99 -16.25 1.56
C GLY A 191 2.79 -14.99 1.29
N LYS A 192 3.55 -14.98 0.21
CA LYS A 192 4.28 -13.79 -0.13
C LYS A 192 5.00 -14.00 -1.43
N VAL A 193 5.20 -12.90 -2.14
CA VAL A 193 5.86 -12.96 -3.44
C VAL A 193 6.81 -11.79 -3.60
N THR A 194 8.05 -12.10 -3.93
CA THR A 194 9.02 -11.07 -4.22
C THR A 194 9.63 -11.34 -5.60
N VAL A 195 9.37 -10.41 -6.51
CA VAL A 195 9.89 -10.53 -7.86
C VAL A 195 10.89 -9.40 -8.01
N SER A 196 12.11 -9.72 -8.43
CA SER A 196 13.13 -8.71 -8.45
C SER A 196 14.12 -8.82 -9.60
N THR A 197 14.82 -7.72 -9.83
CA THR A 197 15.96 -7.67 -10.73
C THR A 197 17.14 -7.10 -9.96
N LYS A 198 18.21 -6.77 -10.66
CA LYS A 198 19.39 -6.24 -9.99
C LYS A 198 19.12 -4.90 -9.33
N ARG A 199 18.47 -3.99 -10.04
CA ARG A 199 18.28 -2.65 -9.49
C ARG A 199 16.89 -2.32 -8.91
N SER A 200 15.94 -3.24 -9.01
CA SER A 200 14.57 -3.00 -8.52
C SER A 200 13.92 -4.25 -7.96
N GLN A 201 12.89 -4.06 -7.14
CA GLN A 201 12.19 -5.21 -6.55
C GLN A 201 10.73 -4.93 -6.21
N GLN A 202 9.92 -5.96 -6.19
CA GLN A 202 8.56 -5.83 -5.67
C GLN A 202 8.30 -6.96 -4.73
N THR A 203 7.78 -6.62 -3.55
CA THR A 203 7.27 -7.61 -2.62
C THR A 203 5.79 -7.39 -2.44
N ILE A 204 4.98 -8.36 -2.85
CA ILE A 204 3.55 -8.30 -2.59
C ILE A 204 3.20 -9.33 -1.52
N ILE A 205 2.41 -8.87 -0.56
CA ILE A 205 1.83 -9.73 0.45
C ILE A 205 0.37 -9.99 0.09
N PRO A 206 -0.02 -11.24 -0.10
CA PRO A 206 -1.43 -11.47 -0.42
C PRO A 206 -2.28 -11.26 0.82
N ASN A 207 -3.54 -10.89 0.64
CA ASN A 207 -4.41 -10.59 1.77
C ASN A 207 -5.72 -11.38 1.72
N VAL A 208 -5.93 -12.23 2.72
CA VAL A 208 -7.13 -13.04 2.77
C VAL A 208 -8.31 -12.23 3.26
N GLY A 209 -9.45 -12.41 2.59
CA GLY A 209 -10.66 -11.67 2.92
C GLY A 209 -11.68 -11.83 1.81
N SER A 210 -12.87 -11.26 1.99
CA SER A 210 -13.94 -11.43 1.03
C SER A 210 -14.09 -10.24 0.14
N ARG A 211 -14.43 -10.49 -1.11
CA ARG A 211 -14.74 -9.41 -2.03
C ARG A 211 -16.03 -9.76 -2.74
N PRO A 212 -16.66 -8.77 -3.37
CA PRO A 212 -17.92 -9.04 -4.04
C PRO A 212 -17.87 -10.27 -4.93
N TRP A 213 -18.94 -11.04 -4.91
CA TRP A 213 -19.05 -12.21 -5.76
C TRP A 213 -18.88 -11.77 -7.22
N VAL A 214 -17.92 -12.36 -7.91
CA VAL A 214 -17.77 -12.13 -9.35
C VAL A 214 -17.48 -13.43 -10.08
N ARG A 215 -18.33 -13.78 -11.05
CA ARG A 215 -18.17 -15.02 -11.80
C ARG A 215 -17.89 -16.20 -10.88
N GLY A 216 -18.55 -16.22 -9.73
CA GLY A 216 -18.43 -17.34 -8.80
C GLY A 216 -17.48 -17.16 -7.61
N LEU A 217 -16.55 -16.22 -7.68
CA LEU A 217 -15.53 -16.16 -6.65
C LEU A 217 -15.56 -14.88 -5.81
N SER A 218 -15.24 -15.03 -4.53
CA SER A 218 -15.06 -13.91 -3.65
C SER A 218 -13.58 -13.63 -3.48
N SER A 219 -12.76 -14.43 -4.14
CA SER A 219 -11.32 -14.23 -4.13
C SER A 219 -10.81 -13.42 -5.35
N ARG A 220 -9.53 -13.09 -5.37
CA ARG A 220 -9.03 -12.24 -6.44
C ARG A 220 -7.61 -12.56 -6.85
N ILE A 221 -7.25 -12.11 -8.05
CA ILE A 221 -5.85 -12.10 -8.44
C ILE A 221 -5.39 -10.67 -8.72
N SER A 222 -4.24 -10.30 -8.16
CA SER A 222 -3.60 -9.02 -8.45
C SER A 222 -2.50 -9.22 -9.47
N ILE A 223 -2.54 -8.46 -10.56
CA ILE A 223 -1.53 -8.57 -11.61
C ILE A 223 -0.42 -7.52 -11.48
N TYR A 224 0.83 -7.96 -11.63
CA TYR A 224 1.98 -7.05 -11.57
C TYR A 224 2.89 -7.33 -12.76
N TRP A 225 3.76 -6.37 -13.09
CA TRP A 225 4.72 -6.57 -14.19
C TRP A 225 6.12 -6.18 -13.79
N THR A 226 7.09 -6.85 -14.39
CA THR A 226 8.50 -6.53 -14.21
C THR A 226 9.20 -6.52 -15.56
N ILE A 227 9.94 -5.45 -15.85
CA ILE A 227 10.76 -5.40 -17.06
C ILE A 227 12.22 -5.65 -16.75
N VAL A 228 12.81 -6.52 -17.55
CA VAL A 228 14.19 -6.94 -17.35
C VAL A 228 15.04 -6.60 -18.57
N LYS A 229 16.00 -5.71 -18.40
CA LYS A 229 16.84 -5.32 -19.51
C LYS A 229 17.94 -6.33 -19.71
N PRO A 230 18.55 -6.32 -20.91
CA PRO A 230 19.59 -7.29 -21.24
C PRO A 230 20.78 -7.13 -20.31
N GLY A 231 21.27 -8.23 -19.77
CA GLY A 231 22.36 -8.18 -18.82
C GLY A 231 21.84 -8.25 -17.40
N ASP A 232 20.56 -7.94 -17.23
CA ASP A 232 19.95 -8.03 -15.92
C ASP A 232 19.47 -9.46 -15.71
N ILE A 233 18.87 -9.72 -14.57
CA ILE A 233 18.42 -11.05 -14.22
C ILE A 233 17.10 -10.93 -13.52
N LEU A 234 16.19 -11.86 -13.79
CA LEU A 234 14.96 -11.92 -13.03
C LEU A 234 15.12 -12.93 -11.93
N VAL A 235 14.61 -12.61 -10.74
CA VAL A 235 14.55 -13.58 -9.67
C VAL A 235 13.19 -13.56 -9.01
N ILE A 236 12.59 -14.74 -8.88
CA ILE A 236 11.26 -14.84 -8.31
C ILE A 236 11.38 -15.65 -7.05
N ASN A 237 10.79 -15.15 -5.98
CA ASN A 237 10.89 -15.79 -4.68
C ASN A 237 9.52 -15.85 -4.05
N SER A 238 9.02 -17.04 -3.74
CA SER A 238 7.67 -17.16 -3.18
C SER A 238 7.52 -18.29 -2.18
N ASN A 239 6.91 -18.00 -1.04
CA ASN A 239 6.46 -19.04 -0.12
C ASN A 239 4.98 -19.36 -0.33
N GLY A 240 4.44 -18.93 -1.47
CA GLY A 240 3.10 -19.27 -1.90
C GLY A 240 2.13 -18.12 -2.07
N ASN A 241 1.06 -18.37 -2.82
CA ASN A 241 0.18 -17.33 -3.35
C ASN A 241 0.68 -16.77 -4.70
N LEU A 242 1.82 -17.23 -5.18
CA LEU A 242 2.37 -16.73 -6.46
C LEU A 242 1.61 -17.23 -7.70
N ILE A 243 1.21 -16.32 -8.58
CA ILE A 243 0.72 -16.71 -9.89
C ILE A 243 1.86 -16.47 -10.86
N ALA A 244 2.49 -17.52 -11.35
CA ALA A 244 3.81 -17.41 -11.97
C ALA A 244 3.73 -17.12 -13.46
N PRO A 245 4.74 -16.40 -14.00
CA PRO A 245 4.78 -16.16 -15.44
C PRO A 245 5.16 -17.43 -16.17
N ARG A 246 4.73 -17.59 -17.40
CA ARG A 246 5.12 -18.75 -18.22
C ARG A 246 6.26 -18.44 -19.18
N GLY A 247 6.71 -17.19 -19.15
CA GLY A 247 7.66 -16.70 -20.13
C GLY A 247 7.57 -15.19 -20.20
N TYR A 248 8.06 -14.61 -21.29
CA TYR A 248 8.06 -13.14 -21.41
C TYR A 248 7.41 -12.67 -22.70
N PHE A 249 6.93 -11.42 -22.68
CA PHE A 249 6.48 -10.74 -23.89
C PHE A 249 7.61 -9.89 -24.43
N LYS A 250 7.89 -9.98 -25.74
CA LYS A 250 8.92 -9.15 -26.34
C LYS A 250 8.48 -7.69 -26.31
N MET A 251 9.42 -6.79 -26.00
CA MET A 251 9.11 -5.37 -26.01
C MET A 251 9.67 -4.73 -27.25
N ARG A 252 8.85 -3.95 -27.94
CA ARG A 252 9.31 -3.16 -29.06
C ARG A 252 9.02 -1.67 -28.83
N THR A 253 9.76 -0.79 -29.51
CA THR A 253 9.40 0.63 -29.58
C THR A 253 8.98 1.01 -30.99
N GLY A 254 8.05 1.95 -31.12
CA GLY A 254 7.51 2.27 -32.42
C GLY A 254 6.25 3.08 -32.34
N LYS A 255 5.48 3.08 -33.42
CA LYS A 255 4.36 3.99 -33.56
C LYS A 255 3.07 3.44 -33.00
N SER A 256 3.13 2.32 -32.31
CA SER A 256 1.93 1.65 -31.82
C SER A 256 1.26 2.34 -30.66
N SER A 257 -0.06 2.15 -30.57
CA SER A 257 -0.89 2.79 -29.57
C SER A 257 -2.28 2.13 -29.52
N ILE A 258 -3.16 2.69 -28.71
CA ILE A 258 -4.46 2.07 -28.46
C ILE A 258 -5.55 3.15 -28.35
N MET A 259 -6.74 2.84 -28.84
CA MET A 259 -7.83 3.79 -28.86
C MET A 259 -9.16 3.12 -28.47
N ARG A 260 -10.02 3.86 -27.78
CA ARG A 260 -11.34 3.32 -27.44
C ARG A 260 -12.34 3.90 -28.41
N SER A 261 -12.97 3.04 -29.20
CA SER A 261 -13.95 3.48 -30.18
C SER A 261 -14.96 2.39 -30.52
N ASP A 262 -16.19 2.77 -30.81
CA ASP A 262 -17.18 1.85 -31.35
C ASP A 262 -17.34 1.96 -32.86
N ALA A 263 -16.51 2.75 -33.51
CA ALA A 263 -16.60 2.95 -34.94
C ALA A 263 -16.28 1.68 -35.69
N PRO A 264 -17.17 1.28 -36.62
CA PRO A 264 -16.85 0.14 -37.47
C PRO A 264 -15.55 0.33 -38.24
N ILE A 265 -14.78 -0.74 -38.39
CA ILE A 265 -13.63 -0.69 -39.26
C ILE A 265 -14.12 -0.96 -40.66
N GLY A 266 -13.48 -0.33 -41.63
CA GLY A 266 -13.91 -0.47 -43.01
C GLY A 266 -12.71 -0.46 -43.95
N THR A 267 -12.93 -0.92 -45.18
CA THR A 267 -11.84 -1.03 -46.13
C THR A 267 -11.83 0.28 -46.86
N CYS A 268 -10.84 1.09 -46.56
CA CYS A 268 -10.68 2.39 -47.16
C CYS A 268 -9.35 2.89 -46.65
N SER A 269 -8.95 4.10 -47.00
CA SER A 269 -7.66 4.59 -46.55
C SER A 269 -7.68 6.00 -45.99
N SER A 270 -6.85 6.21 -44.99
CA SER A 270 -6.68 7.53 -44.39
C SER A 270 -5.62 7.50 -43.30
N GLU A 271 -4.97 8.65 -43.10
CA GLU A 271 -3.77 8.71 -42.26
C GLU A 271 -4.10 9.07 -40.83
N CYS A 272 -5.33 9.52 -40.63
CA CYS A 272 -5.74 10.10 -39.37
C CYS A 272 -6.97 9.38 -38.83
N ILE A 273 -6.83 8.83 -37.61
CA ILE A 273 -7.88 8.08 -36.98
C ILE A 273 -8.36 8.83 -35.74
N THR A 274 -9.67 8.92 -35.60
CA THR A 274 -10.24 9.38 -34.35
C THR A 274 -11.31 8.41 -33.92
N PRO A 275 -11.66 8.45 -32.63
CA PRO A 275 -12.69 7.56 -32.09
C PRO A 275 -13.99 7.68 -32.87
N ASN A 276 -14.21 8.80 -33.55
CA ASN A 276 -15.44 9.01 -34.32
C ASN A 276 -15.40 8.30 -35.67
N GLY A 277 -14.19 8.06 -36.12
CA GLY A 277 -13.95 7.47 -37.42
C GLY A 277 -12.68 8.12 -37.92
N SER A 278 -12.29 7.84 -39.16
CA SER A 278 -11.11 8.47 -39.72
C SER A 278 -11.52 9.84 -40.18
N ILE A 279 -10.58 10.77 -40.22
CA ILE A 279 -10.84 12.07 -40.84
C ILE A 279 -9.76 12.48 -41.85
N PRO A 280 -10.13 13.30 -42.85
CA PRO A 280 -9.14 13.76 -43.83
C PRO A 280 -8.15 14.75 -43.21
N ASN A 281 -6.88 14.61 -43.54
CA ASN A 281 -5.84 15.46 -42.95
C ASN A 281 -5.48 16.67 -43.78
N ASP A 282 -6.24 16.94 -44.84
CA ASP A 282 -5.87 18.03 -45.73
C ASP A 282 -5.97 19.40 -45.05
N LYS A 283 -6.81 19.55 -44.02
CA LYS A 283 -6.94 20.84 -43.33
C LYS A 283 -5.96 20.99 -42.15
N PRO A 284 -5.68 22.24 -41.75
CA PRO A 284 -4.77 22.45 -40.62
C PRO A 284 -5.38 22.14 -39.25
N PHE A 285 -6.69 22.13 -39.15
CA PHE A 285 -7.34 21.99 -37.85
C PHE A 285 -8.57 21.08 -37.93
N GLN A 286 -8.99 20.54 -36.79
CA GLN A 286 -10.21 19.74 -36.75
C GLN A 286 -10.95 19.89 -35.42
N ASN A 287 -12.27 19.81 -35.52
CA ASN A 287 -13.20 19.88 -34.42
C ASN A 287 -13.76 18.54 -34.02
N VAL A 288 -13.32 17.48 -34.70
CA VAL A 288 -13.94 16.16 -34.53
C VAL A 288 -13.68 15.54 -33.15
N ASN A 289 -12.41 15.34 -32.79
CA ASN A 289 -12.08 14.79 -31.47
C ASN A 289 -10.70 15.22 -30.98
N LYS A 290 -10.56 15.51 -29.69
CA LYS A 290 -9.24 15.81 -29.14
C LYS A 290 -8.36 14.56 -29.11
N ILE A 291 -8.97 13.38 -29.25
CA ILE A 291 -8.26 12.12 -29.32
C ILE A 291 -7.97 11.72 -30.76
N THR A 292 -6.69 11.57 -31.12
CA THR A 292 -6.37 11.20 -32.49
C THR A 292 -5.14 10.33 -32.59
N TYR A 293 -5.02 9.64 -33.71
CA TYR A 293 -3.86 8.80 -34.03
C TYR A 293 -3.45 9.04 -35.47
N GLY A 294 -2.14 9.19 -35.71
CA GLY A 294 -1.61 9.40 -37.05
C GLY A 294 -1.35 10.85 -37.39
N ALA A 295 -1.25 11.16 -38.69
CA ALA A 295 -1.03 12.54 -39.08
C ALA A 295 -2.38 13.26 -39.13
N CYS A 296 -2.56 14.19 -38.20
CA CYS A 296 -3.86 14.72 -37.92
C CYS A 296 -3.85 16.23 -37.80
N PRO A 297 -4.90 16.88 -38.29
CA PRO A 297 -5.07 18.30 -38.02
C PRO A 297 -4.99 18.58 -36.53
N LYS A 298 -4.44 19.72 -36.11
CA LYS A 298 -4.45 20.07 -34.70
C LYS A 298 -5.92 20.34 -34.27
N TYR A 299 -6.24 19.98 -33.03
CA TYR A 299 -7.61 20.07 -32.54
C TYR A 299 -7.91 21.40 -31.89
N VAL A 300 -9.04 22.00 -32.26
CA VAL A 300 -9.35 23.34 -31.79
C VAL A 300 -10.82 23.38 -31.41
N LYS A 301 -11.22 24.44 -30.73
CA LYS A 301 -12.58 24.55 -30.23
C LYS A 301 -13.56 25.05 -31.26
N GLN A 302 -13.07 25.65 -32.33
CA GLN A 302 -13.97 26.22 -33.35
C GLN A 302 -14.47 25.13 -34.27
N ASN A 303 -15.71 25.26 -34.72
CA ASN A 303 -16.25 24.35 -35.72
C ASN A 303 -16.01 24.89 -37.13
N THR A 304 -15.62 26.16 -37.22
CA THR A 304 -15.26 26.72 -38.51
C THR A 304 -14.28 27.90 -38.40
N LEU A 305 -13.31 27.96 -39.32
CA LEU A 305 -12.52 29.17 -39.56
C LEU A 305 -12.31 29.31 -41.06
N LYS A 306 -12.86 30.36 -41.66
CA LYS A 306 -12.73 30.55 -43.09
C LYS A 306 -11.52 31.43 -43.35
N LEU A 307 -10.61 30.91 -44.18
CA LEU A 307 -9.45 31.67 -44.70
C LEU A 307 -9.81 32.26 -46.06
N ALA A 308 -9.81 33.59 -46.15
CA ALA A 308 -10.16 34.26 -47.40
C ALA A 308 -9.17 33.94 -48.49
N THR A 309 -9.71 33.46 -49.61
CA THR A 309 -8.95 33.22 -50.84
C THR A 309 -9.11 34.25 -52.00
N GLY A 310 -9.80 35.37 -51.77
CA GLY A 310 -9.98 36.39 -52.79
C GLY A 310 -10.21 37.78 -52.19
N MET A 311 -10.35 38.81 -53.02
CA MET A 311 -10.49 40.19 -52.53
C MET A 311 -11.85 40.52 -51.92
N ARG A 312 -12.01 41.74 -51.39
CA ARG A 312 -13.32 42.12 -50.82
C ARG A 312 -14.29 42.09 -52.01
N ASN A 313 -15.48 41.49 -51.81
CA ASN A 313 -16.50 41.44 -52.85
C ASN A 313 -17.46 42.65 -52.78
N VAL A 314 -17.56 43.41 -53.86
CA VAL A 314 -18.37 44.64 -53.86
C VAL A 314 -19.30 44.69 -55.07
N PRO A 315 -20.51 44.15 -54.92
CA PRO A 315 -21.44 43.94 -56.04
C PRO A 315 -22.08 45.18 -56.72
N GLU A 316 -22.53 46.19 -55.97
CA GLU A 316 -23.22 47.37 -56.54
C GLU A 316 -24.31 47.89 -55.60
N GLY B 1 -9.54 48.81 -48.89
CA GLY B 1 -8.58 48.31 -47.87
C GLY B 1 -7.64 49.41 -47.41
N ILE B 2 -6.36 49.10 -47.31
CA ILE B 2 -5.41 50.05 -46.78
C ILE B 2 -4.93 51.04 -47.82
N PHE B 3 -5.05 50.70 -49.10
CA PHE B 3 -4.71 51.63 -50.20
C PHE B 3 -5.90 52.41 -50.75
N GLY B 4 -7.11 52.03 -50.35
CA GLY B 4 -8.31 52.78 -50.73
C GLY B 4 -8.70 52.69 -52.21
N ALA B 5 -8.35 51.58 -52.83
CA ALA B 5 -8.72 51.34 -54.21
C ALA B 5 -9.97 50.48 -54.25
N ILE B 6 -9.85 49.25 -53.81
CA ILE B 6 -11.00 48.34 -53.76
C ILE B 6 -11.91 48.72 -52.61
N ALA B 7 -13.20 48.79 -52.91
CA ALA B 7 -14.19 49.34 -51.98
C ALA B 7 -13.75 50.75 -51.66
N GLY B 8 -12.89 51.26 -52.54
CA GLY B 8 -12.24 52.54 -52.42
C GLY B 8 -12.76 53.54 -53.42
N PHE B 9 -11.84 54.34 -53.94
CA PHE B 9 -12.14 55.22 -55.08
C PHE B 9 -12.63 54.46 -56.31
N ILE B 10 -12.45 53.13 -56.32
CA ILE B 10 -13.08 52.30 -57.33
C ILE B 10 -14.43 51.83 -56.78
N GLU B 11 -15.51 52.32 -57.39
CA GLU B 11 -16.85 52.19 -56.83
C GLU B 11 -17.21 50.75 -56.43
N ASN B 12 -17.09 49.84 -57.38
CA ASN B 12 -17.40 48.44 -57.13
C ASN B 12 -16.76 47.50 -58.13
N GLY B 13 -16.97 46.21 -57.94
CA GLY B 13 -16.34 45.22 -58.79
C GLY B 13 -17.21 44.90 -59.99
N TRP B 14 -16.63 44.21 -60.96
CA TRP B 14 -17.37 43.84 -62.16
C TRP B 14 -17.68 42.35 -62.12
N GLU B 15 -18.94 42.00 -61.86
CA GLU B 15 -19.37 40.62 -61.96
C GLU B 15 -19.21 40.12 -63.38
N GLY B 16 -19.07 41.06 -64.32
CA GLY B 16 -18.99 40.73 -65.72
C GLY B 16 -17.60 40.30 -66.12
N MET B 17 -16.62 40.56 -65.28
CA MET B 17 -15.27 40.18 -65.64
C MET B 17 -15.00 38.82 -65.07
N ILE B 18 -15.06 37.81 -65.94
CA ILE B 18 -14.89 36.40 -65.54
C ILE B 18 -13.55 35.78 -65.94
N ASP B 19 -12.73 36.50 -66.71
CA ASP B 19 -11.46 35.95 -67.18
C ASP B 19 -10.21 36.41 -66.40
N GLY B 20 -10.41 37.24 -65.38
CA GLY B 20 -9.28 37.69 -64.57
C GLY B 20 -9.76 38.37 -63.31
N TRP B 21 -8.83 38.70 -62.41
CA TRP B 21 -9.16 39.45 -61.20
C TRP B 21 -9.19 40.97 -61.38
N TYR B 22 -8.35 41.45 -62.30
CA TYR B 22 -8.21 42.87 -62.54
C TYR B 22 -8.18 43.09 -64.03
N GLY B 23 -8.78 44.17 -64.50
CA GLY B 23 -8.75 44.47 -65.92
C GLY B 23 -9.11 45.88 -66.30
N PHE B 24 -9.25 46.07 -67.61
CA PHE B 24 -9.64 47.36 -68.17
C PHE B 24 -10.95 47.28 -68.92
N ARG B 25 -11.76 48.31 -68.72
CA ARG B 25 -12.91 48.57 -69.57
C ARG B 25 -12.61 49.88 -70.27
N HIS B 26 -12.85 49.95 -71.56
CA HIS B 26 -12.58 51.19 -72.29
C HIS B 26 -13.75 51.57 -73.17
N GLN B 27 -13.80 52.85 -73.48
CA GLN B 27 -14.73 53.38 -74.45
C GLN B 27 -13.99 54.40 -75.33
N ASN B 28 -14.00 54.14 -76.64
CA ASN B 28 -13.38 55.02 -77.63
C ASN B 28 -14.25 55.10 -78.86
N SER B 29 -13.73 55.76 -79.90
CA SER B 29 -14.46 55.99 -81.13
C SER B 29 -15.10 54.69 -81.65
N GLU B 30 -14.35 53.60 -81.59
CA GLU B 30 -14.77 52.34 -82.17
C GLU B 30 -15.84 51.60 -81.36
N GLY B 31 -15.92 51.89 -80.06
CA GLY B 31 -16.90 51.22 -79.23
C GLY B 31 -16.43 51.02 -77.80
N THR B 32 -17.02 50.04 -77.12
CA THR B 32 -16.61 49.73 -75.75
C THR B 32 -15.94 48.36 -75.69
N GLY B 33 -15.00 48.20 -74.78
CA GLY B 33 -14.32 46.92 -74.63
C GLY B 33 -13.93 46.58 -73.21
N GLN B 34 -13.62 45.31 -72.98
CA GLN B 34 -13.17 44.83 -71.67
C GLN B 34 -12.09 43.77 -71.81
N ALA B 35 -11.04 43.88 -71.01
CA ALA B 35 -9.95 42.91 -71.08
C ALA B 35 -9.33 42.70 -69.70
N ALA B 36 -8.96 41.47 -69.40
CA ALA B 36 -8.34 41.13 -68.11
C ALA B 36 -6.84 41.38 -68.13
N ASP B 37 -6.29 41.77 -66.97
CA ASP B 37 -4.85 41.95 -66.84
C ASP B 37 -4.26 40.73 -66.19
N LEU B 38 -3.55 39.90 -66.92
CA LEU B 38 -3.22 38.60 -66.38
C LEU B 38 -2.03 38.63 -65.42
N LYS B 39 -1.13 39.58 -65.62
CA LYS B 39 0.06 39.65 -64.76
C LYS B 39 -0.31 39.94 -63.30
N SER B 40 -1.13 40.95 -63.08
CA SER B 40 -1.51 41.35 -61.73
C SER B 40 -2.50 40.35 -61.10
N THR B 41 -3.41 39.84 -61.92
CA THR B 41 -4.22 38.72 -61.48
C THR B 41 -3.30 37.62 -60.96
N GLN B 42 -2.31 37.25 -61.77
CA GLN B 42 -1.35 36.26 -61.32
C GLN B 42 -0.65 36.69 -60.00
N ALA B 43 -0.16 37.92 -59.91
CA ALA B 43 0.49 38.36 -58.67
C ALA B 43 -0.37 38.06 -57.45
N ALA B 44 -1.64 38.46 -57.52
CA ALA B 44 -2.54 38.18 -56.42
C ALA B 44 -2.68 36.67 -56.17
N ILE B 45 -3.05 35.92 -57.20
CA ILE B 45 -3.22 34.49 -57.04
C ILE B 45 -1.97 33.80 -56.46
N ASP B 46 -0.80 34.12 -57.02
CA ASP B 46 0.45 33.58 -56.51
C ASP B 46 0.59 33.84 -55.01
N GLN B 47 0.45 35.09 -54.58
CA GLN B 47 0.59 35.33 -53.15
C GLN B 47 -0.40 34.52 -52.32
N ILE B 48 -1.67 34.62 -52.71
CA ILE B 48 -2.69 33.92 -51.96
C ILE B 48 -2.34 32.43 -51.88
N ASN B 49 -1.89 31.85 -52.98
CA ASN B 49 -1.45 30.44 -52.97
C ASN B 49 -0.27 30.21 -52.04
N GLY B 50 0.74 31.05 -52.11
CA GLY B 50 1.89 30.89 -51.25
C GLY B 50 1.43 30.71 -49.83
N LYS B 51 0.54 31.61 -49.44
CA LYS B 51 -0.01 31.60 -48.09
C LYS B 51 -0.86 30.34 -47.83
N LEU B 52 -1.75 30.04 -48.76
CA LEU B 52 -2.54 28.83 -48.71
C LEU B 52 -1.65 27.59 -48.53
N ASN B 53 -0.48 27.59 -49.15
CA ASN B 53 0.40 26.44 -49.05
C ASN B 53 1.14 26.45 -47.74
N ARG B 54 1.45 27.63 -47.25
CA ARG B 54 2.01 27.70 -45.91
C ARG B 54 1.08 27.05 -44.89
N VAL B 55 -0.20 27.40 -44.95
CA VAL B 55 -1.16 26.89 -43.95
C VAL B 55 -1.66 25.46 -44.16
N ILE B 56 -1.90 25.06 -45.40
CA ILE B 56 -2.57 23.80 -45.67
C ILE B 56 -1.59 22.64 -45.62
N GLU B 57 -0.36 22.97 -45.22
CA GLU B 57 0.78 22.08 -45.37
C GLU B 57 0.63 20.86 -44.48
N LYS B 58 1.58 19.94 -44.61
CA LYS B 58 1.52 18.70 -43.87
C LYS B 58 1.31 18.95 -42.39
N THR B 59 0.42 18.15 -41.82
CA THR B 59 0.12 18.18 -40.40
C THR B 59 1.17 17.39 -39.65
N ASN B 60 1.08 17.40 -38.33
CA ASN B 60 2.02 16.63 -37.52
C ASN B 60 1.48 15.26 -37.23
N GLU B 61 2.37 14.29 -37.32
CA GLU B 61 2.09 12.91 -36.98
C GLU B 61 2.36 12.62 -35.48
N LYS B 62 1.36 12.14 -34.76
CA LYS B 62 1.53 11.77 -33.37
C LYS B 62 0.96 10.38 -33.20
N PHE B 63 1.56 9.57 -32.33
CA PHE B 63 1.02 8.24 -32.14
C PHE B 63 0.51 7.97 -30.75
N HIS B 64 1.35 7.55 -29.81
CA HIS B 64 0.81 7.19 -28.50
C HIS B 64 0.90 8.44 -27.63
N GLN B 65 -0.20 8.87 -27.03
CA GLN B 65 -0.21 10.09 -26.23
C GLN B 65 -0.84 9.78 -24.87
N ILE B 66 -1.13 10.81 -24.10
CA ILE B 66 -1.87 10.64 -22.85
C ILE B 66 -3.35 10.37 -23.11
N GLU B 67 -4.03 9.78 -22.14
CA GLU B 67 -5.45 9.51 -22.25
C GLU B 67 -6.25 10.78 -21.97
N LYS B 68 -7.25 11.06 -22.80
CA LYS B 68 -8.00 12.31 -22.65
C LYS B 68 -9.42 12.19 -22.09
N GLU B 69 -9.87 10.95 -21.90
CA GLU B 69 -11.17 10.66 -21.27
C GLU B 69 -11.03 9.70 -20.09
N PHE B 70 -11.95 9.77 -19.14
CA PHE B 70 -11.82 8.93 -17.97
C PHE B 70 -13.14 8.46 -17.41
N SER B 71 -13.20 7.18 -17.09
CA SER B 71 -14.43 6.59 -16.57
C SER B 71 -14.51 6.58 -15.05
N GLU B 72 -13.40 6.87 -14.38
CA GLU B 72 -13.38 6.86 -12.91
C GLU B 72 -12.84 8.16 -12.38
N VAL B 73 -13.28 8.55 -11.19
CA VAL B 73 -12.76 9.74 -10.56
C VAL B 73 -11.46 9.35 -9.87
N GLU B 74 -10.33 9.86 -10.34
CA GLU B 74 -9.05 9.56 -9.68
C GLU B 74 -8.38 10.68 -8.86
N GLY B 75 -8.88 11.91 -8.90
CA GLY B 75 -8.18 13.01 -8.25
C GLY B 75 -6.91 13.52 -8.96
N ARG B 76 -5.85 13.73 -8.20
CA ARG B 76 -4.73 14.55 -8.63
C ARG B 76 -4.17 14.34 -10.07
N ILE B 77 -3.66 13.14 -10.37
CA ILE B 77 -3.07 12.87 -11.69
C ILE B 77 -4.05 13.12 -12.83
N GLN B 78 -5.31 12.74 -12.65
CA GLN B 78 -6.30 12.96 -13.68
C GLN B 78 -6.54 14.47 -13.82
N ASP B 79 -6.63 15.16 -12.69
CA ASP B 79 -6.70 16.61 -12.74
C ASP B 79 -5.59 17.15 -13.63
N LEU B 80 -4.37 16.69 -13.39
CA LEU B 80 -3.25 17.14 -14.19
C LEU B 80 -3.37 16.77 -15.68
N GLU B 81 -3.68 15.51 -16.01
CA GLU B 81 -3.79 15.11 -17.42
C GLU B 81 -4.85 15.98 -18.13
N LYS B 82 -5.98 16.14 -17.45
CA LYS B 82 -7.07 16.94 -17.97
C LYS B 82 -6.60 18.37 -18.21
N TYR B 83 -5.95 18.95 -17.20
CA TYR B 83 -5.49 20.33 -17.28
C TYR B 83 -4.48 20.54 -18.42
N VAL B 84 -3.52 19.64 -18.54
CA VAL B 84 -2.58 19.72 -19.66
C VAL B 84 -3.35 19.74 -20.98
N GLU B 85 -4.20 18.74 -21.24
CA GLU B 85 -4.89 18.73 -22.52
C GLU B 85 -5.72 20.00 -22.75
N ASP B 86 -6.39 20.46 -21.71
CA ASP B 86 -7.22 21.65 -21.85
C ASP B 86 -6.36 22.88 -22.20
N THR B 87 -5.22 23.00 -21.53
CA THR B 87 -4.28 24.06 -21.80
C THR B 87 -3.81 24.03 -23.27
N LYS B 88 -3.39 22.86 -23.71
CA LYS B 88 -2.98 22.72 -25.11
C LYS B 88 -4.07 23.19 -26.04
N ILE B 89 -5.28 22.66 -25.87
CA ILE B 89 -6.37 23.00 -26.79
C ILE B 89 -6.66 24.50 -26.79
N ASP B 90 -6.70 25.13 -25.63
CA ASP B 90 -6.92 26.56 -25.62
C ASP B 90 -5.83 27.29 -26.40
N LEU B 91 -4.54 26.98 -26.15
CA LEU B 91 -3.49 27.67 -26.91
C LEU B 91 -3.62 27.47 -28.43
N TRP B 92 -3.86 26.24 -28.89
CA TRP B 92 -3.94 26.07 -30.34
C TRP B 92 -5.17 26.76 -30.90
N SER B 93 -6.26 26.72 -30.15
CA SER B 93 -7.46 27.42 -30.58
C SER B 93 -7.15 28.90 -30.80
N TYR B 94 -6.41 29.49 -29.86
CA TYR B 94 -5.93 30.85 -30.02
C TYR B 94 -5.07 31.02 -31.30
N ASN B 95 -4.04 30.22 -31.46
CA ASN B 95 -3.23 30.31 -32.66
C ASN B 95 -4.07 30.34 -33.92
N ALA B 96 -5.04 29.45 -33.99
CA ALA B 96 -5.84 29.33 -35.23
C ALA B 96 -6.69 30.57 -35.47
N GLU B 97 -7.45 30.96 -34.45
CA GLU B 97 -8.24 32.19 -34.57
C GLU B 97 -7.37 33.34 -35.09
N LEU B 98 -6.23 33.57 -34.45
CA LEU B 98 -5.37 34.69 -34.84
C LEU B 98 -4.79 34.52 -36.24
N LEU B 99 -4.35 33.31 -36.56
CA LEU B 99 -3.78 33.06 -37.88
C LEU B 99 -4.77 33.54 -38.90
N VAL B 100 -6.01 33.07 -38.78
CA VAL B 100 -7.05 33.46 -39.71
C VAL B 100 -7.25 34.98 -39.72
N ALA B 101 -7.43 35.60 -38.57
CA ALA B 101 -7.64 37.04 -38.59
C ALA B 101 -6.52 37.79 -39.32
N LEU B 102 -5.27 37.53 -38.95
CA LEU B 102 -4.15 38.24 -39.59
C LEU B 102 -4.10 37.95 -41.07
N GLU B 103 -4.03 36.67 -41.42
CA GLU B 103 -3.95 36.28 -42.81
C GLU B 103 -5.03 36.96 -43.65
N ASN B 104 -6.25 36.96 -43.16
CA ASN B 104 -7.35 37.56 -43.91
C ASN B 104 -7.17 39.07 -44.08
N GLN B 105 -6.90 39.75 -42.97
CA GLN B 105 -6.63 41.18 -43.08
C GLN B 105 -5.59 41.45 -44.18
N HIS B 106 -4.50 40.70 -44.14
CA HIS B 106 -3.44 40.85 -45.13
C HIS B 106 -3.86 40.54 -46.57
N THR B 107 -4.68 39.50 -46.76
CA THR B 107 -5.16 39.18 -48.10
C THR B 107 -5.98 40.33 -48.67
N ILE B 108 -6.93 40.80 -47.87
CA ILE B 108 -7.67 41.98 -48.25
C ILE B 108 -6.71 43.13 -48.65
N ASP B 109 -5.77 43.47 -47.76
CA ASP B 109 -4.83 44.56 -48.08
C ASP B 109 -3.96 44.30 -49.34
N LEU B 110 -3.52 43.07 -49.56
CA LEU B 110 -2.65 42.81 -50.70
C LEU B 110 -3.43 42.83 -52.05
N THR B 111 -4.66 42.33 -52.05
CA THR B 111 -5.47 42.42 -53.26
C THR B 111 -5.77 43.89 -53.57
N ASP B 112 -6.09 44.69 -52.54
CA ASP B 112 -6.23 46.13 -52.72
C ASP B 112 -4.95 46.73 -53.33
N SER B 113 -3.82 46.38 -52.74
CA SER B 113 -2.51 46.78 -53.24
C SER B 113 -2.34 46.47 -54.75
N GLU B 114 -2.55 45.22 -55.17
CA GLU B 114 -2.43 44.89 -56.58
C GLU B 114 -3.26 45.80 -57.47
N MET B 115 -4.53 45.98 -57.11
CA MET B 115 -5.36 46.92 -57.87
C MET B 115 -4.66 48.26 -58.00
N ASN B 116 -4.36 48.84 -56.85
CA ASN B 116 -3.74 50.16 -56.84
C ASN B 116 -2.45 50.22 -57.69
N LYS B 117 -1.68 49.14 -57.66
CA LYS B 117 -0.45 49.06 -58.41
C LYS B 117 -0.71 49.12 -59.91
N LEU B 118 -1.70 48.38 -60.37
CA LEU B 118 -2.08 48.45 -61.78
C LEU B 118 -2.49 49.87 -62.14
N PHE B 119 -3.37 50.46 -61.33
CA PHE B 119 -3.75 51.85 -61.59
C PHE B 119 -2.51 52.73 -61.73
N GLU B 120 -1.62 52.68 -60.75
CA GLU B 120 -0.43 53.52 -60.75
C GLU B 120 0.47 53.32 -62.00
N LYS B 121 0.72 52.07 -62.33
CA LYS B 121 1.47 51.71 -63.54
C LYS B 121 0.89 52.37 -64.79
N THR B 122 -0.42 52.21 -64.95
CA THR B 122 -1.11 52.81 -66.06
C THR B 122 -0.99 54.35 -66.06
N ARG B 123 -1.37 54.99 -64.96
CA ARG B 123 -1.24 56.44 -64.92
C ARG B 123 0.15 56.88 -65.36
N ARG B 124 1.17 56.19 -64.86
CA ARG B 124 2.54 56.53 -65.24
C ARG B 124 2.80 56.39 -66.73
N GLN B 125 2.33 55.30 -67.32
CA GLN B 125 2.41 55.18 -68.78
C GLN B 125 1.86 56.40 -69.50
N LEU B 126 0.62 56.74 -69.18
CA LEU B 126 -0.08 57.80 -69.92
C LEU B 126 0.55 59.20 -69.89
N ARG B 127 1.45 59.47 -68.94
CA ARG B 127 2.11 60.78 -68.83
C ARG B 127 1.17 61.99 -68.87
N GLU B 128 1.34 62.88 -69.84
CA GLU B 128 0.55 64.10 -69.85
C GLU B 128 -0.71 63.95 -70.68
N ASN B 129 -0.90 62.77 -71.24
CA ASN B 129 -1.93 62.57 -72.26
C ASN B 129 -3.27 62.17 -71.67
N ALA B 130 -3.37 62.14 -70.36
CA ALA B 130 -4.63 61.74 -69.71
C ALA B 130 -4.77 62.36 -68.32
N GLU B 131 -5.98 62.35 -67.81
CA GLU B 131 -6.20 62.83 -66.45
C GLU B 131 -6.91 61.80 -65.58
N ASP B 132 -6.65 61.84 -64.29
CA ASP B 132 -7.26 60.94 -63.33
C ASP B 132 -8.63 61.48 -63.03
N MET B 133 -9.66 60.73 -63.36
CA MET B 133 -11.04 61.16 -63.10
C MET B 133 -11.50 60.82 -61.66
N GLY B 134 -10.65 60.13 -60.91
CA GLY B 134 -10.95 59.86 -59.52
C GLY B 134 -11.80 58.64 -59.24
N ASN B 135 -12.46 58.14 -60.27
CA ASN B 135 -13.29 56.95 -60.15
C ASN B 135 -12.52 55.69 -60.58
N GLY B 136 -11.22 55.83 -60.80
CA GLY B 136 -10.43 54.73 -61.31
C GLY B 136 -10.43 54.70 -62.83
N CYS B 137 -10.98 55.76 -63.43
CA CYS B 137 -10.93 55.94 -64.89
C CYS B 137 -10.01 57.10 -65.29
N PHE B 138 -9.25 56.88 -66.36
CA PHE B 138 -8.48 57.95 -66.97
C PHE B 138 -9.25 58.56 -68.13
N LYS B 139 -9.13 59.87 -68.26
CA LYS B 139 -9.60 60.56 -69.45
C LYS B 139 -8.42 60.79 -70.36
N ILE B 140 -8.51 60.19 -71.54
CA ILE B 140 -7.47 60.30 -72.55
C ILE B 140 -7.79 61.39 -73.58
N TYR B 141 -6.91 62.38 -73.64
CA TYR B 141 -7.16 63.62 -74.36
C TYR B 141 -6.75 63.62 -75.83
N HIS B 142 -6.38 62.45 -76.36
CA HIS B 142 -6.12 62.31 -77.78
C HIS B 142 -7.03 61.22 -78.32
N LYS B 143 -6.87 60.89 -79.60
CA LYS B 143 -7.75 59.91 -80.23
C LYS B 143 -7.18 58.53 -80.09
N CYS B 144 -7.86 57.66 -79.34
CA CYS B 144 -7.33 56.34 -79.02
C CYS B 144 -8.23 55.23 -79.55
N ASP B 145 -7.76 54.55 -80.59
CA ASP B 145 -8.51 53.43 -81.16
C ASP B 145 -8.16 52.14 -80.43
N ASN B 146 -8.76 51.04 -80.84
CA ASN B 146 -8.58 49.78 -80.12
C ASN B 146 -7.10 49.34 -80.05
N ALA B 147 -6.35 49.59 -81.12
CA ALA B 147 -4.93 49.26 -81.13
C ALA B 147 -4.21 50.03 -80.03
N CYS B 148 -4.49 51.33 -79.97
CA CYS B 148 -3.86 52.22 -79.01
C CYS B 148 -4.20 51.75 -77.57
N ILE B 149 -5.48 51.55 -77.29
CA ILE B 149 -5.86 51.03 -76.00
C ILE B 149 -5.05 49.77 -75.69
N GLY B 150 -5.04 48.83 -76.64
CA GLY B 150 -4.23 47.65 -76.50
C GLY B 150 -2.82 48.01 -76.13
N SER B 151 -2.18 48.91 -76.86
CA SER B 151 -0.81 49.28 -76.54
C SER B 151 -0.70 49.73 -75.07
N ILE B 152 -1.71 50.44 -74.57
CA ILE B 152 -1.70 50.81 -73.15
C ILE B 152 -1.72 49.56 -72.28
N ARG B 153 -2.65 48.65 -72.59
CA ARG B 153 -2.77 47.40 -71.86
C ARG B 153 -1.52 46.51 -71.86
N ASN B 154 -0.86 46.34 -73.01
CA ASN B 154 0.34 45.50 -73.03
C ASN B 154 1.65 46.24 -72.73
N GLY B 155 1.52 47.48 -72.29
CA GLY B 155 2.64 48.26 -71.80
C GLY B 155 3.54 48.92 -72.85
N THR B 156 3.11 48.92 -74.11
CA THR B 156 3.94 49.48 -75.18
C THR B 156 3.59 50.91 -75.61
N TYR B 157 2.61 51.52 -74.94
CA TYR B 157 2.13 52.87 -75.31
C TYR B 157 3.26 53.88 -75.34
N ASP B 158 3.39 54.58 -76.47
CA ASP B 158 4.37 55.64 -76.62
C ASP B 158 3.65 57.00 -76.51
N HIS B 159 3.84 57.68 -75.37
CA HIS B 159 3.10 58.92 -75.11
C HIS B 159 3.54 60.09 -76.01
N ASP B 160 4.82 60.09 -76.38
CA ASP B 160 5.39 61.19 -77.14
C ASP B 160 4.66 61.38 -78.48
N VAL B 161 4.24 60.28 -79.07
CA VAL B 161 3.42 60.26 -80.26
C VAL B 161 2.17 61.14 -80.12
N TYR B 162 1.39 60.91 -79.07
CA TYR B 162 0.13 61.63 -78.89
C TYR B 162 0.23 62.90 -78.04
N ARG B 163 1.38 63.09 -77.39
CA ARG B 163 1.57 64.24 -76.49
C ARG B 163 1.07 65.58 -77.06
N ASP B 164 1.43 65.89 -78.31
CA ASP B 164 1.03 67.17 -78.91
C ASP B 164 -0.48 67.29 -78.99
N GLU B 165 -1.09 66.28 -79.61
CA GLU B 165 -2.55 66.24 -79.68
C GLU B 165 -3.18 66.41 -78.30
N ALA B 166 -2.76 65.56 -77.37
CA ALA B 166 -3.38 65.52 -76.05
C ALA B 166 -3.17 66.84 -75.33
N LEU B 167 -1.91 67.29 -75.28
CA LEU B 167 -1.58 68.58 -74.68
C LEU B 167 -2.50 69.65 -75.22
N ASN B 168 -2.68 69.66 -76.53
CA ASN B 168 -3.59 70.58 -77.17
C ASN B 168 -5.00 70.46 -76.59
N ASN B 169 -5.54 69.26 -76.58
CA ASN B 169 -6.90 69.07 -76.07
C ASN B 169 -7.09 69.27 -74.56
N ARG B 170 -6.03 69.10 -73.77
CA ARG B 170 -6.14 69.30 -72.34
C ARG B 170 -6.31 70.77 -71.98
N PHE B 171 -5.60 71.65 -72.70
CA PHE B 171 -5.62 73.08 -72.40
C PHE B 171 -6.15 73.89 -73.59
N GLY C 1 17.95 69.91 -70.32
CA GLY C 1 17.42 69.56 -69.02
C GLY C 1 18.20 68.48 -68.28
N ALA C 2 17.66 68.00 -67.17
CA ALA C 2 18.33 66.99 -66.33
C ALA C 2 17.43 65.81 -66.02
N THR C 3 18.05 64.68 -65.68
CA THR C 3 17.30 63.54 -65.19
C THR C 3 17.71 63.16 -63.76
N LEU C 4 16.73 62.99 -62.88
CA LEU C 4 17.00 62.62 -61.49
C LEU C 4 16.40 61.25 -61.18
N CYS C 5 17.24 60.31 -60.79
CA CYS C 5 16.77 58.95 -60.56
C CYS C 5 16.77 58.57 -59.09
N LEU C 6 15.63 58.04 -58.63
CA LEU C 6 15.52 57.49 -57.29
C LEU C 6 15.85 56.02 -57.38
N GLY C 7 16.62 55.52 -56.42
CA GLY C 7 17.04 54.13 -56.43
C GLY C 7 17.27 53.59 -55.03
N HIS C 8 17.44 52.28 -54.94
CA HIS C 8 17.76 51.60 -53.68
C HIS C 8 18.93 50.69 -53.99
N HIS C 9 19.64 50.26 -52.96
CA HIS C 9 20.85 49.47 -53.21
C HIS C 9 20.57 47.98 -53.41
N ALA C 10 21.65 47.27 -53.68
CA ALA C 10 21.62 45.83 -53.90
C ALA C 10 23.00 45.26 -53.67
N VAL C 11 23.07 43.96 -53.52
CA VAL C 11 24.33 43.30 -53.17
C VAL C 11 24.53 42.09 -54.06
N PRO C 12 25.81 41.67 -54.22
CA PRO C 12 26.18 40.49 -54.99
C PRO C 12 25.61 39.21 -54.40
N ASN C 13 25.80 39.03 -53.09
CA ASN C 13 25.35 37.82 -52.43
C ASN C 13 24.18 38.13 -51.52
N GLY C 14 23.00 37.68 -51.92
CA GLY C 14 21.80 37.89 -51.14
C GLY C 14 21.46 36.65 -50.34
N THR C 15 20.39 36.72 -49.57
CA THR C 15 19.99 35.61 -48.71
C THR C 15 18.53 35.25 -48.85
N LEU C 16 18.22 33.96 -48.92
CA LEU C 16 16.84 33.54 -49.00
C LEU C 16 16.16 33.53 -47.62
N VAL C 17 15.00 34.17 -47.52
CA VAL C 17 14.25 34.09 -46.28
C VAL C 17 12.82 33.66 -46.59
N LYS C 18 12.04 33.47 -45.54
CA LYS C 18 10.72 32.92 -45.68
C LYS C 18 9.73 33.97 -45.23
N THR C 19 8.64 34.15 -45.97
CA THR C 19 7.62 35.12 -45.58
C THR C 19 6.23 34.51 -45.56
N ILE C 20 5.24 35.34 -45.29
CA ILE C 20 3.86 34.88 -45.21
C ILE C 20 3.40 34.34 -46.54
N THR C 21 3.76 35.04 -47.61
CA THR C 21 3.32 34.69 -48.97
C THR C 21 4.37 33.93 -49.76
N ASN C 22 5.56 33.79 -49.21
CA ASN C 22 6.66 33.33 -50.01
C ASN C 22 7.56 32.41 -49.25
N ASP C 23 7.85 31.28 -49.87
CA ASP C 23 8.63 30.25 -49.22
C ASP C 23 10.11 30.59 -49.22
N GLN C 24 10.62 31.00 -50.37
CA GLN C 24 11.99 31.48 -50.50
C GLN C 24 11.94 32.79 -51.25
N ILE C 25 12.53 33.83 -50.69
CA ILE C 25 12.63 35.11 -51.38
C ILE C 25 13.91 35.81 -50.95
N GLU C 26 14.60 36.44 -51.89
CA GLU C 26 15.96 36.94 -51.65
C GLU C 26 15.98 38.37 -51.09
N VAL C 27 16.60 38.53 -49.93
CA VAL C 27 16.81 39.85 -49.33
C VAL C 27 18.31 40.13 -49.28
N THR C 28 18.69 41.32 -48.83
CA THR C 28 20.10 41.73 -48.88
C THR C 28 20.93 41.16 -47.73
N ASN C 29 20.30 40.99 -46.59
CA ASN C 29 20.96 40.46 -45.40
C ASN C 29 19.92 39.81 -44.50
N ALA C 30 20.30 38.78 -43.77
CA ALA C 30 19.41 38.26 -42.76
C ALA C 30 20.24 37.81 -41.58
N THR C 31 19.59 37.54 -40.46
CA THR C 31 20.30 37.08 -39.27
C THR C 31 19.62 35.82 -38.74
N GLU C 32 20.43 34.92 -38.22
CA GLU C 32 19.95 33.61 -37.77
C GLU C 32 19.37 33.66 -36.37
N LEU C 33 18.14 33.20 -36.22
CA LEU C 33 17.49 33.20 -34.91
C LEU C 33 17.53 31.85 -34.17
N VAL C 34 18.09 30.81 -34.78
CA VAL C 34 18.19 29.52 -34.08
C VAL C 34 19.64 29.10 -33.88
N GLN C 35 20.02 28.93 -32.62
CA GLN C 35 21.37 28.51 -32.29
C GLN C 35 21.45 27.00 -32.48
N SER C 36 22.25 26.55 -33.46
CA SER C 36 22.39 25.11 -33.74
C SER C 36 23.69 24.41 -33.30
N SER C 37 24.63 25.15 -32.73
CA SER C 37 25.94 24.57 -32.45
C SER C 37 26.31 24.69 -30.98
N SER C 38 27.27 23.87 -30.53
CA SER C 38 27.83 24.01 -29.20
C SER C 38 29.34 23.91 -29.21
N THR C 39 29.98 24.64 -28.32
CA THR C 39 31.43 24.57 -28.17
C THR C 39 31.84 23.15 -27.77
N GLY C 40 30.99 22.50 -26.98
CA GLY C 40 31.23 21.12 -26.58
C GLY C 40 31.65 20.96 -25.13
N LYS C 41 31.96 22.07 -24.47
CA LYS C 41 32.37 22.03 -23.08
C LYS C 41 31.31 22.70 -22.19
N ILE C 42 31.06 22.13 -21.02
CA ILE C 42 30.25 22.82 -20.03
C ILE C 42 31.12 23.86 -19.35
N CYS C 43 30.72 25.12 -19.44
CA CYS C 43 31.54 26.22 -18.93
C CYS C 43 31.39 26.33 -17.44
N ASN C 44 32.53 26.42 -16.75
CA ASN C 44 32.51 26.41 -15.29
C ASN C 44 32.07 27.74 -14.68
N ASN C 45 31.89 28.77 -15.50
CA ASN C 45 31.31 30.02 -15.02
C ASN C 45 30.07 30.42 -15.83
N PRO C 46 29.17 31.21 -15.22
CA PRO C 46 29.18 31.62 -13.82
C PRO C 46 28.29 30.74 -12.93
N HIS C 47 28.32 29.44 -13.11
CA HIS C 47 27.45 28.59 -12.32
C HIS C 47 28.34 27.67 -11.55
N ARG C 48 28.00 27.35 -10.31
CA ARG C 48 28.83 26.40 -9.61
C ARG C 48 28.45 25.06 -10.19
N ILE C 49 29.38 24.47 -10.91
CA ILE C 49 29.21 23.16 -11.54
C ILE C 49 29.88 22.11 -10.67
N LEU C 50 29.16 21.07 -10.29
CA LEU C 50 29.81 19.99 -9.55
C LEU C 50 29.88 18.76 -10.40
N ASP C 51 31.08 18.42 -10.84
CA ASP C 51 31.25 17.23 -11.64
C ASP C 51 31.26 16.04 -10.71
N GLY C 52 30.30 15.14 -10.91
CA GLY C 52 30.13 13.99 -10.04
C GLY C 52 31.10 12.87 -10.34
N ILE C 53 31.74 12.94 -11.49
CA ILE C 53 32.71 11.91 -11.85
C ILE C 53 32.06 10.54 -11.64
N ASN C 54 32.71 9.63 -10.93
CA ASN C 54 32.19 8.27 -10.79
C ASN C 54 30.93 8.17 -9.91
N CYS C 55 30.52 9.28 -9.32
CA CYS C 55 29.41 9.29 -8.38
C CYS C 55 28.10 9.85 -8.94
N THR C 56 27.00 9.15 -8.69
CA THR C 56 25.66 9.72 -8.89
C THR C 56 25.30 10.54 -7.65
N LEU C 57 24.36 11.49 -7.78
CA LEU C 57 24.00 12.34 -6.65
C LEU C 57 23.51 11.52 -5.47
N ILE C 58 22.70 10.50 -5.71
CA ILE C 58 22.18 9.68 -4.60
C ILE C 58 23.30 9.00 -3.81
N ASP C 59 24.29 8.44 -4.50
CA ASP C 59 25.38 7.77 -3.81
C ASP C 59 26.15 8.79 -2.96
N ALA C 60 26.29 10.00 -3.50
CA ALA C 60 26.95 11.08 -2.77
C ALA C 60 26.15 11.41 -1.53
N LEU C 61 24.83 11.46 -1.69
CA LEU C 61 23.93 11.67 -0.57
C LEU C 61 24.16 10.62 0.51
N LEU C 62 23.99 9.34 0.14
CA LEU C 62 24.04 8.22 1.08
C LEU C 62 25.41 8.06 1.73
N GLY C 63 26.48 8.35 0.99
CA GLY C 63 27.82 8.16 1.53
C GLY C 63 28.59 6.91 1.14
N ASP C 64 28.27 6.37 -0.03
CA ASP C 64 29.03 5.29 -0.65
C ASP C 64 30.50 5.69 -0.55
N PRO C 65 31.38 4.80 -0.06
CA PRO C 65 32.75 5.22 0.26
C PRO C 65 33.44 5.96 -0.85
N HIS C 66 33.38 5.47 -2.09
CA HIS C 66 34.15 6.13 -3.14
C HIS C 66 33.59 7.49 -3.49
N CYS C 67 32.45 7.82 -2.90
CA CYS C 67 31.85 9.14 -3.05
C CYS C 67 32.15 10.09 -1.91
N ASP C 68 32.94 9.68 -0.94
CA ASP C 68 33.05 10.47 0.29
C ASP C 68 33.65 11.85 0.06
N GLY C 69 34.22 12.07 -1.12
CA GLY C 69 34.72 13.39 -1.46
C GLY C 69 33.59 14.40 -1.59
N PHE C 70 32.39 13.92 -1.84
CA PHE C 70 31.27 14.81 -2.06
C PHE C 70 30.58 15.26 -0.78
N GLN C 71 31.09 14.82 0.37
CA GLN C 71 30.47 15.21 1.63
C GLN C 71 30.35 16.72 1.77
N ASN C 72 29.16 17.16 2.17
CA ASN C 72 28.87 18.57 2.43
C ASN C 72 29.07 19.49 1.24
N GLU C 73 29.07 18.94 0.04
CA GLU C 73 29.26 19.71 -1.19
C GLU C 73 28.06 20.61 -1.55
N LYS C 74 28.30 21.58 -2.43
CA LYS C 74 27.25 22.44 -2.94
C LYS C 74 27.38 22.55 -4.44
N TRP C 75 26.26 22.85 -5.09
CA TRP C 75 26.26 23.07 -6.53
C TRP C 75 25.11 23.96 -6.95
N ASP C 76 25.29 24.67 -8.07
CA ASP C 76 24.16 25.20 -8.82
C ASP C 76 23.70 24.11 -9.77
N LEU C 77 24.64 23.40 -10.38
CA LEU C 77 24.30 22.32 -11.29
C LEU C 77 25.18 21.11 -11.06
N PHE C 78 24.53 20.01 -10.69
CA PHE C 78 25.23 18.76 -10.43
C PHE C 78 25.26 18.00 -11.73
N VAL C 79 26.43 17.61 -12.19
CA VAL C 79 26.50 16.87 -13.45
C VAL C 79 26.74 15.39 -13.21
N GLU C 80 25.80 14.52 -13.58
CA GLU C 80 26.00 13.09 -13.40
C GLU C 80 26.58 12.49 -14.68
N ARG C 81 27.65 11.70 -14.58
CA ARG C 81 28.23 11.08 -15.79
C ARG C 81 27.69 9.69 -16.03
N SER C 82 27.96 9.12 -17.19
CA SER C 82 27.38 7.83 -17.55
C SER C 82 28.24 6.72 -16.94
N LYS C 83 29.47 7.07 -16.64
CA LYS C 83 30.43 6.09 -16.15
C LYS C 83 30.28 5.87 -14.65
N ALA C 84 29.32 6.57 -14.04
CA ALA C 84 29.13 6.46 -12.61
C ALA C 84 28.75 5.03 -12.25
N PHE C 85 29.06 4.62 -11.01
CA PHE C 85 28.77 3.27 -10.56
C PHE C 85 28.62 3.23 -9.04
N SER C 86 27.97 2.19 -8.52
CA SER C 86 27.76 2.05 -7.08
C SER C 86 28.65 0.93 -6.49
N ASN C 87 29.50 1.26 -5.52
CA ASN C 87 30.39 0.28 -4.91
C ASN C 87 30.00 -0.31 -3.55
N CYS C 88 28.82 0.04 -3.07
CA CYS C 88 28.43 -0.25 -1.69
C CYS C 88 27.32 -1.29 -1.62
N TYR C 89 26.75 -1.50 -0.44
CA TYR C 89 25.65 -2.45 -0.28
C TYR C 89 24.61 -2.20 -1.36
N PRO C 90 24.16 -3.26 -2.06
CA PRO C 90 23.20 -3.02 -3.13
C PRO C 90 21.88 -2.54 -2.57
N TYR C 91 21.30 -1.51 -3.16
CA TYR C 91 20.08 -0.92 -2.62
C TYR C 91 19.08 -0.52 -3.68
N ASP C 92 17.95 0.00 -3.23
CA ASP C 92 17.03 0.63 -4.15
C ASP C 92 16.28 1.75 -3.44
N VAL C 93 15.84 2.73 -4.21
CA VAL C 93 15.05 3.82 -3.67
C VAL C 93 13.69 3.84 -4.32
N PRO C 94 12.64 3.50 -3.57
CA PRO C 94 11.32 3.76 -4.13
C PRO C 94 11.16 5.27 -4.41
N ASP C 95 10.62 5.61 -5.57
CA ASP C 95 10.53 7.00 -5.96
C ASP C 95 11.90 7.66 -5.97
N TYR C 96 12.87 6.91 -6.51
CA TYR C 96 14.22 7.41 -6.72
C TYR C 96 14.20 8.77 -7.39
N ALA C 97 13.36 8.89 -8.39
CA ALA C 97 13.31 10.14 -9.16
C ALA C 97 13.06 11.37 -8.27
N SER C 98 12.20 11.21 -7.27
CA SER C 98 11.78 12.34 -6.46
C SER C 98 12.86 12.72 -5.45
N LEU C 99 13.48 11.72 -4.85
CA LEU C 99 14.58 12.01 -3.95
C LEU C 99 15.66 12.74 -4.74
N ARG C 100 16.00 12.17 -5.89
CA ARG C 100 17.02 12.77 -6.74
C ARG C 100 16.66 14.22 -7.03
N SER C 101 15.42 14.44 -7.43
CA SER C 101 14.98 15.78 -7.77
C SER C 101 15.14 16.72 -6.59
N LEU C 102 14.50 16.38 -5.46
CA LEU C 102 14.43 17.32 -4.34
C LEU C 102 15.80 17.61 -3.74
N VAL C 103 16.68 16.61 -3.70
CA VAL C 103 18.07 16.88 -3.32
C VAL C 103 18.78 17.77 -4.37
N ALA C 104 18.65 17.43 -5.65
CA ALA C 104 19.28 18.21 -6.70
C ALA C 104 18.87 19.67 -6.55
N SER C 105 17.58 19.87 -6.26
CA SER C 105 17.02 21.20 -6.13
C SER C 105 17.50 21.93 -4.88
N SER C 106 17.59 21.22 -3.76
CA SER C 106 18.14 21.79 -2.54
C SER C 106 19.55 22.32 -2.80
N GLY C 107 20.30 21.58 -3.60
CA GLY C 107 21.57 22.10 -4.11
C GLY C 107 22.71 22.08 -3.11
N THR C 108 22.53 21.29 -2.06
CA THR C 108 23.53 21.14 -1.02
C THR C 108 23.44 19.76 -0.39
N LEU C 109 24.61 19.19 -0.11
CA LEU C 109 24.72 17.95 0.65
C LEU C 109 25.05 18.17 2.12
N GLU C 110 25.01 19.42 2.58
CA GLU C 110 25.45 19.77 3.92
C GLU C 110 24.72 18.93 4.95
N PHE C 111 25.51 18.23 5.76
CA PHE C 111 24.98 17.25 6.72
C PHE C 111 25.32 17.68 8.12
N ILE C 112 24.34 17.60 9.00
CA ILE C 112 24.47 17.98 10.41
C ILE C 112 24.14 16.76 11.23
N ASN C 113 25.09 16.32 12.04
CA ASN C 113 24.92 15.13 12.86
C ASN C 113 24.01 15.33 14.04
N GLU C 114 23.33 14.26 14.40
CA GLU C 114 22.54 14.24 15.62
C GLU C 114 22.65 12.88 16.32
N GLY C 115 22.92 12.90 17.63
CA GLY C 115 22.84 11.67 18.40
C GLY C 115 21.41 11.21 18.68
N PHE C 116 21.06 10.01 18.24
CA PHE C 116 19.77 9.44 18.56
C PHE C 116 20.00 8.53 19.72
N ASN C 117 19.06 8.45 20.66
CA ASN C 117 19.32 7.63 21.82
C ASN C 117 18.83 6.25 21.49
N TRP C 118 19.76 5.38 21.13
CA TRP C 118 19.45 4.01 20.75
C TRP C 118 19.80 3.20 21.97
N THR C 119 19.09 2.10 22.17
CA THR C 119 19.22 1.34 23.39
C THR C 119 19.37 -0.15 23.12
N GLY C 120 20.43 -0.71 23.67
CA GLY C 120 20.63 -2.15 23.68
C GLY C 120 20.72 -2.76 22.31
N VAL C 121 21.24 -2.00 21.35
CA VAL C 121 21.53 -2.52 20.02
C VAL C 121 22.95 -2.17 19.67
N THR C 122 23.56 -2.96 18.81
CA THR C 122 24.89 -2.66 18.31
C THR C 122 24.74 -1.66 17.17
N GLN C 123 25.62 -0.67 17.11
CA GLN C 123 25.54 0.30 16.04
C GLN C 123 26.64 0.04 15.00
N ASN C 124 26.63 0.84 13.95
CA ASN C 124 27.71 0.85 12.95
C ASN C 124 27.98 -0.48 12.30
N GLY C 125 26.91 -1.22 12.05
CA GLY C 125 27.02 -2.42 11.25
C GLY C 125 27.65 -2.06 9.92
N GLY C 126 28.28 -3.05 9.29
CA GLY C 126 28.97 -2.86 8.02
C GLY C 126 29.03 -4.15 7.21
N SER C 127 29.72 -4.10 6.08
CA SER C 127 29.76 -5.25 5.18
C SER C 127 31.03 -5.24 4.35
N SER C 128 31.35 -6.40 3.76
CA SER C 128 32.46 -6.51 2.83
C SER C 128 32.04 -6.07 1.44
N ALA C 129 30.72 -6.00 1.23
CA ALA C 129 30.19 -5.47 -0.02
C ALA C 129 30.44 -3.97 -0.10
N CYS C 130 30.46 -3.31 1.05
CA CYS C 130 30.82 -1.91 1.09
C CYS C 130 32.10 -1.76 1.88
N LYS C 131 33.23 -1.68 1.19
CA LYS C 131 34.52 -1.68 1.88
C LYS C 131 35.02 -0.27 1.96
N ARG C 132 35.29 0.21 3.18
CA ARG C 132 35.93 1.50 3.29
C ARG C 132 37.37 1.27 3.64
N GLY C 133 38.25 1.53 2.68
CA GLY C 133 39.64 1.20 2.84
C GLY C 133 39.81 -0.32 2.80
N PRO C 134 40.75 -0.84 3.62
CA PRO C 134 41.07 -2.26 3.62
C PRO C 134 39.96 -3.09 4.24
N ASP C 135 39.24 -2.46 5.15
CA ASP C 135 38.28 -3.17 5.98
C ASP C 135 36.84 -2.94 5.53
N SER C 136 35.93 -3.60 6.24
CA SER C 136 34.51 -3.59 5.89
C SER C 136 33.89 -2.25 6.28
N GLY C 137 32.73 -1.94 5.69
CA GLY C 137 32.18 -0.59 5.79
C GLY C 137 30.71 -0.47 5.45
N PHE C 138 30.27 0.75 5.19
CA PHE C 138 28.85 1.02 4.92
C PHE C 138 28.66 2.49 4.55
N PHE C 139 27.45 2.84 4.12
CA PHE C 139 27.14 4.21 3.78
C PHE C 139 27.45 5.15 4.94
N SER C 140 28.27 6.17 4.67
CA SER C 140 28.73 7.06 5.72
C SER C 140 27.60 7.76 6.47
N ARG C 141 26.48 7.99 5.80
CA ARG C 141 25.39 8.75 6.43
C ARG C 141 24.34 7.86 7.05
N LEU C 142 24.55 6.56 7.03
CA LEU C 142 23.59 5.65 7.61
C LEU C 142 24.24 4.83 8.71
N ASN C 143 23.43 4.44 9.70
CA ASN C 143 23.90 3.71 10.87
C ASN C 143 23.13 2.41 10.94
N TRP C 144 23.81 1.28 10.70
CA TRP C 144 23.13 -0.01 10.63
C TRP C 144 23.06 -0.62 12.04
N LEU C 145 21.84 -0.72 12.59
CA LEU C 145 21.61 -1.17 13.97
C LEU C 145 21.30 -2.64 13.96
N TYR C 146 21.87 -3.40 14.89
CA TYR C 146 21.48 -4.79 15.07
C TYR C 146 21.52 -5.23 16.52
N LYS C 147 21.30 -6.52 16.75
CA LYS C 147 21.08 -7.05 18.09
C LYS C 147 22.29 -6.88 18.99
N SER C 148 22.02 -6.80 20.29
CA SER C 148 23.08 -6.92 21.28
C SER C 148 22.83 -8.22 22.03
N GLY C 149 23.70 -9.21 21.79
CA GLY C 149 23.51 -10.49 22.43
C GLY C 149 22.26 -11.24 21.98
N SER C 150 21.35 -11.53 22.91
CA SER C 150 20.14 -12.27 22.60
C SER C 150 18.90 -11.42 22.32
N THR C 151 19.02 -10.10 22.32
CA THR C 151 17.84 -9.26 22.09
C THR C 151 18.07 -8.05 21.18
N TYR C 152 16.97 -7.63 20.51
CA TYR C 152 16.90 -6.38 19.77
C TYR C 152 15.70 -5.63 20.30
N PRO C 153 15.93 -4.81 21.33
CA PRO C 153 14.85 -4.13 22.02
C PRO C 153 14.13 -3.17 21.08
N VAL C 154 12.80 -3.14 21.17
CA VAL C 154 12.06 -2.22 20.33
C VAL C 154 12.65 -0.82 20.54
N GLN C 155 12.72 -0.08 19.46
CA GLN C 155 13.49 1.12 19.41
C GLN C 155 12.51 2.26 19.21
N ASN C 156 12.51 3.21 20.14
CA ASN C 156 11.56 4.32 20.09
C ASN C 156 12.31 5.61 20.36
N VAL C 157 12.48 6.49 19.36
CA VAL C 157 13.30 7.71 19.54
C VAL C 157 12.71 8.97 18.92
N THR C 158 13.10 10.12 19.47
CA THR C 158 12.56 11.41 19.04
C THR C 158 13.64 12.37 18.66
N MET C 159 13.37 13.17 17.62
CA MET C 159 14.25 14.26 17.26
C MET C 159 13.42 15.50 16.91
N PRO C 160 13.22 16.39 17.89
CA PRO C 160 12.50 17.64 17.61
C PRO C 160 13.25 18.49 16.60
N ASN C 161 12.55 19.25 15.76
CA ASN C 161 13.22 20.27 14.99
C ASN C 161 12.97 21.61 15.62
N ASN C 162 13.97 22.13 16.30
CA ASN C 162 13.87 23.43 16.94
C ASN C 162 14.52 24.53 16.13
N ASP C 163 15.00 24.15 14.95
CA ASP C 163 15.77 25.05 14.11
C ASP C 163 14.89 25.91 13.22
N ASN C 164 15.55 26.76 12.45
CA ASN C 164 14.90 27.73 11.60
C ASN C 164 14.47 27.18 10.24
N SER C 165 15.04 26.03 9.84
CA SER C 165 14.83 25.51 8.50
C SER C 165 14.39 24.06 8.50
N ASP C 166 14.15 23.52 7.31
CA ASP C 166 13.66 22.17 7.16
C ASP C 166 14.79 21.16 7.26
N LYS C 167 14.50 20.01 7.87
CA LYS C 167 15.44 18.92 7.96
C LYS C 167 15.09 17.77 7.00
N LEU C 168 16.07 17.26 6.26
CA LEU C 168 15.83 16.12 5.37
C LEU C 168 16.48 14.87 5.95
N TYR C 169 15.66 13.92 6.39
CA TYR C 169 16.21 12.68 6.97
C TYR C 169 16.20 11.54 5.95
N ILE C 170 17.35 10.90 5.78
CA ILE C 170 17.43 9.75 4.87
C ILE C 170 17.63 8.53 5.71
N TRP C 171 16.74 7.56 5.57
CA TRP C 171 16.83 6.33 6.34
C TRP C 171 16.53 5.14 5.45
N GLY C 172 16.50 3.94 6.01
CA GLY C 172 16.38 2.76 5.19
C GLY C 172 15.85 1.56 5.92
N VAL C 173 15.49 0.54 5.16
CA VAL C 173 15.06 -0.74 5.72
C VAL C 173 15.90 -1.85 5.10
N HIS C 174 16.25 -2.86 5.89
CA HIS C 174 17.10 -3.95 5.42
C HIS C 174 16.27 -5.16 5.08
N HIS C 175 16.42 -5.67 3.86
CA HIS C 175 15.74 -6.88 3.44
C HIS C 175 16.74 -8.01 3.37
N PRO C 176 16.67 -8.94 4.34
CA PRO C 176 17.62 -10.06 4.36
C PRO C 176 17.24 -11.11 3.33
N SER C 177 18.22 -11.93 2.94
CA SER C 177 18.04 -12.98 1.93
C SER C 177 17.38 -14.24 2.48
N THR C 178 17.68 -14.60 3.73
CA THR C 178 17.17 -15.82 4.35
C THR C 178 16.61 -15.49 5.71
N ASP C 179 15.83 -16.37 6.30
CA ASP C 179 15.22 -16.08 7.60
C ASP C 179 16.29 -16.15 8.66
N LYS C 180 17.24 -17.03 8.43
CA LYS C 180 18.37 -17.17 9.31
C LYS C 180 19.04 -15.82 9.42
N GLU C 181 19.27 -15.20 8.28
CA GLU C 181 19.94 -13.91 8.25
C GLU C 181 19.13 -12.87 9.03
N GLN C 182 17.81 -12.88 8.87
CA GLN C 182 16.92 -12.03 9.64
C GLN C 182 17.16 -12.22 11.14
N THR C 183 17.07 -13.45 11.61
CA THR C 183 17.19 -13.68 13.04
C THR C 183 18.60 -13.40 13.55
N ASN C 184 19.62 -13.78 12.80
CA ASN C 184 21.01 -13.58 13.22
C ASN C 184 21.32 -12.12 13.52
N LEU C 185 20.58 -11.24 12.87
CA LEU C 185 20.77 -9.81 13.01
C LEU C 185 19.78 -9.20 14.01
N TYR C 186 18.49 -9.39 13.74
CA TYR C 186 17.45 -8.74 14.51
C TYR C 186 16.73 -9.56 15.59
N VAL C 187 17.16 -10.81 15.86
CA VAL C 187 16.34 -11.68 16.73
C VAL C 187 14.98 -11.89 16.02
N GLN C 188 13.97 -11.09 16.37
CA GLN C 188 12.62 -11.26 15.84
C GLN C 188 12.57 -11.61 14.34
N ALA C 189 11.66 -12.52 13.99
CA ALA C 189 11.56 -13.06 12.64
C ALA C 189 11.03 -12.00 11.67
N SER C 190 10.20 -11.10 12.17
CA SER C 190 9.63 -10.07 11.33
C SER C 190 9.93 -8.71 11.90
N GLY C 191 10.73 -7.95 11.17
CA GLY C 191 11.07 -6.60 11.58
C GLY C 191 10.06 -5.58 11.14
N LYS C 192 10.33 -4.32 11.39
CA LYS C 192 9.43 -3.29 10.95
C LYS C 192 9.99 -1.95 11.31
N VAL C 193 9.66 -0.95 10.50
CA VAL C 193 10.14 0.40 10.74
C VAL C 193 9.03 1.40 10.52
N THR C 194 8.76 2.24 11.50
CA THR C 194 7.82 3.32 11.32
C THR C 194 8.52 4.64 11.63
N VAL C 195 8.61 5.48 10.60
CA VAL C 195 9.23 6.77 10.77
C VAL C 195 8.12 7.80 10.57
N SER C 196 7.96 8.70 11.52
CA SER C 196 6.83 9.61 11.44
C SER C 196 7.09 11.01 11.97
N THR C 197 6.18 11.90 11.63
CA THR C 197 6.16 13.26 12.12
C THR C 197 4.75 13.49 12.66
N LYS C 198 4.42 14.74 12.98
CA LYS C 198 3.08 15.04 13.46
C LYS C 198 2.00 14.78 12.42
N ARG C 199 2.20 15.24 11.19
CA ARG C 199 1.14 15.10 10.20
C ARG C 199 1.28 13.99 9.18
N SER C 200 2.40 13.27 9.20
CA SER C 200 2.64 12.19 8.24
C SER C 200 3.39 10.99 8.82
N GLN C 201 3.32 9.85 8.14
CA GLN C 201 4.02 8.66 8.64
C GLN C 201 4.36 7.69 7.53
N GLN C 202 5.39 6.88 7.76
CA GLN C 202 5.69 5.76 6.89
C GLN C 202 5.94 4.53 7.73
N THR C 203 5.31 3.44 7.36
CA THR C 203 5.61 2.15 7.96
C THR C 203 6.08 1.22 6.87
N ILE C 204 7.34 0.80 6.95
CA ILE C 204 7.87 -0.17 6.01
C ILE C 204 8.04 -1.49 6.72
N ILE C 205 7.56 -2.54 6.06
CA ILE C 205 7.78 -3.91 6.50
C ILE C 205 8.90 -4.54 5.66
N PRO C 206 9.96 -5.02 6.30
CA PRO C 206 11.03 -5.60 5.48
C PRO C 206 10.58 -6.97 4.98
N ASN C 207 11.11 -7.43 3.85
CA ASN C 207 10.68 -8.70 3.27
C ASN C 207 11.86 -9.62 2.98
N VAL C 208 11.87 -10.78 3.64
CA VAL C 208 12.96 -11.72 3.47
C VAL C 208 12.76 -12.53 2.21
N GLY C 209 13.83 -12.73 1.47
CA GLY C 209 13.78 -13.40 0.20
C GLY C 209 15.06 -13.16 -0.59
N SER C 210 15.18 -13.78 -1.77
CA SER C 210 16.41 -13.69 -2.52
C SER C 210 16.29 -12.73 -3.68
N ARG C 211 17.39 -12.04 -3.97
CA ARG C 211 17.43 -11.18 -5.12
C ARG C 211 18.74 -11.43 -5.83
N PRO C 212 18.84 -10.98 -7.09
CA PRO C 212 20.03 -11.27 -7.88
C PRO C 212 21.30 -10.92 -7.14
N TRP C 213 22.31 -11.78 -7.26
CA TRP C 213 23.59 -11.53 -6.65
C TRP C 213 24.10 -10.18 -7.14
N VAL C 214 24.41 -9.28 -6.23
CA VAL C 214 25.07 -8.03 -6.59
C VAL C 214 26.15 -7.68 -5.59
N ARG C 215 27.38 -7.50 -6.10
CA ARG C 215 28.51 -7.22 -5.22
C ARG C 215 28.52 -8.13 -3.99
N GLY C 216 28.17 -9.39 -4.19
CA GLY C 216 28.27 -10.36 -3.13
C GLY C 216 26.97 -10.70 -2.43
N LEU C 217 25.97 -9.82 -2.52
CA LEU C 217 24.78 -10.00 -1.67
C LEU C 217 23.50 -10.29 -2.44
N SER C 218 22.68 -11.17 -1.87
CA SER C 218 21.35 -11.41 -2.39
C SER C 218 20.34 -10.63 -1.60
N SER C 219 20.83 -9.85 -0.65
CA SER C 219 19.95 -9.06 0.22
C SER C 219 19.92 -7.62 -0.28
N ARG C 220 19.07 -6.78 0.32
CA ARG C 220 18.96 -5.42 -0.18
C ARG C 220 18.67 -4.39 0.90
N ILE C 221 18.92 -3.13 0.57
CA ILE C 221 18.49 -2.04 1.41
C ILE C 221 17.52 -1.13 0.63
N SER C 222 16.37 -0.83 1.23
CA SER C 222 15.44 0.12 0.64
C SER C 222 15.63 1.48 1.32
N ILE C 223 15.83 2.53 0.53
CA ILE C 223 16.02 3.87 1.08
C ILE C 223 14.73 4.70 1.10
N TYR C 224 14.46 5.37 2.21
CA TYR C 224 13.31 6.25 2.31
C TYR C 224 13.74 7.60 2.88
N TRP C 225 12.91 8.63 2.69
CA TRP C 225 13.19 9.95 3.24
C TRP C 225 11.99 10.55 3.98
N THR C 226 12.29 11.37 4.96
CA THR C 226 11.27 12.10 5.67
C THR C 226 11.72 13.55 5.87
N ILE C 227 10.86 14.50 5.54
CA ILE C 227 11.17 15.89 5.78
C ILE C 227 10.42 16.39 6.99
N VAL C 228 11.12 17.13 7.83
CA VAL C 228 10.55 17.60 9.09
C VAL C 228 10.64 19.10 9.18
N LYS C 229 9.50 19.77 9.19
CA LYS C 229 9.52 21.23 9.23
C LYS C 229 9.72 21.71 10.65
N PRO C 230 10.14 22.97 10.80
CA PRO C 230 10.42 23.53 12.12
C PRO C 230 9.19 23.52 12.97
N GLY C 231 9.29 23.05 14.19
CA GLY C 231 8.12 22.97 15.04
C GLY C 231 7.58 21.56 15.03
N ASP C 232 7.92 20.79 14.00
CA ASP C 232 7.50 19.41 13.94
C ASP C 232 8.48 18.55 14.73
N ILE C 233 8.24 17.25 14.77
CA ILE C 233 9.09 16.34 15.49
C ILE C 233 9.24 15.08 14.68
N LEU C 234 10.44 14.52 14.69
CA LEU C 234 10.65 13.21 14.07
C LEU C 234 10.53 12.16 15.15
N VAL C 235 9.85 11.06 14.82
CA VAL C 235 9.85 9.89 15.70
C VAL C 235 10.12 8.60 14.92
N ILE C 236 11.11 7.86 15.39
CA ILE C 236 11.50 6.63 14.72
C ILE C 236 11.19 5.49 15.65
N ASN C 237 10.54 4.47 15.10
CA ASN C 237 10.08 3.34 15.88
C ASN C 237 10.42 2.05 15.15
N SER C 238 11.24 1.20 15.73
CA SER C 238 11.65 -0.04 15.05
C SER C 238 11.82 -1.22 15.98
N ASN C 239 11.26 -2.36 15.58
CA ASN C 239 11.58 -3.63 16.22
C ASN C 239 12.64 -4.41 15.42
N GLY C 240 13.32 -3.70 14.54
CA GLY C 240 14.48 -4.22 13.83
C GLY C 240 14.36 -4.30 12.33
N ASN C 241 15.51 -4.40 11.66
CA ASN C 241 15.65 -4.16 10.23
C ASN C 241 15.86 -2.67 9.85
N LEU C 242 15.86 -1.79 10.83
CA LEU C 242 16.03 -0.35 10.59
C LEU C 242 17.47 0.01 10.21
N ILE C 243 17.64 0.74 9.11
CA ILE C 243 18.92 1.39 8.80
C ILE C 243 18.77 2.86 9.17
N ALA C 244 19.40 3.26 10.28
CA ALA C 244 19.05 4.53 10.94
C ALA C 244 19.78 5.72 10.35
N PRO C 245 19.17 6.91 10.40
CA PRO C 245 19.86 8.13 10.00
C PRO C 245 20.89 8.51 11.04
N ARG C 246 21.96 9.18 10.62
CA ARG C 246 22.96 9.67 11.55
C ARG C 246 22.77 11.16 11.86
N GLY C 247 21.74 11.75 11.25
CA GLY C 247 21.53 13.18 11.35
C GLY C 247 20.71 13.65 10.17
N TYR C 248 20.79 14.93 9.84
CA TYR C 248 19.94 15.45 8.77
C TYR C 248 20.76 16.21 7.73
N PHE C 249 20.20 16.34 6.53
CA PHE C 249 20.76 17.21 5.51
C PHE C 249 20.00 18.51 5.55
N LYS C 250 20.69 19.64 5.50
CA LYS C 250 20.02 20.95 5.46
C LYS C 250 19.29 21.09 4.12
N MET C 251 18.07 21.65 4.14
CA MET C 251 17.35 21.90 2.90
C MET C 251 17.40 23.38 2.55
N ARG C 252 17.75 23.68 1.30
CA ARG C 252 17.72 25.06 0.82
C ARG C 252 16.81 25.14 -0.39
N THR C 253 16.30 26.34 -0.68
CA THR C 253 15.67 26.63 -1.98
C THR C 253 16.52 27.60 -2.82
N GLY C 254 16.47 27.45 -4.14
CA GLY C 254 17.27 28.28 -5.00
C GLY C 254 17.37 27.75 -6.40
N LYS C 255 18.42 28.14 -7.11
CA LYS C 255 18.51 27.88 -8.55
C LYS C 255 19.17 26.54 -8.88
N SER C 256 19.39 25.71 -7.88
CA SER C 256 20.16 24.49 -8.09
C SER C 256 19.36 23.43 -8.83
N SER C 257 20.09 22.55 -9.53
CA SER C 257 19.49 21.48 -10.31
C SER C 257 20.57 20.47 -10.72
N ILE C 258 20.18 19.48 -11.52
CA ILE C 258 21.07 18.41 -11.91
C ILE C 258 20.88 18.06 -13.39
N MET C 259 21.98 17.68 -14.05
CA MET C 259 21.96 17.35 -15.47
C MET C 259 22.79 16.10 -15.77
N ARG C 260 22.32 15.25 -16.68
CA ARG C 260 23.13 14.13 -17.14
C ARG C 260 23.89 14.53 -18.41
N SER C 261 25.21 14.52 -18.35
CA SER C 261 26.03 14.87 -19.50
C SER C 261 27.42 14.25 -19.46
N ASP C 262 27.97 13.91 -20.63
CA ASP C 262 29.35 13.47 -20.72
C ASP C 262 30.29 14.56 -21.19
N ALA C 263 29.78 15.78 -21.30
CA ALA C 263 30.57 16.90 -21.81
C ALA C 263 31.64 17.29 -20.83
N PRO C 264 32.89 17.39 -21.30
CA PRO C 264 33.96 17.88 -20.42
C PRO C 264 33.64 19.26 -19.88
N ILE C 265 34.00 19.49 -18.63
CA ILE C 265 33.92 20.82 -18.07
C ILE C 265 35.18 21.54 -18.47
N GLY C 266 35.06 22.85 -18.69
CA GLY C 266 36.19 23.62 -19.14
C GLY C 266 36.14 25.01 -18.55
N THR C 267 37.28 25.70 -18.59
CA THR C 267 37.37 27.02 -18.00
C THR C 267 37.00 27.99 -19.11
N CYS C 268 35.82 28.56 -18.99
CA CYS C 268 35.31 29.52 -19.94
C CYS C 268 34.04 30.02 -19.33
N SER C 269 33.29 30.85 -20.01
CA SER C 269 32.05 31.35 -19.42
C SER C 269 30.85 31.33 -20.34
N SER C 270 29.68 31.08 -19.75
CA SER C 270 28.43 31.09 -20.47
C SER C 270 27.23 30.83 -19.55
N GLU C 271 26.07 31.38 -19.92
CA GLU C 271 24.95 31.44 -19.01
C GLU C 271 24.04 30.28 -19.23
N CYS C 272 24.27 29.56 -20.32
CA CYS C 272 23.35 28.52 -20.74
C CYS C 272 24.09 27.20 -20.90
N ILE C 273 23.60 26.18 -20.20
CA ILE C 273 24.20 24.86 -20.22
C ILE C 273 23.25 23.85 -20.83
N THR C 274 23.77 23.03 -21.73
CA THR C 274 23.02 21.88 -22.19
C THR C 274 23.89 20.66 -22.11
N PRO C 275 23.25 19.50 -22.11
CA PRO C 275 24.00 18.25 -22.06
C PRO C 275 25.07 18.17 -23.13
N ASN C 276 24.90 18.90 -24.23
CA ASN C 276 25.86 18.86 -25.33
C ASN C 276 27.10 19.70 -25.06
N GLY C 277 26.91 20.67 -24.18
CA GLY C 277 27.94 21.63 -23.82
C GLY C 277 27.20 22.92 -23.58
N SER C 278 27.92 24.01 -23.35
CA SER C 278 27.28 25.31 -23.17
C SER C 278 26.90 25.83 -24.54
N ILE C 279 25.88 26.68 -24.61
CA ILE C 279 25.58 27.39 -25.85
C ILE C 279 25.36 28.88 -25.62
N PRO C 280 25.69 29.70 -26.63
CA PRO C 280 25.48 31.14 -26.52
C PRO C 280 24.00 31.50 -26.47
N ASN C 281 23.63 32.43 -25.59
CA ASN C 281 22.24 32.81 -25.42
C ASN C 281 21.82 34.02 -26.23
N ASP C 282 22.66 34.47 -27.15
CA ASP C 282 22.33 35.69 -27.87
C ASP C 282 21.10 35.50 -28.77
N LYS C 283 20.84 34.28 -29.24
CA LYS C 283 19.70 34.10 -30.15
C LYS C 283 18.39 33.79 -29.40
N PRO C 284 17.25 34.03 -30.03
CA PRO C 284 15.99 33.72 -29.35
C PRO C 284 15.65 32.22 -29.25
N PHE C 285 16.24 31.38 -30.08
CA PHE C 285 15.87 29.96 -30.14
C PHE C 285 17.09 29.07 -30.32
N GLN C 286 16.94 27.79 -30.02
CA GLN C 286 18.04 26.84 -30.21
C GLN C 286 17.52 25.44 -30.54
N ASN C 287 18.30 24.74 -31.36
CA ASN C 287 18.04 23.39 -31.79
C ASN C 287 18.92 22.36 -31.08
N VAL C 288 19.76 22.84 -30.16
CA VAL C 288 20.79 21.97 -29.58
C VAL C 288 20.21 20.85 -28.69
N ASN C 289 19.47 21.23 -27.66
CA ASN C 289 18.87 20.23 -26.78
C ASN C 289 17.61 20.75 -26.07
N LYS C 290 16.58 19.92 -25.94
CA LYS C 290 15.41 20.33 -25.19
C LYS C 290 15.71 20.43 -23.68
N ILE C 291 16.86 19.88 -23.27
CA ILE C 291 17.29 19.95 -21.88
C ILE C 291 18.24 21.11 -21.68
N THR C 292 17.88 22.06 -20.82
CA THR C 292 18.79 23.19 -20.60
C THR C 292 18.80 23.69 -19.17
N TYR C 293 19.87 24.40 -18.82
CA TYR C 293 19.98 25.07 -17.54
C TYR C 293 20.49 26.49 -17.73
N GLY C 294 19.87 27.44 -17.04
CA GLY C 294 20.30 28.83 -17.09
C GLY C 294 19.46 29.66 -18.05
N ALA C 295 19.98 30.82 -18.45
CA ALA C 295 19.25 31.66 -19.38
C ALA C 295 19.54 31.17 -20.78
N CYS C 296 18.50 30.61 -21.40
CA CYS C 296 18.64 29.81 -22.60
C CYS C 296 17.62 30.20 -23.66
N PRO C 297 18.05 30.18 -24.93
CA PRO C 297 17.11 30.30 -26.05
C PRO C 297 16.01 29.26 -25.89
N LYS C 298 14.77 29.58 -26.26
CA LYS C 298 13.73 28.57 -26.23
C LYS C 298 14.05 27.52 -27.29
N TYR C 299 13.68 26.29 -27.02
CA TYR C 299 14.00 25.17 -27.90
C TYR C 299 12.91 24.90 -28.93
N VAL C 300 13.32 24.75 -30.19
CA VAL C 300 12.38 24.58 -31.28
C VAL C 300 12.88 23.46 -32.19
N LYS C 301 12.02 23.01 -33.08
CA LYS C 301 12.34 21.89 -33.95
C LYS C 301 13.18 22.31 -35.16
N GLN C 302 13.16 23.59 -35.52
CA GLN C 302 13.87 24.04 -36.70
C GLN C 302 15.37 24.16 -36.43
N ASN C 303 16.18 23.84 -37.42
CA ASN C 303 17.62 24.02 -37.30
C ASN C 303 18.00 25.41 -37.78
N THR C 304 17.09 26.07 -38.48
CA THR C 304 17.34 27.44 -38.92
C THR C 304 16.07 28.26 -39.12
N LEU C 305 16.09 29.51 -38.70
CA LEU C 305 15.10 30.49 -39.11
C LEU C 305 15.81 31.81 -39.39
N LYS C 306 15.80 32.27 -40.64
CA LYS C 306 16.46 33.53 -40.97
C LYS C 306 15.45 34.69 -40.86
N LEU C 307 15.83 35.69 -40.07
CA LEU C 307 15.10 36.94 -39.93
C LEU C 307 15.72 37.98 -40.87
N ALA C 308 14.94 38.49 -41.82
CA ALA C 308 15.47 39.40 -42.82
C ALA C 308 15.83 40.72 -42.18
N THR C 309 17.07 41.13 -42.38
CA THR C 309 17.59 42.43 -41.97
C THR C 309 17.77 43.52 -43.06
N GLY C 310 17.30 43.27 -44.29
CA GLY C 310 17.32 44.28 -45.34
C GLY C 310 16.22 44.10 -46.38
N MET C 311 16.19 44.96 -47.40
CA MET C 311 15.12 44.93 -48.41
C MET C 311 15.22 43.79 -49.43
N ARG C 312 14.21 43.61 -50.27
CA ARG C 312 14.29 42.62 -51.33
C ARG C 312 15.47 42.94 -52.24
N ASN C 313 16.35 41.96 -52.47
CA ASN C 313 17.53 42.19 -53.31
C ASN C 313 17.22 41.94 -54.79
N VAL C 314 17.43 42.95 -55.63
CA VAL C 314 17.09 42.87 -57.05
C VAL C 314 18.25 43.29 -57.94
N PRO C 315 19.11 42.35 -58.32
CA PRO C 315 20.39 42.63 -58.99
C PRO C 315 20.37 43.16 -60.46
N GLU C 316 19.52 42.62 -61.33
CA GLU C 316 19.47 43.02 -62.75
C GLU C 316 19.13 41.83 -63.64
N GLY D 1 7.36 45.06 -53.43
CA GLY D 1 6.57 44.69 -52.21
C GLY D 1 5.13 45.16 -52.31
N ILE D 2 4.63 45.73 -51.23
CA ILE D 2 3.24 46.14 -51.21
C ILE D 2 3.02 47.53 -51.83
N PHE D 3 4.07 48.33 -51.92
CA PHE D 3 4.00 49.63 -52.61
C PHE D 3 4.43 49.61 -54.07
N GLY D 4 5.03 48.51 -54.51
CA GLY D 4 5.42 48.34 -55.89
C GLY D 4 6.56 49.23 -56.39
N ALA D 5 7.46 49.60 -55.48
CA ALA D 5 8.64 50.39 -55.81
C ALA D 5 9.83 49.48 -55.99
N ILE D 6 10.25 48.81 -54.90
CA ILE D 6 11.34 47.84 -54.97
C ILE D 6 10.86 46.53 -55.61
N ALA D 7 11.65 46.05 -56.57
CA ALA D 7 11.25 44.95 -57.45
C ALA D 7 9.96 45.36 -58.13
N GLY D 8 9.74 46.66 -58.08
CA GLY D 8 8.57 47.33 -58.63
C GLY D 8 8.89 48.11 -59.92
N PHE D 9 8.24 49.27 -60.01
CA PHE D 9 8.53 50.23 -61.05
C PHE D 9 9.99 50.67 -61.04
N ILE D 10 10.70 50.37 -59.96
CA ILE D 10 12.15 50.56 -59.96
C ILE D 10 12.78 49.23 -60.39
N GLU D 11 13.41 49.23 -61.56
CA GLU D 11 13.83 47.99 -62.23
C GLU D 11 14.65 47.07 -61.33
N ASN D 12 15.71 47.60 -60.75
CA ASN D 12 16.58 46.81 -59.90
C ASN D 12 17.45 47.67 -58.98
N GLY D 13 18.25 47.04 -58.14
CA GLY D 13 19.04 47.78 -57.19
C GLY D 13 20.40 48.08 -57.75
N TRP D 14 21.11 48.95 -57.04
CA TRP D 14 22.44 49.35 -57.48
C TRP D 14 23.49 48.70 -56.59
N GLU D 15 24.18 47.68 -57.10
CA GLU D 15 25.30 47.10 -56.37
C GLU D 15 26.39 48.14 -56.19
N GLY D 16 26.31 49.19 -56.97
CA GLY D 16 27.32 50.24 -56.93
C GLY D 16 27.10 51.20 -55.78
N MET D 17 25.92 51.19 -55.19
CA MET D 17 25.72 52.12 -54.12
C MET D 17 26.07 51.42 -52.83
N ILE D 18 27.25 51.76 -52.30
CA ILE D 18 27.77 51.16 -51.09
C ILE D 18 27.73 52.03 -49.83
N ASP D 19 27.34 53.30 -49.98
CA ASP D 19 27.34 54.23 -48.83
C ASP D 19 25.95 54.46 -48.20
N GLY D 20 24.92 53.79 -48.72
CA GLY D 20 23.57 53.95 -48.20
C GLY D 20 22.63 52.92 -48.77
N TRP D 21 21.42 52.83 -48.22
CA TRP D 21 20.38 51.94 -48.75
C TRP D 21 19.58 52.54 -49.90
N TYR D 22 19.39 53.84 -49.86
CA TYR D 22 18.62 54.56 -50.87
C TYR D 22 19.37 55.80 -51.32
N GLY D 23 19.22 56.17 -52.59
CA GLY D 23 19.93 57.33 -53.08
C GLY D 23 19.51 57.84 -54.43
N PHE D 24 20.27 58.82 -54.91
CA PHE D 24 20.06 59.40 -56.22
C PHE D 24 21.23 59.17 -57.16
N ARG D 25 20.89 58.83 -58.39
CA ARG D 25 21.81 58.95 -59.52
C ARG D 25 21.26 60.06 -60.40
N HIS D 26 22.14 60.94 -60.87
CA HIS D 26 21.69 62.01 -61.77
C HIS D 26 22.60 62.12 -62.95
N GLN D 27 22.04 62.72 -63.99
CA GLN D 27 22.76 63.08 -65.21
C GLN D 27 22.31 64.48 -65.61
N ASN D 28 23.28 65.41 -65.67
CA ASN D 28 23.01 66.77 -66.12
C ASN D 28 24.14 67.29 -66.99
N SER D 29 24.09 68.57 -67.34
CA SER D 29 25.08 69.16 -68.22
C SER D 29 26.51 68.82 -67.81
N GLU D 30 26.76 68.85 -66.50
CA GLU D 30 28.10 68.67 -65.96
C GLU D 30 28.60 67.23 -65.93
N GLY D 31 27.69 66.27 -65.94
CA GLY D 31 28.10 64.88 -65.95
C GLY D 31 27.12 64.00 -65.20
N THR D 32 27.60 62.84 -64.76
CA THR D 32 26.75 61.93 -64.01
C THR D 32 27.22 61.87 -62.56
N GLY D 33 26.28 61.63 -61.65
CA GLY D 33 26.63 61.55 -60.25
C GLY D 33 25.76 60.59 -59.45
N GLN D 34 26.24 60.23 -58.27
CA GLN D 34 25.49 59.35 -57.36
C GLN D 34 25.68 59.77 -55.90
N ALA D 35 24.59 59.79 -55.15
CA ALA D 35 24.68 60.17 -53.75
C ALA D 35 23.66 59.41 -52.93
N ALA D 36 24.05 58.99 -51.72
CA ALA D 36 23.15 58.26 -50.82
C ALA D 36 22.23 59.19 -50.04
N ASP D 37 21.01 58.74 -49.75
CA ASP D 37 20.11 59.51 -48.91
C ASP D 37 20.16 58.95 -47.50
N LEU D 38 20.75 59.67 -46.56
CA LEU D 38 21.03 59.07 -45.27
C LEU D 38 19.83 59.03 -44.34
N LYS D 39 18.92 59.97 -44.47
CA LYS D 39 17.76 60.00 -43.59
C LYS D 39 16.89 58.77 -43.76
N SER D 40 16.55 58.43 -45.00
CA SER D 40 15.67 57.30 -45.27
C SER D 40 16.39 55.97 -45.06
N THR D 41 17.66 55.91 -45.45
CA THR D 41 18.49 54.78 -45.05
C THR D 41 18.38 54.57 -43.53
N GLN D 42 18.58 55.64 -42.77
CA GLN D 42 18.43 55.56 -41.32
C GLN D 42 17.02 55.07 -40.93
N ALA D 43 15.97 55.66 -41.49
CA ALA D 43 14.62 55.19 -41.15
C ALA D 43 14.51 53.68 -41.25
N ALA D 44 14.93 53.13 -42.39
CA ALA D 44 14.89 51.67 -42.54
C ALA D 44 15.74 50.98 -41.49
N ILE D 45 17.01 51.34 -41.40
CA ILE D 45 17.88 50.68 -40.42
C ILE D 45 17.31 50.74 -38.98
N ASP D 46 16.82 51.91 -38.58
CA ASP D 46 16.25 52.09 -37.26
C ASP D 46 15.12 51.09 -37.06
N GLN D 47 14.16 51.07 -37.98
CA GLN D 47 13.07 50.11 -37.81
C GLN D 47 13.56 48.67 -37.67
N ILE D 48 14.36 48.25 -38.64
CA ILE D 48 14.86 46.89 -38.64
C ILE D 48 15.55 46.59 -37.30
N ASN D 49 16.35 47.53 -36.80
CA ASN D 49 16.98 47.35 -35.50
C ASN D 49 15.94 47.24 -34.40
N GLY D 50 14.96 48.13 -34.39
CA GLY D 50 13.95 48.09 -33.34
C GLY D 50 13.45 46.68 -33.23
N LYS D 51 13.13 46.13 -34.39
CA LYS D 51 12.58 44.77 -34.42
C LYS D 51 13.64 43.71 -34.02
N LEU D 52 14.83 43.84 -34.57
CA LEU D 52 15.94 43.01 -34.17
C LEU D 52 16.09 43.01 -32.63
N ASN D 53 15.90 44.16 -31.99
CA ASN D 53 16.11 44.24 -30.56
C ASN D 53 14.93 43.66 -29.82
N ARG D 54 13.74 43.80 -30.39
CA ARG D 54 12.59 43.11 -29.83
C ARG D 54 12.85 41.62 -29.75
N VAL D 55 13.28 41.01 -30.84
CA VAL D 55 13.48 39.55 -30.88
C VAL D 55 14.76 39.00 -30.22
N ILE D 56 15.88 39.70 -30.33
CA ILE D 56 17.17 39.17 -29.89
C ILE D 56 17.37 39.36 -28.40
N GLU D 57 16.31 39.87 -27.77
CA GLU D 57 16.31 40.34 -26.39
C GLU D 57 16.57 39.20 -25.41
N LYS D 58 16.81 39.57 -24.17
CA LYS D 58 17.13 38.60 -23.14
C LYS D 58 16.16 37.42 -23.17
N THR D 59 16.73 36.23 -23.07
CA THR D 59 15.99 34.99 -23.00
C THR D 59 15.48 34.78 -21.58
N ASN D 60 14.73 33.72 -21.37
CA ASN D 60 14.26 33.42 -20.03
C ASN D 60 15.19 32.47 -19.32
N GLU D 61 15.40 32.77 -18.04
CA GLU D 61 16.18 31.91 -17.14
C GLU D 61 15.31 30.85 -16.45
N LYS D 62 15.65 29.57 -16.63
CA LYS D 62 14.96 28.49 -15.96
C LYS D 62 15.98 27.63 -15.30
N PHE D 63 15.67 27.09 -14.12
CA PHE D 63 16.62 26.22 -13.46
C PHE D 63 16.20 24.76 -13.29
N HIS D 64 15.47 24.41 -12.25
CA HIS D 64 15.15 22.99 -12.10
C HIS D 64 13.84 22.77 -12.83
N GLN D 65 13.77 21.77 -13.71
CA GLN D 65 12.54 21.52 -14.44
C GLN D 65 12.21 20.05 -14.38
N ILE D 66 11.25 19.60 -15.17
CA ILE D 66 10.96 18.17 -15.25
C ILE D 66 12.02 17.43 -16.06
N GLU D 67 12.15 16.12 -15.84
CA GLU D 67 13.08 15.30 -16.63
C GLU D 67 12.54 15.03 -18.05
N LYS D 68 13.39 15.18 -19.05
CA LYS D 68 12.95 15.01 -20.43
C LYS D 68 13.40 13.74 -21.16
N GLU D 69 14.22 12.93 -20.49
CA GLU D 69 14.68 11.65 -21.03
C GLU D 69 14.49 10.55 -20.00
N PHE D 70 14.33 9.32 -20.45
CA PHE D 70 14.05 8.24 -19.53
C PHE D 70 14.70 6.94 -19.96
N SER D 71 15.31 6.27 -18.99
CA SER D 71 15.97 4.99 -19.24
C SER D 71 15.09 3.78 -18.95
N GLU D 72 13.93 3.99 -18.31
CA GLU D 72 13.04 2.88 -18.01
C GLU D 72 11.65 3.18 -18.53
N VAL D 73 10.91 2.15 -18.92
CA VAL D 73 9.51 2.31 -19.28
C VAL D 73 8.68 2.39 -17.99
N GLU D 74 8.06 3.53 -17.74
CA GLU D 74 7.23 3.66 -16.54
C GLU D 74 5.71 3.71 -16.73
N GLY D 75 5.24 3.83 -17.97
CA GLY D 75 3.82 4.08 -18.19
C GLY D 75 3.31 5.50 -17.89
N ARG D 76 2.16 5.58 -17.22
CA ARG D 76 1.36 6.79 -17.16
C ARG D 76 2.08 8.12 -16.91
N ILE D 77 2.71 8.27 -15.76
CA ILE D 77 3.41 9.53 -15.46
C ILE D 77 4.45 9.95 -16.52
N GLN D 78 5.23 9.00 -17.01
CA GLN D 78 6.21 9.32 -18.04
C GLN D 78 5.48 9.71 -19.33
N ASP D 79 4.42 8.98 -19.66
CA ASP D 79 3.59 9.40 -20.78
C ASP D 79 3.23 10.86 -20.62
N LEU D 80 2.78 11.24 -19.43
CA LEU D 80 2.41 12.64 -19.20
C LEU D 80 3.59 13.63 -19.30
N GLU D 81 4.72 13.31 -18.67
CA GLU D 81 5.88 14.20 -18.73
C GLU D 81 6.32 14.42 -20.19
N LYS D 82 6.39 13.31 -20.91
CA LYS D 82 6.77 13.34 -22.32
C LYS D 82 5.80 14.19 -23.10
N TYR D 83 4.51 13.93 -22.90
CA TYR D 83 3.46 14.67 -23.61
C TYR D 83 3.54 16.19 -23.34
N VAL D 84 3.69 16.55 -22.07
CA VAL D 84 3.82 17.97 -21.74
C VAL D 84 5.00 18.60 -22.51
N GLU D 85 6.20 18.00 -22.39
CA GLU D 85 7.35 18.59 -23.10
C GLU D 85 7.10 18.67 -24.59
N ASP D 86 6.54 17.61 -25.17
CA ASP D 86 6.31 17.59 -26.61
C ASP D 86 5.36 18.73 -27.03
N THR D 87 4.27 18.86 -26.28
CA THR D 87 3.33 19.95 -26.48
C THR D 87 4.02 21.31 -26.45
N LYS D 88 4.78 21.57 -25.40
CA LYS D 88 5.50 22.85 -25.31
C LYS D 88 6.35 23.07 -26.56
N ILE D 89 7.18 22.09 -26.90
CA ILE D 89 8.08 22.29 -28.03
C ILE D 89 7.31 22.59 -29.33
N ASP D 90 6.24 21.83 -29.59
CA ASP D 90 5.44 22.12 -30.75
C ASP D 90 4.95 23.56 -30.71
N LEU D 91 4.39 24.00 -29.58
CA LEU D 91 3.85 25.37 -29.57
C LEU D 91 4.93 26.44 -29.82
N TRP D 92 6.10 26.29 -29.21
CA TRP D 92 7.13 27.31 -29.43
C TRP D 92 7.68 27.25 -30.84
N SER D 93 7.81 26.04 -31.37
CA SER D 93 8.25 25.88 -32.75
C SER D 93 7.30 26.65 -33.68
N TYR D 94 6.00 26.52 -33.43
CA TYR D 94 5.02 27.32 -34.16
C TYR D 94 5.24 28.83 -33.97
N ASN D 95 5.29 29.31 -32.73
CA ASN D 95 5.53 30.73 -32.54
C ASN D 95 6.72 31.23 -33.36
N ALA D 96 7.82 30.47 -33.36
CA ALA D 96 9.05 30.92 -34.03
C ALA D 96 8.90 30.99 -35.55
N GLU D 97 8.38 29.90 -36.12
CA GLU D 97 8.12 29.88 -37.55
C GLU D 97 7.30 31.12 -37.93
N LEU D 98 6.19 31.33 -37.23
CA LEU D 98 5.32 32.46 -37.57
C LEU D 98 5.99 33.82 -37.37
N LEU D 99 6.70 33.99 -36.26
CA LEU D 99 7.36 35.24 -35.97
C LEU D 99 8.20 35.59 -37.17
N VAL D 100 9.04 34.65 -37.58
CA VAL D 100 9.89 34.90 -38.73
C VAL D 100 9.07 35.25 -39.96
N ALA D 101 8.09 34.43 -40.33
CA ALA D 101 7.31 34.76 -41.52
C ALA D 101 6.71 36.18 -41.48
N LEU D 102 6.00 36.52 -40.41
CA LEU D 102 5.40 37.85 -40.31
C LEU D 102 6.47 38.90 -40.39
N GLU D 103 7.44 38.82 -39.48
CA GLU D 103 8.49 39.83 -39.40
C GLU D 103 9.13 40.10 -40.77
N ASN D 104 9.47 39.04 -41.47
CA ASN D 104 10.10 39.16 -42.76
C ASN D 104 9.19 39.84 -43.79
N GLN D 105 7.97 39.34 -43.90
CA GLN D 105 7.01 40.00 -44.79
C GLN D 105 7.00 41.50 -44.52
N HIS D 106 6.86 41.87 -43.25
CA HIS D 106 6.82 43.28 -42.87
C HIS D 106 8.11 44.05 -43.23
N THR D 107 9.26 43.42 -43.04
CA THR D 107 10.53 44.09 -43.35
C THR D 107 10.58 44.43 -44.83
N ILE D 108 10.24 43.42 -45.63
CA ILE D 108 10.18 43.63 -47.08
C ILE D 108 9.26 44.80 -47.38
N ASP D 109 8.03 44.75 -46.86
CA ASP D 109 7.10 45.85 -47.10
C ASP D 109 7.57 47.23 -46.60
N LEU D 110 8.23 47.30 -45.45
CA LEU D 110 8.64 48.61 -44.92
C LEU D 110 9.82 49.19 -45.68
N THR D 111 10.75 48.34 -46.12
CA THR D 111 11.84 48.84 -46.95
C THR D 111 11.29 49.38 -48.30
N ASP D 112 10.36 48.61 -48.90
CA ASP D 112 9.65 49.11 -50.07
C ASP D 112 9.02 50.47 -49.78
N SER D 113 8.30 50.54 -48.67
CA SER D 113 7.70 51.78 -48.22
C SER D 113 8.70 52.96 -48.18
N GLU D 114 9.83 52.80 -47.50
CA GLU D 114 10.84 53.87 -47.44
C GLU D 114 11.25 54.36 -48.83
N MET D 115 11.57 53.40 -49.71
CA MET D 115 11.85 53.77 -51.11
C MET D 115 10.75 54.68 -51.64
N ASN D 116 9.54 54.13 -51.65
CA ASN D 116 8.43 54.87 -52.22
C ASN D 116 8.25 56.25 -51.58
N LYS D 117 8.52 56.35 -50.29
CA LYS D 117 8.39 57.62 -49.59
C LYS D 117 9.41 58.64 -50.07
N LEU D 118 10.65 58.19 -50.28
CA LEU D 118 11.66 59.07 -50.87
C LEU D 118 11.21 59.57 -52.25
N PHE D 119 10.80 58.63 -53.10
CA PHE D 119 10.29 59.01 -54.41
C PHE D 119 9.23 60.08 -54.26
N GLU D 120 8.20 59.81 -53.47
CA GLU D 120 7.09 60.74 -53.33
C GLU D 120 7.55 62.13 -52.86
N LYS D 121 8.42 62.15 -51.86
CA LYS D 121 8.96 63.39 -51.31
C LYS D 121 9.59 64.24 -52.40
N THR D 122 10.46 63.60 -53.16
CA THR D 122 11.11 64.24 -54.31
C THR D 122 10.11 64.76 -55.37
N ARG D 123 9.24 63.88 -55.87
CA ARG D 123 8.25 64.34 -56.82
C ARG D 123 7.57 65.60 -56.33
N ARG D 124 7.16 65.59 -55.07
CA ARG D 124 6.47 66.76 -54.52
C ARG D 124 7.33 68.00 -54.53
N GLN D 125 8.60 67.86 -54.16
CA GLN D 125 9.53 68.98 -54.29
C GLN D 125 9.51 69.59 -55.68
N LEU D 126 9.73 68.75 -56.68
CA LEU D 126 9.87 69.22 -58.06
C LEU D 126 8.66 69.95 -58.66
N ARG D 127 7.47 69.78 -58.10
CA ARG D 127 6.28 70.50 -58.59
C ARG D 127 6.05 70.35 -60.10
N GLU D 128 6.03 71.45 -60.83
CA GLU D 128 5.68 71.39 -62.24
C GLU D 128 6.91 71.30 -63.14
N ASN D 129 8.08 71.29 -62.51
CA ASN D 129 9.33 71.40 -63.23
C ASN D 129 9.90 70.06 -63.71
N ALA D 130 9.18 68.98 -63.45
CA ALA D 130 9.67 67.66 -63.83
C ALA D 130 8.51 66.70 -64.12
N GLU D 131 8.81 65.61 -64.80
CA GLU D 131 7.80 64.59 -65.03
C GLU D 131 8.26 63.21 -64.56
N ASP D 132 7.29 62.37 -64.19
CA ASP D 132 7.57 61.03 -63.73
C ASP D 132 7.73 60.15 -64.95
N MET D 133 8.91 59.59 -65.11
CA MET D 133 9.21 58.76 -66.28
C MET D 133 8.80 57.30 -66.05
N GLY D 134 8.32 56.99 -64.84
CA GLY D 134 7.78 55.68 -64.55
C GLY D 134 8.79 54.62 -64.16
N ASN D 135 10.06 54.90 -64.42
CA ASN D 135 11.12 53.97 -64.06
C ASN D 135 11.77 54.36 -62.72
N GLY D 136 11.16 55.32 -62.03
CA GLY D 136 11.75 55.84 -60.80
C GLY D 136 12.70 56.98 -61.09
N CYS D 137 12.70 57.47 -62.34
CA CYS D 137 13.44 58.66 -62.71
C CYS D 137 12.52 59.83 -63.06
N PHE D 138 12.91 61.01 -62.61
CA PHE D 138 12.26 62.25 -63.03
C PHE D 138 12.97 62.88 -64.23
N LYS D 139 12.18 63.44 -65.13
CA LYS D 139 12.73 64.28 -66.17
C LYS D 139 12.55 65.72 -65.74
N ILE D 140 13.68 66.40 -65.60
CA ILE D 140 13.72 67.80 -65.22
C ILE D 140 13.84 68.73 -66.45
N TYR D 141 12.83 69.58 -66.62
CA TYR D 141 12.62 70.34 -67.84
C TYR D 141 13.30 71.71 -67.82
N HIS D 142 14.14 71.96 -66.83
CA HIS D 142 14.97 73.16 -66.84
C HIS D 142 16.44 72.74 -66.74
N LYS D 143 17.34 73.72 -66.63
CA LYS D 143 18.76 73.42 -66.63
C LYS D 143 19.23 73.23 -65.20
N CYS D 144 19.67 72.03 -64.87
CA CYS D 144 19.99 71.70 -63.49
C CYS D 144 21.44 71.27 -63.34
N ASP D 145 22.26 72.14 -62.77
CA ASP D 145 23.67 71.83 -62.54
C ASP D 145 23.82 71.07 -61.21
N ASN D 146 25.05 70.72 -60.86
CA ASN D 146 25.29 69.91 -59.68
C ASN D 146 24.79 70.57 -58.39
N ALA D 147 24.90 71.89 -58.30
CA ALA D 147 24.38 72.62 -57.14
C ALA D 147 22.87 72.44 -57.03
N CYS D 148 22.18 72.59 -58.14
CA CYS D 148 20.73 72.43 -58.21
C CYS D 148 20.31 71.02 -57.78
N ILE D 149 20.93 70.01 -58.39
CA ILE D 149 20.66 68.63 -58.04
C ILE D 149 20.83 68.48 -56.54
N GLY D 150 21.97 68.96 -56.04
CA GLY D 150 22.22 68.97 -54.61
C GLY D 150 21.05 69.59 -53.85
N SER D 151 20.58 70.75 -54.28
CA SER D 151 19.46 71.41 -53.60
C SER D 151 18.22 70.50 -53.56
N ILE D 152 17.99 69.75 -54.63
CA ILE D 152 16.92 68.74 -54.60
C ILE D 152 17.20 67.70 -53.52
N ARG D 153 18.41 67.15 -53.52
CA ARG D 153 18.78 66.14 -52.54
C ARG D 153 18.68 66.61 -51.09
N ASN D 154 19.16 67.80 -50.76
CA ASN D 154 19.08 68.25 -49.35
C ASN D 154 17.78 68.99 -49.01
N GLY D 155 16.82 68.95 -49.93
CA GLY D 155 15.48 69.43 -49.66
C GLY D 155 15.27 70.94 -49.75
N THR D 156 16.24 71.66 -50.28
CA THR D 156 16.13 73.11 -50.36
C THR D 156 15.69 73.66 -51.74
N TYR D 157 15.42 72.77 -52.69
CA TYR D 157 15.06 73.17 -54.06
C TYR D 157 13.89 74.14 -54.07
N ASP D 158 14.08 75.27 -54.77
CA ASP D 158 13.04 76.26 -54.93
C ASP D 158 12.50 76.18 -56.36
N HIS D 159 11.29 75.66 -56.52
CA HIS D 159 10.75 75.38 -57.86
C HIS D 159 10.36 76.65 -58.60
N ASP D 160 9.95 77.66 -57.84
CA ASP D 160 9.44 78.89 -58.43
C ASP D 160 10.50 79.58 -59.30
N VAL D 161 11.75 79.45 -58.88
CA VAL D 161 12.91 79.90 -59.65
C VAL D 161 12.91 79.36 -61.07
N TYR D 162 12.80 78.04 -61.23
CA TYR D 162 12.91 77.40 -62.54
C TYR D 162 11.55 77.19 -63.22
N ARG D 163 10.46 77.42 -62.50
CA ARG D 163 9.13 77.16 -63.03
C ARG D 163 8.90 77.69 -64.44
N ASP D 164 9.26 78.95 -64.68
CA ASP D 164 9.06 79.56 -66.00
C ASP D 164 9.80 78.79 -67.08
N GLU D 165 11.10 78.63 -66.89
CA GLU D 165 11.92 77.85 -67.81
C GLU D 165 11.31 76.46 -68.07
N ALA D 166 11.06 75.73 -66.98
CA ALA D 166 10.58 74.36 -67.07
C ALA D 166 9.23 74.31 -67.76
N LEU D 167 8.28 75.11 -67.27
CA LEU D 167 6.96 75.21 -67.89
C LEU D 167 7.10 75.41 -69.38
N ASN D 168 7.97 76.35 -69.76
CA ASN D 168 8.25 76.59 -71.16
C ASN D 168 8.67 75.30 -71.86
N ASN D 169 9.70 74.63 -71.34
CA ASN D 169 10.19 73.41 -71.97
C ASN D 169 9.24 72.20 -71.94
N ARG D 170 8.32 72.15 -70.99
CA ARG D 170 7.38 71.04 -70.92
C ARG D 170 6.35 71.10 -72.03
N PHE D 171 5.89 72.30 -72.34
CA PHE D 171 4.85 72.49 -73.37
C PHE D 171 5.34 73.35 -74.55
N GLY E 1 -6.26 83.39 -55.01
CA GLY E 1 -6.58 81.99 -54.84
C GLY E 1 -6.75 81.57 -53.39
N ALA E 2 -6.87 80.26 -53.17
CA ALA E 2 -7.08 79.73 -51.82
C ALA E 2 -6.09 78.62 -51.48
N THR E 3 -5.93 78.36 -50.20
CA THR E 3 -5.16 77.21 -49.76
C THR E 3 -6.04 76.26 -48.94
N LEU E 4 -5.96 74.96 -49.25
CA LEU E 4 -6.72 73.94 -48.54
C LEU E 4 -5.75 72.96 -47.89
N CYS E 5 -5.83 72.81 -46.57
CA CYS E 5 -4.90 71.97 -45.85
C CYS E 5 -5.56 70.74 -45.28
N LEU E 6 -4.93 69.59 -45.52
CA LEU E 6 -5.36 68.33 -44.93
C LEU E 6 -4.56 68.13 -43.65
N GLY E 7 -5.21 67.64 -42.60
CA GLY E 7 -4.56 67.46 -41.32
C GLY E 7 -5.21 66.37 -40.50
N HIS E 8 -4.56 66.02 -39.41
CA HIS E 8 -5.07 65.07 -38.44
C HIS E 8 -4.91 65.69 -37.06
N HIS E 9 -5.62 65.19 -36.07
CA HIS E 9 -5.56 65.83 -34.75
C HIS E 9 -4.39 65.37 -33.90
N ALA E 10 -4.30 66.00 -32.73
CA ALA E 10 -3.27 65.70 -31.76
C ALA E 10 -3.76 66.13 -30.40
N VAL E 11 -3.08 65.66 -29.36
CA VAL E 11 -3.52 65.92 -28.00
C VAL E 11 -2.32 66.39 -27.17
N PRO E 12 -2.61 67.11 -26.06
CA PRO E 12 -1.58 67.55 -25.11
C PRO E 12 -0.89 66.38 -24.41
N ASN E 13 -1.69 65.44 -23.88
CA ASN E 13 -1.11 64.30 -23.17
C ASN E 13 -1.28 63.04 -23.98
N GLY E 14 -0.17 62.56 -24.52
CA GLY E 14 -0.18 61.33 -25.28
C GLY E 14 0.28 60.14 -24.44
N THR E 15 0.30 58.96 -25.04
CA THR E 15 0.65 57.74 -24.31
C THR E 15 1.68 56.93 -25.06
N LEU E 16 2.65 56.39 -24.34
CA LEU E 16 3.67 55.55 -24.96
C LEU E 16 3.20 54.11 -25.10
N VAL E 17 3.29 53.57 -26.30
CA VAL E 17 2.97 52.16 -26.48
C VAL E 17 4.11 51.46 -27.19
N LYS E 18 3.97 50.17 -27.37
CA LYS E 18 5.08 49.36 -27.85
C LYS E 18 4.63 48.80 -29.16
N THR E 19 5.52 48.76 -30.14
CA THR E 19 5.18 48.16 -31.43
C THR E 19 6.23 47.15 -31.88
N ILE E 20 6.05 46.64 -33.10
CA ILE E 20 6.98 45.67 -33.66
C ILE E 20 8.37 46.26 -33.83
N THR E 21 8.41 47.49 -34.31
CA THR E 21 9.67 48.19 -34.61
C THR E 21 10.10 49.17 -33.53
N ASN E 22 9.25 49.38 -32.54
CA ASN E 22 9.46 50.49 -31.63
C ASN E 22 9.12 50.13 -30.20
N ASP E 23 10.05 50.43 -29.32
CA ASP E 23 9.90 50.05 -27.94
C ASP E 23 8.95 50.99 -27.21
N GLN E 24 9.16 52.29 -27.41
CA GLN E 24 8.27 53.33 -26.89
C GLN E 24 7.94 54.28 -28.03
N ILE E 25 6.67 54.50 -28.29
CA ILE E 25 6.26 55.46 -29.30
C ILE E 25 4.92 56.07 -28.88
N GLU E 26 4.75 57.37 -29.09
CA GLU E 26 3.62 58.09 -28.52
C GLU E 26 2.40 58.07 -29.42
N VAL E 27 1.27 57.60 -28.89
CA VAL E 27 0.00 57.66 -29.60
C VAL E 27 -0.96 58.57 -28.81
N THR E 28 -2.16 58.78 -29.33
CA THR E 28 -3.08 59.74 -28.73
C THR E 28 -3.84 59.16 -27.55
N ASN E 29 -4.10 57.86 -27.60
CA ASN E 29 -4.85 57.19 -26.56
C ASN E 29 -4.48 55.72 -26.59
N ALA E 30 -4.54 55.05 -25.45
CA ALA E 30 -4.36 53.62 -25.45
C ALA E 30 -5.19 53.05 -24.32
N THR E 31 -5.38 51.74 -24.32
CA THR E 31 -6.18 51.13 -23.28
C THR E 31 -5.41 49.96 -22.71
N GLU E 32 -5.58 49.73 -21.41
CA GLU E 32 -4.79 48.75 -20.68
C GLU E 32 -5.40 47.35 -20.82
N LEU E 33 -4.60 46.37 -21.22
CA LEU E 33 -5.08 45.02 -21.42
C LEU E 33 -4.74 44.09 -20.25
N VAL E 34 -4.02 44.58 -19.24
CA VAL E 34 -3.68 43.72 -18.11
C VAL E 34 -4.26 44.24 -16.82
N GLN E 35 -5.14 43.45 -16.21
CA GLN E 35 -5.73 43.82 -14.94
C GLN E 35 -4.75 43.55 -13.81
N SER E 36 -4.27 44.60 -13.14
CA SER E 36 -3.27 44.47 -12.08
C SER E 36 -3.77 44.68 -10.65
N SER E 37 -5.03 45.00 -10.45
CA SER E 37 -5.48 45.33 -9.10
C SER E 37 -6.64 44.47 -8.65
N SER E 38 -6.90 44.44 -7.35
CA SER E 38 -8.06 43.74 -6.83
C SER E 38 -8.75 44.57 -5.76
N THR E 39 -10.06 44.47 -5.71
CA THR E 39 -10.83 45.17 -4.68
C THR E 39 -10.42 44.66 -3.28
N GLY E 40 -10.09 43.38 -3.19
CA GLY E 40 -9.60 42.79 -1.96
C GLY E 40 -10.60 41.88 -1.27
N LYS E 41 -11.83 41.85 -1.76
CA LYS E 41 -12.86 41.03 -1.17
C LYS E 41 -13.28 39.97 -2.18
N ILE E 42 -13.53 38.76 -1.71
CA ILE E 42 -14.14 37.74 -2.55
C ILE E 42 -15.62 38.04 -2.59
N CYS E 43 -16.15 38.27 -3.79
CA CYS E 43 -17.55 38.65 -3.94
C CYS E 43 -18.44 37.44 -3.82
N ASN E 44 -19.48 37.57 -3.00
CA ASN E 44 -20.36 36.45 -2.72
C ASN E 44 -21.35 36.16 -3.86
N ASN E 45 -21.36 37.00 -4.90
CA ASN E 45 -22.14 36.69 -6.08
C ASN E 45 -21.29 36.72 -7.36
N PRO E 46 -21.72 35.97 -8.40
CA PRO E 46 -22.82 35.01 -8.39
C PRO E 46 -22.36 33.57 -8.16
N HIS E 47 -21.43 33.32 -7.25
CA HIS E 47 -20.98 31.95 -7.04
C HIS E 47 -21.34 31.59 -5.62
N ARG E 48 -21.73 30.36 -5.37
CA ARG E 48 -22.00 30.02 -3.99
C ARG E 48 -20.62 29.84 -3.38
N ILE E 49 -20.29 30.75 -2.47
CA ILE E 49 -19.01 30.73 -1.75
C ILE E 49 -19.22 30.15 -0.37
N LEU E 50 -18.45 29.14 0.00
CA LEU E 50 -18.57 28.60 1.35
C LEU E 50 -17.32 28.90 2.13
N ASP E 51 -17.45 29.84 3.07
CA ASP E 51 -16.31 30.20 3.89
C ASP E 51 -16.14 29.14 4.97
N GLY E 52 -15.00 28.47 4.93
CA GLY E 52 -14.75 27.36 5.84
C GLY E 52 -14.35 27.80 7.23
N ILE E 53 -14.01 29.06 7.39
CA ILE E 53 -13.65 29.60 8.68
C ILE E 53 -12.62 28.65 9.28
N ASN E 54 -12.79 28.19 10.51
CA ASN E 54 -11.75 27.39 11.18
C ASN E 54 -11.61 25.97 10.60
N CYS E 55 -12.48 25.60 9.68
CA CYS E 55 -12.50 24.26 9.12
C CYS E 55 -11.86 24.13 7.75
N THR E 56 -11.01 23.11 7.58
CA THR E 56 -10.58 22.65 6.26
C THR E 56 -11.66 21.77 5.64
N LEU E 57 -11.69 21.63 4.31
CA LEU E 57 -12.70 20.79 3.68
C LEU E 57 -12.67 19.36 4.18
N ILE E 58 -11.50 18.78 4.37
CA ILE E 58 -11.42 17.39 4.83
C ILE E 58 -12.06 17.22 6.23
N ASP E 59 -11.78 18.13 7.16
CA ASP E 59 -12.36 18.01 8.52
C ASP E 59 -13.87 18.12 8.46
N ALA E 60 -14.36 18.95 7.55
CA ALA E 60 -15.79 19.10 7.34
C ALA E 60 -16.33 17.79 6.83
N LEU E 61 -15.62 17.20 5.89
CA LEU E 61 -15.99 15.89 5.36
C LEU E 61 -16.10 14.86 6.48
N LEU E 62 -15.01 14.69 7.22
CA LEU E 62 -14.92 13.68 8.27
C LEU E 62 -15.91 13.91 9.41
N GLY E 63 -16.20 15.17 9.74
CA GLY E 63 -17.08 15.44 10.88
C GLY E 63 -16.45 15.80 12.21
N ASP E 64 -15.24 16.34 12.16
CA ASP E 64 -14.58 16.92 13.33
C ASP E 64 -15.60 17.80 14.02
N PRO E 65 -15.77 17.66 15.35
CA PRO E 65 -16.92 18.33 16.01
C PRO E 65 -17.04 19.82 15.71
N HIS E 66 -15.97 20.59 15.81
CA HIS E 66 -16.12 22.01 15.59
C HIS E 66 -16.47 22.35 14.15
N CYS E 67 -16.45 21.34 13.30
CA CYS E 67 -16.88 21.49 11.90
C CYS E 67 -18.30 21.07 11.61
N ASP E 68 -19.04 20.67 12.63
CA ASP E 68 -20.33 20.05 12.36
C ASP E 68 -21.36 20.99 11.72
N GLY E 69 -21.05 22.28 11.68
CA GLY E 69 -21.91 23.22 10.98
C GLY E 69 -21.88 22.95 9.48
N PHE E 70 -20.83 22.31 9.00
CA PHE E 70 -20.68 22.11 7.57
C PHE E 70 -21.38 20.88 7.07
N GLN E 71 -22.09 20.18 7.93
CA GLN E 71 -22.76 18.96 7.50
C GLN E 71 -23.74 19.21 6.36
N ASN E 72 -23.64 18.36 5.35
CA ASN E 72 -24.50 18.44 4.15
C ASN E 72 -24.44 19.74 3.38
N GLU E 73 -23.34 20.48 3.52
CA GLU E 73 -23.19 21.78 2.87
C GLU E 73 -22.93 21.67 1.35
N LYS E 74 -23.14 22.77 0.63
CA LYS E 74 -22.85 22.84 -0.80
C LYS E 74 -22.05 24.07 -1.08
N TRP E 75 -21.28 24.04 -2.16
CA TRP E 75 -20.54 25.21 -2.61
C TRP E 75 -20.25 25.16 -4.10
N ASP E 76 -20.10 26.33 -4.73
CA ASP E 76 -19.39 26.41 -5.98
C ASP E 76 -17.90 26.54 -5.69
N LEU E 77 -17.58 27.37 -4.71
CA LEU E 77 -16.20 27.53 -4.34
C LEU E 77 -16.06 27.47 -2.82
N PHE E 78 -15.30 26.48 -2.37
CA PHE E 78 -14.99 26.31 -0.94
C PHE E 78 -13.72 27.11 -0.64
N VAL E 79 -13.78 28.03 0.31
CA VAL E 79 -12.60 28.80 0.65
C VAL E 79 -12.00 28.29 1.96
N GLU E 80 -10.76 27.77 1.93
CA GLU E 80 -10.08 27.33 3.15
C GLU E 80 -9.22 28.45 3.69
N ARG E 81 -9.29 28.72 5.00
CA ARG E 81 -8.47 29.81 5.58
C ARG E 81 -7.22 29.25 6.20
N SER E 82 -6.30 30.13 6.54
CA SER E 82 -4.99 29.69 7.01
C SER E 82 -5.09 29.37 8.50
N LYS E 83 -6.08 29.97 9.16
CA LYS E 83 -6.30 29.84 10.59
C LYS E 83 -7.02 28.55 10.92
N ALA E 84 -7.35 27.75 9.91
CA ALA E 84 -8.05 26.51 10.17
C ALA E 84 -7.19 25.57 11.01
N PHE E 85 -7.85 24.69 11.76
CA PHE E 85 -7.15 23.77 12.68
C PHE E 85 -7.98 22.51 12.92
N SER E 86 -7.33 21.44 13.34
CA SER E 86 -8.02 20.17 13.59
C SER E 86 -8.14 19.87 15.10
N ASN E 87 -9.35 19.70 15.59
CA ASN E 87 -9.56 19.46 17.02
C ASN E 87 -9.83 18.03 17.47
N CYS E 88 -9.76 17.07 16.56
CA CYS E 88 -10.23 15.72 16.80
C CYS E 88 -9.05 14.73 16.86
N TYR E 89 -9.37 13.44 16.84
CA TYR E 89 -8.35 12.39 16.84
C TYR E 89 -7.32 12.68 15.76
N PRO E 90 -6.02 12.64 16.10
CA PRO E 90 -5.02 13.01 15.09
C PRO E 90 -5.01 11.99 13.97
N TYR E 91 -4.99 12.44 12.72
CA TYR E 91 -5.07 11.50 11.62
C TYR E 91 -4.18 11.89 10.47
N ASP E 92 -4.19 11.05 9.45
CA ASP E 92 -3.58 11.42 8.19
C ASP E 92 -4.34 10.77 7.03
N VAL E 93 -4.23 11.41 5.86
CA VAL E 93 -4.83 10.88 4.65
C VAL E 93 -3.77 10.60 3.62
N PRO E 94 -3.51 9.33 3.33
CA PRO E 94 -2.65 9.10 2.15
C PRO E 94 -3.32 9.66 0.89
N ASP E 95 -2.56 10.35 0.05
CA ASP E 95 -3.15 11.02 -1.08
C ASP E 95 -4.25 11.98 -0.63
N TYR E 96 -3.95 12.71 0.43
CA TYR E 96 -4.79 13.79 0.90
C TYR E 96 -5.20 14.70 -0.27
N ALA E 97 -4.24 15.07 -1.10
CA ALA E 97 -4.52 15.98 -2.21
C ALA E 97 -5.70 15.53 -3.09
N SER E 98 -5.74 14.23 -3.41
CA SER E 98 -6.76 13.71 -4.31
C SER E 98 -8.14 13.66 -3.66
N LEU E 99 -8.20 13.23 -2.40
CA LEU E 99 -9.47 13.24 -1.68
C LEU E 99 -9.98 14.68 -1.65
N ARG E 100 -9.10 15.60 -1.23
CA ARG E 100 -9.45 17.02 -1.19
C ARG E 100 -10.00 17.47 -2.54
N SER E 101 -9.28 17.12 -3.60
CA SER E 101 -9.66 17.53 -4.93
C SER E 101 -11.05 17.01 -5.28
N LEU E 102 -11.22 15.70 -5.17
CA LEU E 102 -12.43 15.09 -5.72
C LEU E 102 -13.65 15.50 -4.93
N VAL E 103 -13.47 15.72 -3.62
CA VAL E 103 -14.57 16.27 -2.84
C VAL E 103 -14.84 17.73 -3.23
N ALA E 104 -13.79 18.54 -3.31
CA ALA E 104 -13.95 19.92 -3.71
C ALA E 104 -14.74 19.97 -5.00
N SER E 105 -14.38 19.10 -5.94
CA SER E 105 -15.02 19.07 -7.25
C SER E 105 -16.46 18.60 -7.22
N SER E 106 -16.74 17.58 -6.41
CA SER E 106 -18.13 17.14 -6.21
C SER E 106 -19.01 18.27 -5.68
N GLY E 107 -18.42 19.17 -4.89
CA GLY E 107 -19.07 20.41 -4.54
C GLY E 107 -20.22 20.27 -3.56
N THR E 108 -20.30 19.12 -2.91
CA THR E 108 -21.34 18.82 -1.92
C THR E 108 -20.82 17.87 -0.86
N LEU E 109 -21.21 18.16 0.38
CA LEU E 109 -20.98 17.28 1.54
C LEU E 109 -22.20 16.43 1.90
N GLU E 110 -23.22 16.43 1.04
CA GLU E 110 -24.47 15.74 1.35
C GLU E 110 -24.21 14.28 1.68
N PHE E 111 -24.64 13.90 2.88
CA PHE E 111 -24.38 12.58 3.43
C PHE E 111 -25.68 11.82 3.62
N ILE E 112 -25.68 10.57 3.20
CA ILE E 112 -26.83 9.69 3.29
C ILE E 112 -26.42 8.49 4.12
N ASN E 113 -27.12 8.29 5.23
CA ASN E 113 -26.80 7.22 6.17
C ASN E 113 -27.19 5.84 5.68
N GLU E 114 -26.43 4.84 6.10
CA GLU E 114 -26.76 3.45 5.82
C GLU E 114 -26.43 2.58 7.02
N GLY E 115 -27.37 1.75 7.47
CA GLY E 115 -27.02 0.74 8.45
C GLY E 115 -26.22 -0.42 7.88
N PHE E 116 -25.03 -0.63 8.43
CA PHE E 116 -24.23 -1.79 8.08
C PHE E 116 -24.51 -2.84 9.13
N ASN E 117 -24.54 -4.11 8.75
CA ASN E 117 -24.86 -5.11 9.74
C ASN E 117 -23.55 -5.52 10.36
N TRP E 118 -23.28 -5.00 11.54
CA TRP E 118 -22.05 -5.29 12.25
C TRP E 118 -22.47 -6.27 13.32
N THR E 119 -21.56 -7.15 13.71
CA THR E 119 -21.91 -8.25 14.56
C THR E 119 -20.91 -8.40 15.70
N GLY E 120 -21.44 -8.40 16.92
CA GLY E 120 -20.64 -8.70 18.09
C GLY E 120 -19.46 -7.79 18.34
N VAL E 121 -19.62 -6.54 17.96
CA VAL E 121 -18.62 -5.53 18.26
C VAL E 121 -19.35 -4.36 18.89
N THR E 122 -18.63 -3.59 19.71
CA THR E 122 -19.18 -2.35 20.23
C THR E 122 -19.04 -1.26 19.17
N GLN E 123 -20.07 -0.42 19.02
CA GLN E 123 -19.97 0.67 18.05
C GLN E 123 -19.72 2.02 18.74
N ASN E 124 -19.57 3.07 17.94
CA ASN E 124 -19.50 4.44 18.44
C ASN E 124 -18.41 4.68 19.46
N GLY E 125 -17.27 4.03 19.27
CA GLY E 125 -16.09 4.37 20.05
C GLY E 125 -15.80 5.85 19.92
N GLY E 126 -15.11 6.41 20.91
CA GLY E 126 -14.81 7.82 20.95
C GLY E 126 -13.56 8.09 21.78
N SER E 127 -13.25 9.36 21.98
CA SER E 127 -12.03 9.71 22.69
C SER E 127 -12.14 11.08 23.31
N SER E 128 -11.26 11.37 24.25
CA SER E 128 -11.16 12.69 24.86
C SER E 128 -10.37 13.62 24.00
N ALA E 129 -9.65 13.05 23.04
CA ALA E 129 -8.93 13.86 22.06
C ALA E 129 -9.93 14.53 21.13
N CYS E 130 -11.04 13.86 20.86
CA CYS E 130 -12.10 14.46 20.08
C CYS E 130 -13.31 14.63 20.96
N LYS E 131 -13.50 15.82 21.51
CA LYS E 131 -14.57 16.02 22.50
C LYS E 131 -15.74 16.68 21.82
N ARG E 132 -16.91 16.04 21.86
CA ARG E 132 -18.09 16.71 21.37
C ARG E 132 -18.88 17.19 22.56
N GLY E 133 -18.88 18.51 22.75
CA GLY E 133 -19.47 19.06 23.94
C GLY E 133 -18.61 18.75 25.15
N PRO E 134 -19.25 18.49 26.30
CA PRO E 134 -18.53 18.25 27.56
C PRO E 134 -17.86 16.90 27.55
N ASP E 135 -18.44 15.98 26.80
CA ASP E 135 -18.04 14.60 26.86
C ASP E 135 -17.17 14.18 25.68
N SER E 136 -16.73 12.93 25.70
CA SER E 136 -15.83 12.37 24.69
C SER E 136 -16.58 12.12 23.38
N GLY E 137 -15.85 11.97 22.29
CA GLY E 137 -16.47 12.02 20.98
C GLY E 137 -15.60 11.48 19.86
N PHE E 138 -15.98 11.79 18.61
CA PHE E 138 -15.29 11.27 17.45
C PHE E 138 -15.86 11.88 16.15
N PHE E 139 -15.18 11.64 15.03
CA PHE E 139 -15.67 12.15 13.76
C PHE E 139 -17.10 11.71 13.53
N SER E 140 -17.98 12.68 13.29
CA SER E 140 -19.40 12.40 13.16
C SER E 140 -19.72 11.39 12.04
N ARG E 141 -18.91 11.35 10.99
CA ARG E 141 -19.22 10.47 9.85
C ARG E 141 -18.50 9.13 9.91
N LEU E 142 -17.79 8.88 11.00
CA LEU E 142 -17.11 7.61 11.16
C LEU E 142 -17.61 6.90 12.41
N ASN E 143 -17.54 5.57 12.36
CA ASN E 143 -18.05 4.72 13.43
C ASN E 143 -16.91 3.85 13.90
N TRP E 144 -16.44 4.05 15.13
CA TRP E 144 -15.25 3.35 15.61
C TRP E 144 -15.68 2.03 16.27
N LEU E 145 -15.35 0.91 15.63
CA LEU E 145 -15.79 -0.41 16.08
C LEU E 145 -14.72 -0.99 16.97
N TYR E 146 -15.12 -1.61 18.08
CA TYR E 146 -14.18 -2.42 18.87
C TYR E 146 -14.83 -3.64 19.50
N LYS E 147 -14.05 -4.34 20.34
CA LYS E 147 -14.44 -5.64 20.87
C LYS E 147 -15.70 -5.60 21.70
N SER E 148 -16.40 -6.73 21.72
CA SER E 148 -17.46 -6.94 22.70
C SER E 148 -16.98 -8.04 23.64
N GLY E 149 -16.66 -7.67 24.87
CA GLY E 149 -16.18 -8.64 25.83
C GLY E 149 -14.82 -9.21 25.47
N SER E 150 -14.76 -10.52 25.27
CA SER E 150 -13.50 -11.18 24.98
C SER E 150 -13.24 -11.45 23.50
N THR E 151 -14.12 -10.98 22.61
CA THR E 151 -13.91 -11.21 21.16
C THR E 151 -14.18 -10.00 20.25
N TYR E 152 -13.48 -9.99 19.11
CA TYR E 152 -13.77 -9.10 17.96
C TYR E 152 -13.96 -9.98 16.75
N PRO E 153 -15.20 -10.39 16.52
CA PRO E 153 -15.52 -11.32 15.45
C PRO E 153 -15.17 -10.73 14.09
N VAL E 154 -14.60 -11.54 13.20
CA VAL E 154 -14.28 -11.05 11.89
C VAL E 154 -15.55 -10.46 11.29
N GLN E 155 -15.40 -9.36 10.58
CA GLN E 155 -16.48 -8.51 10.20
C GLN E 155 -16.57 -8.55 8.68
N ASN E 156 -17.71 -8.96 8.16
CA ASN E 156 -17.90 -9.15 6.73
C ASN E 156 -19.26 -8.57 6.31
N VAL E 157 -19.26 -7.44 5.59
CA VAL E 157 -20.53 -6.74 5.30
C VAL E 157 -20.63 -6.21 3.88
N THR E 158 -21.87 -6.05 3.41
CA THR E 158 -22.12 -5.67 2.03
C THR E 158 -23.01 -4.45 1.96
N MET E 159 -22.74 -3.59 0.98
CA MET E 159 -23.64 -2.49 0.67
C MET E 159 -23.76 -2.33 -0.84
N PRO E 160 -24.80 -2.94 -1.43
CA PRO E 160 -25.03 -2.77 -2.87
C PRO E 160 -25.31 -1.31 -3.20
N ASN E 161 -24.91 -0.84 -4.37
CA ASN E 161 -25.40 0.45 -4.82
C ASN E 161 -26.50 0.22 -5.83
N ASN E 162 -27.74 0.42 -5.41
CA ASN E 162 -28.88 0.28 -6.30
C ASN E 162 -29.39 1.62 -6.84
N ASP E 163 -28.69 2.67 -6.48
CA ASP E 163 -29.11 4.02 -6.82
C ASP E 163 -28.65 4.45 -8.19
N ASN E 164 -29.02 5.68 -8.53
CA ASN E 164 -28.78 6.24 -9.85
C ASN E 164 -27.40 6.89 -9.99
N SER E 165 -26.74 7.14 -8.87
CA SER E 165 -25.50 7.91 -8.88
C SER E 165 -24.38 7.23 -8.10
N ASP E 166 -23.19 7.85 -8.12
CA ASP E 166 -22.02 7.26 -7.49
C ASP E 166 -22.02 7.52 -6.00
N LYS E 167 -21.54 6.55 -5.24
CA LYS E 167 -21.40 6.70 -3.77
C LYS E 167 -19.94 6.91 -3.36
N LEU E 168 -19.66 7.91 -2.54
CA LEU E 168 -18.31 8.12 -2.01
C LEU E 168 -18.24 7.65 -0.57
N TYR E 169 -17.50 6.56 -0.32
CA TYR E 169 -17.34 6.04 1.04
C TYR E 169 -16.01 6.51 1.64
N ILE E 170 -16.08 7.09 2.83
CA ILE E 170 -14.89 7.46 3.59
C ILE E 170 -14.73 6.54 4.79
N TRP E 171 -13.61 5.86 4.87
CA TRP E 171 -13.37 4.96 5.98
C TRP E 171 -11.95 5.10 6.50
N GLY E 172 -11.57 4.33 7.51
CA GLY E 172 -10.27 4.52 8.09
C GLY E 172 -9.70 3.29 8.76
N VAL E 173 -8.43 3.36 9.11
CA VAL E 173 -7.79 2.29 9.87
C VAL E 173 -7.13 2.93 11.09
N HIS E 174 -7.22 2.26 12.23
CA HIS E 174 -6.66 2.77 13.48
C HIS E 174 -5.27 2.19 13.73
N HIS E 175 -4.28 3.05 13.94
CA HIS E 175 -2.94 2.60 14.32
C HIS E 175 -2.71 2.89 15.77
N PRO E 176 -2.71 1.84 16.61
CA PRO E 176 -2.49 2.03 18.05
C PRO E 176 -1.01 2.29 18.38
N SER E 177 -0.77 2.87 19.54
CA SER E 177 0.58 3.23 20.01
C SER E 177 1.37 2.07 20.60
N THR E 178 0.65 1.17 21.28
CA THR E 178 1.29 0.04 21.99
C THR E 178 0.54 -1.22 21.64
N ASP E 179 1.12 -2.39 21.89
CA ASP E 179 0.45 -3.63 21.53
C ASP E 179 -0.70 -3.86 22.48
N LYS E 180 -0.50 -3.41 23.70
CA LYS E 180 -1.52 -3.48 24.71
C LYS E 180 -2.77 -2.79 24.21
N GLU E 181 -2.57 -1.59 23.67
CA GLU E 181 -3.69 -0.81 23.15
C GLU E 181 -4.38 -1.55 22.02
N GLN E 182 -3.60 -2.18 21.17
CA GLN E 182 -4.15 -3.01 20.10
C GLN E 182 -5.07 -4.08 20.67
N THR E 183 -4.55 -4.85 21.62
CA THR E 183 -5.33 -5.97 22.17
C THR E 183 -6.51 -5.50 23.02
N ASN E 184 -6.33 -4.44 23.80
CA ASN E 184 -7.43 -3.91 24.62
C ASN E 184 -8.65 -3.56 23.81
N LEU E 185 -8.43 -3.22 22.55
CA LEU E 185 -9.49 -2.77 21.63
C LEU E 185 -9.97 -3.88 20.74
N TYR E 186 -9.04 -4.47 20.00
CA TYR E 186 -9.38 -5.46 18.99
C TYR E 186 -9.18 -6.94 19.33
N VAL E 187 -8.81 -7.29 20.58
CA VAL E 187 -8.39 -8.67 20.85
C VAL E 187 -7.16 -8.97 20.00
N GLN E 188 -7.35 -9.56 18.81
CA GLN E 188 -6.25 -9.98 17.94
C GLN E 188 -5.10 -8.98 17.88
N ALA E 189 -3.87 -9.49 17.88
CA ALA E 189 -2.67 -8.67 17.94
C ALA E 189 -2.46 -7.91 16.64
N SER E 190 -2.90 -8.49 15.53
CA SER E 190 -2.74 -7.85 14.24
C SER E 190 -4.06 -7.72 13.57
N GLY E 191 -4.52 -6.49 13.42
CA GLY E 191 -5.76 -6.21 12.70
C GLY E 191 -5.59 -6.15 11.19
N LYS E 192 -6.66 -5.81 10.50
CA LYS E 192 -6.58 -5.67 9.08
C LYS E 192 -7.90 -5.23 8.52
N VAL E 193 -7.85 -4.49 7.42
CA VAL E 193 -9.06 -3.98 6.80
C VAL E 193 -8.97 -4.15 5.30
N THR E 194 -9.96 -4.82 4.72
CA THR E 194 -10.06 -4.88 3.28
C THR E 194 -11.40 -4.31 2.82
N VAL E 195 -11.32 -3.20 2.08
CA VAL E 195 -12.54 -2.59 1.55
C VAL E 195 -12.49 -2.78 0.06
N SER E 196 -13.55 -3.30 -0.52
CA SER E 196 -13.49 -3.64 -1.94
C SER E 196 -14.81 -3.48 -2.70
N THR E 197 -14.69 -3.43 -4.01
CA THR E 197 -15.81 -3.43 -4.93
C THR E 197 -15.56 -4.56 -5.91
N LYS E 198 -16.39 -4.64 -6.96
CA LYS E 198 -16.20 -5.68 -7.94
C LYS E 198 -14.88 -5.58 -8.70
N ARG E 199 -14.51 -4.38 -9.14
CA ARG E 199 -13.29 -4.29 -9.92
C ARG E 199 -12.05 -3.75 -9.22
N SER E 200 -12.18 -3.33 -7.97
CA SER E 200 -11.05 -2.80 -7.22
C SER E 200 -11.04 -3.19 -5.72
N GLN E 201 -9.88 -3.06 -5.07
CA GLN E 201 -9.79 -3.39 -3.66
C GLN E 201 -8.68 -2.63 -2.93
N GLN E 202 -8.85 -2.46 -1.63
CA GLN E 202 -7.79 -1.96 -0.78
C GLN E 202 -7.67 -2.80 0.45
N THR E 203 -6.46 -3.23 0.73
CA THR E 203 -6.17 -3.89 1.99
C THR E 203 -5.17 -3.05 2.77
N ILE E 204 -5.59 -2.54 3.92
CA ILE E 204 -4.69 -1.81 4.80
C ILE E 204 -4.40 -2.67 6.02
N ILE E 205 -3.12 -2.76 6.34
CA ILE E 205 -2.66 -3.37 7.57
C ILE E 205 -2.32 -2.28 8.60
N PRO E 206 -2.97 -2.29 9.75
CA PRO E 206 -2.62 -1.25 10.72
C PRO E 206 -1.25 -1.54 11.32
N ASN E 207 -0.53 -0.51 11.78
CA ASN E 207 0.81 -0.70 12.30
C ASN E 207 0.97 -0.07 13.67
N VAL E 208 1.25 -0.90 14.67
CA VAL E 208 1.40 -0.42 16.03
C VAL E 208 2.77 0.17 16.24
N GLY E 209 2.80 1.29 16.94
CA GLY E 209 4.04 2.01 17.16
C GLY E 209 3.73 3.41 17.67
N SER E 210 4.76 4.19 17.98
CA SER E 210 4.57 5.52 18.55
C SER E 210 4.74 6.62 17.53
N ARG E 211 3.95 7.68 17.68
CA ARG E 211 4.11 8.85 16.85
C ARG E 211 4.05 10.06 17.76
N PRO E 212 4.50 11.20 17.26
CA PRO E 212 4.57 12.40 18.10
C PRO E 212 3.25 12.67 18.80
N TRP E 213 3.33 13.08 20.05
CA TRP E 213 2.17 13.42 20.84
C TRP E 213 1.38 14.49 20.08
N VAL E 214 0.11 14.23 19.80
CA VAL E 214 -0.78 15.25 19.24
C VAL E 214 -2.14 15.20 19.92
N ARG E 215 -2.56 16.33 20.51
CA ARG E 215 -3.83 16.40 21.20
C ARG E 215 -4.04 15.20 22.12
N GLY E 216 -2.97 14.79 22.79
CA GLY E 216 -3.07 13.72 23.77
C GLY E 216 -2.65 12.34 23.30
N LEU E 217 -2.63 12.10 22.00
CA LEU E 217 -2.42 10.72 21.51
C LEU E 217 -1.12 10.49 20.73
N SER E 218 -0.52 9.33 20.95
CA SER E 218 0.61 8.90 20.15
C SER E 218 0.15 7.95 19.09
N SER E 219 -1.16 7.71 19.06
CA SER E 219 -1.74 6.82 18.06
C SER E 219 -2.35 7.60 16.86
N ARG E 220 -2.76 6.92 15.81
CA ARG E 220 -3.25 7.65 14.63
C ARG E 220 -4.40 6.96 13.93
N ILE E 221 -5.09 7.73 13.09
CA ILE E 221 -6.06 7.17 12.17
C ILE E 221 -5.67 7.49 10.74
N SER E 222 -5.64 6.46 9.88
CA SER E 222 -5.41 6.67 8.45
C SER E 222 -6.74 6.67 7.71
N ILE E 223 -6.96 7.71 6.91
CA ILE E 223 -8.21 7.82 6.16
C ILE E 223 -8.08 7.33 4.72
N TYR E 224 -9.07 6.55 4.27
CA TYR E 224 -9.10 6.05 2.91
C TYR E 224 -10.48 6.28 2.31
N TRP E 225 -10.60 6.26 0.99
CA TRP E 225 -11.89 6.37 0.34
C TRP E 225 -12.10 5.30 -0.72
N THR E 226 -13.36 4.97 -0.94
CA THR E 226 -13.74 4.08 -2.01
C THR E 226 -14.97 4.60 -2.73
N ILE E 227 -14.92 4.63 -4.05
CA ILE E 227 -16.09 5.05 -4.82
C ILE E 227 -16.76 3.86 -5.44
N VAL E 228 -18.09 3.84 -5.36
CA VAL E 228 -18.87 2.68 -5.80
C VAL E 228 -19.89 3.12 -6.81
N LYS E 229 -19.74 2.65 -8.04
CA LYS E 229 -20.66 3.06 -9.09
C LYS E 229 -21.93 2.24 -9.02
N PRO E 230 -23.00 2.73 -9.64
CA PRO E 230 -24.29 2.04 -9.59
C PRO E 230 -24.17 0.68 -10.25
N GLY E 231 -24.70 -0.34 -9.59
CA GLY E 231 -24.59 -1.69 -10.10
C GLY E 231 -23.44 -2.42 -9.42
N ASP E 232 -22.50 -1.67 -8.86
CA ASP E 232 -21.39 -2.27 -8.15
C ASP E 232 -21.82 -2.55 -6.71
N ILE E 233 -20.92 -3.09 -5.93
CA ILE E 233 -21.24 -3.45 -4.56
C ILE E 233 -20.05 -3.13 -3.68
N LEU E 234 -20.32 -2.63 -2.48
CA LEU E 234 -19.25 -2.40 -1.51
C LEU E 234 -19.18 -3.59 -0.61
N VAL E 235 -17.97 -4.05 -0.31
CA VAL E 235 -17.79 -5.09 0.70
C VAL E 235 -16.67 -4.72 1.65
N ILE E 236 -16.98 -4.76 2.93
CA ILE E 236 -16.02 -4.39 3.96
C ILE E 236 -15.72 -5.60 4.78
N ASN E 237 -14.43 -5.86 4.97
CA ASN E 237 -13.98 -7.06 5.65
C ASN E 237 -12.91 -6.68 6.65
N SER E 238 -13.13 -6.96 7.93
CA SER E 238 -12.17 -6.57 8.97
C SER E 238 -12.08 -7.54 10.12
N ASN E 239 -10.87 -7.90 10.50
CA ASN E 239 -10.64 -8.59 11.76
C ASN E 239 -10.22 -7.61 12.86
N GLY E 240 -10.46 -6.31 12.62
CA GLY E 240 -10.30 -5.27 13.61
C GLY E 240 -9.25 -4.22 13.32
N ASN E 241 -9.38 -3.07 14.00
CA ASN E 241 -8.70 -1.82 13.63
C ASN E 241 -9.48 -0.97 12.61
N LEU E 242 -10.63 -1.47 12.14
CA LEU E 242 -11.47 -0.74 11.17
C LEU E 242 -12.17 0.48 11.76
N ILE E 243 -12.02 1.64 11.15
CA ILE E 243 -12.89 2.78 11.46
C ILE E 243 -13.94 2.83 10.36
N ALA E 244 -15.17 2.48 10.68
CA ALA E 244 -16.18 2.15 9.67
C ALA E 244 -16.96 3.36 9.17
N PRO E 245 -17.41 3.30 7.90
CA PRO E 245 -18.24 4.40 7.38
C PRO E 245 -19.62 4.32 8.00
N ARG E 246 -20.33 5.44 8.11
CA ARG E 246 -21.70 5.45 8.58
C ARG E 246 -22.70 5.51 7.45
N GLY E 247 -22.20 5.56 6.23
CA GLY E 247 -23.02 5.83 5.07
C GLY E 247 -22.17 6.39 3.95
N TYR E 248 -22.78 7.08 2.99
CA TYR E 248 -22.03 7.59 1.84
C TYR E 248 -22.28 9.07 1.60
N PHE E 249 -21.31 9.74 0.96
CA PHE E 249 -21.53 11.09 0.44
C PHE E 249 -21.95 11.03 -1.03
N LYS E 250 -22.98 11.79 -1.39
CA LYS E 250 -23.41 11.83 -2.79
C LYS E 250 -22.34 12.49 -3.65
N MET E 251 -22.08 11.94 -4.82
CA MET E 251 -21.12 12.58 -5.73
C MET E 251 -21.85 13.30 -6.83
N ARG E 252 -21.45 14.55 -7.10
CA ARG E 252 -21.99 15.33 -8.21
C ARG E 252 -20.85 15.78 -9.09
N THR E 253 -21.16 16.07 -10.37
CA THR E 253 -20.21 16.76 -11.25
C THR E 253 -20.71 18.16 -11.55
N GLY E 254 -19.81 19.12 -11.76
CA GLY E 254 -20.22 20.49 -12.01
C GLY E 254 -19.08 21.46 -11.83
N LYS E 255 -19.42 22.71 -11.54
CA LYS E 255 -18.44 23.77 -11.59
C LYS E 255 -17.71 24.01 -10.28
N SER E 256 -17.90 23.13 -9.31
CA SER E 256 -17.39 23.37 -7.96
C SER E 256 -15.91 23.16 -7.84
N SER E 257 -15.31 23.82 -6.86
CA SER E 257 -13.87 23.78 -6.65
C SER E 257 -13.51 24.37 -5.30
N ILE E 258 -12.23 24.51 -5.03
CA ILE E 258 -11.78 24.97 -3.72
C ILE E 258 -10.56 25.88 -3.84
N MET E 259 -10.49 26.92 -3.01
CA MET E 259 -9.42 27.90 -3.06
C MET E 259 -8.87 28.21 -1.64
N ARG E 260 -7.57 28.47 -1.53
CA ARG E 260 -7.02 28.88 -0.25
C ARG E 260 -6.85 30.39 -0.29
N SER E 261 -7.56 31.11 0.56
CA SER E 261 -7.44 32.57 0.61
C SER E 261 -7.80 33.15 1.98
N ASP E 262 -7.14 34.24 2.35
CA ASP E 262 -7.52 34.97 3.57
C ASP E 262 -8.37 36.20 3.29
N ALA E 263 -8.74 36.36 2.03
CA ALA E 263 -9.54 37.52 1.63
C ALA E 263 -10.93 37.48 2.26
N PRO E 264 -11.32 38.57 2.93
CA PRO E 264 -12.70 38.66 3.41
C PRO E 264 -13.73 38.46 2.29
N ILE E 265 -14.80 37.75 2.61
CA ILE E 265 -15.94 37.72 1.71
C ILE E 265 -16.78 38.95 1.94
N GLY E 266 -17.39 39.45 0.88
CA GLY E 266 -18.15 40.68 0.96
C GLY E 266 -19.34 40.62 0.03
N THR E 267 -20.30 41.52 0.25
CA THR E 267 -21.52 41.49 -0.54
C THR E 267 -21.28 42.41 -1.69
N CYS E 268 -21.11 41.82 -2.86
CA CYS E 268 -20.83 42.55 -4.09
C CYS E 268 -20.87 41.49 -5.17
N SER E 269 -20.62 41.87 -6.41
CA SER E 269 -20.66 40.87 -7.45
C SER E 269 -19.48 40.87 -8.41
N SER E 270 -19.12 39.68 -8.88
CA SER E 270 -18.06 39.54 -9.86
C SER E 270 -17.89 38.08 -10.29
N GLU E 271 -17.42 37.86 -11.51
CA GLU E 271 -17.41 36.54 -12.08
C GLU E 271 -16.09 35.81 -11.83
N CYS E 272 -15.09 36.57 -11.41
CA CYS E 272 -13.75 36.06 -11.34
C CYS E 272 -13.21 36.22 -9.94
N ILE E 273 -12.80 35.09 -9.37
CA ILE E 273 -12.27 35.07 -8.02
C ILE E 273 -10.79 34.71 -8.05
N THR E 274 -9.99 35.44 -7.29
CA THR E 274 -8.63 35.02 -7.04
C THR E 274 -8.37 35.08 -5.55
N PRO E 275 -7.33 34.37 -5.10
CA PRO E 275 -6.97 34.37 -3.70
C PRO E 275 -6.80 35.79 -3.17
N ASN E 276 -6.50 36.75 -4.05
CA ASN E 276 -6.28 38.12 -3.59
C ASN E 276 -7.59 38.84 -3.32
N GLY E 277 -8.64 38.34 -3.96
CA GLY E 277 -9.95 38.95 -3.92
C GLY E 277 -10.52 38.75 -5.31
N SER E 278 -11.68 39.32 -5.58
CA SER E 278 -12.26 39.20 -6.91
C SER E 278 -11.56 40.20 -7.80
N ILE E 279 -11.55 39.94 -9.11
CA ILE E 279 -11.07 40.94 -10.08
C ILE E 279 -12.00 41.08 -11.26
N PRO E 280 -12.02 42.28 -11.87
CA PRO E 280 -12.89 42.51 -13.03
C PRO E 280 -12.40 41.76 -14.26
N ASN E 281 -13.32 41.16 -15.01
CA ASN E 281 -12.98 40.32 -16.15
C ASN E 281 -13.03 41.05 -17.48
N ASP E 282 -13.18 42.38 -17.44
CA ASP E 282 -13.31 43.12 -18.68
C ASP E 282 -12.03 43.10 -19.52
N LYS E 283 -10.86 42.92 -18.90
CA LYS E 283 -9.63 42.89 -19.70
C LYS E 283 -9.23 41.48 -20.15
N PRO E 284 -8.42 41.37 -21.19
CA PRO E 284 -8.04 40.05 -21.67
C PRO E 284 -7.01 39.33 -20.79
N PHE E 285 -6.28 40.07 -19.97
CA PHE E 285 -5.17 39.49 -19.20
C PHE E 285 -5.12 40.02 -17.75
N GLN E 286 -4.48 39.29 -16.85
CA GLN E 286 -4.31 39.80 -15.50
C GLN E 286 -2.98 39.35 -14.87
N ASN E 287 -2.44 40.23 -14.03
CA ASN E 287 -1.21 40.02 -13.29
C ASN E 287 -1.44 39.65 -11.82
N VAL E 288 -2.71 39.55 -11.42
CA VAL E 288 -3.05 39.44 -10.01
C VAL E 288 -2.64 38.11 -9.40
N ASN E 289 -3.12 37.00 -9.94
CA ASN E 289 -2.73 35.68 -9.45
C ASN E 289 -2.84 34.60 -10.53
N LYS E 290 -1.88 33.70 -10.61
CA LYS E 290 -2.03 32.54 -11.48
C LYS E 290 -3.17 31.59 -11.04
N ILE E 291 -3.63 31.72 -9.79
CA ILE E 291 -4.77 30.94 -9.28
C ILE E 291 -6.09 31.71 -9.49
N THR E 292 -7.05 31.12 -10.19
CA THR E 292 -8.31 31.83 -10.39
C THR E 292 -9.47 30.88 -10.48
N TYR E 293 -10.66 31.42 -10.25
CA TYR E 293 -11.91 30.67 -10.39
C TYR E 293 -12.94 31.52 -11.13
N GLY E 294 -13.67 30.92 -12.05
CA GLY E 294 -14.68 31.65 -12.82
C GLY E 294 -14.18 32.16 -14.16
N ALA E 295 -14.88 33.14 -14.73
CA ALA E 295 -14.48 33.68 -16.03
C ALA E 295 -13.45 34.78 -15.83
N CYS E 296 -12.23 34.49 -16.21
CA CYS E 296 -11.09 35.27 -15.75
C CYS E 296 -10.18 35.60 -16.89
N PRO E 297 -9.60 36.79 -16.86
CA PRO E 297 -8.51 37.13 -17.78
C PRO E 297 -7.41 36.08 -17.70
N LYS E 298 -6.76 35.75 -18.82
CA LYS E 298 -5.63 34.84 -18.78
C LYS E 298 -4.49 35.52 -18.02
N TYR E 299 -3.69 34.72 -17.33
CA TYR E 299 -2.67 35.24 -16.44
C TYR E 299 -1.34 35.34 -17.14
N VAL E 300 -0.70 36.50 -17.02
CA VAL E 300 0.55 36.76 -17.72
C VAL E 300 1.56 37.40 -16.78
N LYS E 301 2.81 37.47 -17.22
CA LYS E 301 3.88 37.97 -16.39
C LYS E 301 3.95 39.48 -16.40
N GLN E 302 3.30 40.13 -17.35
CA GLN E 302 3.44 41.58 -17.46
C GLN E 302 2.50 42.25 -16.48
N ASN E 303 2.91 43.38 -15.93
CA ASN E 303 1.99 44.16 -15.13
C ASN E 303 1.24 45.19 -15.99
N THR E 304 1.72 45.39 -17.22
CA THR E 304 1.00 46.28 -18.12
C THR E 304 1.24 45.94 -19.59
N LEU E 305 0.21 46.04 -20.43
CA LEU E 305 0.36 46.06 -21.88
C LEU E 305 -0.63 47.08 -22.41
N LYS E 306 -0.15 48.17 -23.00
CA LYS E 306 -1.04 49.17 -23.55
C LYS E 306 -1.31 48.87 -25.03
N LEU E 307 -2.61 48.80 -25.36
CA LEU E 307 -3.10 48.64 -26.73
C LEU E 307 -3.47 50.00 -27.26
N ALA E 308 -2.82 50.44 -28.33
CA ALA E 308 -3.04 51.78 -28.85
C ALA E 308 -4.43 51.85 -29.46
N THR E 309 -5.19 52.84 -28.99
CA THR E 309 -6.50 53.22 -29.53
C THR E 309 -6.57 54.49 -30.41
N GLY E 310 -5.43 55.06 -30.81
CA GLY E 310 -5.43 56.22 -31.70
C GLY E 310 -4.14 56.35 -32.50
N MET E 311 -4.02 57.37 -33.35
CA MET E 311 -2.87 57.52 -34.24
C MET E 311 -1.58 57.99 -33.54
N ARG E 312 -0.46 58.04 -34.27
CA ARG E 312 0.77 58.56 -33.66
C ARG E 312 0.47 60.02 -33.31
N ASN E 313 0.84 60.43 -32.10
CA ASN E 313 0.62 61.82 -31.65
C ASN E 313 1.84 62.69 -31.98
N VAL E 314 1.62 63.76 -32.74
CA VAL E 314 2.71 64.64 -33.18
C VAL E 314 2.42 66.12 -32.92
N PRO E 315 2.78 66.61 -31.72
CA PRO E 315 2.38 67.94 -31.23
C PRO E 315 2.97 69.21 -31.93
N GLU E 316 4.25 69.23 -32.25
CA GLU E 316 4.90 70.41 -32.87
C GLU E 316 6.35 70.54 -32.41
N GLY F 1 3.99 56.99 -40.63
CA GLY F 1 3.84 55.51 -40.64
C GLY F 1 4.34 54.91 -41.93
N ILE F 2 3.58 53.95 -42.46
CA ILE F 2 4.01 53.25 -43.65
C ILE F 2 3.64 54.01 -44.92
N PHE F 3 2.68 54.93 -44.84
CA PHE F 3 2.34 55.79 -45.98
C PHE F 3 3.04 57.15 -45.98
N GLY F 4 3.68 57.50 -44.88
CA GLY F 4 4.44 58.74 -44.78
C GLY F 4 3.61 60.02 -44.77
N ALA F 5 2.37 59.93 -44.29
CA ALA F 5 1.53 61.11 -44.18
C ALA F 5 1.62 61.67 -42.77
N ILE F 6 1.16 60.88 -41.80
CA ILE F 6 1.25 61.28 -40.39
C ILE F 6 2.68 61.11 -39.87
N ALA F 7 3.16 62.14 -39.18
CA ALA F 7 4.56 62.23 -38.82
C ALA F 7 5.36 62.14 -40.11
N GLY F 8 4.65 62.41 -41.20
CA GLY F 8 5.15 62.34 -42.56
C GLY F 8 5.31 63.70 -43.19
N PHE F 9 4.97 63.74 -44.48
CA PHE F 9 4.86 64.99 -45.19
C PHE F 9 3.85 65.96 -44.56
N ILE F 10 3.03 65.46 -43.67
CA ILE F 10 2.21 66.35 -42.86
C ILE F 10 2.97 66.65 -41.57
N GLU F 11 3.38 67.91 -41.41
CA GLU F 11 4.35 68.28 -40.36
C GLU F 11 3.95 67.79 -38.97
N ASN F 12 2.74 68.13 -38.55
CA ASN F 12 2.28 67.73 -37.24
C ASN F 12 0.74 67.76 -37.12
N GLY F 13 0.24 67.35 -35.96
CA GLY F 13 -1.20 67.32 -35.78
C GLY F 13 -1.72 68.63 -35.26
N TRP F 14 -3.04 68.78 -35.27
CA TRP F 14 -3.67 69.98 -34.80
C TRP F 14 -4.33 69.72 -33.45
N GLU F 15 -3.76 70.26 -32.37
CA GLU F 15 -4.38 70.14 -31.05
C GLU F 15 -5.67 70.93 -31.04
N GLY F 16 -5.82 71.78 -32.04
CA GLY F 16 -6.97 72.65 -32.11
C GLY F 16 -8.15 71.97 -32.75
N MET F 17 -7.93 70.83 -33.38
CA MET F 17 -9.06 70.14 -33.98
C MET F 17 -9.61 69.15 -32.98
N ILE F 18 -10.70 69.52 -32.33
CA ILE F 18 -11.32 68.70 -31.29
C ILE F 18 -12.61 67.96 -31.71
N ASP F 19 -13.11 68.22 -32.92
CA ASP F 19 -14.39 67.65 -33.35
C ASP F 19 -14.24 66.44 -34.27
N GLY F 20 -12.99 66.07 -34.60
CA GLY F 20 -12.74 64.93 -35.47
C GLY F 20 -11.29 64.51 -35.47
N TRP F 21 -10.98 63.38 -36.09
CA TRP F 21 -9.61 62.93 -36.21
C TRP F 21 -8.86 63.51 -37.41
N TYR F 22 -9.59 63.80 -38.48
CA TYR F 22 -9.00 64.31 -39.70
C TYR F 22 -9.87 65.44 -40.19
N GLY F 23 -9.26 66.46 -40.78
CA GLY F 23 -10.03 67.58 -41.29
C GLY F 23 -9.31 68.51 -42.24
N PHE F 24 -9.97 69.63 -42.56
CA PHE F 24 -9.43 70.65 -43.41
C PHE F 24 -9.29 71.95 -42.67
N ARG F 25 -8.16 72.61 -42.90
CA ARG F 25 -8.02 74.03 -42.62
C ARG F 25 -7.89 74.74 -43.97
N HIS F 26 -8.57 75.86 -44.13
CA HIS F 26 -8.47 76.60 -45.37
C HIS F 26 -8.25 78.08 -45.11
N GLN F 27 -7.71 78.74 -46.14
CA GLN F 27 -7.55 80.18 -46.19
C GLN F 27 -7.94 80.65 -47.57
N ASN F 28 -8.94 81.53 -47.64
CA ASN F 28 -9.38 82.14 -48.90
C ASN F 28 -9.73 83.60 -48.70
N SER F 29 -10.28 84.22 -49.74
CA SER F 29 -10.59 85.65 -49.72
C SER F 29 -11.33 86.03 -48.43
N GLU F 30 -12.28 85.19 -48.04
CA GLU F 30 -13.18 85.52 -46.94
C GLU F 30 -12.57 85.34 -45.55
N GLY F 31 -11.54 84.52 -45.43
CA GLY F 31 -10.88 84.31 -44.15
C GLY F 31 -10.31 82.93 -44.01
N THR F 32 -10.10 82.52 -42.76
CA THR F 32 -9.57 81.20 -42.50
C THR F 32 -10.66 80.35 -41.86
N GLY F 33 -10.60 79.04 -42.09
CA GLY F 33 -11.56 78.13 -41.51
C GLY F 33 -11.00 76.75 -41.21
N GLN F 34 -11.76 76.01 -40.39
CA GLN F 34 -11.41 74.63 -40.04
C GLN F 34 -12.65 73.77 -39.94
N ALA F 35 -12.60 72.58 -40.51
CA ALA F 35 -13.73 71.65 -40.44
C ALA F 35 -13.26 70.21 -40.38
N ALA F 36 -13.93 69.39 -39.56
CA ALA F 36 -13.60 67.97 -39.43
C ALA F 36 -14.21 67.13 -40.54
N ASP F 37 -13.49 66.07 -40.95
CA ASP F 37 -14.02 65.14 -41.94
C ASP F 37 -14.55 63.93 -41.23
N LEU F 38 -15.86 63.77 -41.17
CA LEU F 38 -16.40 62.77 -40.26
C LEU F 38 -16.36 61.37 -40.82
N LYS F 39 -16.41 61.22 -42.14
CA LYS F 39 -16.42 59.89 -42.72
C LYS F 39 -15.13 59.16 -42.43
N SER F 40 -13.99 59.81 -42.63
CA SER F 40 -12.71 59.17 -42.46
C SER F 40 -12.36 59.02 -40.97
N THR F 41 -12.72 60.03 -40.18
CA THR F 41 -12.68 59.87 -38.74
C THR F 41 -13.44 58.57 -38.33
N GLN F 42 -14.66 58.42 -38.82
CA GLN F 42 -15.40 57.21 -38.56
C GLN F 42 -14.65 55.97 -39.06
N ALA F 43 -14.14 55.97 -40.30
CA ALA F 43 -13.39 54.82 -40.78
C ALA F 43 -12.34 54.38 -39.78
N ALA F 44 -11.53 55.31 -39.31
CA ALA F 44 -10.52 54.96 -38.32
C ALA F 44 -11.15 54.41 -37.03
N ILE F 45 -12.06 55.18 -36.44
CA ILE F 45 -12.68 54.74 -35.19
C ILE F 45 -13.31 53.34 -35.34
N ASP F 46 -14.05 53.12 -36.41
CA ASP F 46 -14.67 51.82 -36.64
C ASP F 46 -13.62 50.73 -36.65
N GLN F 47 -12.55 50.87 -37.42
CA GLN F 47 -11.54 49.82 -37.40
C GLN F 47 -10.98 49.60 -36.01
N ILE F 48 -10.54 50.68 -35.38
CA ILE F 48 -9.95 50.54 -34.06
C ILE F 48 -10.91 49.81 -33.12
N ASN F 49 -12.20 50.18 -33.16
CA ASN F 49 -13.21 49.47 -32.36
C ASN F 49 -13.30 48.01 -32.73
N GLY F 50 -13.38 47.70 -34.02
CA GLY F 50 -13.48 46.31 -34.42
C GLY F 50 -12.42 45.49 -33.72
N LYS F 51 -11.21 46.02 -33.74
CA LYS F 51 -10.06 45.38 -33.13
C LYS F 51 -10.18 45.35 -31.58
N LEU F 52 -10.57 46.49 -31.02
CA LEU F 52 -10.81 46.59 -29.59
C LEU F 52 -11.83 45.52 -29.16
N ASN F 53 -12.86 45.27 -29.98
CA ASN F 53 -13.87 44.29 -29.63
C ASN F 53 -13.38 42.88 -29.84
N ARG F 54 -12.53 42.67 -30.84
CA ARG F 54 -11.90 41.37 -30.95
C ARG F 54 -11.14 41.02 -29.68
N VAL F 55 -10.32 41.93 -29.17
CA VAL F 55 -9.49 41.65 -27.99
C VAL F 55 -10.20 41.70 -26.63
N ILE F 56 -11.13 42.62 -26.43
CA ILE F 56 -11.69 42.88 -25.10
C ILE F 56 -12.81 41.88 -24.83
N GLU F 57 -12.96 40.93 -25.75
CA GLU F 57 -14.14 40.08 -25.80
C GLU F 57 -14.17 39.16 -24.60
N LYS F 58 -15.26 38.40 -24.49
CA LYS F 58 -15.44 37.53 -23.35
C LYS F 58 -14.23 36.66 -23.13
N THR F 59 -13.87 36.55 -21.85
CA THR F 59 -12.79 35.69 -21.41
C THR F 59 -13.27 34.26 -21.30
N ASN F 60 -12.36 33.36 -20.97
CA ASN F 60 -12.74 31.98 -20.78
C ASN F 60 -13.07 31.68 -19.34
N GLU F 61 -14.12 30.90 -19.16
CA GLU F 61 -14.54 30.41 -17.85
C GLU F 61 -13.87 29.09 -17.50
N LYS F 62 -13.16 29.05 -16.38
CA LYS F 62 -12.53 27.82 -15.90
C LYS F 62 -12.95 27.63 -14.45
N PHE F 63 -13.17 26.37 -14.04
CA PHE F 63 -13.54 26.17 -12.65
C PHE F 63 -12.52 25.36 -11.83
N HIS F 64 -12.57 24.04 -11.83
CA HIS F 64 -11.64 23.31 -10.97
C HIS F 64 -10.40 23.02 -11.80
N GLN F 65 -9.22 23.38 -11.32
CA GLN F 65 -8.01 23.16 -12.10
C GLN F 65 -7.00 22.50 -11.21
N ILE F 66 -5.76 22.40 -11.66
CA ILE F 66 -4.68 21.89 -10.81
C ILE F 66 -4.24 22.90 -9.74
N GLU F 67 -3.60 22.42 -8.69
CA GLU F 67 -3.13 23.30 -7.62
C GLU F 67 -1.82 23.99 -8.04
N LYS F 68 -1.69 25.30 -7.81
CA LYS F 68 -0.51 26.03 -8.28
C LYS F 68 0.49 26.46 -7.22
N GLU F 69 0.17 26.19 -5.96
CA GLU F 69 1.04 26.50 -4.83
C GLU F 69 1.18 25.26 -3.95
N PHE F 70 2.30 25.15 -3.24
CA PHE F 70 2.53 23.95 -2.45
C PHE F 70 3.27 24.24 -1.16
N SER F 71 2.78 23.66 -0.08
CA SER F 71 3.40 23.87 1.22
C SER F 71 4.42 22.80 1.59
N GLU F 72 4.47 21.71 0.83
CA GLU F 72 5.41 20.63 1.14
C GLU F 72 6.21 20.30 -0.08
N VAL F 73 7.44 19.85 0.13
CA VAL F 73 8.28 19.40 -0.98
C VAL F 73 7.86 17.98 -1.34
N GLU F 74 7.31 17.77 -2.53
CA GLU F 74 6.91 16.43 -2.92
C GLU F 74 7.76 15.74 -4.00
N GLY F 75 8.67 16.46 -4.66
CA GLY F 75 9.36 15.88 -5.79
C GLY F 75 8.55 15.75 -7.09
N ARG F 76 8.67 14.61 -7.76
CA ARG F 76 8.31 14.49 -9.18
C ARG F 76 6.98 15.07 -9.64
N ILE F 77 5.85 14.59 -9.11
CA ILE F 77 4.54 15.12 -9.50
C ILE F 77 4.43 16.64 -9.31
N GLN F 78 4.95 17.18 -8.21
CA GLN F 78 4.89 18.62 -8.00
C GLN F 78 5.79 19.33 -9.02
N ASP F 79 6.95 18.78 -9.29
CA ASP F 79 7.78 19.30 -10.37
C ASP F 79 6.97 19.40 -11.64
N LEU F 80 6.23 18.35 -11.97
CA LEU F 80 5.40 18.37 -13.16
C LEU F 80 4.28 19.41 -13.12
N GLU F 81 3.51 19.46 -12.04
CA GLU F 81 2.43 20.46 -11.93
C GLU F 81 2.96 21.88 -12.10
N LYS F 82 4.06 22.14 -11.40
CA LYS F 82 4.72 23.44 -11.46
C LYS F 82 5.14 23.73 -12.89
N TYR F 83 5.81 22.77 -13.52
CA TYR F 83 6.31 22.95 -14.89
C TYR F 83 5.20 23.23 -15.89
N VAL F 84 4.12 22.47 -15.80
CA VAL F 84 2.99 22.71 -16.67
C VAL F 84 2.48 24.15 -16.48
N GLU F 85 2.20 24.56 -15.25
CA GLU F 85 1.69 25.92 -15.07
C GLU F 85 2.66 26.97 -15.63
N ASP F 86 3.94 26.78 -15.35
CA ASP F 86 4.95 27.75 -15.78
C ASP F 86 5.00 27.84 -17.31
N THR F 87 4.97 26.68 -17.95
CA THR F 87 4.90 26.60 -19.40
C THR F 87 3.70 27.38 -19.96
N LYS F 88 2.52 27.09 -19.43
CA LYS F 88 1.34 27.82 -19.86
C LYS F 88 1.52 29.35 -19.71
N ILE F 89 1.94 29.80 -18.54
CA ILE F 89 2.06 31.24 -18.33
C ILE F 89 3.06 31.86 -19.31
N ASP F 90 4.20 31.22 -19.51
CA ASP F 90 5.13 31.77 -20.47
C ASP F 90 4.44 31.89 -21.85
N LEU F 91 3.81 30.81 -22.33
CA LEU F 91 3.20 30.89 -23.65
C LEU F 91 2.17 32.01 -23.76
N TRP F 92 1.29 32.16 -22.78
CA TRP F 92 0.30 33.24 -22.88
C TRP F 92 0.94 34.61 -22.79
N SER F 93 1.94 34.73 -21.93
CA SER F 93 2.66 35.99 -21.81
C SER F 93 3.22 36.41 -23.18
N TYR F 94 3.79 35.44 -23.88
CA TYR F 94 4.23 35.67 -25.26
C TYR F 94 3.09 36.10 -26.18
N ASN F 95 2.01 35.32 -26.25
CA ASN F 95 0.88 35.74 -27.08
C ASN F 95 0.48 37.18 -26.81
N ALA F 96 0.43 37.57 -25.54
CA ALA F 96 -0.06 38.91 -25.20
C ALA F 96 0.90 40.00 -25.69
N GLU F 97 2.17 39.83 -25.34
CA GLU F 97 3.18 40.78 -25.79
C GLU F 97 3.07 40.97 -27.31
N LEU F 98 3.05 39.85 -28.04
CA LEU F 98 3.01 39.93 -29.50
C LEU F 98 1.71 40.55 -30.03
N LEU F 99 0.57 40.14 -29.50
CA LEU F 99 -0.70 40.71 -29.89
C LEU F 99 -0.61 42.23 -29.83
N VAL F 100 -0.15 42.74 -28.71
CA VAL F 100 -0.03 44.18 -28.55
C VAL F 100 0.94 44.76 -29.57
N ALA F 101 2.12 44.20 -29.72
CA ALA F 101 3.03 44.80 -30.69
C ALA F 101 2.42 44.86 -32.11
N LEU F 102 1.90 43.72 -32.60
CA LEU F 102 1.32 43.70 -33.92
C LEU F 102 0.19 44.70 -34.00
N GLU F 103 -0.79 44.52 -33.15
CA GLU F 103 -1.98 45.36 -33.21
C GLU F 103 -1.61 46.84 -33.27
N ASN F 104 -0.70 47.25 -32.41
CA ASN F 104 -0.30 48.65 -32.35
C ASN F 104 0.36 49.12 -33.62
N GLN F 105 1.34 48.35 -34.10
CA GLN F 105 1.95 48.67 -35.39
C GLN F 105 0.88 48.93 -36.44
N HIS F 106 -0.05 47.99 -36.55
CA HIS F 106 -1.15 48.10 -37.51
C HIS F 106 -2.06 49.31 -37.30
N THR F 107 -2.35 49.66 -36.06
CA THR F 107 -3.18 50.84 -35.78
C THR F 107 -2.50 52.11 -36.28
N ILE F 108 -1.24 52.26 -35.90
CA ILE F 108 -0.45 53.36 -36.43
C ILE F 108 -0.53 53.39 -37.96
N ASP F 109 -0.23 52.27 -38.61
CA ASP F 109 -0.29 52.21 -40.06
C ASP F 109 -1.67 52.50 -40.65
N LEU F 110 -2.74 52.03 -40.03
CA LEU F 110 -4.07 52.25 -40.62
C LEU F 110 -4.57 53.70 -40.43
N THR F 111 -4.24 54.34 -39.32
CA THR F 111 -4.57 55.75 -39.16
C THR F 111 -3.79 56.63 -40.16
N ASP F 112 -2.51 56.31 -40.34
CA ASP F 112 -1.73 56.94 -41.40
C ASP F 112 -2.44 56.76 -42.76
N SER F 113 -2.80 55.52 -43.05
CA SER F 113 -3.53 55.20 -44.25
C SER F 113 -4.75 56.10 -44.43
N GLU F 114 -5.64 56.16 -43.43
CA GLU F 114 -6.84 57.02 -43.57
C GLU F 114 -6.50 58.46 -43.95
N MET F 115 -5.51 59.04 -43.27
CA MET F 115 -5.07 60.40 -43.61
C MET F 115 -4.69 60.48 -45.09
N ASN F 116 -3.76 59.63 -45.48
CA ASN F 116 -3.32 59.63 -46.86
C ASN F 116 -4.47 59.43 -47.86
N LYS F 117 -5.45 58.61 -47.50
CA LYS F 117 -6.60 58.39 -48.36
C LYS F 117 -7.43 59.65 -48.54
N LEU F 118 -7.64 60.39 -47.45
CA LEU F 118 -8.35 61.67 -47.56
C LEU F 118 -7.57 62.61 -48.47
N PHE F 119 -6.27 62.75 -48.21
CA PHE F 119 -5.47 63.58 -49.10
C PHE F 119 -5.69 63.17 -50.57
N GLU F 120 -5.49 61.90 -50.87
CA GLU F 120 -5.60 61.43 -52.24
C GLU F 120 -6.97 61.72 -52.86
N LYS F 121 -8.03 61.45 -52.12
CA LYS F 121 -9.39 61.72 -52.55
C LYS F 121 -9.55 63.17 -52.98
N THR F 122 -9.11 64.06 -52.11
CA THR F 122 -9.15 65.49 -52.38
C THR F 122 -8.32 65.90 -53.61
N ARG F 123 -7.05 65.51 -53.65
CA ARG F 123 -6.24 65.80 -54.84
C ARG F 123 -6.98 65.41 -56.11
N ARG F 124 -7.52 64.20 -56.13
CA ARG F 124 -8.27 63.75 -57.28
C ARG F 124 -9.46 64.61 -57.62
N GLN F 125 -10.24 65.02 -56.62
CA GLN F 125 -11.29 66.01 -56.88
C GLN F 125 -10.78 67.24 -57.62
N LEU F 126 -9.75 67.87 -57.07
CA LEU F 126 -9.29 69.15 -57.59
C LEU F 126 -8.78 69.14 -59.04
N ARG F 127 -8.46 67.98 -59.58
CA ARG F 127 -7.99 67.91 -60.97
C ARG F 127 -6.85 68.89 -61.32
N GLU F 128 -7.07 69.74 -62.31
CA GLU F 128 -5.98 70.60 -62.77
C GLU F 128 -5.98 71.95 -62.10
N ASN F 129 -6.94 72.14 -61.18
CA ASN F 129 -7.19 73.46 -60.61
C ASN F 129 -6.37 73.74 -59.35
N ALA F 130 -5.49 72.82 -58.98
CA ALA F 130 -4.68 73.00 -57.77
C ALA F 130 -3.35 72.27 -57.89
N GLU F 131 -2.41 72.61 -57.02
CA GLU F 131 -1.14 71.89 -56.99
C GLU F 131 -0.80 71.40 -55.58
N ASP F 132 -0.05 70.31 -55.54
CA ASP F 132 0.36 69.72 -54.28
C ASP F 132 1.56 70.49 -53.78
N MET F 133 1.42 71.11 -52.62
CA MET F 133 2.50 71.94 -52.05
C MET F 133 3.47 71.09 -51.22
N GLY F 134 3.17 69.81 -51.07
CA GLY F 134 4.06 68.88 -50.40
C GLY F 134 3.96 68.84 -48.88
N ASN F 135 3.33 69.83 -48.31
CA ASN F 135 3.13 69.91 -46.87
C ASN F 135 1.75 69.38 -46.47
N GLY F 136 1.02 68.83 -47.44
CA GLY F 136 -0.32 68.37 -47.17
C GLY F 136 -1.32 69.47 -47.45
N CYS F 137 -0.84 70.55 -48.06
CA CYS F 137 -1.72 71.62 -48.52
C CYS F 137 -1.79 71.70 -50.04
N PHE F 138 -2.99 71.94 -50.56
CA PHE F 138 -3.16 72.23 -51.98
C PHE F 138 -3.18 73.73 -52.21
N LYS F 139 -2.57 74.15 -53.32
CA LYS F 139 -2.72 75.51 -53.77
C LYS F 139 -3.76 75.53 -54.85
N ILE F 140 -4.83 76.29 -54.62
CA ILE F 140 -5.95 76.37 -55.54
C ILE F 140 -5.85 77.64 -56.35
N TYR F 141 -5.77 77.45 -57.67
CA TYR F 141 -5.38 78.50 -58.61
C TYR F 141 -6.56 79.29 -59.17
N HIS F 142 -7.74 79.09 -58.61
CA HIS F 142 -8.88 79.95 -58.94
C HIS F 142 -9.43 80.59 -57.67
N LYS F 143 -10.52 81.32 -57.78
CA LYS F 143 -11.05 82.04 -56.62
C LYS F 143 -12.05 81.16 -55.90
N CYS F 144 -11.72 80.80 -54.66
CA CYS F 144 -12.53 79.84 -53.92
C CYS F 144 -13.08 80.44 -52.64
N ASP F 145 -14.37 80.71 -52.62
CA ASP F 145 -15.02 81.26 -51.43
C ASP F 145 -15.46 80.12 -50.51
N ASN F 146 -16.06 80.47 -49.38
CA ASN F 146 -16.39 79.47 -48.38
C ASN F 146 -17.32 78.36 -48.92
N ALA F 147 -18.27 78.74 -49.77
CA ALA F 147 -19.15 77.76 -50.40
C ALA F 147 -18.35 76.76 -51.23
N CYS F 148 -17.41 77.27 -52.03
CA CYS F 148 -16.59 76.44 -52.89
C CYS F 148 -15.74 75.46 -52.05
N ILE F 149 -15.03 75.99 -51.06
CA ILE F 149 -14.28 75.13 -50.15
C ILE F 149 -15.22 74.03 -49.61
N GLY F 150 -16.37 74.44 -49.10
CA GLY F 150 -17.38 73.49 -48.67
C GLY F 150 -17.63 72.45 -49.74
N SER F 151 -17.89 72.86 -50.97
CA SER F 151 -18.14 71.87 -52.01
C SER F 151 -16.99 70.86 -52.12
N ILE F 152 -15.75 71.34 -51.95
CA ILE F 152 -14.62 70.42 -51.95
C ILE F 152 -14.78 69.45 -50.80
N ARG F 153 -15.03 69.98 -49.61
CA ARG F 153 -15.18 69.13 -48.43
C ARG F 153 -16.31 68.10 -48.55
N ASN F 154 -17.49 68.47 -49.04
CA ASN F 154 -18.60 67.50 -49.10
C ASN F 154 -18.63 66.71 -50.41
N GLY F 155 -17.56 66.86 -51.19
CA GLY F 155 -17.33 66.05 -52.37
C GLY F 155 -18.09 66.41 -53.64
N THR F 156 -18.71 67.59 -53.65
CA THR F 156 -19.52 68.00 -54.80
C THR F 156 -18.80 68.97 -55.77
N TYR F 157 -17.54 69.30 -55.48
CA TYR F 157 -16.77 70.25 -56.28
C TYR F 157 -16.77 69.88 -57.76
N ASP F 158 -17.11 70.85 -58.60
CA ASP F 158 -17.12 70.66 -60.04
C ASP F 158 -15.95 71.41 -60.64
N HIS F 159 -14.93 70.68 -61.09
CA HIS F 159 -13.65 71.30 -61.49
C HIS F 159 -13.77 72.04 -62.83
N ASP F 160 -14.66 71.54 -63.67
CA ASP F 160 -14.80 72.07 -65.02
C ASP F 160 -15.20 73.55 -65.00
N VAL F 161 -16.01 73.90 -64.00
CA VAL F 161 -16.40 75.28 -63.74
C VAL F 161 -15.21 76.21 -63.64
N TYR F 162 -14.25 75.88 -62.76
CA TYR F 162 -13.10 76.74 -62.50
C TYR F 162 -11.86 76.42 -63.36
N ARG F 163 -11.91 75.31 -64.09
CA ARG F 163 -10.76 74.86 -64.89
C ARG F 163 -10.12 75.97 -65.70
N ASP F 164 -10.92 76.74 -66.44
CA ASP F 164 -10.38 77.81 -67.29
C ASP F 164 -9.62 78.82 -66.45
N GLU F 165 -10.29 79.37 -65.45
CA GLU F 165 -9.64 80.31 -64.55
C GLU F 165 -8.34 79.74 -64.00
N ALA F 166 -8.42 78.57 -63.40
CA ALA F 166 -7.27 77.97 -62.73
C ALA F 166 -6.15 77.73 -63.72
N LEU F 167 -6.47 77.03 -64.81
CA LEU F 167 -5.50 76.76 -65.87
C LEU F 167 -4.78 78.04 -66.25
N ASN F 168 -5.55 79.10 -66.45
CA ASN F 168 -4.99 80.42 -66.72
C ASN F 168 -3.99 80.82 -65.65
N ASN F 169 -4.41 80.79 -64.38
CA ASN F 169 -3.50 81.21 -63.31
C ASN F 169 -2.30 80.30 -63.06
N ARG F 170 -2.42 79.02 -63.41
CA ARG F 170 -1.31 78.10 -63.18
C ARG F 170 -0.15 78.37 -64.13
N PHE F 171 -0.46 78.69 -65.37
CA PHE F 171 0.56 78.92 -66.38
C PHE F 171 0.51 80.36 -66.94
N ASP G 1 6.77 -41.42 -9.24
CA ASP G 1 5.85 -41.72 -8.11
C ASP G 1 6.62 -42.27 -6.92
N ILE G 2 6.02 -42.17 -5.75
CA ILE G 2 6.57 -42.79 -4.55
C ILE G 2 5.87 -44.12 -4.27
N VAL G 3 6.66 -45.18 -4.11
CA VAL G 3 6.11 -46.50 -3.76
C VAL G 3 6.07 -46.71 -2.26
N MET G 4 4.91 -47.12 -1.75
CA MET G 4 4.84 -47.53 -0.36
C MET G 4 4.74 -49.03 -0.32
N THR G 5 5.79 -49.66 0.20
CA THR G 5 5.89 -51.11 0.18
C THR G 5 5.53 -51.73 1.53
N GLN G 6 4.43 -52.48 1.55
CA GLN G 6 4.11 -53.31 2.70
C GLN G 6 4.38 -54.74 2.27
N SER G 7 5.49 -55.30 2.73
CA SER G 7 5.97 -56.58 2.23
C SER G 7 5.19 -57.74 2.79
N GLN G 8 4.50 -57.52 3.90
CA GLN G 8 3.70 -58.56 4.51
C GLN G 8 2.27 -58.50 4.03
N LYS G 9 1.86 -59.50 3.25
CA LYS G 9 0.49 -59.56 2.77
C LYS G 9 -0.39 -60.11 3.89
N PHE G 10 0.18 -61.00 4.70
CA PHE G 10 -0.53 -61.61 5.82
C PHE G 10 0.36 -61.64 7.07
N MET G 11 -0.23 -61.30 8.21
CA MET G 11 0.48 -61.40 9.49
C MET G 11 -0.20 -62.41 10.39
N SER G 12 0.57 -63.16 11.16
CA SER G 12 0.01 -64.10 12.11
C SER G 12 0.32 -63.63 13.51
N THR G 13 -0.71 -63.57 14.35
CA THR G 13 -0.55 -63.21 15.75
C THR G 13 -1.62 -63.90 16.59
N SER G 14 -1.49 -63.84 17.92
CA SER G 14 -2.53 -64.37 18.79
C SER G 14 -3.07 -63.30 19.73
N VAL G 15 -4.33 -63.45 20.17
CA VAL G 15 -4.98 -62.42 20.98
C VAL G 15 -4.14 -62.11 22.20
N GLY G 16 -4.07 -60.82 22.56
CA GLY G 16 -3.30 -60.40 23.72
C GLY G 16 -1.82 -60.22 23.41
N ASP G 17 -1.39 -60.77 22.27
CA ASP G 17 0.01 -60.71 21.87
C ASP G 17 0.28 -59.39 21.15
N ARG G 18 1.53 -59.18 20.72
CA ARG G 18 1.91 -57.93 20.06
C ARG G 18 2.21 -58.19 18.59
N VAL G 19 1.81 -57.25 17.72
CA VAL G 19 2.04 -57.39 16.27
C VAL G 19 2.49 -56.08 15.61
N SER G 20 3.40 -56.18 14.65
CA SER G 20 3.92 -55.02 13.95
C SER G 20 3.82 -55.17 12.43
N VAL G 21 3.21 -54.17 11.77
CA VAL G 21 3.20 -54.09 10.31
C VAL G 21 4.22 -53.07 9.83
N THR G 22 5.01 -53.46 8.84
CA THR G 22 6.03 -52.57 8.30
C THR G 22 5.60 -51.97 6.97
N CYS G 23 6.02 -50.73 6.72
CA CYS G 23 5.79 -50.06 5.46
C CYS G 23 7.05 -49.28 5.11
N LYS G 24 7.60 -49.46 3.92
CA LYS G 24 8.79 -48.71 3.53
C LYS G 24 8.58 -47.81 2.30
N ALA G 25 8.69 -46.51 2.51
CA ALA G 25 8.64 -45.57 1.41
C ALA G 25 9.89 -45.75 0.56
N SER G 26 9.75 -45.57 -0.75
CA SER G 26 10.87 -45.77 -1.68
C SER G 26 11.72 -44.52 -1.83
N GLN G 27 11.38 -43.47 -1.09
CA GLN G 27 12.17 -42.25 -1.05
C GLN G 27 11.54 -41.32 -0.04
N ASN G 28 12.29 -40.32 0.41
CA ASN G 28 11.90 -39.63 1.63
C ASN G 28 10.47 -39.06 1.61
N VAL G 29 9.63 -39.52 2.53
CA VAL G 29 8.33 -38.93 2.80
C VAL G 29 8.32 -38.10 4.09
N ASP G 30 9.49 -37.93 4.71
CA ASP G 30 9.58 -37.35 6.03
C ASP G 30 8.70 -38.13 6.97
N THR G 31 8.02 -37.46 7.88
CA THR G 31 7.13 -38.13 8.82
C THR G 31 5.65 -38.09 8.39
N ASN G 32 5.35 -37.67 7.16
CA ASN G 32 3.94 -37.62 6.78
C ASN G 32 3.52 -38.96 6.22
N VAL G 33 2.93 -39.77 7.10
CA VAL G 33 2.45 -41.09 6.75
C VAL G 33 1.27 -41.39 7.65
N ALA G 34 0.22 -41.98 7.08
CA ALA G 34 -0.96 -42.30 7.86
C ALA G 34 -1.24 -43.78 7.76
N TRP G 35 -1.90 -44.29 8.79
CA TRP G 35 -2.26 -45.69 8.85
C TRP G 35 -3.77 -45.78 8.96
N TYR G 36 -4.36 -46.61 8.09
CA TYR G 36 -5.79 -46.83 8.08
C TYR G 36 -6.12 -48.31 8.23
N GLN G 37 -7.25 -48.56 8.89
CA GLN G 37 -7.75 -49.91 9.13
C GLN G 37 -9.01 -50.16 8.31
N GLU G 38 -8.97 -51.12 7.39
CA GLU G 38 -10.18 -51.51 6.68
C GLU G 38 -10.66 -52.88 7.13
N LYS G 39 -11.79 -52.88 7.86
CA LYS G 39 -12.42 -54.11 8.33
C LYS G 39 -13.23 -54.68 7.18
N PRO G 40 -13.65 -55.95 7.29
CA PRO G 40 -14.39 -56.51 6.16
C PRO G 40 -15.70 -55.75 5.90
N GLY G 41 -15.91 -55.34 4.66
CA GLY G 41 -17.19 -54.79 4.24
C GLY G 41 -17.46 -53.37 4.71
N GLN G 42 -16.66 -52.86 5.64
CA GLN G 42 -16.80 -51.46 6.05
C GLN G 42 -15.86 -50.53 5.26
N SER G 43 -15.97 -49.23 5.49
CA SER G 43 -15.08 -48.30 4.81
C SER G 43 -13.83 -48.14 5.66
N PRO G 44 -12.72 -47.73 5.04
CA PRO G 44 -11.49 -47.52 5.78
C PRO G 44 -11.69 -46.60 6.97
N LYS G 45 -10.94 -46.83 8.04
CA LYS G 45 -11.02 -45.99 9.22
C LYS G 45 -9.62 -45.51 9.54
N THR G 46 -9.51 -44.33 10.13
CA THR G 46 -8.21 -43.72 10.35
C THR G 46 -7.63 -44.07 11.70
N LEU G 47 -6.38 -44.53 11.67
CA LEU G 47 -5.65 -44.93 12.86
C LEU G 47 -4.57 -43.94 13.21
N ILE G 48 -3.61 -43.77 12.30
CA ILE G 48 -2.42 -42.95 12.61
C ILE G 48 -2.09 -41.86 11.58
N TYR G 49 -1.56 -40.74 12.06
CA TYR G 49 -1.06 -39.68 11.20
C TYR G 49 0.23 -39.08 11.75
N SER G 50 1.01 -38.40 10.91
CA SER G 50 2.34 -37.90 11.27
C SER G 50 3.21 -39.07 11.72
N ALA G 51 2.78 -40.25 11.33
CA ALA G 51 3.47 -41.53 11.51
C ALA G 51 3.49 -42.03 12.94
N SER G 52 3.49 -41.12 13.91
CA SER G 52 3.43 -41.50 15.33
C SER G 52 2.13 -41.15 16.06
N ASN G 53 1.20 -40.44 15.41
CA ASN G 53 0.12 -39.81 16.17
C ASN G 53 -1.23 -40.52 16.11
N ARG G 54 -1.82 -40.67 17.28
CA ARG G 54 -3.08 -41.38 17.43
C ARG G 54 -4.24 -40.47 17.06
N TYR G 55 -5.04 -40.89 16.09
CA TYR G 55 -6.23 -40.15 15.72
C TYR G 55 -7.26 -40.35 16.80
N SER G 56 -8.10 -39.33 17.05
CA SER G 56 -9.02 -39.38 18.19
C SER G 56 -9.98 -40.56 18.11
N GLY G 57 -10.21 -41.21 19.26
CA GLY G 57 -11.13 -42.33 19.35
C GLY G 57 -10.42 -43.66 19.14
N VAL G 58 -9.14 -43.60 18.86
CA VAL G 58 -8.37 -44.81 18.59
C VAL G 58 -7.74 -45.29 19.89
N PRO G 59 -7.94 -46.57 20.21
CA PRO G 59 -7.39 -47.19 21.42
C PRO G 59 -5.88 -47.02 21.53
N ASP G 60 -5.37 -47.05 22.74
CA ASP G 60 -3.94 -46.82 22.98
C ASP G 60 -3.10 -48.00 22.50
N ARG G 61 -3.75 -49.10 22.11
CA ARG G 61 -3.05 -50.29 21.63
C ARG G 61 -2.24 -49.98 20.39
N PHE G 62 -2.86 -49.21 19.49
CA PHE G 62 -2.25 -48.84 18.22
C PHE G 62 -1.25 -47.71 18.39
N THR G 63 0.00 -47.96 18.03
CA THR G 63 1.02 -46.92 18.03
C THR G 63 1.84 -46.95 16.74
N GLY G 64 2.01 -45.80 16.11
CA GLY G 64 2.86 -45.71 14.94
C GLY G 64 4.28 -45.30 15.29
N SER G 65 5.24 -45.72 14.49
CA SER G 65 6.60 -45.23 14.64
C SER G 65 7.24 -45.07 13.27
N ALA G 66 8.32 -44.29 13.25
CA ALA G 66 9.08 -44.07 12.02
C ALA G 66 10.57 -43.96 12.30
N SER G 67 11.36 -44.64 11.48
CA SER G 67 12.79 -44.42 11.43
C SER G 67 13.19 -44.30 9.97
N GLY G 68 13.68 -43.13 9.57
CA GLY G 68 14.04 -42.92 8.18
C GLY G 68 12.85 -43.15 7.26
N THR G 69 13.03 -44.01 6.26
CA THR G 69 11.95 -44.34 5.34
C THR G 69 11.15 -45.53 5.82
N ASP G 70 11.49 -46.02 7.01
CA ASP G 70 10.80 -47.18 7.59
C ASP G 70 9.69 -46.75 8.55
N PHE G 71 8.46 -47.17 8.25
CA PHE G 71 7.33 -46.87 9.11
C PHE G 71 6.73 -48.14 9.64
N THR G 72 6.36 -48.12 10.91
CA THR G 72 5.83 -49.30 11.56
C THR G 72 4.57 -49.00 12.34
N LEU G 73 3.53 -49.80 12.10
CA LEU G 73 2.31 -49.75 12.90
C LEU G 73 2.36 -50.91 13.87
N THR G 74 2.38 -50.61 15.15
CA THR G 74 2.43 -51.63 16.19
C THR G 74 1.16 -51.68 17.02
N ILE G 75 0.55 -52.86 17.06
CA ILE G 75 -0.58 -53.11 17.95
C ILE G 75 -0.12 -54.01 19.08
N THR G 76 -0.28 -53.54 20.31
CA THR G 76 -0.03 -54.39 21.48
C THR G 76 -1.38 -54.83 22.06
N ASN G 77 -1.41 -56.05 22.60
CA ASN G 77 -2.64 -56.61 23.15
C ASN G 77 -3.73 -56.76 22.09
N VAL G 78 -3.39 -57.42 20.99
CA VAL G 78 -4.33 -57.61 19.89
C VAL G 78 -5.63 -58.19 20.39
N GLN G 79 -6.75 -57.57 20.02
CA GLN G 79 -8.06 -58.09 20.34
C GLN G 79 -8.64 -58.78 19.13
N SER G 80 -9.81 -59.39 19.29
CA SER G 80 -10.42 -60.14 18.19
C SER G 80 -11.07 -59.20 17.16
N GLU G 81 -11.51 -58.03 17.63
CA GLU G 81 -12.10 -57.03 16.77
C GLU G 81 -11.04 -56.36 15.87
N ASP G 82 -9.78 -56.70 16.11
CA ASP G 82 -8.65 -56.13 15.38
C ASP G 82 -8.39 -56.87 14.07
N LEU G 83 -9.26 -57.83 13.75
CA LEU G 83 -9.06 -58.60 12.55
C LEU G 83 -9.49 -57.71 11.39
N ALA G 84 -8.54 -57.37 10.52
CA ALA G 84 -8.79 -56.43 9.43
C ALA G 84 -7.60 -56.32 8.49
N GLU G 85 -7.70 -55.45 7.49
CA GLU G 85 -6.58 -55.17 6.60
C GLU G 85 -6.03 -53.77 6.89
N TYR G 86 -4.70 -53.65 6.87
CA TYR G 86 -4.05 -52.41 7.28
C TYR G 86 -3.28 -51.73 6.15
N PHE G 87 -3.65 -50.49 5.85
CA PHE G 87 -3.04 -49.75 4.76
C PHE G 87 -2.22 -48.60 5.30
N CYS G 88 -1.05 -48.35 4.71
CA CYS G 88 -0.31 -47.14 5.02
C CYS G 88 -0.31 -46.19 3.81
N GLN G 89 -0.28 -44.89 4.08
CA GLN G 89 -0.33 -43.92 3.00
C GLN G 89 0.71 -42.84 3.23
N GLN G 90 1.45 -42.49 2.19
CA GLN G 90 2.30 -41.30 2.21
C GLN G 90 1.48 -40.17 1.64
N TYR G 91 1.21 -39.16 2.44
CA TYR G 91 0.55 -37.95 1.97
C TYR G 91 1.55 -36.82 1.69
N ASN G 92 2.84 -37.14 1.74
CA ASN G 92 3.89 -36.15 1.55
C ASN G 92 3.78 -35.36 0.24
N SER G 93 3.67 -36.04 -0.89
CA SER G 93 3.61 -35.35 -2.17
C SER G 93 2.64 -36.06 -3.13
N TYR G 94 2.19 -35.37 -4.19
CA TYR G 94 1.31 -35.97 -5.17
C TYR G 94 2.13 -36.76 -6.19
N PRO G 95 1.57 -37.87 -6.70
CA PRO G 95 0.29 -38.42 -6.25
C PRO G 95 0.40 -39.15 -4.94
N TYR G 96 -0.64 -39.06 -4.13
CA TYR G 96 -0.73 -39.86 -2.91
C TYR G 96 -0.67 -41.33 -3.29
N THR G 97 0.19 -42.08 -2.60
CA THR G 97 0.29 -43.51 -2.85
C THR G 97 0.03 -44.31 -1.59
N PHE G 98 -0.37 -45.57 -1.77
CA PHE G 98 -0.71 -46.46 -0.67
C PHE G 98 0.15 -47.73 -0.67
N GLY G 99 0.14 -48.42 0.46
CA GLY G 99 0.78 -49.72 0.58
C GLY G 99 -0.15 -50.83 0.12
N GLY G 100 0.42 -52.00 -0.13
CA GLY G 100 -0.34 -53.12 -0.66
C GLY G 100 -1.45 -53.56 0.27
N GLY G 101 -1.28 -53.28 1.55
CA GLY G 101 -2.19 -53.74 2.57
C GLY G 101 -1.63 -54.98 3.24
N THR G 102 -1.86 -55.09 4.54
CA THR G 102 -1.45 -56.25 5.33
C THR G 102 -2.63 -56.80 6.12
N LYS G 103 -3.04 -58.01 5.79
CA LYS G 103 -4.17 -58.63 6.47
C LYS G 103 -3.67 -59.28 7.74
N LEU G 104 -4.25 -58.87 8.86
CA LEU G 104 -3.90 -59.44 10.17
C LEU G 104 -4.69 -60.73 10.38
N GLU G 105 -3.97 -61.78 10.72
CA GLU G 105 -4.58 -63.10 10.89
C GLU G 105 -4.29 -63.66 12.28
N ILE G 106 -5.30 -64.31 12.83
CA ILE G 106 -5.23 -64.84 14.18
C ILE G 106 -5.10 -66.34 14.30
N LYS G 107 -4.30 -66.74 15.29
CA LYS G 107 -4.21 -68.13 15.68
C LYS G 107 -4.81 -68.35 17.08
N ARG G 108 -5.74 -69.30 17.14
CA ARG G 108 -6.46 -69.61 18.36
C ARG G 108 -6.37 -71.12 18.62
N ALA G 109 -7.03 -71.60 19.67
CA ALA G 109 -7.07 -73.04 19.96
C ALA G 109 -7.86 -73.77 18.88
N ASP G 110 -7.44 -74.98 18.57
CA ASP G 110 -8.16 -75.82 17.62
C ASP G 110 -9.63 -75.86 18.02
N ALA G 111 -10.54 -75.79 17.05
CA ALA G 111 -11.96 -75.88 17.38
C ALA G 111 -12.68 -76.76 16.39
N ALA G 112 -13.73 -77.42 16.86
CA ALA G 112 -14.44 -78.41 16.07
C ALA G 112 -15.44 -77.75 15.11
N PRO G 113 -15.46 -78.24 13.87
CA PRO G 113 -16.32 -77.73 12.79
C PRO G 113 -17.77 -78.17 13.00
N THR G 114 -18.57 -77.36 13.68
CA THR G 114 -19.96 -77.73 13.92
C THR G 114 -20.61 -77.94 12.56
N VAL G 115 -21.16 -79.11 12.30
CA VAL G 115 -21.67 -79.39 10.96
C VAL G 115 -23.19 -79.45 10.88
N SER G 116 -23.73 -78.83 9.83
CA SER G 116 -25.17 -78.90 9.57
C SER G 116 -25.40 -79.19 8.09
N ILE G 117 -26.32 -80.10 7.78
CA ILE G 117 -26.68 -80.39 6.38
C ILE G 117 -28.11 -79.95 6.11
N PHE G 118 -28.39 -79.50 4.88
CA PHE G 118 -29.72 -79.05 4.51
C PHE G 118 -30.13 -79.61 3.16
N PRO G 119 -31.36 -80.13 3.07
CA PRO G 119 -31.96 -80.64 1.84
C PRO G 119 -32.53 -79.51 1.02
N PRO G 120 -32.72 -79.76 -0.28
CA PRO G 120 -33.38 -78.82 -1.18
C PRO G 120 -34.69 -78.32 -0.60
N SER G 121 -35.03 -77.06 -0.89
CA SER G 121 -36.30 -76.48 -0.47
C SER G 121 -37.40 -76.82 -1.47
N SER G 122 -38.61 -76.38 -1.17
CA SER G 122 -39.74 -76.62 -2.06
C SER G 122 -39.71 -75.71 -3.29
N GLU G 123 -39.58 -74.41 -3.05
CA GLU G 123 -39.61 -73.41 -4.13
C GLU G 123 -38.61 -73.73 -5.23
N GLN G 124 -37.50 -74.34 -4.84
CA GLN G 124 -36.43 -74.64 -5.77
C GLN G 124 -36.79 -75.88 -6.60
N LEU G 125 -37.37 -76.89 -5.97
CA LEU G 125 -37.77 -78.09 -6.69
C LEU G 125 -38.92 -77.80 -7.64
N THR G 126 -39.80 -76.89 -7.24
CA THR G 126 -40.83 -76.41 -8.15
C THR G 126 -40.18 -75.65 -9.30
N SER G 127 -38.99 -75.11 -9.07
CA SER G 127 -38.24 -74.42 -10.12
C SER G 127 -37.40 -75.36 -11.00
N GLY G 128 -37.14 -76.58 -10.54
CA GLY G 128 -36.47 -77.58 -11.37
C GLY G 128 -35.04 -77.92 -11.04
N GLY G 129 -34.42 -77.15 -10.15
CA GLY G 129 -33.10 -77.49 -9.62
C GLY G 129 -33.20 -78.00 -8.19
N ALA G 130 -32.12 -78.59 -7.68
CA ALA G 130 -32.07 -78.93 -6.26
C ALA G 130 -30.66 -78.79 -5.69
N SER G 131 -30.53 -78.17 -4.52
CA SER G 131 -29.22 -77.88 -3.98
C SER G 131 -29.09 -78.35 -2.54
N VAL G 132 -28.21 -79.31 -2.31
CA VAL G 132 -27.91 -79.79 -0.96
C VAL G 132 -26.86 -78.89 -0.32
N VAL G 133 -27.17 -78.28 0.82
CA VAL G 133 -26.25 -77.35 1.43
C VAL G 133 -25.64 -77.88 2.72
N CYS G 134 -24.34 -77.68 2.91
CA CYS G 134 -23.69 -78.18 4.11
C CYS G 134 -22.85 -77.06 4.72
N PHE G 135 -23.17 -76.67 5.95
CA PHE G 135 -22.41 -75.64 6.64
C PHE G 135 -21.43 -76.29 7.62
N LEU G 136 -20.17 -75.88 7.56
CA LEU G 136 -19.16 -76.28 8.54
C LEU G 136 -18.74 -75.05 9.32
N ASN G 137 -19.17 -74.94 10.57
CA ASN G 137 -19.06 -73.67 11.28
C ASN G 137 -18.13 -73.62 12.45
N ASN G 138 -17.43 -72.50 12.52
CA ASN G 138 -16.57 -72.14 13.63
C ASN G 138 -15.54 -73.19 13.96
N PHE G 139 -14.55 -73.33 13.09
CA PHE G 139 -13.48 -74.28 13.33
C PHE G 139 -12.13 -73.59 13.22
N TYR G 140 -11.07 -74.35 13.47
CA TYR G 140 -9.71 -73.84 13.44
C TYR G 140 -8.76 -74.99 13.67
N PRO G 141 -7.63 -75.01 12.94
CA PRO G 141 -7.22 -74.01 11.94
C PRO G 141 -8.02 -74.04 10.64
N LYS G 142 -7.67 -73.14 9.71
CA LYS G 142 -8.44 -72.93 8.49
C LYS G 142 -8.51 -74.18 7.63
N ASP G 143 -7.39 -74.91 7.55
CA ASP G 143 -7.32 -76.10 6.70
C ASP G 143 -8.42 -77.07 7.08
N ILE G 144 -9.23 -77.47 6.10
CA ILE G 144 -10.31 -78.40 6.34
C ILE G 144 -10.64 -79.16 5.08
N ASN G 145 -11.23 -80.34 5.23
CA ASN G 145 -11.71 -81.04 4.05
C ASN G 145 -13.13 -81.59 4.16
N VAL G 146 -13.93 -81.31 3.13
CA VAL G 146 -15.32 -81.74 3.08
C VAL G 146 -15.56 -82.66 1.87
N LYS G 147 -16.15 -83.81 2.16
CA LYS G 147 -16.43 -84.82 1.15
C LYS G 147 -17.94 -85.07 1.06
N TRP G 148 -18.47 -85.05 -0.17
CA TRP G 148 -19.90 -85.29 -0.41
C TRP G 148 -20.20 -86.74 -0.79
N LYS G 149 -21.18 -87.34 -0.10
CA LYS G 149 -21.54 -88.73 -0.36
C LYS G 149 -23.03 -88.90 -0.67
N ILE G 150 -23.31 -89.55 -1.79
CA ILE G 150 -24.67 -89.87 -2.21
C ILE G 150 -24.87 -91.39 -2.25
N ASP G 151 -25.72 -91.90 -1.35
CA ASP G 151 -25.95 -93.34 -1.20
C ASP G 151 -24.65 -94.05 -0.78
N GLY G 152 -23.73 -93.30 -0.18
CA GLY G 152 -22.44 -93.83 0.24
C GLY G 152 -21.35 -93.76 -0.83
N SER G 153 -21.65 -93.11 -1.95
CA SER G 153 -20.71 -92.99 -3.07
C SER G 153 -20.17 -91.57 -3.23
N GLU G 154 -18.85 -91.44 -3.29
CA GLU G 154 -18.24 -90.12 -3.38
C GLU G 154 -18.70 -89.37 -4.63
N ARG G 155 -18.91 -88.07 -4.49
CA ARG G 155 -19.34 -87.21 -5.59
C ARG G 155 -18.60 -85.87 -5.57
N GLN G 156 -17.80 -85.58 -6.61
CA GLN G 156 -17.16 -84.26 -6.75
C GLN G 156 -17.85 -83.30 -7.75
N ASN G 157 -18.87 -83.78 -8.45
CA ASN G 157 -19.43 -83.02 -9.57
C ASN G 157 -20.57 -82.10 -9.16
N GLY G 158 -20.31 -80.79 -9.22
CA GLY G 158 -21.32 -79.79 -8.91
C GLY G 158 -21.18 -79.16 -7.52
N VAL G 159 -20.04 -79.37 -6.88
CA VAL G 159 -19.76 -78.79 -5.56
C VAL G 159 -19.36 -77.32 -5.69
N LEU G 160 -19.78 -76.49 -4.73
CA LEU G 160 -19.41 -75.07 -4.70
C LEU G 160 -19.00 -74.68 -3.28
N ASN G 161 -17.76 -74.24 -3.11
CA ASN G 161 -17.23 -73.98 -1.79
C ASN G 161 -16.96 -72.49 -1.51
N SER G 162 -17.39 -72.02 -0.34
CA SER G 162 -17.15 -70.63 0.06
C SER G 162 -16.62 -70.53 1.48
N TRP G 163 -15.48 -69.89 1.65
CA TRP G 163 -14.88 -69.74 2.97
C TRP G 163 -15.05 -68.30 3.35
N THR G 164 -15.04 -68.03 4.66
CA THR G 164 -15.31 -66.69 5.16
C THR G 164 -14.04 -66.12 5.76
N ASP G 165 -13.98 -64.80 5.84
CA ASP G 165 -12.90 -64.15 6.56
C ASP G 165 -12.94 -64.66 7.99
N GLN G 166 -11.76 -64.83 8.58
CA GLN G 166 -11.67 -65.34 9.94
C GLN G 166 -12.57 -64.51 10.85
N ASP G 167 -13.36 -65.16 11.70
CA ASP G 167 -14.39 -64.47 12.50
C ASP G 167 -13.81 -63.43 13.47
N SER G 168 -14.50 -62.31 13.61
CA SER G 168 -14.02 -61.20 14.41
C SER G 168 -14.30 -61.37 15.91
N LYS G 169 -15.17 -62.31 16.24
CA LYS G 169 -15.49 -62.58 17.63
C LYS G 169 -14.63 -63.72 18.17
N ASP G 170 -14.85 -64.93 17.66
CA ASP G 170 -14.16 -66.11 18.20
C ASP G 170 -12.91 -66.51 17.40
N SER G 171 -12.62 -65.78 16.33
CA SER G 171 -11.44 -66.02 15.50
C SER G 171 -11.45 -67.36 14.75
N THR G 172 -12.63 -67.87 14.43
CA THR G 172 -12.73 -69.16 13.75
C THR G 172 -13.24 -69.03 12.32
N TYR G 173 -12.56 -69.69 11.38
CA TYR G 173 -13.09 -69.82 10.02
C TYR G 173 -14.32 -70.72 9.97
N SER G 174 -15.20 -70.44 9.01
CA SER G 174 -16.35 -71.31 8.72
C SER G 174 -16.41 -71.39 7.20
N MET G 175 -17.13 -72.37 6.66
CA MET G 175 -17.27 -72.48 5.21
C MET G 175 -18.58 -73.11 4.81
N SER G 176 -19.12 -72.67 3.68
CA SER G 176 -20.37 -73.20 3.18
C SER G 176 -20.08 -74.00 1.91
N SER G 177 -20.57 -75.22 1.88
CA SER G 177 -20.43 -76.04 0.70
C SER G 177 -21.80 -76.38 0.15
N THR G 178 -22.10 -75.90 -1.06
CA THR G 178 -23.36 -76.21 -1.69
C THR G 178 -23.11 -77.29 -2.72
N LEU G 179 -24.07 -78.21 -2.87
CA LEU G 179 -23.99 -79.30 -3.84
C LEU G 179 -25.23 -79.22 -4.70
N THR G 180 -25.05 -78.98 -6.00
CA THR G 180 -26.19 -78.73 -6.87
C THR G 180 -26.43 -79.84 -7.88
N LEU G 181 -27.72 -80.12 -8.10
CA LEU G 181 -28.13 -81.12 -9.07
C LEU G 181 -29.46 -80.76 -9.69
N THR G 182 -29.85 -81.57 -10.65
CA THR G 182 -31.14 -81.44 -11.31
C THR G 182 -32.20 -82.07 -10.43
N LYS G 183 -33.44 -81.60 -10.57
CA LYS G 183 -34.55 -82.16 -9.80
C LYS G 183 -34.68 -83.68 -10.01
N ASP G 184 -34.70 -84.12 -11.26
CA ASP G 184 -34.88 -85.53 -11.58
C ASP G 184 -33.75 -86.40 -11.02
N GLU G 185 -32.54 -85.85 -10.98
CA GLU G 185 -31.39 -86.61 -10.48
C GLU G 185 -31.42 -86.75 -8.96
N TYR G 186 -31.91 -85.73 -8.28
CA TYR G 186 -31.98 -85.73 -6.82
C TYR G 186 -33.03 -86.72 -6.32
N GLU G 187 -34.09 -86.88 -7.11
CA GLU G 187 -35.13 -87.85 -6.82
C GLU G 187 -34.68 -89.26 -7.20
N ARG G 188 -33.63 -89.35 -8.02
CA ARG G 188 -33.10 -90.63 -8.46
C ARG G 188 -32.28 -91.36 -7.38
N HIS G 189 -32.03 -90.71 -6.25
CA HIS G 189 -31.29 -91.34 -5.14
C HIS G 189 -31.95 -91.04 -3.80
N ASN G 190 -31.41 -91.59 -2.72
CA ASN G 190 -32.05 -91.49 -1.41
C ASN G 190 -31.21 -90.79 -0.35
N SER G 191 -30.08 -91.41 0.00
CA SER G 191 -29.17 -90.88 1.01
C SER G 191 -28.28 -89.74 0.49
N TYR G 192 -28.18 -88.66 1.29
CA TYR G 192 -27.23 -87.58 1.01
C TYR G 192 -26.42 -87.25 2.24
N THR G 193 -25.11 -87.12 2.07
CA THR G 193 -24.23 -86.98 3.23
C THR G 193 -23.10 -86.02 2.99
N CYS G 194 -22.64 -85.36 4.05
CA CYS G 194 -21.34 -84.68 3.99
C CYS G 194 -20.45 -85.05 5.19
N GLU G 195 -19.17 -85.28 4.87
CA GLU G 195 -18.16 -85.65 5.85
C GLU G 195 -17.10 -84.56 5.93
N ALA G 196 -16.85 -84.09 7.15
CA ALA G 196 -15.84 -83.08 7.37
C ALA G 196 -14.65 -83.66 8.14
N THR G 197 -13.53 -83.80 7.43
CA THR G 197 -12.29 -84.25 8.05
C THR G 197 -11.47 -83.02 8.41
N HIS G 198 -11.05 -82.97 9.67
CA HIS G 198 -10.37 -81.81 10.20
C HIS G 198 -9.32 -82.26 11.22
N LYS G 199 -8.56 -81.30 11.72
CA LYS G 199 -7.49 -81.58 12.68
C LYS G 199 -8.04 -81.96 14.05
N THR G 200 -9.30 -81.61 14.29
CA THR G 200 -9.88 -81.72 15.64
C THR G 200 -10.34 -83.14 15.98
N SER G 201 -10.46 -83.97 14.96
CA SER G 201 -10.84 -85.36 15.17
C SER G 201 -10.08 -86.23 14.17
N THR G 202 -9.66 -87.41 14.63
CA THR G 202 -8.89 -88.33 13.82
C THR G 202 -9.73 -88.85 12.65
N SER G 203 -11.04 -88.99 12.89
CA SER G 203 -11.98 -89.48 11.89
C SER G 203 -13.02 -88.42 11.49
N PRO G 204 -13.57 -88.54 10.28
CA PRO G 204 -14.50 -87.55 9.71
C PRO G 204 -15.76 -87.28 10.55
N ILE G 205 -16.20 -86.02 10.59
CA ILE G 205 -17.48 -85.66 11.22
C ILE G 205 -18.58 -85.73 10.17
N VAL G 206 -19.49 -86.69 10.36
CA VAL G 206 -20.43 -87.03 9.32
C VAL G 206 -21.85 -86.55 9.62
N LYS G 207 -22.41 -85.74 8.72
CA LYS G 207 -23.82 -85.37 8.84
C LYS G 207 -24.51 -85.84 7.57
N SER G 208 -25.75 -86.29 7.70
CA SER G 208 -26.46 -86.85 6.57
C SER G 208 -27.98 -86.85 6.71
N PHE G 209 -28.67 -86.96 5.59
CA PHE G 209 -30.13 -87.05 5.60
C PHE G 209 -30.66 -87.94 4.49
N ASN G 210 -31.90 -88.39 4.69
CA ASN G 210 -32.52 -89.32 3.76
C ASN G 210 -33.95 -88.90 3.38
N ARG G 211 -34.31 -89.14 2.12
CA ARG G 211 -35.63 -88.81 1.61
C ARG G 211 -36.71 -89.74 2.16
N PCA H 1 -22.41 -34.20 12.92
CA PCA H 1 -21.17 -35.03 12.76
CB PCA H 1 -21.39 -36.43 13.28
CG PCA H 1 -22.74 -36.43 13.95
CD PCA H 1 -23.33 -35.10 13.60
OE PCA H 1 -24.48 -34.78 13.91
C PCA H 1 -20.86 -35.09 11.29
O PCA H 1 -21.79 -35.09 10.47
N VAL H 2 -19.58 -35.12 10.91
CA VAL H 2 -19.22 -35.01 9.50
C VAL H 2 -19.62 -36.28 8.77
N GLN H 3 -20.30 -36.12 7.65
CA GLN H 3 -20.75 -37.27 6.87
C GLN H 3 -20.60 -37.05 5.38
N LEU H 4 -20.04 -38.06 4.70
CA LEU H 4 -19.92 -38.07 3.24
C LEU H 4 -20.79 -39.18 2.65
N GLN H 5 -21.88 -38.80 1.99
CA GLN H 5 -22.86 -39.74 1.48
C GLN H 5 -22.68 -39.97 -0.02
N GLN H 6 -22.22 -41.16 -0.40
CA GLN H 6 -22.01 -41.46 -1.81
C GLN H 6 -23.26 -42.02 -2.45
N SER H 7 -23.21 -42.26 -3.75
CA SER H 7 -24.42 -42.64 -4.48
C SER H 7 -24.57 -44.16 -4.55
N GLY H 8 -25.65 -44.60 -5.16
CA GLY H 8 -25.97 -46.03 -5.21
C GLY H 8 -25.02 -46.82 -6.08
N THR H 9 -25.14 -48.15 -6.01
CA THR H 9 -24.30 -49.03 -6.81
C THR H 9 -24.58 -48.78 -8.26
N GLU H 10 -23.63 -49.09 -9.13
CA GLU H 10 -23.81 -48.85 -10.55
C GLU H 10 -23.37 -50.02 -11.41
N LEU H 11 -24.15 -50.30 -12.44
CA LEU H 11 -23.83 -51.30 -13.45
C LEU H 11 -23.81 -50.58 -14.80
N LYS H 12 -22.76 -50.78 -15.60
CA LYS H 12 -22.62 -50.06 -16.85
C LYS H 12 -21.98 -50.90 -17.94
N LYS H 13 -22.49 -50.77 -19.16
CA LYS H 13 -21.96 -51.49 -20.31
C LYS H 13 -20.64 -50.86 -20.70
N PRO H 14 -19.70 -51.66 -21.22
CA PRO H 14 -18.38 -51.14 -21.61
C PRO H 14 -18.46 -50.02 -22.65
N GLY H 15 -17.69 -48.96 -22.44
CA GLY H 15 -17.67 -47.86 -23.37
C GLY H 15 -18.58 -46.72 -22.94
N ALA H 16 -19.45 -46.98 -21.97
CA ALA H 16 -20.32 -45.93 -21.44
C ALA H 16 -19.57 -45.09 -20.42
N SER H 17 -20.30 -44.22 -19.74
CA SER H 17 -19.72 -43.39 -18.69
C SER H 17 -20.62 -43.37 -17.46
N VAL H 18 -20.06 -43.00 -16.31
CA VAL H 18 -20.81 -42.99 -15.07
C VAL H 18 -20.45 -41.77 -14.23
N LYS H 19 -21.46 -41.20 -13.55
CA LYS H 19 -21.21 -40.10 -12.63
C LYS H 19 -21.57 -40.50 -11.19
N ILE H 20 -20.56 -40.57 -10.32
CA ILE H 20 -20.73 -40.91 -8.92
C ILE H 20 -20.77 -39.63 -8.11
N SER H 21 -21.62 -39.57 -7.09
CA SER H 21 -21.76 -38.34 -6.32
C SER H 21 -21.30 -38.57 -4.90
N CYS H 22 -20.79 -37.51 -4.28
CA CYS H 22 -20.40 -37.52 -2.87
C CYS H 22 -21.03 -36.30 -2.20
N LYS H 23 -21.95 -36.52 -1.27
CA LYS H 23 -22.68 -35.42 -0.66
C LYS H 23 -22.12 -35.15 0.73
N ALA H 24 -21.56 -33.96 0.92
CA ALA H 24 -20.89 -33.61 2.18
C ALA H 24 -21.84 -32.88 3.10
N THR H 25 -21.91 -33.34 4.35
CA THR H 25 -22.75 -32.69 5.36
C THR H 25 -22.02 -32.61 6.70
N GLY H 26 -22.33 -31.58 7.48
CA GLY H 26 -21.82 -31.47 8.84
C GLY H 26 -20.50 -30.73 8.96
N TYR H 27 -20.12 -30.03 7.91
CA TYR H 27 -18.97 -29.13 7.96
C TYR H 27 -19.14 -28.13 6.84
N THR H 28 -18.46 -26.99 6.92
CA THR H 28 -18.55 -26.02 5.85
C THR H 28 -17.98 -26.63 4.57
N PHE H 29 -18.79 -26.68 3.52
CA PHE H 29 -18.46 -27.49 2.35
C PHE H 29 -17.20 -27.03 1.64
N SER H 30 -16.97 -25.74 1.67
CA SER H 30 -15.95 -25.10 0.86
C SER H 30 -14.57 -25.09 1.53
N SER H 31 -14.50 -25.56 2.77
CA SER H 31 -13.28 -25.39 3.54
C SER H 31 -12.31 -26.56 3.39
N TYR H 32 -12.65 -27.55 2.56
CA TYR H 32 -11.87 -28.78 2.51
C TYR H 32 -11.83 -29.41 1.13
N TRP H 33 -10.69 -30.00 0.76
CA TRP H 33 -10.61 -30.75 -0.49
C TRP H 33 -11.57 -31.95 -0.42
N ILE H 34 -11.96 -32.45 -1.58
CA ILE H 34 -12.58 -33.77 -1.63
C ILE H 34 -11.70 -34.70 -2.46
N GLU H 35 -11.43 -35.88 -1.91
CA GLU H 35 -10.51 -36.84 -2.51
C GLU H 35 -11.28 -38.01 -3.10
N TRP H 36 -10.76 -38.59 -4.17
CA TRP H 36 -11.35 -39.81 -4.72
C TRP H 36 -10.35 -40.94 -4.75
N ILE H 37 -10.76 -42.10 -4.25
CA ILE H 37 -9.91 -43.28 -4.18
C ILE H 37 -10.57 -44.48 -4.83
N LYS H 38 -9.82 -45.23 -5.64
CA LYS H 38 -10.32 -46.44 -6.29
C LYS H 38 -9.80 -47.69 -5.61
N GLN H 39 -10.67 -48.68 -5.43
CA GLN H 39 -10.26 -49.97 -4.90
C GLN H 39 -10.73 -51.16 -5.75
N ARG H 40 -9.79 -51.81 -6.44
CA ARG H 40 -10.06 -53.07 -7.11
C ARG H 40 -9.63 -54.21 -6.20
N PRO H 41 -10.31 -55.36 -6.33
CA PRO H 41 -10.11 -56.52 -5.48
C PRO H 41 -8.69 -57.12 -5.45
N GLY H 42 -7.81 -56.79 -6.38
CA GLY H 42 -6.41 -57.22 -6.31
C GLY H 42 -5.37 -56.14 -6.37
N HIS H 43 -5.81 -54.91 -6.56
CA HIS H 43 -4.89 -53.79 -6.70
C HIS H 43 -4.75 -52.89 -5.46
N GLY H 44 -5.50 -53.18 -4.41
CA GLY H 44 -5.44 -52.34 -3.22
C GLY H 44 -6.02 -50.94 -3.47
N LEU H 45 -5.34 -49.91 -2.99
CA LEU H 45 -5.87 -48.55 -3.03
C LEU H 45 -5.08 -47.60 -3.94
N GLU H 46 -5.75 -47.05 -4.95
CA GLU H 46 -5.14 -46.12 -5.88
C GLU H 46 -5.78 -44.74 -5.67
N TRP H 47 -4.97 -43.69 -5.71
CA TRP H 47 -5.46 -42.32 -5.52
C TRP H 47 -5.85 -41.72 -6.87
N ILE H 48 -7.12 -41.39 -7.03
CA ILE H 48 -7.57 -40.84 -8.30
C ILE H 48 -7.20 -39.37 -8.42
N GLY H 49 -7.48 -38.60 -7.37
CA GLY H 49 -7.21 -37.17 -7.40
C GLY H 49 -8.06 -36.43 -6.39
N GLU H 50 -8.00 -35.11 -6.43
CA GLU H 50 -8.76 -34.30 -5.49
C GLU H 50 -9.36 -33.09 -6.21
N ILE H 51 -10.41 -32.53 -5.62
CA ILE H 51 -10.98 -31.27 -6.10
C ILE H 51 -11.32 -30.33 -4.94
N LEU H 52 -10.92 -29.08 -5.06
CA LEU H 52 -11.23 -28.04 -4.08
C LEU H 52 -12.47 -27.26 -4.54
N PRO H 53 -13.61 -27.46 -3.88
CA PRO H 53 -14.93 -27.10 -4.42
C PRO H 53 -15.16 -25.65 -4.79
N GLU H 54 -14.81 -24.69 -3.92
CA GLU H 54 -15.15 -23.30 -4.18
C GLU H 54 -14.69 -22.91 -5.57
N ILE H 55 -13.40 -23.07 -5.82
CA ILE H 55 -12.85 -22.58 -7.06
C ILE H 55 -12.75 -23.66 -8.11
N GLY H 56 -13.25 -24.83 -7.80
CA GLY H 56 -13.33 -25.91 -8.77
C GLY H 56 -11.99 -26.35 -9.33
N MET H 57 -10.92 -26.16 -8.56
CA MET H 57 -9.58 -26.61 -8.95
C MET H 57 -9.49 -28.13 -8.86
N THR H 58 -9.10 -28.78 -9.95
CA THR H 58 -9.02 -30.23 -9.96
C THR H 58 -7.57 -30.66 -10.10
N ASN H 59 -7.16 -31.64 -9.31
CA ASN H 59 -5.81 -32.18 -9.33
C ASN H 59 -5.89 -33.68 -9.51
N TYR H 60 -5.39 -34.20 -10.64
CA TYR H 60 -5.52 -35.62 -10.95
C TYR H 60 -4.20 -36.39 -10.85
N ASN H 61 -4.30 -37.66 -10.51
CA ASN H 61 -3.16 -38.58 -10.57
C ASN H 61 -2.86 -38.73 -12.04
N GLU H 62 -1.58 -38.68 -12.41
CA GLU H 62 -1.21 -38.72 -13.83
C GLU H 62 -1.85 -39.92 -14.54
N ASN H 63 -2.07 -40.99 -13.80
CA ASN H 63 -2.57 -42.24 -14.36
C ASN H 63 -4.06 -42.18 -14.75
N PHE H 64 -4.80 -41.26 -14.15
CA PHE H 64 -6.23 -41.13 -14.45
C PHE H 64 -6.57 -40.01 -15.41
N LYS H 65 -5.58 -39.27 -15.90
CA LYS H 65 -5.87 -38.15 -16.80
C LYS H 65 -6.66 -38.67 -17.99
N GLY H 66 -7.83 -38.07 -18.19
CA GLY H 66 -8.71 -38.43 -19.27
C GLY H 66 -9.74 -39.47 -18.91
N LYS H 67 -9.47 -40.28 -17.88
CA LYS H 67 -10.47 -41.22 -17.39
C LYS H 67 -11.47 -40.54 -16.47
N ALA H 68 -10.97 -39.70 -15.56
CA ALA H 68 -11.79 -39.17 -14.48
C ALA H 68 -11.94 -37.65 -14.51
N THR H 69 -13.17 -37.18 -14.26
CA THR H 69 -13.42 -35.76 -14.17
C THR H 69 -14.26 -35.37 -12.94
N PHE H 70 -13.70 -34.53 -12.08
CA PHE H 70 -14.39 -34.03 -10.88
C PHE H 70 -15.16 -32.75 -11.17
N THR H 71 -16.31 -32.58 -10.53
CA THR H 71 -17.01 -31.30 -10.58
C THR H 71 -17.65 -31.06 -9.23
N ALA H 72 -18.07 -29.82 -8.97
CA ALA H 72 -18.69 -29.51 -7.68
C ALA H 72 -19.92 -28.62 -7.80
N ASN H 73 -20.97 -28.99 -7.09
CA ASN H 73 -22.15 -28.16 -6.97
C ASN H 73 -22.15 -27.57 -5.56
N THR H 74 -21.88 -26.28 -5.50
CA THR H 74 -21.67 -25.58 -4.22
C THR H 74 -22.98 -25.31 -3.52
N SER H 75 -24.07 -25.28 -4.28
CA SER H 75 -25.38 -25.06 -3.69
C SER H 75 -25.93 -26.35 -3.07
N SER H 76 -25.70 -27.48 -3.74
CA SER H 76 -26.14 -28.78 -3.22
C SER H 76 -25.10 -29.45 -2.32
N ASN H 77 -23.98 -28.75 -2.09
CA ASN H 77 -22.88 -29.29 -1.29
C ASN H 77 -22.48 -30.66 -1.77
N THR H 78 -22.28 -30.80 -3.08
CA THR H 78 -22.02 -32.13 -3.64
C THR H 78 -20.81 -32.13 -4.58
N VAL H 79 -19.99 -33.17 -4.49
CA VAL H 79 -18.90 -33.35 -5.44
C VAL H 79 -19.16 -34.56 -6.32
N TYR H 80 -19.02 -34.37 -7.62
CA TYR H 80 -19.25 -35.45 -8.57
C TYR H 80 -17.94 -35.91 -9.20
N MET H 81 -17.81 -37.22 -9.39
CA MET H 81 -16.73 -37.75 -10.22
C MET H 81 -17.32 -38.50 -11.37
N GLN H 82 -16.80 -38.21 -12.56
CA GLN H 82 -17.28 -38.84 -13.79
C GLN H 82 -16.20 -39.68 -14.42
N LEU H 83 -16.55 -40.94 -14.68
CA LEU H 83 -15.65 -41.88 -15.32
C LEU H 83 -16.18 -42.14 -16.72
N SER H 84 -15.29 -42.10 -17.69
CA SER H 84 -15.69 -42.19 -19.09
C SER H 84 -14.97 -43.36 -19.76
N SER H 85 -15.46 -43.75 -20.94
CA SER H 85 -14.84 -44.80 -21.74
C SER H 85 -14.59 -46.05 -20.90
N LEU H 86 -15.59 -46.42 -20.11
CA LEU H 86 -15.45 -47.48 -19.13
C LEU H 86 -14.98 -48.80 -19.72
N THR H 87 -14.06 -49.45 -19.00
CA THR H 87 -13.63 -50.80 -19.32
C THR H 87 -13.85 -51.68 -18.08
N SER H 88 -13.52 -52.96 -18.17
CA SER H 88 -13.65 -53.83 -17.01
C SER H 88 -12.61 -53.43 -15.97
N GLU H 89 -11.54 -52.80 -16.43
CA GLU H 89 -10.46 -52.36 -15.54
C GLU H 89 -10.97 -51.32 -14.55
N ASP H 90 -12.08 -50.67 -14.89
CA ASP H 90 -12.61 -49.60 -14.05
C ASP H 90 -13.66 -50.12 -13.08
N SER H 91 -13.86 -51.44 -13.06
CA SER H 91 -14.78 -52.06 -12.12
C SER H 91 -14.06 -52.11 -10.80
N ALA H 92 -14.63 -51.42 -9.82
CA ALA H 92 -14.04 -51.34 -8.49
C ALA H 92 -15.00 -50.67 -7.51
N VAL H 93 -14.54 -50.49 -6.28
CA VAL H 93 -15.28 -49.68 -5.33
C VAL H 93 -14.62 -48.32 -5.25
N TYR H 94 -15.41 -47.27 -5.44
CA TYR H 94 -14.90 -45.92 -5.43
C TYR H 94 -15.31 -45.19 -4.15
N TYR H 95 -14.30 -44.66 -3.44
CA TYR H 95 -14.53 -43.91 -2.22
C TYR H 95 -14.26 -42.42 -2.42
N CYS H 96 -14.98 -41.58 -1.68
CA CYS H 96 -14.60 -40.18 -1.61
C CYS H 96 -14.20 -39.88 -0.17
N ALA H 97 -13.18 -39.05 0.02
CA ALA H 97 -12.69 -38.80 1.38
C ALA H 97 -12.33 -37.34 1.63
N ARG H 98 -12.50 -36.89 2.87
CA ARG H 98 -12.17 -35.52 3.27
C ARG H 98 -10.99 -35.47 4.24
N PRO H 99 -9.95 -34.68 3.90
CA PRO H 99 -8.76 -34.49 4.73
C PRO H 99 -9.09 -33.93 6.10
N TYR H 100 -8.21 -34.12 7.08
CA TYR H 100 -8.44 -33.53 8.40
C TYR H 100 -8.42 -32.02 8.24
N ASP H 101 -7.36 -31.45 7.67
CA ASP H 101 -7.53 -30.12 7.06
C ASP H 101 -6.97 -30.03 5.61
N TYR H 102 -5.66 -29.96 5.44
CA TYR H 102 -5.15 -29.94 4.08
C TYR H 102 -4.49 -31.21 3.53
N SER H 103 -4.19 -32.22 4.34
CA SER H 103 -3.44 -33.34 3.77
C SER H 103 -4.00 -34.75 4.00
N TRP H 104 -3.75 -35.29 5.20
CA TRP H 104 -4.03 -36.71 5.42
C TRP H 104 -5.54 -36.90 5.56
N PHE H 105 -6.00 -38.13 5.36
CA PHE H 105 -7.44 -38.39 5.30
C PHE H 105 -8.05 -38.71 6.67
N ALA H 106 -9.16 -38.04 6.95
CA ALA H 106 -9.87 -38.18 8.21
C ALA H 106 -11.19 -38.89 7.98
N TYR H 107 -12.01 -38.34 7.11
CA TYR H 107 -13.36 -38.88 6.93
C TYR H 107 -13.51 -39.57 5.59
N TRP H 108 -14.14 -40.75 5.57
CA TRP H 108 -14.36 -41.47 4.32
C TRP H 108 -15.85 -41.65 4.04
N GLY H 109 -16.21 -41.88 2.77
CA GLY H 109 -17.58 -42.20 2.39
C GLY H 109 -17.82 -43.70 2.53
N GLN H 110 -19.07 -44.14 2.30
CA GLN H 110 -19.39 -45.55 2.49
C GLN H 110 -19.05 -46.39 1.26
N GLY H 111 -18.62 -45.71 0.19
CA GLY H 111 -18.19 -46.40 -1.02
C GLY H 111 -19.29 -46.55 -2.05
N THR H 112 -18.91 -46.48 -3.31
CA THR H 112 -19.83 -46.76 -4.40
C THR H 112 -19.24 -47.86 -5.28
N LEU H 113 -19.96 -48.97 -5.42
CA LEU H 113 -19.49 -50.06 -6.25
C LEU H 113 -19.85 -49.81 -7.71
N VAL H 114 -18.86 -49.96 -8.59
CA VAL H 114 -19.10 -49.79 -10.02
C VAL H 114 -18.65 -51.04 -10.74
N THR H 115 -19.60 -51.65 -11.44
CA THR H 115 -19.33 -52.86 -12.19
C THR H 115 -19.54 -52.59 -13.67
N VAL H 116 -18.63 -53.12 -14.49
CA VAL H 116 -18.70 -52.92 -15.92
C VAL H 116 -18.68 -54.24 -16.68
N SER H 117 -19.79 -54.59 -17.30
CA SER H 117 -19.81 -55.73 -18.23
C SER H 117 -21.02 -55.67 -19.15
N ALA H 118 -20.90 -56.37 -20.27
CA ALA H 118 -21.92 -56.35 -21.31
C ALA H 118 -23.15 -57.14 -20.87
N ALA H 119 -22.99 -57.82 -19.73
CA ALA H 119 -23.97 -58.79 -19.23
C ALA H 119 -25.27 -58.15 -18.78
N LYS H 120 -26.32 -58.96 -18.76
CA LYS H 120 -27.65 -58.52 -18.40
C LYS H 120 -27.92 -58.77 -16.93
N THR H 121 -28.67 -57.86 -16.32
CA THR H 121 -29.11 -58.00 -14.93
C THR H 121 -30.01 -59.23 -14.74
N THR H 122 -29.68 -60.07 -13.76
CA THR H 122 -30.47 -61.26 -13.42
C THR H 122 -30.81 -61.26 -11.94
N ALA H 123 -32.10 -61.32 -11.63
CA ALA H 123 -32.56 -61.39 -10.23
C ALA H 123 -32.23 -62.75 -9.64
N PRO H 124 -31.92 -62.78 -8.35
CA PRO H 124 -31.57 -64.02 -7.64
C PRO H 124 -32.79 -64.85 -7.27
N SER H 125 -32.60 -66.14 -7.08
CA SER H 125 -33.62 -66.97 -6.45
C SER H 125 -33.24 -67.13 -4.98
N VAL H 126 -34.19 -66.95 -4.07
CA VAL H 126 -33.90 -66.99 -2.65
C VAL H 126 -34.63 -68.17 -2.03
N TYR H 127 -33.89 -69.07 -1.38
CA TYR H 127 -34.50 -70.29 -0.85
C TYR H 127 -34.26 -70.43 0.65
N PRO H 128 -35.29 -70.84 1.40
CA PRO H 128 -35.13 -71.18 2.82
C PRO H 128 -34.46 -72.52 3.02
N LEU H 129 -33.52 -72.62 3.94
CA LEU H 129 -33.02 -73.92 4.34
C LEU H 129 -33.35 -74.17 5.80
N ALA H 130 -34.37 -75.00 6.02
CA ALA H 130 -34.76 -75.45 7.36
C ALA H 130 -34.08 -76.79 7.68
N PRO H 131 -33.75 -77.01 8.95
CA PRO H 131 -32.92 -78.19 9.23
C PRO H 131 -33.63 -79.47 8.86
N VAL H 132 -32.86 -80.56 8.71
CA VAL H 132 -33.36 -81.81 8.16
C VAL H 132 -34.54 -82.37 8.95
N CYS H 133 -35.42 -83.10 8.26
CA CYS H 133 -36.51 -83.78 8.94
C CYS H 133 -35.92 -84.67 10.02
N GLY H 134 -36.34 -84.45 11.26
CA GLY H 134 -35.70 -85.07 12.41
C GLY H 134 -36.01 -84.29 13.67
N ASP H 135 -35.12 -84.39 14.66
CA ASP H 135 -35.31 -83.69 15.92
C ASP H 135 -34.02 -83.07 16.45
N THR H 136 -34.15 -82.23 17.47
CA THR H 136 -33.04 -81.45 17.97
C THR H 136 -31.86 -82.35 18.29
N THR H 137 -30.71 -82.04 17.68
CA THR H 137 -29.48 -82.79 17.91
C THR H 137 -28.66 -82.13 19.02
N GLY H 138 -29.25 -81.15 19.70
CA GLY H 138 -28.56 -80.43 20.76
C GLY H 138 -29.31 -79.25 21.35
N SER H 139 -28.52 -78.32 21.91
CA SER H 139 -29.03 -77.13 22.58
C SER H 139 -29.43 -76.00 21.63
N SER H 140 -28.83 -75.95 20.45
CA SER H 140 -29.16 -74.91 19.47
C SER H 140 -29.68 -75.53 18.16
N VAL H 141 -30.04 -74.67 17.21
CA VAL H 141 -30.45 -75.11 15.90
C VAL H 141 -29.92 -74.13 14.84
N THR H 142 -29.47 -74.65 13.70
CA THR H 142 -28.95 -73.79 12.63
C THR H 142 -29.90 -73.74 11.44
N LEU H 143 -30.25 -72.53 11.01
CA LEU H 143 -31.09 -72.39 9.83
C LEU H 143 -30.28 -71.70 8.72
N GLY H 144 -30.84 -71.60 7.51
CA GLY H 144 -30.09 -70.94 6.45
C GLY H 144 -30.86 -70.32 5.30
N CYS H 145 -30.11 -69.65 4.43
CA CYS H 145 -30.65 -68.94 3.29
C CYS H 145 -29.75 -69.15 2.08
N LEU H 146 -30.35 -69.55 0.95
CA LEU H 146 -29.62 -69.71 -0.31
C LEU H 146 -30.03 -68.62 -1.28
N VAL H 147 -29.06 -67.84 -1.74
CA VAL H 147 -29.34 -66.79 -2.72
C VAL H 147 -28.60 -67.15 -4.01
N LYS H 148 -29.33 -67.59 -5.02
CA LYS H 148 -28.72 -68.24 -6.18
C LYS H 148 -28.92 -67.52 -7.51
N GLY H 149 -27.88 -67.59 -8.35
CA GLY H 149 -27.98 -67.26 -9.76
C GLY H 149 -28.29 -65.82 -10.08
N TYR H 150 -27.46 -64.89 -9.63
CA TYR H 150 -27.71 -63.46 -9.84
C TYR H 150 -26.50 -62.72 -10.37
N PHE H 151 -26.73 -61.47 -10.77
CA PHE H 151 -25.69 -60.61 -11.34
C PHE H 151 -26.29 -59.24 -11.55
N PRO H 152 -25.55 -58.20 -11.19
CA PRO H 152 -24.22 -58.21 -10.57
C PRO H 152 -24.27 -58.23 -9.04
N GLU H 153 -23.09 -58.12 -8.42
CA GLU H 153 -22.98 -57.79 -7.02
C GLU H 153 -23.44 -56.35 -6.85
N PRO H 154 -23.75 -55.95 -5.61
CA PRO H 154 -23.81 -56.87 -4.47
C PRO H 154 -25.22 -57.36 -4.26
N VAL H 155 -25.39 -58.23 -3.28
CA VAL H 155 -26.70 -58.44 -2.69
C VAL H 155 -26.51 -58.15 -1.22
N THR H 156 -27.59 -57.84 -0.51
CA THR H 156 -27.49 -57.61 0.93
C THR H 156 -28.48 -58.50 1.65
N LEU H 157 -27.98 -59.20 2.67
CA LEU H 157 -28.73 -60.22 3.34
C LEU H 157 -28.68 -60.05 4.84
N THR H 158 -29.85 -59.87 5.44
CA THR H 158 -29.94 -59.75 6.88
C THR H 158 -30.88 -60.81 7.37
N TRP H 159 -30.84 -61.07 8.68
CA TRP H 159 -31.82 -61.94 9.33
C TRP H 159 -32.66 -61.10 10.27
N ASN H 160 -33.99 -61.25 10.17
CA ASN H 160 -34.95 -60.48 10.97
C ASN H 160 -34.68 -58.99 10.97
N SER H 161 -34.22 -58.49 9.83
CA SER H 161 -34.01 -57.05 9.67
C SER H 161 -32.93 -56.55 10.61
N GLY H 162 -32.03 -57.45 11.01
CA GLY H 162 -30.86 -57.04 11.76
C GLY H 162 -30.94 -57.41 13.22
N SER H 163 -32.12 -57.84 13.68
CA SER H 163 -32.31 -58.23 15.07
C SER H 163 -31.50 -59.47 15.43
N LEU H 164 -31.20 -60.30 14.44
CA LEU H 164 -30.23 -61.39 14.60
C LEU H 164 -28.93 -60.99 13.90
N SER H 165 -27.87 -60.86 14.69
CA SER H 165 -26.56 -60.45 14.19
C SER H 165 -25.56 -61.52 14.57
N SER H 166 -25.29 -61.64 15.87
CA SER H 166 -24.38 -62.66 16.34
C SER H 166 -24.91 -64.01 15.91
N GLY H 167 -24.00 -64.90 15.54
CA GLY H 167 -24.40 -66.26 15.21
C GLY H 167 -24.87 -66.40 13.78
N VAL H 168 -24.85 -65.27 13.05
CA VAL H 168 -25.06 -65.26 11.61
C VAL H 168 -23.69 -65.39 10.95
N HIS H 169 -23.60 -66.24 9.94
CA HIS H 169 -22.41 -66.33 9.12
C HIS H 169 -22.91 -66.15 7.71
N THR H 170 -22.54 -65.06 7.05
CA THR H 170 -22.85 -64.93 5.63
C THR H 170 -21.62 -65.29 4.81
N PHE H 171 -21.80 -66.17 3.84
CA PHE H 171 -20.66 -66.63 3.07
C PHE H 171 -20.48 -65.78 1.83
N PRO H 172 -19.23 -65.44 1.54
CA PRO H 172 -18.86 -64.70 0.33
C PRO H 172 -19.44 -65.38 -0.90
N ALA H 173 -19.81 -64.57 -1.90
CA ALA H 173 -20.45 -65.08 -3.09
C ALA H 173 -19.43 -65.82 -3.95
N VAL H 174 -19.86 -66.95 -4.49
CA VAL H 174 -19.05 -67.70 -5.42
C VAL H 174 -19.67 -67.53 -6.80
N LEU H 175 -18.80 -67.33 -7.77
CA LEU H 175 -19.18 -67.07 -9.15
C LEU H 175 -19.08 -68.36 -9.97
N GLN H 176 -20.20 -68.78 -10.56
CA GLN H 176 -20.19 -69.95 -11.41
C GLN H 176 -21.11 -69.76 -12.63
N SER H 177 -20.55 -69.98 -13.83
CA SER H 177 -21.22 -69.69 -15.10
C SER H 177 -21.81 -68.27 -15.20
N ASP H 178 -20.98 -67.28 -14.88
CA ASP H 178 -21.30 -65.85 -15.07
C ASP H 178 -22.49 -65.41 -14.22
N LEU H 179 -22.74 -66.16 -13.15
CA LEU H 179 -23.81 -65.82 -12.21
C LEU H 179 -23.30 -66.02 -10.77
N TYR H 180 -23.55 -65.04 -9.89
CA TYR H 180 -23.11 -65.13 -8.51
C TYR H 180 -24.07 -65.92 -7.63
N THR H 181 -23.52 -66.60 -6.63
CA THR H 181 -24.34 -67.28 -5.66
C THR H 181 -23.75 -67.17 -4.25
N LEU H 182 -24.59 -66.83 -3.28
CA LEU H 182 -24.17 -66.84 -1.89
C LEU H 182 -25.21 -67.49 -1.01
N SER H 183 -24.79 -67.84 0.20
CA SER H 183 -25.66 -68.47 1.19
C SER H 183 -25.36 -67.86 2.55
N SER H 184 -26.24 -68.10 3.51
CA SER H 184 -26.04 -67.60 4.87
C SER H 184 -26.63 -68.57 5.88
N SER H 185 -25.96 -68.71 7.01
CA SER H 185 -26.46 -69.53 8.10
C SER H 185 -26.70 -68.67 9.33
N VAL H 186 -27.74 -68.99 10.08
CA VAL H 186 -27.97 -68.34 11.37
C VAL H 186 -28.28 -69.40 12.43
N THR H 187 -27.47 -69.41 13.49
CA THR H 187 -27.64 -70.37 14.59
C THR H 187 -28.33 -69.74 15.79
N VAL H 188 -29.43 -70.35 16.21
CA VAL H 188 -30.18 -69.82 17.34
C VAL H 188 -30.39 -70.91 18.39
N THR H 189 -31.00 -70.55 19.51
CA THR H 189 -31.24 -71.50 20.60
C THR H 189 -32.48 -72.35 20.29
N SER H 190 -32.44 -73.61 20.73
CA SER H 190 -33.56 -74.53 20.54
C SER H 190 -34.88 -73.89 20.96
N SER H 191 -34.81 -73.01 21.95
CA SER H 191 -35.96 -72.25 22.42
C SER H 191 -36.57 -71.40 21.30
N THR H 192 -35.73 -70.58 20.67
CA THR H 192 -36.20 -69.52 19.77
C THR H 192 -36.80 -70.01 18.45
N TRP H 193 -36.59 -71.27 18.11
CA TRP H 193 -37.12 -71.80 16.85
C TRP H 193 -37.53 -73.27 17.03
N PRO H 194 -38.57 -73.72 16.31
CA PRO H 194 -39.51 -73.02 15.41
C PRO H 194 -40.44 -72.05 16.12
N SER H 195 -40.47 -72.14 17.44
CA SER H 195 -41.42 -71.41 18.29
C SER H 195 -41.55 -69.90 18.00
N GLN H 196 -40.47 -69.26 17.58
CA GLN H 196 -40.53 -67.85 17.15
C GLN H 196 -40.25 -67.76 15.65
N SER H 197 -40.30 -66.54 15.12
CA SER H 197 -40.24 -66.37 13.68
C SER H 197 -38.84 -65.97 13.20
N ILE H 198 -38.27 -66.81 12.35
CA ILE H 198 -36.97 -66.51 11.77
C ILE H 198 -37.14 -66.13 10.29
N THR H 199 -36.64 -64.97 9.89
CA THR H 199 -36.77 -64.55 8.50
C THR H 199 -35.47 -63.98 7.90
N CYS H 200 -35.18 -64.34 6.65
CA CYS H 200 -34.02 -63.77 6.00
C CYS H 200 -34.44 -62.78 4.92
N ASN H 201 -33.75 -61.65 4.90
CA ASN H 201 -34.08 -60.52 4.05
C ASN H 201 -32.99 -60.28 3.01
N VAL H 202 -33.33 -60.57 1.76
CA VAL H 202 -32.39 -60.47 0.66
C VAL H 202 -32.79 -59.30 -0.21
N ALA H 203 -31.85 -58.40 -0.47
CA ALA H 203 -32.08 -57.27 -1.36
C ALA H 203 -31.03 -57.29 -2.45
N HIS H 204 -31.45 -57.00 -3.67
CA HIS H 204 -30.55 -56.92 -4.81
C HIS H 204 -30.95 -55.72 -5.67
N PRO H 205 -30.50 -54.51 -5.30
CA PRO H 205 -30.98 -53.26 -5.90
C PRO H 205 -30.81 -53.18 -7.42
N ALA H 206 -29.67 -53.63 -7.93
CA ALA H 206 -29.41 -53.66 -9.37
C ALA H 206 -30.47 -54.45 -10.14
N SER H 207 -31.16 -55.34 -9.44
CA SER H 207 -32.28 -56.07 -10.01
C SER H 207 -33.64 -55.52 -9.57
N SER H 208 -33.64 -54.52 -8.71
CA SER H 208 -34.87 -54.05 -8.08
C SER H 208 -35.66 -55.23 -7.48
N THR H 209 -35.00 -56.00 -6.63
CA THR H 209 -35.65 -57.13 -5.98
C THR H 209 -35.37 -57.09 -4.48
N LYS H 210 -36.42 -57.32 -3.69
CA LYS H 210 -36.29 -57.43 -2.25
C LYS H 210 -37.26 -58.51 -1.78
N VAL H 211 -36.75 -59.48 -1.02
CA VAL H 211 -37.61 -60.55 -0.50
C VAL H 211 -37.30 -60.93 0.94
N ASP H 212 -38.34 -61.41 1.61
CA ASP H 212 -38.26 -61.91 2.97
C ASP H 212 -38.71 -63.38 2.96
N LYS H 213 -37.85 -64.27 3.46
CA LYS H 213 -38.24 -65.66 3.58
C LYS H 213 -38.15 -66.15 5.03
N LYS H 214 -39.31 -66.48 5.58
CA LYS H 214 -39.36 -67.16 6.86
C LYS H 214 -38.99 -68.62 6.63
N ILE H 215 -38.27 -69.19 7.58
CA ILE H 215 -37.95 -70.59 7.51
C ILE H 215 -39.06 -71.35 8.23
N GLU H 216 -39.81 -72.13 7.47
CA GLU H 216 -40.85 -72.99 8.03
C GLU H 216 -40.28 -74.37 8.30
N PRO H 217 -40.70 -75.00 9.41
CA PRO H 217 -40.28 -76.38 9.68
C PRO H 217 -40.77 -77.31 8.59
N ARG H 218 -40.05 -78.39 8.34
CA ARG H 218 -40.42 -79.32 7.27
C ARG H 218 -41.42 -80.36 7.77
N ASP I 1 30.98 -3.14 30.45
CA ASP I 1 31.00 -4.62 30.27
C ASP I 1 30.32 -5.31 31.43
N ILE I 2 29.92 -6.55 31.19
CA ILE I 2 29.38 -7.39 32.26
C ILE I 2 30.44 -8.39 32.77
N VAL I 3 30.67 -8.38 34.09
CA VAL I 3 31.61 -9.30 34.72
C VAL I 3 30.93 -10.59 35.13
N MET I 4 31.52 -11.72 34.77
CA MET I 4 31.02 -12.98 35.27
C MET I 4 32.03 -13.49 36.27
N THR I 5 31.64 -13.52 37.53
CA THR I 5 32.57 -13.84 38.61
C THR I 5 32.40 -15.28 39.06
N GLN I 6 33.44 -16.09 38.82
CA GLN I 6 33.52 -17.42 39.43
C GLN I 6 34.55 -17.34 40.53
N SER I 7 34.09 -17.30 41.78
CA SER I 7 34.97 -16.97 42.89
C SER I 7 35.82 -18.14 43.29
N GLN I 8 35.41 -19.34 42.86
CA GLN I 8 36.17 -20.54 43.18
C GLN I 8 37.12 -20.86 42.04
N LYS I 9 38.42 -20.73 42.30
CA LYS I 9 39.42 -21.09 41.32
C LYS I 9 39.63 -22.60 41.35
N PHE I 10 39.49 -23.20 42.54
CA PHE I 10 39.63 -24.65 42.74
C PHE I 10 38.53 -25.21 43.63
N MET I 11 37.95 -26.34 43.23
CA MET I 11 36.95 -27.01 44.05
C MET I 11 37.48 -28.36 44.48
N SER I 12 37.16 -28.78 45.70
CA SER I 12 37.49 -30.11 46.17
C SER I 12 36.23 -30.95 46.33
N THR I 13 36.25 -32.14 45.78
CA THR I 13 35.14 -33.08 45.91
C THR I 13 35.68 -34.50 45.83
N SER I 14 34.86 -35.50 46.15
CA SER I 14 35.25 -36.90 46.00
C SER I 14 34.29 -37.62 45.06
N VAL I 15 34.79 -38.64 44.37
CA VAL I 15 33.97 -39.36 43.38
C VAL I 15 32.66 -39.83 44.01
N GLY I 16 31.59 -39.73 43.25
CA GLY I 16 30.27 -40.14 43.71
C GLY I 16 29.57 -39.07 44.54
N ASP I 17 30.36 -38.10 45.00
CA ASP I 17 29.83 -37.02 45.83
C ASP I 17 29.20 -35.95 44.94
N ARG I 18 28.67 -34.90 45.56
CA ARG I 18 28.02 -33.80 44.82
C ARG I 18 28.87 -32.52 44.88
N VAL I 19 28.91 -31.78 43.78
CA VAL I 19 29.70 -30.55 43.72
C VAL I 19 28.97 -29.43 42.96
N SER I 20 29.10 -28.19 43.45
CA SER I 20 28.46 -27.03 42.83
C SER I 20 29.46 -25.90 42.57
N VAL I 21 29.49 -25.43 41.32
CA VAL I 21 30.27 -24.23 40.98
C VAL I 21 29.33 -23.03 40.85
N THR I 22 29.72 -21.93 41.45
CA THR I 22 28.92 -20.71 41.41
C THR I 22 29.49 -19.70 40.41
N CYS I 23 28.60 -18.94 39.78
CA CYS I 23 28.98 -17.85 38.89
C CYS I 23 28.02 -16.69 39.13
N LYS I 24 28.54 -15.49 39.39
CA LYS I 24 27.64 -14.36 39.60
C LYS I 24 27.83 -13.22 38.57
N ALA I 25 26.81 -12.99 37.74
CA ALA I 25 26.83 -11.88 36.81
C ALA I 25 26.78 -10.59 37.61
N SER I 26 27.43 -9.54 37.11
CA SER I 26 27.53 -8.29 37.84
C SER I 26 26.39 -7.37 37.52
N GLN I 27 25.46 -7.86 36.70
CA GLN I 27 24.23 -7.13 36.40
C GLN I 27 23.38 -8.01 35.52
N ASN I 28 22.10 -7.70 35.41
CA ASN I 28 21.15 -8.70 34.93
C ASN I 28 21.50 -9.28 33.55
N VAL I 29 21.72 -10.58 33.51
CA VAL I 29 21.83 -11.34 32.25
C VAL I 29 20.59 -12.16 31.94
N ASP I 30 19.54 -11.99 32.75
CA ASP I 30 18.37 -12.85 32.69
C ASP I 30 18.81 -14.28 32.85
N THR I 31 18.19 -15.18 32.10
CA THR I 31 18.56 -16.59 32.15
C THR I 31 19.52 -17.01 31.02
N ASN I 32 20.08 -16.06 30.25
CA ASN I 32 20.98 -16.49 29.20
C ASN I 32 22.40 -16.63 29.72
N VAL I 33 22.76 -17.86 30.05
CA VAL I 33 24.07 -18.19 30.60
C VAL I 33 24.36 -19.61 30.16
N ALA I 34 25.59 -19.86 29.76
CA ALA I 34 25.96 -21.21 29.33
C ALA I 34 27.12 -21.69 30.17
N TRP I 35 27.20 -23.01 30.30
CA TRP I 35 28.29 -23.62 31.04
C TRP I 35 29.05 -24.55 30.11
N TYR I 36 30.37 -24.38 30.10
CA TYR I 36 31.26 -25.20 29.27
C TYR I 36 32.32 -25.89 30.10
N GLN I 37 32.69 -27.09 29.68
CA GLN I 37 33.70 -27.90 30.33
C GLN I 37 34.97 -27.97 29.47
N GLU I 38 36.09 -27.48 29.99
CA GLU I 38 37.35 -27.65 29.28
C GLU I 38 38.24 -28.65 30.00
N LYS I 39 38.41 -29.82 29.40
CA LYS I 39 39.29 -30.87 29.91
C LYS I 39 40.72 -30.50 29.52
N PRO I 40 41.70 -31.15 30.14
CA PRO I 40 43.08 -30.79 29.79
C PRO I 40 43.40 -31.06 28.32
N GLY I 41 43.92 -30.05 27.63
CA GLY I 41 44.41 -30.22 26.27
C GLY I 41 43.37 -30.35 25.17
N GLN I 42 42.10 -30.55 25.54
CA GLN I 42 41.03 -30.61 24.56
C GLN I 42 40.40 -29.22 24.40
N SER I 43 39.45 -29.11 23.47
CA SER I 43 38.74 -27.86 23.27
C SER I 43 37.54 -27.84 24.20
N PRO I 44 37.05 -26.64 24.55
CA PRO I 44 35.86 -26.52 25.39
C PRO I 44 34.70 -27.33 24.84
N LYS I 45 33.89 -27.87 25.73
CA LYS I 45 32.73 -28.64 25.33
C LYS I 45 31.52 -28.04 26.03
N THR I 46 30.36 -28.13 25.40
CA THR I 46 29.17 -27.44 25.89
C THR I 46 28.36 -28.30 26.85
N LEU I 47 28.05 -27.74 28.01
CA LEU I 47 27.28 -28.43 29.03
C LEU I 47 25.88 -27.88 29.15
N ILE I 48 25.78 -26.60 29.48
CA ILE I 48 24.47 -25.99 29.78
C ILE I 48 24.18 -24.70 29.02
N TYR I 49 22.90 -24.49 28.71
CA TYR I 49 22.43 -23.23 28.12
C TYR I 49 21.08 -22.84 28.71
N SER I 50 20.71 -21.56 28.59
CA SER I 50 19.51 -21.01 29.23
C SER I 50 19.58 -21.24 30.73
N ALA I 51 20.80 -21.47 31.19
CA ALA I 51 21.19 -21.61 32.58
C ALA I 51 20.72 -22.92 33.25
N SER I 52 19.57 -23.44 32.81
CA SER I 52 19.05 -24.71 33.33
C SER I 52 19.07 -25.89 32.36
N ASN I 53 19.44 -25.66 31.10
CA ASN I 53 19.16 -26.66 30.06
C ASN I 53 20.33 -27.50 29.62
N ARG I 54 20.08 -28.80 29.57
CA ARG I 54 21.11 -29.78 29.24
C ARG I 54 21.28 -29.83 27.73
N TYR I 55 22.50 -29.58 27.28
CA TYR I 55 22.84 -29.74 25.88
C TYR I 55 22.87 -31.23 25.55
N SER I 56 22.49 -31.58 24.33
CA SER I 56 22.37 -33.00 23.96
C SER I 56 23.69 -33.74 24.11
N GLY I 57 23.60 -34.96 24.63
CA GLY I 57 24.77 -35.81 24.82
C GLY I 57 25.40 -35.66 26.19
N VAL I 58 24.87 -34.71 26.97
CA VAL I 58 25.40 -34.45 28.29
C VAL I 58 24.67 -35.29 29.33
N PRO I 59 25.43 -36.00 30.15
CA PRO I 59 24.90 -36.86 31.22
C PRO I 59 23.95 -36.10 32.13
N ASP I 60 23.03 -36.82 32.76
CA ASP I 60 22.04 -36.20 33.63
C ASP I 60 22.67 -35.69 34.94
N ARG I 61 23.94 -36.02 35.19
CA ARG I 61 24.64 -35.59 36.39
C ARG I 61 24.71 -34.07 36.48
N PHE I 62 25.01 -33.45 35.33
CA PHE I 62 25.17 -32.01 35.21
C PHE I 62 23.81 -31.36 35.15
N THR I 63 23.55 -30.46 36.10
CA THR I 63 22.34 -29.63 36.07
C THR I 63 22.67 -28.17 36.38
N GLY I 64 22.15 -27.27 35.56
CA GLY I 64 22.31 -25.86 35.84
C GLY I 64 21.13 -25.29 36.60
N SER I 65 21.36 -24.23 37.36
CA SER I 65 20.28 -23.49 37.97
C SER I 65 20.60 -22.02 38.01
N ALA I 66 19.57 -21.21 38.21
CA ALA I 66 19.73 -19.77 38.32
C ALA I 66 18.75 -19.17 39.31
N SER I 67 19.26 -18.29 40.16
CA SER I 67 18.40 -17.44 40.97
C SER I 67 18.94 -16.02 40.87
N GLY I 68 18.15 -15.12 40.30
CA GLY I 68 18.59 -13.75 40.09
C GLY I 68 19.87 -13.72 39.26
N THR I 69 20.90 -13.03 39.76
CA THR I 69 22.17 -12.96 39.05
C THR I 69 23.10 -14.10 39.45
N ASP I 70 22.60 -15.00 40.28
CA ASP I 70 23.38 -16.16 40.74
C ASP I 70 23.12 -17.40 39.87
N PHE I 71 24.18 -17.92 39.26
CA PHE I 71 24.07 -19.12 38.46
C PHE I 71 24.93 -20.20 39.07
N THR I 72 24.39 -21.41 39.08
CA THR I 72 25.08 -22.53 39.67
C THR I 72 25.09 -23.74 38.74
N LEU I 73 26.28 -24.31 38.54
CA LEU I 73 26.43 -25.59 37.85
C LEU I 73 26.62 -26.67 38.92
N THR I 74 25.68 -27.61 38.98
CA THR I 74 25.74 -28.69 39.95
C THR I 74 25.97 -30.05 39.30
N ILE I 75 27.05 -30.72 39.70
CA ILE I 75 27.28 -32.09 39.30
C ILE I 75 27.01 -33.02 40.48
N THR I 76 26.08 -33.95 40.29
CA THR I 76 25.87 -34.99 41.29
C THR I 76 26.54 -36.30 40.82
N ASN I 77 27.05 -37.09 41.75
CA ASN I 77 27.74 -38.32 41.42
C ASN I 77 28.97 -38.07 40.54
N VAL I 78 29.85 -37.19 41.00
CA VAL I 78 31.06 -36.85 40.26
C VAL I 78 31.82 -38.11 39.88
N GLN I 79 32.18 -38.22 38.60
CA GLN I 79 33.02 -39.32 38.13
C GLN I 79 34.44 -38.82 37.95
N SER I 80 35.36 -39.74 37.64
CA SER I 80 36.77 -39.38 37.53
C SER I 80 37.05 -38.64 36.21
N GLU I 81 36.23 -38.94 35.20
CA GLU I 81 36.35 -38.28 33.91
C GLU I 81 35.87 -36.82 33.98
N ASP I 82 35.32 -36.45 35.14
CA ASP I 82 34.79 -35.11 35.36
C ASP I 82 35.89 -34.13 35.81
N LEU I 83 37.13 -34.58 35.81
CA LEU I 83 38.22 -33.71 36.22
C LEU I 83 38.50 -32.77 35.07
N ALA I 84 38.26 -31.48 35.29
CA ALA I 84 38.37 -30.49 34.22
C ALA I 84 38.22 -29.07 34.76
N GLU I 85 38.27 -28.08 33.88
CA GLU I 85 38.00 -26.70 34.27
C GLU I 85 36.63 -26.29 33.75
N TYR I 86 35.88 -25.54 34.56
CA TYR I 86 34.51 -25.17 34.22
C TYR I 86 34.30 -23.65 34.04
N PHE I 87 33.83 -23.28 32.84
CA PHE I 87 33.63 -21.87 32.50
C PHE I 87 32.16 -21.56 32.37
N CYS I 88 31.73 -20.41 32.88
CA CYS I 88 30.38 -19.93 32.58
C CYS I 88 30.44 -18.69 31.67
N GLN I 89 29.42 -18.52 30.84
CA GLN I 89 29.41 -17.40 29.91
C GLN I 89 28.04 -16.76 29.89
N GLN I 90 28.02 -15.42 29.94
CA GLN I 90 26.79 -14.68 29.70
C GLN I 90 26.77 -14.34 28.24
N TYR I 91 25.78 -14.86 27.52
CA TYR I 91 25.60 -14.51 26.12
C TYR I 91 24.51 -13.43 25.94
N ASN I 92 24.03 -12.90 27.05
CA ASN I 92 22.96 -11.90 27.04
C ASN I 92 23.21 -10.69 26.15
N SER I 93 24.37 -10.05 26.30
CA SER I 93 24.66 -8.85 25.53
C SER I 93 26.14 -8.76 25.16
N TYR I 94 26.49 -7.98 24.14
CA TYR I 94 27.89 -7.83 23.75
C TYR I 94 28.56 -6.79 24.63
N PRO I 95 29.86 -6.97 24.92
CA PRO I 95 30.62 -8.16 24.51
C PRO I 95 30.32 -9.35 25.38
N TYR I 96 30.35 -10.52 24.77
CA TYR I 96 30.25 -11.75 25.51
C TYR I 96 31.40 -11.83 26.54
N THR I 97 31.07 -12.12 27.79
CA THR I 97 32.09 -12.28 28.83
C THR I 97 32.02 -13.65 29.48
N PHE I 98 33.17 -14.08 30.03
CA PHE I 98 33.30 -15.40 30.65
C PHE I 98 33.70 -15.29 32.11
N GLY I 99 33.53 -16.37 32.84
CA GLY I 99 34.00 -16.48 34.21
C GLY I 99 35.46 -16.88 34.25
N GLY I 100 36.09 -16.70 35.41
CA GLY I 100 37.51 -16.99 35.56
C GLY I 100 37.85 -18.45 35.33
N GLY I 101 36.85 -19.32 35.50
CA GLY I 101 37.03 -20.74 35.42
C GLY I 101 37.21 -21.35 36.80
N THR I 102 36.69 -22.54 36.99
CA THR I 102 36.80 -23.27 38.25
C THR I 102 37.32 -24.65 37.98
N LYS I 103 38.52 -24.94 38.49
CA LYS I 103 39.13 -26.26 38.31
C LYS I 103 38.62 -27.21 39.38
N LEU I 104 38.01 -28.30 38.91
CA LEU I 104 37.48 -29.32 39.81
C LEU I 104 38.60 -30.25 40.21
N GLU I 105 38.77 -30.44 41.51
CA GLU I 105 39.84 -31.25 42.05
C GLU I 105 39.29 -32.37 42.93
N ILE I 106 39.92 -33.54 42.83
CA ILE I 106 39.50 -34.71 43.59
C ILE I 106 40.49 -34.91 44.75
N LYS I 107 40.11 -34.57 45.98
CA LYS I 107 41.12 -34.51 47.04
C LYS I 107 41.07 -35.76 47.89
N ARG I 108 42.07 -35.89 48.76
CA ARG I 108 42.12 -37.00 49.70
C ARG I 108 43.46 -36.96 50.43
N ALA I 109 43.53 -37.56 51.63
CA ALA I 109 44.79 -38.11 52.17
C ALA I 109 46.08 -37.27 51.96
N ASP I 110 46.28 -36.24 52.77
CA ASP I 110 47.38 -35.28 52.51
C ASP I 110 48.74 -35.98 52.59
N ALA I 111 49.83 -35.22 52.47
CA ALA I 111 51.15 -35.82 52.41
C ALA I 111 52.31 -34.83 52.41
N ALA I 112 53.50 -35.35 52.76
CA ALA I 112 54.72 -34.56 52.80
C ALA I 112 55.44 -34.64 51.46
N PRO I 113 56.15 -33.58 51.10
CA PRO I 113 56.99 -33.53 49.89
C PRO I 113 58.28 -34.38 49.95
N THR I 114 58.58 -35.10 48.86
CA THR I 114 59.85 -35.84 48.75
C THR I 114 60.88 -34.98 48.00
N VAL I 115 61.92 -34.51 48.68
CA VAL I 115 62.83 -33.52 48.10
C VAL I 115 64.18 -34.11 47.64
N SER I 116 64.58 -33.76 46.43
CA SER I 116 65.85 -34.20 45.87
C SER I 116 66.53 -33.08 45.09
N ILE I 117 67.80 -32.80 45.39
CA ILE I 117 68.50 -31.66 44.78
C ILE I 117 69.68 -32.09 43.90
N PHE I 118 70.02 -31.28 42.90
CA PHE I 118 71.12 -31.59 41.98
C PHE I 118 71.98 -30.35 41.68
N PRO I 119 73.32 -30.52 41.63
CA PRO I 119 74.26 -29.45 41.27
C PRO I 119 74.34 -29.21 39.74
N SER I 131 74.02 -24.26 37.27
CA SER I 131 72.60 -24.64 37.28
C SER I 131 72.33 -25.69 38.35
N VAL I 132 71.62 -25.29 39.39
CA VAL I 132 71.27 -26.17 40.50
C VAL I 132 69.77 -26.43 40.55
N VAL I 133 69.38 -27.69 40.43
CA VAL I 133 67.98 -28.05 40.32
C VAL I 133 67.45 -28.60 41.64
N CYS I 134 66.19 -28.33 41.95
CA CYS I 134 65.56 -28.94 43.12
C CYS I 134 64.21 -29.54 42.72
N PHE I 135 63.97 -30.80 43.14
CA PHE I 135 62.70 -31.48 42.91
C PHE I 135 61.97 -31.71 44.24
N LEU I 136 60.78 -31.13 44.36
CA LEU I 136 59.88 -31.45 45.46
C LEU I 136 58.75 -32.29 44.88
N ASN I 137 58.74 -33.58 45.18
CA ASN I 137 57.88 -34.52 44.48
C ASN I 137 56.76 -35.14 45.32
N ASN I 138 55.64 -35.39 44.63
CA ASN I 138 54.52 -36.17 45.15
C ASN I 138 54.09 -35.81 46.58
N PHE I 139 53.51 -34.62 46.71
CA PHE I 139 52.96 -34.12 47.97
C PHE I 139 51.51 -33.69 47.77
N TYR I 140 50.93 -33.08 48.80
CA TYR I 140 49.56 -32.62 48.73
C TYR I 140 49.17 -31.90 50.02
N PRO I 141 48.36 -30.82 49.93
CA PRO I 141 47.73 -30.13 48.79
C PRO I 141 48.71 -29.42 47.84
N LYS I 142 48.16 -28.69 46.86
CA LYS I 142 48.97 -28.05 45.82
C LYS I 142 49.87 -26.96 46.36
N ASP I 143 49.45 -26.31 47.43
CA ASP I 143 50.15 -25.15 47.93
C ASP I 143 51.50 -25.55 48.53
N ILE I 144 52.57 -24.95 48.04
CA ILE I 144 53.91 -25.18 48.58
C ILE I 144 54.82 -23.98 48.32
N GLY I 158 66.58 -14.73 39.80
CA GLY I 158 67.19 -15.66 38.87
C GLY I 158 66.70 -17.08 39.05
N VAL I 159 65.60 -17.22 39.80
CA VAL I 159 64.99 -18.53 40.07
C VAL I 159 63.93 -18.90 39.01
N LEU I 160 63.84 -20.19 38.70
CA LEU I 160 62.81 -20.70 37.77
C LEU I 160 62.06 -21.89 38.37
N ASN I 161 60.72 -21.87 38.33
CA ASN I 161 59.91 -22.95 38.90
C ASN I 161 58.96 -23.58 37.88
N SER I 162 58.59 -24.83 38.10
CA SER I 162 57.54 -25.46 37.30
C SER I 162 56.69 -26.45 38.09
N TRP I 163 55.38 -26.40 37.90
CA TRP I 163 54.46 -27.33 38.55
C TRP I 163 53.96 -28.37 37.57
N THR I 164 53.13 -29.28 38.09
CA THR I 164 52.54 -30.32 37.26
C THR I 164 51.08 -30.49 37.66
N ASP I 165 50.27 -30.94 36.71
CA ASP I 165 48.86 -31.19 36.96
C ASP I 165 48.71 -32.31 37.97
N GLN I 166 47.56 -32.37 38.64
CA GLN I 166 47.34 -33.38 39.67
C GLN I 166 47.68 -34.74 39.07
N ASP I 167 48.40 -35.58 39.83
CA ASP I 167 48.81 -36.90 39.36
C ASP I 167 47.58 -37.81 39.23
N SER I 168 47.40 -38.37 38.04
CA SER I 168 46.19 -39.12 37.69
C SER I 168 46.02 -40.40 38.49
N LYS I 169 47.04 -40.76 39.28
CA LYS I 169 47.03 -42.01 40.03
C LYS I 169 46.74 -41.81 41.53
N ASP I 170 47.71 -41.23 42.25
CA ASP I 170 47.63 -41.01 43.68
C ASP I 170 47.17 -39.60 44.04
N SER I 171 46.84 -38.80 43.02
CA SER I 171 46.33 -37.45 43.22
C SER I 171 47.31 -36.54 43.98
N THR I 172 48.53 -36.41 43.46
CA THR I 172 49.54 -35.58 44.10
C THR I 172 50.35 -34.76 43.09
N TYR I 173 50.53 -33.49 43.41
CA TYR I 173 51.28 -32.56 42.59
C TYR I 173 52.78 -32.71 42.80
N SER I 174 53.55 -32.31 41.80
CA SER I 174 55.01 -32.36 41.88
C SER I 174 55.57 -31.11 41.22
N MET I 175 56.76 -30.67 41.62
CA MET I 175 57.32 -29.46 41.01
C MET I 175 58.86 -29.42 40.94
N SER I 176 59.36 -28.61 40.01
CA SER I 176 60.78 -28.48 39.73
C SER I 176 61.23 -27.02 39.79
N SER I 177 62.19 -26.76 40.66
CA SER I 177 62.74 -25.41 40.81
C SER I 177 64.20 -25.37 40.36
N THR I 178 64.45 -24.70 39.23
CA THR I 178 65.80 -24.52 38.72
C THR I 178 66.41 -23.18 39.15
N LEU I 179 67.56 -23.24 39.82
CA LEU I 179 68.29 -22.05 40.24
C LEU I 179 69.61 -21.92 39.46
N THR I 180 69.67 -20.96 38.54
CA THR I 180 70.78 -20.89 37.59
C THR I 180 71.99 -20.13 38.13
N PCA J 1 28.18 -34.42 10.17
CA PCA J 1 28.21 -33.87 11.56
CB PCA J 1 28.94 -34.81 12.51
CG PCA J 1 29.21 -36.08 11.73
CD PCA J 1 28.81 -35.73 10.31
OE PCA J 1 28.99 -36.50 9.38
C PCA J 1 28.96 -32.54 11.50
O PCA J 1 29.89 -32.40 10.71
N VAL J 2 28.56 -31.58 12.33
CA VAL J 2 29.15 -30.24 12.22
C VAL J 2 30.59 -30.25 12.69
N GLN J 3 31.47 -29.69 11.87
CA GLN J 3 32.89 -29.65 12.20
C GLN J 3 33.54 -28.31 11.83
N LEU J 4 34.32 -27.79 12.78
CA LEU J 4 35.10 -26.57 12.55
C LEU J 4 36.58 -26.91 12.59
N GLN J 5 37.24 -26.85 11.45
CA GLN J 5 38.64 -27.26 11.36
C GLN J 5 39.57 -26.05 11.31
N GLN J 6 40.34 -25.84 12.37
CA GLN J 6 41.23 -24.69 12.41
C GLN J 6 42.59 -25.03 11.82
N SER J 7 43.47 -24.05 11.74
CA SER J 7 44.74 -24.24 11.06
C SER J 7 45.83 -24.73 11.99
N GLY J 8 47.03 -24.96 11.46
CA GLY J 8 48.13 -25.50 12.22
C GLY J 8 48.68 -24.53 13.24
N THR J 9 49.56 -25.04 14.11
CA THR J 9 50.19 -24.21 15.12
C THR J 9 51.04 -23.14 14.44
N GLU J 10 51.27 -22.03 15.13
CA GLU J 10 52.00 -20.92 14.53
C GLU J 10 53.04 -20.34 15.48
N LEU J 11 54.20 -20.02 14.91
CA LEU J 11 55.27 -19.35 15.62
C LEU J 11 55.56 -18.06 14.84
N LYS J 12 55.63 -16.94 15.54
CA LYS J 12 55.84 -15.66 14.86
C LYS J 12 56.72 -14.71 15.67
N LYS J 13 57.59 -13.99 14.96
CA LYS J 13 58.45 -12.98 15.59
C LYS J 13 57.60 -11.78 15.98
N PRO J 14 57.97 -11.08 17.06
CA PRO J 14 57.23 -9.91 17.52
C PRO J 14 57.15 -8.80 16.46
N GLY J 15 55.96 -8.23 16.28
CA GLY J 15 55.75 -7.18 15.29
C GLY J 15 55.19 -7.67 13.98
N ALA J 16 55.23 -8.99 13.76
CA ALA J 16 54.67 -9.58 12.55
C ALA J 16 53.16 -9.74 12.69
N SER J 17 52.57 -10.45 11.73
CA SER J 17 51.14 -10.71 11.77
C SER J 17 50.86 -12.16 11.41
N VAL J 18 49.68 -12.65 11.78
CA VAL J 18 49.32 -14.03 11.53
C VAL J 18 47.86 -14.15 11.09
N LYS J 19 47.59 -15.06 10.15
CA LYS J 19 46.22 -15.34 9.73
C LYS J 19 45.83 -16.78 10.07
N ILE J 20 44.87 -16.93 11.00
CA ILE J 20 44.37 -18.23 11.40
C ILE J 20 43.09 -18.52 10.64
N SER J 21 42.90 -19.77 10.24
CA SER J 21 41.72 -20.11 9.46
C SER J 21 40.80 -21.03 10.24
N CYS J 22 39.51 -20.93 9.96
CA CYS J 22 38.51 -21.84 10.52
C CYS J 22 37.65 -22.35 9.37
N LYS J 23 37.70 -23.64 9.10
CA LYS J 23 36.97 -24.22 7.98
C LYS J 23 35.72 -24.92 8.47
N ALA J 24 34.57 -24.42 8.05
CA ALA J 24 33.29 -24.95 8.53
C ALA J 24 32.74 -25.99 7.57
N THR J 25 32.35 -27.14 8.11
CA THR J 25 31.75 -28.20 7.31
C THR J 25 30.57 -28.84 8.04
N GLY J 26 29.59 -29.33 7.28
CA GLY J 26 28.49 -30.09 7.84
C GLY J 26 27.29 -29.26 8.23
N TYR J 27 27.24 -28.02 7.77
CA TYR J 27 26.08 -27.17 7.92
C TYR J 27 26.16 -26.08 6.87
N THR J 28 25.03 -25.45 6.55
CA THR J 28 25.05 -24.37 5.58
C THR J 28 25.93 -23.25 6.11
N PHE J 29 26.97 -22.88 5.37
CA PHE J 29 28.00 -22.01 5.94
C PHE J 29 27.48 -20.64 6.32
N SER J 30 26.51 -20.16 5.57
CA SER J 30 26.06 -18.77 5.65
C SER J 30 25.01 -18.53 6.72
N SER J 31 24.54 -19.59 7.37
CA SER J 31 23.38 -19.50 8.25
C SER J 31 23.75 -19.19 9.70
N TYR J 32 25.04 -19.00 9.98
CA TYR J 32 25.50 -18.91 11.37
C TYR J 32 26.68 -17.96 11.54
N TRP J 33 26.74 -17.27 12.67
CA TRP J 33 27.92 -16.46 12.98
C TRP J 33 29.11 -17.38 13.17
N ILE J 34 30.31 -16.84 13.01
CA ILE J 34 31.51 -17.50 13.51
C ILE J 34 32.16 -16.62 14.57
N GLU J 35 32.48 -17.24 15.70
CA GLU J 35 33.00 -16.56 16.87
C GLU J 35 34.48 -16.86 17.03
N TRP J 36 35.23 -15.89 17.56
CA TRP J 36 36.62 -16.13 17.90
C TRP J 36 36.89 -15.88 19.38
N ILE J 37 37.54 -16.84 20.03
CA ILE J 37 37.84 -16.77 21.46
C ILE J 37 39.34 -16.97 21.71
N LYS J 38 39.91 -16.13 22.58
CA LYS J 38 41.32 -16.24 22.94
C LYS J 38 41.48 -16.87 24.31
N GLN J 39 42.45 -17.77 24.44
CA GLN J 39 42.80 -18.34 25.75
C GLN J 39 44.29 -18.26 26.07
N ARG J 40 44.65 -17.45 27.07
CA ARG J 40 46.03 -17.45 27.53
C ARG J 40 46.04 -18.16 28.88
N PRO J 41 47.20 -18.73 29.23
CA PRO J 41 47.34 -19.67 30.34
C PRO J 41 47.14 -19.09 31.74
N GLY J 42 46.16 -18.29 32.01
CA GLY J 42 46.12 -17.50 33.22
C GLY J 42 45.30 -16.26 33.09
N HIS J 43 44.84 -15.97 31.88
CA HIS J 43 43.71 -15.07 31.70
C HIS J 43 42.33 -15.72 31.41
N GLY J 44 42.28 -17.05 31.34
CA GLY J 44 41.02 -17.71 31.04
C GLY J 44 40.53 -17.46 29.63
N LEU J 45 39.23 -17.17 29.46
CA LEU J 45 38.64 -17.03 28.13
C LEU J 45 38.18 -15.61 27.81
N GLU J 46 38.73 -15.03 26.75
CA GLU J 46 38.35 -13.69 26.31
C GLU J 46 37.64 -13.80 24.96
N TRP J 47 36.58 -13.01 24.78
CA TRP J 47 35.83 -13.03 23.53
C TRP J 47 36.38 -11.99 22.56
N ILE J 48 36.90 -12.45 21.42
CA ILE J 48 37.50 -11.52 20.47
C ILE J 48 36.42 -10.80 19.66
N GLY J 49 35.46 -11.56 19.14
CA GLY J 49 34.39 -11.01 18.32
C GLY J 49 33.76 -12.07 17.45
N GLU J 50 32.87 -11.62 16.56
CA GLU J 50 32.18 -12.53 15.64
C GLU J 50 32.13 -11.94 14.24
N ILE J 51 31.94 -12.81 13.26
CA ILE J 51 31.69 -12.37 11.89
C ILE J 51 30.57 -13.20 11.24
N LEU J 52 29.64 -12.52 10.57
CA LEU J 52 28.53 -13.15 9.87
C LEU J 52 28.88 -13.22 8.38
N PRO J 53 29.19 -14.42 7.87
CA PRO J 53 29.93 -14.62 6.62
C PRO J 53 29.31 -14.04 5.37
N GLU J 54 28.02 -14.25 5.14
CA GLU J 54 27.42 -13.82 3.88
C GLU J 54 27.73 -12.37 3.61
N ILE J 55 27.35 -11.51 4.55
CA ILE J 55 27.48 -10.09 4.33
C ILE J 55 28.76 -9.52 4.93
N GLY J 56 29.58 -10.38 5.49
CA GLY J 56 30.88 -9.97 5.97
C GLY J 56 30.85 -8.93 7.08
N MET J 57 29.75 -8.92 7.85
CA MET J 57 29.63 -8.01 8.98
C MET J 57 30.51 -8.47 10.13
N THR J 58 31.38 -7.59 10.61
CA THR J 58 32.28 -7.96 11.68
C THR J 58 31.95 -7.18 12.95
N ASN J 59 31.91 -7.87 14.08
CA ASN J 59 31.59 -7.27 15.37
C ASN J 59 32.70 -7.62 16.37
N TYR J 60 33.46 -6.62 16.82
CA TYR J 60 34.64 -6.86 17.66
C TYR J 60 34.43 -6.46 19.11
N ASN J 61 35.10 -7.15 20.01
CA ASN J 61 35.18 -6.75 21.40
C ASN J 61 35.96 -5.43 21.42
N GLU J 62 35.51 -4.44 22.17
CA GLU J 62 36.19 -3.14 22.16
C GLU J 62 37.68 -3.26 22.40
N ASN J 63 38.07 -4.27 23.16
CA ASN J 63 39.46 -4.46 23.57
C ASN J 63 40.38 -4.95 22.44
N PHE J 64 39.82 -5.58 21.42
CA PHE J 64 40.61 -6.07 20.28
C PHE J 64 40.61 -5.17 19.05
N LYS J 65 39.90 -4.04 19.11
CA LYS J 65 39.83 -3.18 17.94
C LYS J 65 41.23 -2.80 17.51
N GLY J 66 41.53 -3.11 16.26
CA GLY J 66 42.83 -2.83 15.67
C GLY J 66 43.79 -4.00 15.77
N LYS J 67 43.58 -4.88 16.74
CA LYS J 67 44.42 -6.06 16.84
C LYS J 67 43.93 -7.16 15.90
N ALA J 68 42.63 -7.35 15.83
CA ALA J 68 42.07 -8.49 15.11
C ALA J 68 41.17 -8.10 13.92
N THR J 69 41.31 -8.82 12.81
CA THR J 69 40.46 -8.62 11.65
C THR J 69 39.91 -9.94 11.07
N PHE J 70 38.57 -10.07 11.05
CA PHE J 70 37.91 -11.26 10.49
C PHE J 70 37.63 -11.07 9.01
N THR J 71 37.73 -12.15 8.25
CA THR J 71 37.26 -12.14 6.87
C THR J 71 36.62 -13.47 6.55
N ALA J 72 35.88 -13.54 5.45
CA ALA J 72 35.23 -14.79 5.08
C ALA J 72 35.30 -15.12 3.59
N ASN J 73 35.68 -16.36 3.29
CA ASN J 73 35.64 -16.88 1.94
C ASN J 73 34.43 -17.79 1.85
N THR J 74 33.41 -17.32 1.11
CA THR J 74 32.13 -18.00 1.02
C THR J 74 32.18 -19.19 0.08
N SER J 75 33.12 -19.17 -0.84
CA SER J 75 33.32 -20.29 -1.76
C SER J 75 34.07 -21.45 -1.09
N SER J 76 35.07 -21.14 -0.27
CA SER J 76 35.85 -22.17 0.42
C SER J 76 35.24 -22.50 1.80
N ASN J 77 34.10 -21.88 2.11
CA ASN J 77 33.46 -22.07 3.41
C ASN J 77 34.45 -21.88 4.55
N THR J 78 35.19 -20.77 4.52
CA THR J 78 36.24 -20.55 5.50
C THR J 78 36.18 -19.17 6.12
N VAL J 79 36.41 -19.09 7.43
CA VAL J 79 36.53 -17.81 8.11
C VAL J 79 37.95 -17.60 8.60
N TYR J 80 38.52 -16.44 8.29
CA TYR J 80 39.88 -16.15 8.67
C TYR J 80 39.89 -15.07 9.74
N MET J 81 40.79 -15.22 10.72
CA MET J 81 41.09 -14.14 11.64
C MET J 81 42.54 -13.73 11.50
N GLN J 82 42.78 -12.43 11.43
CA GLN J 82 44.12 -11.92 11.28
C GLN J 82 44.52 -11.09 12.48
N LEU J 83 45.65 -11.45 13.08
CA LEU J 83 46.19 -10.72 14.21
C LEU J 83 47.45 -9.98 13.75
N SER J 84 47.53 -8.71 14.11
CA SER J 84 48.59 -7.84 13.61
C SER J 84 49.39 -7.26 14.75
N SER J 85 50.59 -6.73 14.45
CA SER J 85 51.43 -6.05 15.44
C SER J 85 51.65 -6.93 16.67
N LEU J 86 51.89 -8.21 16.42
CA LEU J 86 51.95 -9.22 17.46
C LEU J 86 52.91 -8.86 18.58
N THR J 87 52.48 -9.13 19.82
CA THR J 87 53.33 -9.03 20.99
C THR J 87 53.29 -10.37 21.71
N SER J 88 54.02 -10.51 22.82
CA SER J 88 53.99 -11.75 23.58
C SER J 88 52.62 -11.89 24.23
N GLU J 89 51.95 -10.76 24.43
CA GLU J 89 50.63 -10.73 25.02
C GLU J 89 49.63 -11.50 24.17
N ASP J 90 49.92 -11.63 22.88
CA ASP J 90 49.02 -12.28 21.95
C ASP J 90 49.32 -13.76 21.80
N SER J 91 50.25 -14.26 22.60
CA SER J 91 50.55 -15.68 22.62
C SER J 91 49.46 -16.37 23.41
N ALA J 92 48.74 -17.27 22.74
CA ALA J 92 47.64 -17.97 23.36
C ALA J 92 47.11 -19.07 22.45
N VAL J 93 46.06 -19.74 22.90
CA VAL J 93 45.34 -20.65 22.03
C VAL J 93 44.07 -19.97 21.56
N TYR J 94 43.88 -19.93 20.24
CA TYR J 94 42.74 -19.25 19.64
C TYR J 94 41.74 -20.24 19.10
N TYR J 95 40.50 -20.12 19.57
CA TYR J 95 39.40 -20.99 19.16
C TYR J 95 38.41 -20.27 18.24
N CYS J 96 37.78 -21.00 17.34
CA CYS J 96 36.65 -20.44 16.61
C CYS J 96 35.43 -21.28 16.98
N ALA J 97 34.27 -20.64 17.10
CA ALA J 97 33.08 -21.37 17.56
C ALA J 97 31.81 -20.95 16.84
N ARG J 98 30.89 -21.90 16.67
CA ARG J 98 29.60 -21.63 16.01
C ARG J 98 28.43 -21.73 17.00
N PRO J 99 27.60 -20.68 17.06
CA PRO J 99 26.41 -20.64 17.93
C PRO J 99 25.41 -21.72 17.59
N TYR J 100 24.53 -22.07 18.54
CA TYR J 100 23.52 -23.07 18.25
C TYR J 100 22.61 -22.49 17.15
N ASP J 101 22.05 -21.30 17.38
CA ASP J 101 21.61 -20.52 16.21
C ASP J 101 22.11 -19.07 16.23
N TYR J 102 21.53 -18.20 17.06
CA TYR J 102 22.04 -16.84 17.09
C TYR J 102 22.88 -16.39 18.29
N SER J 103 22.92 -17.16 19.38
CA SER J 103 23.63 -16.64 20.56
C SER J 103 24.67 -17.54 21.21
N TRP J 104 24.21 -18.50 22.00
CA TRP J 104 25.13 -19.25 22.84
C TRP J 104 25.92 -20.23 21.98
N PHE J 105 27.07 -20.68 22.49
CA PHE J 105 27.98 -21.49 21.70
C PHE J 105 27.68 -22.98 21.81
N ALA J 106 27.63 -23.63 20.65
CA ALA J 106 27.34 -25.04 20.53
C ALA J 106 28.61 -25.78 20.09
N TYR J 107 29.15 -25.38 18.94
CA TYR J 107 30.26 -26.12 18.37
C TYR J 107 31.56 -25.35 18.45
N TRP J 108 32.65 -26.03 18.86
CA TRP J 108 33.96 -25.38 18.95
C TRP J 108 34.97 -26.02 18.01
N GLY J 109 36.02 -25.28 17.68
CA GLY J 109 37.12 -25.81 16.89
C GLY J 109 38.14 -26.49 17.79
N GLN J 110 39.15 -27.12 17.20
CA GLN J 110 40.15 -27.84 18.01
C GLN J 110 41.23 -26.91 18.55
N GLY J 111 41.18 -25.64 18.14
CA GLY J 111 42.10 -24.64 18.65
C GLY J 111 43.35 -24.49 17.80
N THR J 112 43.85 -23.26 17.75
CA THR J 112 45.12 -22.98 17.09
C THR J 112 46.06 -22.29 18.07
N LEU J 113 47.22 -22.88 18.31
CA LEU J 113 48.18 -22.30 19.24
C LEU J 113 49.02 -21.27 18.51
N VAL J 114 49.14 -20.08 19.09
CA VAL J 114 49.97 -19.05 18.51
C VAL J 114 51.00 -18.59 19.53
N THR J 115 52.26 -18.74 19.16
CA THR J 115 53.36 -18.37 20.05
C THR J 115 54.16 -17.23 19.43
N VAL J 116 54.54 -16.26 20.25
CA VAL J 116 55.27 -15.10 19.78
C VAL J 116 56.53 -14.90 20.57
N THR J 121 65.21 -20.36 15.98
CA THR J 121 65.41 -21.79 16.15
C THR J 121 66.79 -22.05 16.72
N THR J 122 66.85 -22.39 18.00
CA THR J 122 68.10 -22.76 18.65
C THR J 122 68.03 -24.20 19.13
N ALA J 123 69.19 -24.82 19.30
CA ALA J 123 69.25 -26.21 19.76
C ALA J 123 69.33 -26.27 21.29
N PRO J 124 68.84 -27.34 21.88
CA PRO J 124 68.90 -27.52 23.35
C PRO J 124 70.29 -27.93 23.85
N SER J 125 70.62 -27.53 25.07
CA SER J 125 71.76 -28.10 25.78
C SER J 125 71.22 -29.08 26.79
N VAL J 126 71.53 -30.37 26.59
CA VAL J 126 71.00 -31.41 27.47
C VAL J 126 72.07 -31.92 28.44
N TYR J 127 71.79 -31.82 29.74
CA TYR J 127 72.74 -32.23 30.78
C TYR J 127 72.16 -33.27 31.73
N PRO J 128 72.97 -34.27 32.12
CA PRO J 128 72.56 -35.22 33.17
C PRO J 128 72.66 -34.61 34.58
N LEU J 129 71.68 -34.89 35.43
CA LEU J 129 71.74 -34.48 36.83
C LEU J 129 71.81 -35.71 37.74
N ALA J 130 73.00 -35.94 38.29
CA ALA J 130 73.25 -37.02 39.23
C ALA J 130 73.16 -36.54 40.68
N PRO J 131 72.62 -37.37 41.59
CA PRO J 131 72.43 -37.01 43.00
C PRO J 131 73.75 -36.73 43.72
N SER J 139 65.91 -45.89 50.53
CA SER J 139 65.44 -47.02 49.73
C SER J 139 65.57 -46.76 48.24
N SER J 140 65.18 -45.56 47.80
CA SER J 140 65.23 -45.20 46.39
C SER J 140 66.08 -43.96 46.15
N VAL J 141 66.21 -43.58 44.88
CA VAL J 141 67.08 -42.48 44.46
C VAL J 141 66.41 -41.72 43.31
N THR J 142 66.74 -40.43 43.16
CA THR J 142 66.17 -39.60 42.10
C THR J 142 67.27 -39.04 41.19
N LEU J 143 67.11 -39.20 39.88
CA LEU J 143 68.08 -38.67 38.92
C LEU J 143 67.43 -37.59 38.03
N GLY J 144 68.21 -36.91 37.19
CA GLY J 144 67.62 -35.85 36.37
C GLY J 144 68.23 -35.60 35.00
N CYS J 145 67.52 -34.81 34.19
CA CYS J 145 68.06 -34.31 32.93
C CYS J 145 67.57 -32.87 32.75
N LEU J 146 68.47 -32.00 32.30
CA LEU J 146 68.15 -30.59 32.13
C LEU J 146 68.33 -30.22 30.68
N VAL J 147 67.24 -29.80 30.04
CA VAL J 147 67.28 -29.30 28.69
C VAL J 147 67.23 -27.78 28.75
N LYS J 148 68.30 -27.12 28.32
CA LYS J 148 68.36 -25.66 28.46
C LYS J 148 68.46 -24.94 27.12
N GLY J 149 67.88 -23.74 27.09
CA GLY J 149 68.03 -22.84 25.97
C GLY J 149 67.63 -23.44 24.64
N TYR J 150 66.42 -23.96 24.56
CA TYR J 150 65.91 -24.47 23.28
C TYR J 150 64.72 -23.65 22.76
N PHE J 151 64.80 -23.32 21.47
CA PHE J 151 63.77 -22.56 20.77
C PHE J 151 63.61 -23.21 19.39
N PRO J 152 62.37 -23.35 18.92
CA PRO J 152 61.11 -23.21 19.65
C PRO J 152 60.66 -24.56 20.21
N GLU J 153 59.46 -24.57 20.77
CA GLU J 153 58.83 -25.82 21.19
C GLU J 153 58.50 -26.70 19.99
N PRO J 154 58.19 -27.99 20.23
CA PRO J 154 58.28 -28.74 21.50
C PRO J 154 59.61 -29.48 21.65
N VAL J 155 59.76 -30.24 22.72
CA VAL J 155 60.91 -31.15 22.87
C VAL J 155 60.48 -32.47 23.51
N THR J 156 61.01 -33.59 22.99
CA THR J 156 60.59 -34.92 23.40
C THR J 156 61.71 -35.68 24.13
N LEU J 157 61.54 -35.87 25.43
CA LEU J 157 62.60 -36.36 26.31
C LEU J 157 62.25 -37.68 27.00
N THR J 158 62.94 -38.76 26.62
CA THR J 158 62.64 -40.07 27.17
C THR J 158 63.85 -40.68 27.90
N TRP J 159 63.59 -41.61 28.80
CA TRP J 159 64.65 -42.20 29.60
C TRP J 159 64.90 -43.65 29.20
N ASN J 160 66.12 -43.91 28.71
CA ASN J 160 66.48 -45.21 28.17
C ASN J 160 65.55 -45.56 27.00
N SER J 161 65.12 -44.52 26.29
CA SER J 161 64.25 -44.63 25.12
C SER J 161 62.83 -45.14 25.42
N GLY J 162 62.29 -44.76 26.57
CA GLY J 162 60.91 -45.07 26.91
C GLY J 162 60.73 -46.20 27.92
N SER J 163 61.79 -46.96 28.15
CA SER J 163 61.74 -48.10 29.05
C SER J 163 61.28 -47.71 30.46
N LEU J 164 61.86 -46.64 30.99
CA LEU J 164 61.48 -46.15 32.32
C LEU J 164 60.28 -45.24 32.17
N SER J 165 59.17 -45.62 32.78
CA SER J 165 57.91 -44.89 32.66
C SER J 165 57.41 -44.34 34.00
N SER J 166 57.15 -45.24 34.95
CA SER J 166 56.68 -44.82 36.29
C SER J 166 57.82 -44.33 37.19
N GLY J 167 57.62 -43.15 37.78
CA GLY J 167 58.65 -42.49 38.57
C GLY J 167 59.21 -41.24 37.89
N VAL J 168 58.90 -41.07 36.61
CA VAL J 168 59.42 -39.94 35.83
C VAL J 168 58.48 -38.75 35.92
N HIS J 169 59.04 -37.58 36.22
CA HIS J 169 58.32 -36.31 36.15
C HIS J 169 59.04 -35.41 35.15
N THR J 170 58.36 -35.08 34.05
CA THR J 170 58.89 -34.16 33.05
C THR J 170 58.13 -32.83 33.09
N PHE J 171 58.82 -31.78 33.53
CA PHE J 171 58.18 -30.53 33.84
C PHE J 171 58.02 -29.65 32.60
N PRO J 172 56.84 -29.03 32.44
CA PRO J 172 56.56 -28.09 31.35
C PRO J 172 57.57 -26.94 31.28
N ALA J 173 57.88 -26.48 30.09
CA ALA J 173 58.96 -25.51 29.89
C ALA J 173 58.71 -24.18 30.62
N VAL J 174 59.79 -23.47 30.93
CA VAL J 174 59.69 -22.10 31.45
C VAL J 174 60.53 -21.14 30.59
N LEU J 175 59.84 -20.26 29.87
CA LEU J 175 60.48 -19.38 28.89
C LEU J 175 61.25 -18.24 29.56
N GLN J 176 62.50 -18.06 29.13
CA GLN J 176 63.31 -16.95 29.64
C GLN J 176 64.18 -16.35 28.53
N TYR J 180 63.41 -21.28 26.19
CA TYR J 180 62.59 -22.28 26.88
C TYR J 180 63.49 -23.27 27.60
N THR J 181 63.28 -23.42 28.91
CA THR J 181 64.06 -24.36 29.71
C THR J 181 63.15 -25.32 30.48
N LEU J 182 63.22 -26.60 30.14
CA LEU J 182 62.55 -27.63 30.90
C LEU J 182 63.55 -28.60 31.49
N SER J 183 63.15 -29.27 32.56
CA SER J 183 63.97 -30.30 33.19
C SER J 183 63.09 -31.48 33.51
N SER J 184 63.71 -32.62 33.80
CA SER J 184 62.96 -33.82 34.15
C SER J 184 63.68 -34.62 35.22
N SER J 185 62.91 -35.20 36.13
CA SER J 185 63.49 -36.07 37.13
C SER J 185 62.97 -37.48 36.92
N VAL J 186 63.84 -38.48 37.09
CA VAL J 186 63.44 -39.88 37.00
C VAL J 186 63.92 -40.61 38.25
N THR J 187 62.98 -41.11 39.04
CA THR J 187 63.30 -41.79 40.29
C THR J 187 63.38 -43.30 40.08
N VAL J 188 64.41 -43.93 40.66
CA VAL J 188 64.64 -45.37 40.56
C VAL J 188 65.06 -45.97 41.92
N THR J 189 65.24 -47.29 41.97
CA THR J 189 65.69 -47.95 43.20
C THR J 189 67.22 -47.89 43.37
N SER J 190 67.67 -47.96 44.62
CA SER J 190 69.10 -47.89 44.93
C SER J 190 69.94 -48.89 44.12
N SER J 191 69.39 -50.08 43.91
CA SER J 191 70.13 -51.17 43.27
C SER J 191 70.44 -50.94 41.79
N THR J 192 69.40 -50.70 41.00
CA THR J 192 69.52 -50.67 39.55
C THR J 192 70.72 -49.87 39.06
N ALA J 203 65.76 -34.81 21.83
CA ALA J 203 65.26 -34.77 20.46
C ALA J 203 64.41 -33.51 20.16
N HIS J 204 65.00 -32.59 19.41
CA HIS J 204 64.36 -31.32 19.08
C HIS J 204 64.27 -31.20 17.55
N PRO J 205 63.16 -31.69 16.97
CA PRO J 205 62.98 -31.80 15.51
C PRO J 205 63.05 -30.48 14.73
N ALA J 206 62.91 -29.35 15.40
CA ALA J 206 62.98 -28.05 14.71
C ALA J 206 64.42 -27.68 14.35
N SER J 207 65.36 -28.04 15.22
CA SER J 207 66.78 -27.76 14.99
C SER J 207 67.55 -28.96 14.43
N SER J 208 66.88 -30.10 14.28
CA SER J 208 67.52 -31.33 13.84
C SER J 208 68.60 -31.81 14.82
N THR J 209 68.29 -31.82 16.10
CA THR J 209 69.23 -32.28 17.14
C THR J 209 68.63 -33.45 17.94
N LYS J 210 69.50 -34.30 18.46
CA LYS J 210 69.05 -35.45 19.26
C LYS J 210 70.13 -35.89 20.23
N ASP K 1 -29.30 -8.91 27.15
CA ASP K 1 -28.28 -9.18 28.21
C ASP K 1 -28.15 -10.66 28.48
N ILE K 2 -27.01 -11.06 29.03
CA ILE K 2 -26.83 -12.41 29.48
C ILE K 2 -27.06 -12.53 30.98
N VAL K 3 -27.93 -13.45 31.40
CA VAL K 3 -28.20 -13.69 32.82
C VAL K 3 -27.28 -14.78 33.37
N MET K 4 -26.63 -14.49 34.50
CA MET K 4 -25.87 -15.51 35.19
C MET K 4 -26.65 -15.90 36.43
N THR K 5 -27.16 -17.13 36.45
CA THR K 5 -28.05 -17.57 37.51
C THR K 5 -27.32 -18.45 38.53
N GLN K 6 -27.19 -17.94 39.75
CA GLN K 6 -26.75 -18.76 40.86
C GLN K 6 -27.96 -19.05 41.72
N SER K 7 -28.49 -20.26 41.63
CA SER K 7 -29.79 -20.56 42.20
C SER K 7 -29.70 -20.77 43.69
N GLN K 8 -28.49 -21.02 44.18
CA GLN K 8 -28.29 -21.20 45.60
C GLN K 8 -27.89 -19.90 46.25
N LYS K 9 -28.79 -19.35 47.05
CA LYS K 9 -28.49 -18.14 47.80
C LYS K 9 -27.64 -18.49 49.02
N PHE K 10 -27.88 -19.68 49.59
CA PHE K 10 -27.14 -20.17 50.75
C PHE K 10 -26.75 -21.63 50.57
N MET K 11 -25.50 -21.95 50.92
CA MET K 11 -25.03 -23.33 50.91
C MET K 11 -24.69 -23.78 52.32
N SER K 12 -24.98 -25.04 52.63
CA SER K 12 -24.58 -25.62 53.91
C SER K 12 -23.51 -26.67 53.68
N THR K 13 -22.42 -26.54 54.43
CA THR K 13 -21.35 -27.54 54.40
C THR K 13 -20.67 -27.61 55.76
N SER K 14 -19.81 -28.61 55.98
CA SER K 14 -19.04 -28.68 57.21
C SER K 14 -17.54 -28.69 56.91
N VAL K 15 -16.73 -28.22 57.87
CA VAL K 15 -15.30 -28.07 57.65
C VAL K 15 -14.69 -29.40 57.21
N GLY K 16 -13.76 -29.34 56.26
CA GLY K 16 -13.11 -30.53 55.76
C GLY K 16 -13.92 -31.23 54.68
N ASP K 17 -15.20 -30.90 54.59
CA ASP K 17 -16.11 -31.52 53.63
C ASP K 17 -15.97 -30.81 52.26
N ARG K 18 -16.73 -31.30 51.28
CA ARG K 18 -16.65 -30.75 49.93
C ARG K 18 -17.94 -29.98 49.59
N VAL K 19 -17.79 -28.86 48.88
CA VAL K 19 -18.94 -28.03 48.50
C VAL K 19 -18.84 -27.50 47.06
N SER K 20 -19.97 -27.44 46.37
CA SER K 20 -20.04 -26.97 44.98
C SER K 20 -21.11 -25.89 44.78
N VAL K 21 -20.71 -24.75 44.21
CA VAL K 21 -21.65 -23.72 43.82
C VAL K 21 -21.88 -23.79 42.33
N THR K 22 -23.13 -23.70 41.91
CA THR K 22 -23.47 -23.75 40.50
C THR K 22 -23.84 -22.37 39.96
N CYS K 23 -23.49 -22.14 38.70
CA CYS K 23 -23.85 -20.91 38.00
C CYS K 23 -24.23 -21.29 36.58
N LYS K 24 -25.40 -20.87 36.12
CA LYS K 24 -25.80 -21.18 34.74
C LYS K 24 -26.00 -19.93 33.89
N ALA K 25 -25.19 -19.78 32.86
CA ALA K 25 -25.39 -18.71 31.89
C ALA K 25 -26.66 -19.00 31.09
N SER K 26 -27.36 -17.94 30.71
CA SER K 26 -28.63 -18.07 30.00
C SER K 26 -28.44 -18.19 28.49
N GLN K 27 -27.19 -18.20 28.06
CA GLN K 27 -26.85 -18.42 26.65
C GLN K 27 -25.34 -18.46 26.55
N ASN K 28 -24.82 -18.98 25.46
CA ASN K 28 -23.42 -19.39 25.43
C ASN K 28 -22.45 -18.26 25.82
N VAL K 29 -21.69 -18.49 26.89
CA VAL K 29 -20.55 -17.65 27.24
C VAL K 29 -19.21 -18.31 26.93
N ASP K 30 -19.25 -19.48 26.29
CA ASP K 30 -18.07 -20.31 26.08
C ASP K 30 -17.46 -20.61 27.43
N THR K 31 -16.14 -20.62 27.52
CA THR K 31 -15.47 -20.87 28.78
C THR K 31 -15.03 -19.60 29.49
N ASN K 32 -15.48 -18.42 29.03
CA ASN K 32 -15.04 -17.21 29.73
C ASN K 32 -15.96 -16.90 30.89
N VAL K 33 -15.55 -17.33 32.08
CA VAL K 33 -16.31 -17.15 33.31
C VAL K 33 -15.29 -17.07 34.43
N ALA K 34 -15.53 -16.18 35.37
CA ALA K 34 -14.63 -16.04 36.49
C ALA K 34 -15.40 -16.19 37.77
N TRP K 35 -14.68 -16.64 38.80
CA TRP K 35 -15.26 -16.80 40.13
C TRP K 35 -14.52 -15.89 41.08
N TYR K 36 -15.29 -15.12 41.85
CA TYR K 36 -14.73 -14.23 42.86
C TYR K 36 -15.31 -14.52 44.24
N GLN K 37 -14.48 -14.34 45.26
CA GLN K 37 -14.85 -14.52 46.66
C GLN K 37 -14.94 -13.17 47.37
N GLU K 38 -16.12 -12.84 47.88
CA GLU K 38 -16.25 -11.65 48.72
C GLU K 38 -16.48 -12.04 50.18
N LYS K 39 -15.45 -11.81 51.00
CA LYS K 39 -15.53 -12.03 52.44
C LYS K 39 -16.26 -10.84 53.06
N PRO K 40 -16.71 -10.99 54.32
CA PRO K 40 -17.43 -9.87 54.92
C PRO K 40 -16.56 -8.61 55.03
N GLY K 41 -17.06 -7.50 54.51
CA GLY K 41 -16.42 -6.21 54.71
C GLY K 41 -15.17 -5.97 53.89
N GLN K 42 -14.64 -7.01 53.24
CA GLN K 42 -13.49 -6.83 52.35
C GLN K 42 -13.93 -6.65 50.92
N SER K 43 -12.99 -6.37 50.03
CA SER K 43 -13.32 -6.22 48.62
C SER K 43 -13.27 -7.60 47.97
N PRO K 44 -13.98 -7.78 46.85
CA PRO K 44 -13.94 -9.06 46.15
C PRO K 44 -12.52 -9.48 45.84
N LYS K 45 -12.28 -10.79 45.84
CA LYS K 45 -10.98 -11.33 45.54
C LYS K 45 -11.16 -12.36 44.44
N THR K 46 -10.15 -12.51 43.59
CA THR K 46 -10.28 -13.34 42.40
C THR K 46 -9.86 -14.79 42.65
N LEU K 47 -10.75 -15.71 42.29
CA LEU K 47 -10.51 -17.15 42.47
C LEU K 47 -10.23 -17.83 41.14
N ILE K 48 -11.20 -17.77 40.23
CA ILE K 48 -11.09 -18.55 38.99
C ILE K 48 -11.34 -17.74 37.71
N TYR K 49 -10.64 -18.11 36.63
CA TYR K 49 -10.86 -17.54 35.31
C TYR K 49 -10.77 -18.63 34.24
N SER K 50 -11.31 -18.35 33.06
CA SER K 50 -11.42 -19.35 31.99
C SER K 50 -12.18 -20.56 32.49
N ALA K 51 -12.91 -20.32 33.56
CA ALA K 51 -13.84 -21.29 34.17
C ALA K 51 -13.18 -22.43 34.93
N SER K 52 -12.01 -22.86 34.47
CA SER K 52 -11.24 -23.91 35.12
C SER K 52 -9.92 -23.48 35.78
N ASN K 53 -9.52 -22.22 35.63
CA ASN K 53 -8.15 -21.85 35.95
C ASN K 53 -7.93 -21.11 37.25
N ARG K 54 -6.95 -21.57 38.00
CA ARG K 54 -6.66 -21.06 39.32
C ARG K 54 -5.84 -19.80 39.20
N TYR K 55 -6.36 -18.69 39.74
CA TYR K 55 -5.61 -17.44 39.80
C TYR K 55 -4.49 -17.61 40.81
N SER K 56 -3.35 -16.97 40.56
CA SER K 56 -2.17 -17.14 41.41
C SER K 56 -2.43 -16.76 42.88
N GLY K 57 -1.93 -17.58 43.79
CA GLY K 57 -2.07 -17.35 45.22
C GLY K 57 -3.28 -18.05 45.79
N VAL K 58 -4.07 -18.67 44.92
CA VAL K 58 -5.30 -19.34 45.34
C VAL K 58 -5.00 -20.79 45.66
N PRO K 59 -5.42 -21.22 46.85
CA PRO K 59 -5.22 -22.59 47.31
C PRO K 59 -5.76 -23.61 46.32
N ASP K 60 -5.20 -24.82 46.33
CA ASP K 60 -5.60 -25.86 45.40
C ASP K 60 -7.00 -26.42 45.71
N ARG K 61 -7.57 -26.01 46.84
CA ARG K 61 -8.90 -26.48 47.25
C ARG K 61 -9.95 -26.05 46.23
N PHE K 62 -9.84 -24.79 45.80
CA PHE K 62 -10.77 -24.21 44.83
C PHE K 62 -10.46 -24.71 43.42
N THR K 63 -11.45 -25.33 42.80
CA THR K 63 -11.34 -25.70 41.39
C THR K 63 -12.62 -25.34 40.65
N GLY K 64 -12.48 -24.72 39.48
CA GLY K 64 -13.61 -24.44 38.64
C GLY K 64 -13.81 -25.50 37.59
N SER K 65 -15.05 -25.68 37.15
CA SER K 65 -15.35 -26.54 36.02
C SER K 65 -16.47 -25.95 35.17
N ALA K 66 -16.57 -26.44 33.94
CA ALA K 66 -17.63 -26.02 33.05
C ALA K 66 -18.09 -27.17 32.17
N SER K 67 -19.40 -27.30 32.04
CA SER K 67 -19.98 -28.17 31.02
C SER K 67 -21.11 -27.38 30.35
N GLY K 68 -20.94 -27.10 29.06
CA GLY K 68 -21.92 -26.28 28.34
C GLY K 68 -22.11 -24.92 28.99
N THR K 69 -23.35 -24.57 29.31
CA THR K 69 -23.64 -23.31 29.97
C THR K 69 -23.60 -23.46 31.48
N ASP K 70 -23.24 -24.65 31.97
CA ASP K 70 -23.17 -24.92 33.41
C ASP K 70 -21.76 -24.73 33.93
N PHE K 71 -21.60 -23.82 34.87
CA PHE K 71 -20.31 -23.60 35.52
C PHE K 71 -20.39 -23.93 37.00
N THR K 72 -19.35 -24.58 37.50
CA THR K 72 -19.35 -25.01 38.88
C THR K 72 -18.04 -24.63 39.58
N LEU K 73 -18.18 -23.99 40.74
CA LEU K 73 -17.02 -23.73 41.60
C LEU K 73 -17.05 -24.76 42.72
N THR K 74 -16.01 -25.60 42.79
CA THR K 74 -15.93 -26.65 43.79
C THR K 74 -14.79 -26.41 44.78
N ILE K 75 -15.14 -26.36 46.05
CA ILE K 75 -14.16 -26.31 47.12
C ILE K 75 -14.12 -27.64 47.82
N THR K 76 -12.95 -28.27 47.86
CA THR K 76 -12.76 -29.47 48.64
C THR K 76 -11.98 -29.12 49.91
N ASN K 77 -12.28 -29.81 51.00
CA ASN K 77 -11.64 -29.53 52.28
C ASN K 77 -11.92 -28.09 52.76
N VAL K 78 -13.19 -27.74 52.82
CA VAL K 78 -13.60 -26.40 53.24
C VAL K 78 -12.96 -26.06 54.57
N GLN K 79 -12.32 -24.89 54.64
CA GLN K 79 -11.77 -24.38 55.89
C GLN K 79 -12.71 -23.32 56.47
N SER K 80 -12.38 -22.83 57.66
CA SER K 80 -13.27 -21.88 58.34
C SER K 80 -13.11 -20.49 57.75
N GLU K 81 -11.93 -20.22 57.20
CA GLU K 81 -11.66 -18.94 56.56
C GLU K 81 -12.39 -18.83 55.21
N ASP K 82 -13.03 -19.92 54.80
CA ASP K 82 -13.75 -20.00 53.54
C ASP K 82 -15.17 -19.50 53.67
N LEU K 83 -15.51 -18.94 54.82
CA LEU K 83 -16.86 -18.41 55.01
C LEU K 83 -16.91 -17.08 54.28
N ALA K 84 -17.76 -17.01 53.25
CA ALA K 84 -17.83 -15.84 52.40
C ALA K 84 -18.97 -15.93 51.39
N GLU K 85 -19.10 -14.93 50.54
CA GLU K 85 -20.08 -14.97 49.47
C GLU K 85 -19.36 -15.18 48.14
N TYR K 86 -19.95 -15.99 47.26
CA TYR K 86 -19.27 -16.36 46.02
C TYR K 86 -20.01 -15.90 44.76
N PHE K 87 -19.33 -15.09 43.94
CA PHE K 87 -19.93 -14.52 42.74
C PHE K 87 -19.30 -15.13 41.51
N CYS K 88 -20.10 -15.41 40.49
CA CYS K 88 -19.56 -15.79 39.19
C CYS K 88 -19.84 -14.68 38.18
N GLN K 89 -18.96 -14.54 37.20
CA GLN K 89 -19.11 -13.49 36.20
C GLN K 89 -18.83 -14.03 34.82
N GLN K 90 -19.70 -13.70 33.87
CA GLN K 90 -19.42 -13.92 32.45
C GLN K 90 -18.77 -12.66 31.90
N TYR K 91 -17.52 -12.78 31.47
CA TYR K 91 -16.84 -11.68 30.81
C TYR K 91 -16.88 -11.83 29.27
N ASN K 92 -17.63 -12.80 28.79
CA ASN K 92 -17.70 -13.09 27.37
C ASN K 92 -18.07 -11.90 26.50
N SER K 93 -19.16 -11.22 26.82
CA SER K 93 -19.61 -10.08 26.01
C SER K 93 -20.20 -8.96 26.88
N TYR K 94 -20.32 -7.76 26.33
CA TYR K 94 -20.89 -6.64 27.08
C TYR K 94 -22.40 -6.67 26.97
N PRO K 95 -23.10 -6.23 28.03
CA PRO K 95 -22.50 -5.88 29.32
C PRO K 95 -22.09 -7.10 30.16
N TYR K 96 -21.00 -6.95 30.89
CA TYR K 96 -20.60 -7.95 31.84
C TYR K 96 -21.71 -8.12 32.85
N THR K 97 -22.08 -9.37 33.12
CA THR K 97 -23.11 -9.66 34.12
C THR K 97 -22.58 -10.58 35.19
N PHE K 98 -23.23 -10.54 36.37
CA PHE K 98 -22.82 -11.34 37.51
C PHE K 98 -23.93 -12.27 37.99
N GLY K 99 -23.56 -13.24 38.82
CA GLY K 99 -24.52 -14.11 39.49
C GLY K 99 -25.03 -13.48 40.78
N GLY K 100 -26.14 -14.02 41.29
CA GLY K 100 -26.78 -13.43 42.45
C GLY K 100 -25.89 -13.46 43.66
N GLY K 101 -24.95 -14.41 43.66
CA GLY K 101 -24.08 -14.66 44.80
C GLY K 101 -24.59 -15.83 45.60
N THR K 102 -23.66 -16.61 46.14
CA THR K 102 -23.98 -17.76 47.00
C THR K 102 -23.20 -17.66 48.30
N LYS K 103 -23.91 -17.49 49.40
CA LYS K 103 -23.27 -17.40 50.70
C LYS K 103 -23.02 -18.80 51.23
N LEU K 104 -21.75 -19.08 51.53
CA LEU K 104 -21.37 -20.38 52.08
C LEU K 104 -21.57 -20.37 53.58
N GLU K 105 -22.30 -21.37 54.06
CA GLU K 105 -22.64 -21.45 55.48
C GLU K 105 -22.15 -22.76 56.09
N ILE K 106 -21.67 -22.63 57.32
CA ILE K 106 -21.09 -23.76 58.00
C ILE K 106 -21.96 -24.38 59.07
N LYS K 107 -22.04 -25.70 58.97
CA LYS K 107 -22.82 -26.50 59.86
C LYS K 107 -21.97 -26.88 61.06
N ARG K 108 -22.42 -26.40 62.19
CA ARG K 108 -21.76 -26.62 63.46
C ARG K 108 -22.76 -27.46 64.26
N ALA K 109 -22.36 -27.93 65.45
CA ALA K 109 -23.29 -28.66 66.31
C ALA K 109 -24.42 -27.72 66.71
N ASP K 110 -25.66 -28.18 66.62
CA ASP K 110 -26.81 -27.34 66.98
C ASP K 110 -26.63 -26.77 68.39
N ALA K 111 -26.72 -25.46 68.51
CA ALA K 111 -26.67 -24.81 69.82
C ALA K 111 -27.94 -23.99 69.96
N ALA K 112 -28.35 -23.73 71.19
CA ALA K 112 -29.64 -23.11 71.44
C ALA K 112 -29.47 -21.68 71.92
N PRO K 113 -30.47 -20.84 71.63
CA PRO K 113 -30.33 -19.41 71.93
C PRO K 113 -30.22 -19.11 73.42
N THR K 114 -29.24 -18.27 73.78
CA THR K 114 -29.12 -17.75 75.13
C THR K 114 -29.91 -16.43 75.15
N VAL K 115 -31.05 -16.41 75.83
CA VAL K 115 -31.98 -15.29 75.72
C VAL K 115 -31.88 -14.34 76.92
N SER K 116 -31.91 -13.04 76.65
CA SER K 116 -31.93 -12.04 77.72
C SER K 116 -32.86 -10.88 77.36
N ILE K 117 -33.78 -10.54 78.27
CA ILE K 117 -34.69 -9.41 78.05
C ILE K 117 -34.33 -8.29 79.00
N PHE K 118 -34.45 -7.06 78.55
CA PHE K 118 -34.14 -5.91 79.39
C PHE K 118 -35.26 -4.89 79.28
N PRO K 119 -35.67 -4.33 80.43
CA PRO K 119 -36.69 -3.28 80.51
C PRO K 119 -36.12 -1.92 80.15
N PRO K 120 -36.98 -0.98 79.75
CA PRO K 120 -36.55 0.38 79.42
C PRO K 120 -35.64 0.96 80.49
N SER K 121 -34.65 1.73 80.07
CA SER K 121 -33.70 2.30 81.03
C SER K 121 -34.30 3.52 81.71
N SER K 122 -33.54 4.06 82.66
CA SER K 122 -33.94 5.26 83.35
C SER K 122 -33.95 6.45 82.37
N GLU K 123 -32.82 6.67 81.71
CA GLU K 123 -32.59 7.87 80.89
C GLU K 123 -33.59 8.07 79.75
N GLN K 124 -34.14 6.97 79.23
CA GLN K 124 -35.05 7.01 78.09
C GLN K 124 -36.50 7.32 78.45
N LEU K 125 -36.88 7.08 79.71
CA LEU K 125 -38.23 7.33 80.19
C LEU K 125 -38.42 8.77 80.67
N THR K 126 -37.31 9.47 80.88
CA THR K 126 -37.33 10.92 81.09
C THR K 126 -37.39 11.56 79.69
N SER K 127 -37.42 10.71 78.68
CA SER K 127 -37.60 11.08 77.29
C SER K 127 -39.10 11.07 76.95
N GLY K 128 -39.77 9.96 77.23
CA GLY K 128 -41.11 9.68 76.70
C GLY K 128 -41.23 8.48 75.77
N GLY K 129 -40.11 7.83 75.44
CA GLY K 129 -40.14 6.53 74.79
C GLY K 129 -39.88 5.37 75.74
N ALA K 130 -40.28 4.15 75.34
CA ALA K 130 -39.99 2.95 76.13
C ALA K 130 -39.57 1.78 75.24
N SER K 131 -38.34 1.28 75.41
CA SER K 131 -37.81 0.23 74.54
C SER K 131 -37.43 -1.03 75.28
N VAL K 132 -38.17 -2.10 75.01
CA VAL K 132 -37.94 -3.41 75.62
C VAL K 132 -37.01 -4.20 74.69
N VAL K 133 -35.86 -4.63 75.22
CA VAL K 133 -34.85 -5.21 74.35
C VAL K 133 -34.69 -6.69 74.66
N CYS K 134 -34.61 -7.53 73.63
CA CYS K 134 -34.48 -8.97 73.83
C CYS K 134 -33.35 -9.53 72.96
N PHE K 135 -32.30 -10.04 73.61
CA PHE K 135 -31.18 -10.66 72.91
C PHE K 135 -31.33 -12.17 72.88
N LEU K 136 -31.24 -12.74 71.69
CA LEU K 136 -31.15 -14.18 71.53
C LEU K 136 -29.76 -14.46 70.97
N ASN K 137 -28.86 -14.99 71.80
CA ASN K 137 -27.45 -15.08 71.40
C ASN K 137 -26.91 -16.50 71.16
N ASN K 138 -25.85 -16.55 70.35
CA ASN K 138 -25.04 -17.74 70.11
C ASN K 138 -25.83 -19.03 69.91
N PHE K 139 -26.62 -19.06 68.84
CA PHE K 139 -27.41 -20.24 68.50
C PHE K 139 -27.09 -20.79 67.11
N TYR K 140 -27.78 -21.88 66.76
CA TYR K 140 -27.61 -22.53 65.47
C TYR K 140 -28.64 -23.67 65.35
N PRO K 141 -29.24 -23.85 64.15
CA PRO K 141 -29.03 -23.11 62.90
C PRO K 141 -29.54 -21.67 62.97
N LYS K 142 -29.32 -20.90 61.89
CA LYS K 142 -29.62 -19.47 61.87
C LYS K 142 -31.12 -19.19 61.90
N ASP K 143 -31.92 -20.14 61.42
CA ASP K 143 -33.36 -19.97 61.39
C ASP K 143 -33.87 -19.88 62.82
N ILE K 144 -34.57 -18.80 63.14
CA ILE K 144 -35.09 -18.58 64.48
C ILE K 144 -36.36 -17.74 64.38
N ASN K 145 -37.30 -17.95 65.29
CA ASN K 145 -38.46 -17.06 65.33
C ASN K 145 -38.67 -16.48 66.72
N VAL K 146 -38.83 -15.16 66.79
CA VAL K 146 -39.05 -14.46 68.06
C VAL K 146 -40.43 -13.82 68.09
N LYS K 147 -41.17 -14.08 69.17
CA LYS K 147 -42.50 -13.51 69.34
C LYS K 147 -42.53 -12.62 70.59
N TRP K 148 -43.30 -11.54 70.53
CA TRP K 148 -43.48 -10.63 71.68
C TRP K 148 -44.85 -10.77 72.31
N LYS K 149 -44.91 -10.65 73.63
CA LYS K 149 -46.19 -10.70 74.33
C LYS K 149 -46.29 -9.66 75.44
N ILE K 150 -47.28 -8.77 75.32
CA ILE K 150 -47.64 -7.87 76.42
C ILE K 150 -48.89 -8.42 77.12
N ASP K 151 -48.76 -8.71 78.41
CA ASP K 151 -49.87 -9.24 79.21
C ASP K 151 -50.54 -10.45 78.58
N GLY K 152 -49.73 -11.32 77.98
CA GLY K 152 -50.21 -12.61 77.51
C GLY K 152 -50.63 -12.67 76.05
N SER K 153 -50.97 -11.52 75.46
CA SER K 153 -51.41 -11.51 74.06
C SER K 153 -50.29 -11.04 73.13
N GLU K 154 -50.25 -11.60 71.93
CA GLU K 154 -49.21 -11.29 70.96
C GLU K 154 -49.23 -9.80 70.56
N ARG K 155 -48.06 -9.27 70.24
CA ARG K 155 -47.93 -7.87 69.84
C ARG K 155 -47.00 -7.74 68.63
N GLN K 156 -47.55 -7.26 67.52
CA GLN K 156 -46.75 -7.08 66.30
C GLN K 156 -46.26 -5.68 65.94
N ASN K 157 -46.70 -4.66 66.70
CA ASN K 157 -46.43 -3.29 66.30
C ASN K 157 -45.27 -2.67 67.07
N GLY K 158 -44.23 -2.28 66.33
CA GLY K 158 -43.10 -1.62 66.96
C GLY K 158 -41.98 -2.58 67.28
N VAL K 159 -42.02 -3.75 66.67
CA VAL K 159 -40.91 -4.69 66.72
C VAL K 159 -39.86 -4.26 65.69
N LEU K 160 -38.58 -4.36 66.08
CA LEU K 160 -37.47 -4.07 65.19
C LEU K 160 -36.38 -5.14 65.36
N ASN K 161 -36.05 -5.87 64.29
CA ASN K 161 -35.11 -6.99 64.39
C ASN K 161 -33.77 -6.75 63.69
N SER K 162 -32.69 -7.25 64.29
CA SER K 162 -31.37 -7.20 63.67
C SER K 162 -30.57 -8.48 63.93
N TRP K 163 -29.94 -9.02 62.88
CA TRP K 163 -29.14 -10.25 63.00
C TRP K 163 -27.63 -9.98 62.92
N THR K 164 -26.81 -11.03 63.00
CA THR K 164 -25.37 -10.90 62.84
C THR K 164 -24.85 -11.90 61.81
N ASP K 165 -23.66 -11.63 61.28
CA ASP K 165 -23.01 -12.60 60.40
C ASP K 165 -22.44 -13.74 61.24
N GLN K 166 -22.42 -14.93 60.68
CA GLN K 166 -21.96 -16.11 61.40
C GLN K 166 -20.60 -15.81 62.03
N ASP K 167 -20.45 -16.17 63.29
CA ASP K 167 -19.24 -15.83 64.02
C ASP K 167 -17.99 -16.43 63.35
N SER K 168 -16.88 -15.68 63.38
CA SER K 168 -15.60 -16.21 62.94
C SER K 168 -15.08 -17.26 63.94
N LYS K 169 -15.42 -17.08 65.22
CA LYS K 169 -14.93 -17.98 66.25
C LYS K 169 -15.76 -19.27 66.31
N ASP K 170 -16.97 -19.16 66.87
CA ASP K 170 -17.77 -20.34 67.21
C ASP K 170 -18.79 -20.70 66.14
N SER K 171 -18.86 -19.89 65.08
CA SER K 171 -19.72 -20.19 63.95
C SER K 171 -21.20 -20.17 64.32
N THR K 172 -21.57 -19.33 65.28
CA THR K 172 -22.94 -19.30 65.77
C THR K 172 -23.57 -17.93 65.65
N TYR K 173 -24.80 -17.90 65.15
CA TYR K 173 -25.52 -16.65 64.97
C TYR K 173 -26.11 -16.14 66.28
N SER K 174 -26.34 -14.84 66.36
CA SER K 174 -27.09 -14.22 67.45
C SER K 174 -27.92 -13.10 66.86
N MET K 175 -29.16 -12.94 67.33
CA MET K 175 -30.02 -11.86 66.86
C MET K 175 -30.52 -11.01 68.02
N SER K 176 -30.96 -9.80 67.70
CA SER K 176 -31.46 -8.86 68.68
C SER K 176 -32.78 -8.27 68.20
N SER K 177 -33.78 -8.31 69.08
CA SER K 177 -35.10 -7.80 68.77
C SER K 177 -35.46 -6.71 69.77
N THR K 178 -35.92 -5.57 69.25
CA THR K 178 -36.26 -4.43 70.10
C THR K 178 -37.73 -4.07 69.88
N LEU K 179 -38.49 -3.95 70.96
CA LEU K 179 -39.88 -3.50 70.87
C LEU K 179 -40.04 -2.12 71.50
N THR K 180 -40.42 -1.15 70.69
CA THR K 180 -40.51 0.23 71.17
C THR K 180 -41.95 0.72 71.22
N LEU K 181 -42.31 1.26 72.37
CA LEU K 181 -43.63 1.83 72.62
C LEU K 181 -43.48 3.21 73.23
N THR K 182 -44.59 3.89 73.43
CA THR K 182 -44.56 5.14 74.18
C THR K 182 -44.54 4.86 75.69
N LYS K 183 -44.01 5.81 76.45
CA LYS K 183 -43.91 5.67 77.90
C LYS K 183 -45.28 5.47 78.51
N ASP K 184 -46.23 6.31 78.07
CA ASP K 184 -47.59 6.25 78.59
C ASP K 184 -48.26 4.92 78.25
N GLU K 185 -47.92 4.36 77.09
CA GLU K 185 -48.42 3.05 76.70
C GLU K 185 -47.71 1.96 77.50
N TYR K 186 -46.39 2.07 77.60
CA TYR K 186 -45.59 1.13 78.40
C TYR K 186 -46.09 1.05 79.86
N GLU K 187 -46.51 2.18 80.40
CA GLU K 187 -46.99 2.26 81.79
C GLU K 187 -48.43 1.79 81.93
N ARG K 188 -49.04 1.33 80.83
CA ARG K 188 -50.40 0.82 80.86
C ARG K 188 -50.45 -0.70 81.02
N HIS K 189 -49.29 -1.36 81.07
CA HIS K 189 -49.25 -2.81 81.21
C HIS K 189 -48.19 -3.32 82.21
N ASN K 190 -48.13 -4.63 82.39
CA ASN K 190 -47.30 -5.21 83.42
C ASN K 190 -46.33 -6.31 82.99
N SER K 191 -46.86 -7.39 82.43
CA SER K 191 -46.03 -8.52 82.00
C SER K 191 -45.50 -8.39 80.55
N TYR K 192 -44.16 -8.40 80.41
CA TYR K 192 -43.52 -8.31 79.11
C TYR K 192 -42.68 -9.55 78.82
N THR K 193 -43.09 -10.28 77.79
CA THR K 193 -42.46 -11.52 77.41
C THR K 193 -41.90 -11.51 75.99
N CYS K 194 -40.79 -12.20 75.79
CA CYS K 194 -40.41 -12.60 74.45
C CYS K 194 -40.16 -14.11 74.42
N GLU K 195 -40.69 -14.76 73.39
CA GLU K 195 -40.61 -16.21 73.20
C GLU K 195 -39.80 -16.54 71.96
N ALA K 196 -38.78 -17.37 72.13
CA ALA K 196 -37.95 -17.77 71.00
C ALA K 196 -38.23 -19.21 70.60
N THR K 197 -38.84 -19.37 69.43
CA THR K 197 -39.08 -20.70 68.88
C THR K 197 -37.96 -21.07 67.91
N HIS K 198 -37.41 -22.26 68.13
CA HIS K 198 -36.20 -22.68 67.45
C HIS K 198 -36.20 -24.20 67.34
N LYS K 199 -35.15 -24.75 66.71
CA LYS K 199 -35.03 -26.21 66.51
C LYS K 199 -34.43 -26.93 67.72
N THR K 200 -33.73 -26.19 68.59
CA THR K 200 -33.08 -26.81 69.75
C THR K 200 -34.05 -27.12 70.87
N SER K 201 -35.23 -26.51 70.80
CA SER K 201 -36.28 -26.76 71.78
C SER K 201 -37.61 -26.99 71.06
N THR K 202 -38.30 -28.05 71.47
CA THR K 202 -39.61 -28.40 70.94
C THR K 202 -40.65 -27.36 71.35
N SER K 203 -40.37 -26.70 72.48
CA SER K 203 -41.27 -25.70 73.07
C SER K 203 -40.52 -24.38 73.27
N PRO K 204 -41.19 -23.25 72.99
CA PRO K 204 -40.54 -21.93 72.95
C PRO K 204 -39.79 -21.55 74.22
N ILE K 205 -38.55 -21.10 74.06
CA ILE K 205 -37.80 -20.52 75.16
C ILE K 205 -38.42 -19.16 75.44
N VAL K 206 -38.84 -18.98 76.69
CA VAL K 206 -39.57 -17.78 77.09
C VAL K 206 -38.75 -17.03 78.12
N LYS K 207 -38.45 -15.76 77.85
CA LYS K 207 -37.86 -14.91 78.89
C LYS K 207 -38.78 -13.71 79.04
N SER K 208 -39.05 -13.36 80.29
CA SER K 208 -40.11 -12.41 80.61
C SER K 208 -39.83 -11.66 81.90
N PHE K 209 -40.39 -10.45 82.02
CA PHE K 209 -40.31 -9.71 83.29
C PHE K 209 -41.61 -8.98 83.61
N ASN K 210 -41.77 -8.62 84.88
CA ASN K 210 -42.95 -7.90 85.35
C ASN K 210 -42.59 -6.57 85.96
N ARG K 211 -43.29 -5.52 85.54
CA ARG K 211 -42.93 -4.17 85.93
C ARG K 211 -42.81 -3.98 87.45
N ASN K 212 -43.71 -4.56 88.25
CA ASN K 212 -43.51 -4.44 89.71
C ASN K 212 -42.93 -5.72 90.35
N GLU K 213 -41.64 -5.62 90.65
CA GLU K 213 -40.79 -6.76 91.00
C GLU K 213 -39.56 -6.27 91.77
N PCA L 1 3.67 -3.57 43.91
CA PCA L 1 2.49 -4.49 43.79
CB PCA L 1 2.14 -5.12 45.13
CG PCA L 1 3.26 -4.74 46.08
CD PCA L 1 4.08 -3.73 45.32
OE PCA L 1 5.03 -3.13 45.82
C PCA L 1 1.31 -3.65 43.30
O PCA L 1 1.22 -2.48 43.66
N VAL L 2 0.45 -4.23 42.48
CA VAL L 2 -0.63 -3.43 41.90
C VAL L 2 -1.64 -3.02 42.96
N GLN L 3 -1.97 -1.73 42.98
CA GLN L 3 -2.91 -1.22 43.96
C GLN L 3 -3.86 -0.18 43.36
N LEU L 4 -5.16 -0.33 43.66
CA LEU L 4 -6.18 0.62 43.27
C LEU L 4 -6.77 1.29 44.49
N GLN L 5 -6.47 2.56 44.69
CA GLN L 5 -6.87 3.27 45.89
C GLN L 5 -8.09 4.17 45.63
N GLN L 6 -9.25 3.81 46.18
CA GLN L 6 -10.44 4.60 45.93
C GLN L 6 -10.56 5.72 46.95
N SER L 7 -11.59 6.54 46.81
CA SER L 7 -11.73 7.71 47.67
C SER L 7 -12.55 7.43 48.94
N GLY L 8 -12.68 8.43 49.79
CA GLY L 8 -13.37 8.29 51.06
C GLY L 8 -14.86 8.08 50.92
N THR L 9 -15.51 7.74 52.03
CA THR L 9 -16.94 7.51 52.03
C THR L 9 -17.65 8.80 51.68
N GLU L 10 -18.87 8.70 51.17
CA GLU L 10 -19.59 9.89 50.73
C GLU L 10 -21.04 9.88 51.17
N LEU L 11 -21.51 11.05 51.60
CA LEU L 11 -22.89 11.28 51.97
C LEU L 11 -23.39 12.41 51.09
N LYS L 12 -24.56 12.24 50.47
CA LYS L 12 -25.05 13.25 49.54
C LYS L 12 -26.56 13.37 49.57
N LYS L 13 -27.05 14.61 49.50
CA LYS L 13 -28.47 14.90 49.45
C LYS L 13 -29.03 14.51 48.08
N PRO L 14 -30.28 14.04 48.03
CA PRO L 14 -30.90 13.61 46.77
C PRO L 14 -30.90 14.71 45.72
N GLY L 15 -30.54 14.38 44.50
CA GLY L 15 -30.53 15.35 43.41
C GLY L 15 -29.16 15.93 43.16
N ALA L 16 -28.23 15.72 44.09
CA ALA L 16 -26.86 16.19 43.93
C ALA L 16 -26.06 15.24 43.06
N SER L 17 -24.75 15.46 42.99
CA SER L 17 -23.87 14.59 42.23
C SER L 17 -22.59 14.33 43.02
N VAL L 18 -21.89 13.26 42.64
CA VAL L 18 -20.71 12.85 43.39
C VAL L 18 -19.62 12.34 42.44
N LYS L 19 -18.37 12.63 42.77
CA LYS L 19 -17.26 12.14 41.97
C LYS L 19 -16.36 11.24 42.82
N ILE L 20 -16.32 9.97 42.47
CA ILE L 20 -15.50 8.99 43.16
C ILE L 20 -14.21 8.81 42.38
N SER L 21 -13.10 8.66 43.08
CA SER L 21 -11.83 8.52 42.40
C SER L 21 -11.22 7.13 42.61
N CYS L 22 -10.47 6.67 41.62
CA CYS L 22 -9.72 5.42 41.73
C CYS L 22 -8.27 5.69 41.30
N LYS L 23 -7.34 5.58 42.23
CA LYS L 23 -5.93 5.90 41.94
C LYS L 23 -5.14 4.62 41.71
N ALA L 24 -4.61 4.48 40.51
CA ALA L 24 -3.91 3.26 40.14
C ALA L 24 -2.41 3.42 40.35
N THR L 25 -1.81 2.43 41.01
CA THR L 25 -0.37 2.42 41.22
C THR L 25 0.20 1.02 41.05
N GLY L 26 1.45 0.97 40.57
CA GLY L 26 2.17 -0.29 40.52
C GLY L 26 2.03 -1.03 39.21
N TYR L 27 1.55 -0.33 38.19
CA TYR L 27 1.55 -0.87 36.85
C TYR L 27 1.45 0.31 35.94
N THR L 28 1.81 0.16 34.66
CA THR L 28 1.71 1.26 33.69
C THR L 28 0.24 1.63 33.54
N PHE L 29 -0.08 2.89 33.82
CA PHE L 29 -1.49 3.27 33.99
C PHE L 29 -2.31 3.06 32.73
N SER L 30 -1.66 3.27 31.59
CA SER L 30 -2.33 3.36 30.30
C SER L 30 -2.55 2.03 29.61
N SER L 31 -2.06 0.96 30.21
CA SER L 31 -2.05 -0.34 29.54
C SER L 31 -3.29 -1.19 29.85
N TYR L 32 -4.24 -0.65 30.62
CA TYR L 32 -5.33 -1.48 31.12
C TYR L 32 -6.62 -0.69 31.25
N TRP L 33 -7.76 -1.35 31.01
CA TRP L 33 -9.05 -0.72 31.26
C TRP L 33 -9.21 -0.46 32.74
N ILE L 34 -10.08 0.48 33.10
CA ILE L 34 -10.57 0.54 34.47
C ILE L 34 -12.07 0.30 34.47
N GLU L 35 -12.52 -0.58 35.36
CA GLU L 35 -13.91 -1.01 35.42
C GLU L 35 -14.57 -0.41 36.63
N TRP L 36 -15.88 -0.15 36.52
CA TRP L 36 -16.64 0.27 37.68
C TRP L 36 -17.80 -0.68 37.98
N ILE L 37 -17.91 -1.12 39.24
CA ILE L 37 -18.95 -2.04 39.67
C ILE L 37 -19.75 -1.48 40.85
N LYS L 38 -21.07 -1.61 40.79
CA LYS L 38 -21.95 -1.16 41.88
C LYS L 38 -22.45 -2.33 42.68
N GLN L 39 -22.45 -2.19 44.00
CA GLN L 39 -23.05 -3.19 44.89
C GLN L 39 -24.06 -2.60 45.89
N ARG L 40 -25.34 -2.90 45.69
CA ARG L 40 -26.38 -2.60 46.67
C ARG L 40 -26.63 -3.83 47.51
N PRO L 41 -27.04 -3.63 48.76
CA PRO L 41 -27.24 -4.69 49.76
C PRO L 41 -28.24 -5.82 49.40
N GLY L 42 -29.11 -5.66 48.41
CA GLY L 42 -29.95 -6.75 47.94
C GLY L 42 -29.90 -7.07 46.47
N HIS L 43 -29.14 -6.28 45.71
CA HIS L 43 -29.05 -6.44 44.27
C HIS L 43 -27.78 -7.15 43.77
N GLY L 44 -26.87 -7.51 44.67
CA GLY L 44 -25.63 -8.14 44.27
C GLY L 44 -24.73 -7.21 43.46
N LEU L 45 -24.16 -7.71 42.37
CA LEU L 45 -23.15 -6.94 41.63
C LEU L 45 -23.59 -6.52 40.22
N GLU L 46 -23.63 -5.21 39.99
CA GLU L 46 -24.00 -4.68 38.69
C GLU L 46 -22.77 -4.03 38.03
N TRP L 47 -22.61 -4.24 36.73
CA TRP L 47 -21.47 -3.67 36.01
C TRP L 47 -21.83 -2.31 35.45
N ILE L 48 -21.13 -1.26 35.89
CA ILE L 48 -21.46 0.10 35.43
C ILE L 48 -20.88 0.36 34.05
N GLY L 49 -19.61 0.01 33.88
CA GLY L 49 -18.93 0.23 32.62
C GLY L 49 -17.43 0.26 32.79
N GLU L 50 -16.73 0.61 31.71
CA GLU L 50 -15.28 0.68 31.73
C GLU L 50 -14.78 1.94 31.00
N ILE L 51 -13.57 2.35 31.32
CA ILE L 51 -12.90 3.41 30.57
C ILE L 51 -11.43 3.07 30.31
N LEU L 52 -10.99 3.28 29.07
CA LEU L 52 -9.61 3.05 28.67
C LEU L 52 -8.87 4.40 28.68
N PRO L 53 -7.98 4.60 29.67
CA PRO L 53 -7.49 5.93 30.05
C PRO L 53 -6.79 6.74 28.97
N GLU L 54 -5.85 6.17 28.24
CA GLU L 54 -5.07 6.96 27.28
C GLU L 54 -5.98 7.75 26.38
N ILE L 55 -6.86 7.05 25.70
CA ILE L 55 -7.69 7.71 24.71
C ILE L 55 -9.06 8.11 25.24
N GLY L 56 -9.28 7.86 26.53
CA GLY L 56 -10.50 8.31 27.19
C GLY L 56 -11.78 7.72 26.63
N MET L 57 -11.68 6.53 26.03
CA MET L 57 -12.84 5.85 25.50
C MET L 57 -13.68 5.27 26.65
N THR L 58 -14.97 5.61 26.68
CA THR L 58 -15.84 5.18 27.75
C THR L 58 -16.87 4.23 27.18
N ASN L 59 -17.10 3.11 27.89
CA ASN L 59 -18.07 2.11 27.48
C ASN L 59 -19.01 1.86 28.66
N TYR L 60 -20.29 2.23 28.51
CA TYR L 60 -21.26 2.12 29.61
C TYR L 60 -22.25 0.98 29.44
N ASN L 61 -22.69 0.42 30.57
CA ASN L 61 -23.80 -0.53 30.60
C ASN L 61 -25.02 0.28 30.18
N GLU L 62 -25.86 -0.27 29.31
CA GLU L 62 -27.01 0.49 28.81
C GLU L 62 -27.85 1.09 29.94
N ASN L 63 -27.88 0.40 31.07
CA ASN L 63 -28.70 0.78 32.21
C ASN L 63 -28.21 2.03 32.95
N PHE L 64 -26.93 2.34 32.83
CA PHE L 64 -26.35 3.50 33.49
C PHE L 64 -26.18 4.74 32.61
N LYS L 65 -26.56 4.65 31.33
CA LYS L 65 -26.38 5.78 30.44
C LYS L 65 -27.08 6.99 31.04
N GLY L 66 -26.31 8.04 31.25
CA GLY L 66 -26.81 9.28 31.77
C GLY L 66 -26.64 9.40 33.26
N LYS L 67 -26.56 8.26 33.96
CA LYS L 67 -26.31 8.29 35.39
C LYS L 67 -24.82 8.46 35.68
N ALA L 68 -23.99 7.73 34.95
CA ALA L 68 -22.56 7.68 35.26
C ALA L 68 -21.64 8.24 34.15
N THR L 69 -20.62 8.99 34.57
CA THR L 69 -19.62 9.47 33.63
C THR L 69 -18.17 9.25 34.11
N PHE L 70 -17.40 8.49 33.33
CA PHE L 70 -15.99 8.23 33.63
C PHE L 70 -15.08 9.29 33.02
N THR L 71 -14.01 9.64 33.72
CA THR L 71 -12.95 10.46 33.13
C THR L 71 -11.61 9.96 33.62
N ALA L 72 -10.53 10.40 32.99
CA ALA L 72 -9.21 9.96 33.39
C ALA L 72 -8.16 11.07 33.41
N ASN L 73 -7.41 11.16 34.51
CA ASN L 73 -6.27 12.07 34.58
C ASN L 73 -5.01 11.22 34.43
N THR L 74 -4.35 11.37 33.28
CA THR L 74 -3.21 10.54 32.91
C THR L 74 -1.95 10.95 33.63
N SER L 75 -1.90 12.21 34.06
CA SER L 75 -0.76 12.70 34.80
C SER L 75 -0.82 12.26 36.28
N SER L 76 -2.02 12.25 36.86
CA SER L 76 -2.19 11.82 38.25
C SER L 76 -2.49 10.32 38.36
N ASN L 77 -2.47 9.63 37.23
CA ASN L 77 -2.77 8.20 37.17
C ASN L 77 -4.08 7.90 37.90
N THR L 78 -5.12 8.66 37.58
CA THR L 78 -6.37 8.52 38.31
C THR L 78 -7.59 8.41 37.39
N VAL L 79 -8.52 7.52 37.74
CA VAL L 79 -9.77 7.44 37.02
C VAL L 79 -10.92 7.88 37.90
N TYR L 80 -11.76 8.77 37.37
CA TYR L 80 -12.88 9.30 38.15
C TYR L 80 -14.17 8.77 37.57
N MET L 81 -15.12 8.46 38.45
CA MET L 81 -16.49 8.22 38.02
C MET L 81 -17.40 9.24 38.67
N GLN L 82 -18.30 9.79 37.88
CA GLN L 82 -19.23 10.79 38.37
C GLN L 82 -20.67 10.32 38.24
N LEU L 83 -21.37 10.35 39.37
CA LEU L 83 -22.77 9.99 39.44
C LEU L 83 -23.61 11.24 39.65
N SER L 84 -24.66 11.37 38.87
CA SER L 84 -25.46 12.59 38.84
C SER L 84 -26.91 12.29 39.16
N SER L 85 -27.66 13.34 39.49
CA SER L 85 -29.11 13.22 39.75
C SER L 85 -29.37 12.11 40.77
N LEU L 86 -28.55 12.07 41.81
CA LEU L 86 -28.57 10.99 42.77
C LEU L 86 -29.94 10.73 43.37
N THR L 87 -30.28 9.45 43.50
CA THR L 87 -31.48 9.03 44.22
C THR L 87 -31.05 8.06 45.30
N SER L 88 -31.99 7.55 46.09
CA SER L 88 -31.66 6.56 47.10
C SER L 88 -31.23 5.26 46.42
N GLU L 89 -31.72 5.05 45.21
CA GLU L 89 -31.41 3.86 44.44
C GLU L 89 -29.92 3.76 44.17
N ASP L 90 -29.24 4.90 44.19
CA ASP L 90 -27.80 4.97 43.90
C ASP L 90 -26.93 4.82 45.15
N SER L 91 -27.57 4.55 46.28
CA SER L 91 -26.84 4.29 47.50
C SER L 91 -26.32 2.88 47.42
N ALA L 92 -25.01 2.73 47.46
CA ALA L 92 -24.38 1.44 47.36
C ALA L 92 -22.89 1.54 47.64
N VAL L 93 -22.20 0.41 47.53
CA VAL L 93 -20.74 0.45 47.54
C VAL L 93 -20.23 0.32 46.12
N TYR L 94 -19.38 1.27 45.72
CA TYR L 94 -18.87 1.32 44.36
C TYR L 94 -17.41 0.92 44.31
N TYR L 95 -17.12 -0.10 43.50
CA TYR L 95 -15.77 -0.62 43.31
C TYR L 95 -15.18 -0.23 41.95
N CYS L 96 -13.86 -0.05 41.89
CA CYS L 96 -13.21 0.06 40.61
C CYS L 96 -12.26 -1.15 40.48
N ALA L 97 -12.16 -1.71 39.28
CA ALA L 97 -11.36 -2.92 39.11
C ALA L 97 -10.54 -2.93 37.80
N ARG L 98 -9.37 -3.56 37.85
CA ARG L 98 -8.49 -3.67 36.70
C ARG L 98 -8.41 -5.11 36.17
N PRO L 99 -8.67 -5.32 34.87
CA PRO L 99 -8.59 -6.62 34.21
C PRO L 99 -7.20 -7.24 34.28
N TYR L 100 -7.09 -8.56 34.11
CA TYR L 100 -5.78 -9.18 34.13
C TYR L 100 -5.02 -8.67 32.92
N ASP L 101 -5.59 -8.78 31.72
CA ASP L 101 -5.17 -7.86 30.65
C ASP L 101 -6.34 -7.19 29.93
N TYR L 102 -7.07 -7.90 29.07
CA TYR L 102 -8.21 -7.23 28.42
C TYR L 102 -9.62 -7.60 28.89
N SER L 103 -9.81 -8.66 29.67
CA SER L 103 -11.19 -9.05 29.97
C SER L 103 -11.56 -9.25 31.44
N TRP L 104 -11.18 -10.41 31.99
CA TRP L 104 -11.68 -10.78 33.31
C TRP L 104 -10.98 -9.96 34.39
N PHE L 105 -11.59 -9.89 35.57
CA PHE L 105 -11.09 -9.01 36.61
C PHE L 105 -10.06 -9.69 37.53
N ALA L 106 -8.96 -9.00 37.73
CA ALA L 106 -7.85 -9.46 38.54
C ALA L 106 -7.78 -8.65 39.81
N TYR L 107 -7.64 -7.33 39.66
CA TYR L 107 -7.41 -6.48 40.83
C TYR L 107 -8.62 -5.61 41.15
N TRP L 108 -8.98 -5.54 42.43
CA TRP L 108 -10.11 -4.70 42.85
C TRP L 108 -9.67 -3.58 43.79
N GLY L 109 -10.46 -2.52 43.89
CA GLY L 109 -10.25 -1.46 44.86
C GLY L 109 -10.88 -1.82 46.21
N GLN L 110 -10.67 -1.00 47.24
CA GLN L 110 -11.20 -1.31 48.56
C GLN L 110 -12.67 -0.89 48.70
N GLY L 111 -13.21 -0.22 47.68
CA GLY L 111 -14.60 0.17 47.69
C GLY L 111 -14.83 1.57 48.23
N THR L 112 -15.84 2.23 47.67
CA THR L 112 -16.27 3.54 48.16
C THR L 112 -17.75 3.48 48.46
N LEU L 113 -18.12 3.76 49.70
CA LEU L 113 -19.52 3.74 50.09
C LEU L 113 -20.17 5.07 49.75
N VAL L 114 -21.32 5.02 49.09
CA VAL L 114 -22.06 6.24 48.77
C VAL L 114 -23.47 6.13 49.28
N THR L 115 -23.81 7.06 50.16
CA THR L 115 -25.11 7.06 50.80
C THR L 115 -25.86 8.30 50.39
N VAL L 116 -27.15 8.15 50.12
CA VAL L 116 -27.97 9.26 49.66
C VAL L 116 -29.22 9.40 50.51
N SER L 117 -29.33 10.53 51.20
CA SER L 117 -30.57 10.86 51.91
C SER L 117 -30.53 12.29 52.45
N ALA L 118 -31.73 12.78 52.75
CA ALA L 118 -31.91 14.17 53.15
C ALA L 118 -31.98 14.30 54.66
N ALA L 119 -31.87 13.19 55.37
CA ALA L 119 -32.02 13.19 56.82
C ALA L 119 -30.96 14.07 57.49
N LYS L 120 -31.42 15.01 58.31
CA LYS L 120 -30.51 15.88 59.01
C LYS L 120 -29.71 15.09 60.02
N THR L 121 -28.47 15.52 60.27
CA THR L 121 -27.55 14.81 61.15
C THR L 121 -27.99 14.88 62.61
N THR L 122 -28.11 13.71 63.25
CA THR L 122 -28.64 13.64 64.60
C THR L 122 -27.67 12.93 65.55
N ALA L 123 -27.64 13.38 66.80
CA ALA L 123 -26.79 12.74 67.80
C ALA L 123 -27.51 11.54 68.40
N PRO L 124 -26.81 10.44 68.60
CA PRO L 124 -27.39 9.21 69.16
C PRO L 124 -27.90 9.36 70.59
N SER L 125 -29.07 8.80 70.89
CA SER L 125 -29.51 8.66 72.29
C SER L 125 -28.96 7.35 72.82
N VAL L 126 -28.25 7.40 73.96
CA VAL L 126 -27.56 6.21 74.47
C VAL L 126 -28.14 5.70 75.78
N TYR L 127 -28.82 4.55 75.70
CA TYR L 127 -29.52 4.02 76.86
C TYR L 127 -28.88 2.71 77.35
N PRO L 128 -28.38 2.72 78.60
CA PRO L 128 -27.78 1.53 79.20
C PRO L 128 -28.84 0.45 79.52
N LEU L 129 -28.56 -0.81 79.18
CA LEU L 129 -29.48 -1.91 79.50
C LEU L 129 -28.84 -2.85 80.51
N ALA L 130 -29.30 -2.74 81.76
CA ALA L 130 -29.00 -3.69 82.82
C ALA L 130 -30.14 -4.72 82.95
N PRO L 131 -29.85 -5.90 83.50
CA PRO L 131 -30.85 -6.97 83.66
C PRO L 131 -31.87 -6.68 84.76
N VAL L 132 -32.71 -7.66 85.08
CA VAL L 132 -33.86 -7.46 85.96
C VAL L 132 -34.03 -8.58 87.01
N SER L 139 -24.81 -18.54 86.17
CA SER L 139 -23.38 -18.75 86.06
C SER L 139 -22.69 -17.70 85.19
N SER L 140 -23.48 -16.75 84.69
CA SER L 140 -22.94 -15.63 83.91
C SER L 140 -24.09 -14.70 83.51
N VAL L 141 -23.76 -13.45 83.22
CA VAL L 141 -24.80 -12.45 82.98
C VAL L 141 -24.54 -11.60 81.74
N THR L 142 -25.64 -11.21 81.08
CA THR L 142 -25.61 -10.40 79.87
C THR L 142 -26.09 -8.96 80.13
N LEU L 143 -25.33 -8.00 79.62
CA LEU L 143 -25.70 -6.58 79.68
C LEU L 143 -25.80 -6.04 78.25
N GLY L 144 -26.42 -4.87 78.08
CA GLY L 144 -26.58 -4.32 76.73
C GLY L 144 -26.51 -2.81 76.64
N CYS L 145 -26.35 -2.32 75.42
CA CYS L 145 -26.24 -0.89 75.15
C CYS L 145 -27.14 -0.56 73.97
N LEU L 146 -28.07 0.38 74.16
CA LEU L 146 -28.99 0.79 73.09
C LEU L 146 -28.61 2.16 72.52
N VAL L 147 -28.23 2.19 71.23
CA VAL L 147 -27.93 3.45 70.52
C VAL L 147 -29.03 3.80 69.52
N LYS L 148 -29.81 4.83 69.84
CA LYS L 148 -31.10 5.06 69.19
C LYS L 148 -31.24 6.43 68.51
N GLY L 149 -31.81 6.44 67.31
CA GLY L 149 -32.08 7.66 66.57
C GLY L 149 -30.87 8.50 66.16
N TYR L 150 -29.91 7.88 65.48
CA TYR L 150 -28.69 8.58 65.07
C TYR L 150 -28.49 8.56 63.54
N PHE L 151 -27.65 9.48 63.05
CA PHE L 151 -27.32 9.57 61.62
C PHE L 151 -26.32 10.69 61.34
N PRO L 152 -25.32 10.44 60.47
CA PRO L 152 -25.07 9.18 59.76
C PRO L 152 -24.19 8.18 60.52
N GLU L 153 -23.90 7.06 59.87
CA GLU L 153 -22.85 6.15 60.30
C GLU L 153 -21.53 6.87 60.10
N PRO L 154 -20.44 6.35 60.70
CA PRO L 154 -20.45 5.14 61.51
C PRO L 154 -20.70 5.44 62.98
N VAL L 155 -20.64 4.41 63.79
CA VAL L 155 -20.61 4.57 65.21
C VAL L 155 -19.58 3.57 65.72
N THR L 156 -18.74 4.01 66.65
CA THR L 156 -17.70 3.14 67.19
C THR L 156 -17.98 2.87 68.66
N LEU L 157 -18.29 1.61 68.96
CA LEU L 157 -18.73 1.21 70.28
C LEU L 157 -17.71 0.26 70.89
N THR L 158 -17.02 0.72 71.93
CA THR L 158 -15.96 -0.07 72.55
C THR L 158 -16.25 -0.31 74.03
N TRP L 159 -15.99 -1.53 74.51
CA TRP L 159 -16.30 -1.89 75.88
C TRP L 159 -15.08 -1.78 76.83
N ASN L 160 -15.22 -1.00 77.90
CA ASN L 160 -14.12 -0.78 78.83
C ASN L 160 -12.86 -0.28 78.14
N SER L 161 -13.01 0.81 77.39
CA SER L 161 -11.89 1.48 76.73
C SER L 161 -11.43 0.76 75.44
N GLY L 162 -11.96 -0.43 75.19
CA GLY L 162 -11.50 -1.27 74.09
C GLY L 162 -10.66 -2.43 74.58
N SER L 163 -10.59 -2.58 75.90
CA SER L 163 -9.83 -3.66 76.54
C SER L 163 -10.71 -4.88 76.76
N LEU L 164 -11.93 -4.85 76.23
CA LEU L 164 -12.83 -6.01 76.27
C LEU L 164 -13.08 -6.53 74.84
N SER L 165 -13.00 -7.85 74.67
CA SER L 165 -13.11 -8.45 73.34
C SER L 165 -14.23 -9.49 73.25
N SER L 166 -14.02 -10.66 73.83
CA SER L 166 -15.02 -11.73 73.80
C SER L 166 -16.18 -11.41 74.71
N GLY L 167 -17.32 -12.06 74.46
CA GLY L 167 -18.54 -11.81 75.21
C GLY L 167 -19.44 -10.77 74.54
N VAL L 168 -18.88 -10.07 73.54
CA VAL L 168 -19.60 -8.99 72.87
C VAL L 168 -20.22 -9.45 71.55
N HIS L 169 -21.48 -9.06 71.35
CA HIS L 169 -22.13 -9.13 70.04
C HIS L 169 -22.66 -7.73 69.77
N THR L 170 -22.13 -7.06 68.75
CA THR L 170 -22.71 -5.79 68.32
C THR L 170 -23.45 -5.99 67.00
N PHE L 171 -24.78 -5.87 67.05
CA PHE L 171 -25.61 -6.09 65.89
C PHE L 171 -25.53 -4.89 64.96
N PRO L 172 -25.70 -5.10 63.65
CA PRO L 172 -25.73 -3.99 62.70
C PRO L 172 -26.87 -3.02 62.99
N ALA L 173 -26.75 -1.78 62.53
CA ALA L 173 -27.79 -0.78 62.76
C ALA L 173 -28.98 -1.06 61.83
N VAL L 174 -30.17 -0.65 62.25
CA VAL L 174 -31.33 -0.73 61.36
C VAL L 174 -32.06 0.63 61.23
N LEU L 175 -32.69 0.81 60.07
CA LEU L 175 -33.20 2.11 59.66
C LEU L 175 -34.66 2.31 60.08
N GLN L 176 -34.88 3.31 60.93
CA GLN L 176 -36.21 3.70 61.35
C GLN L 176 -36.41 5.21 61.19
N SER L 177 -37.30 5.60 60.28
CA SER L 177 -37.69 7.01 60.15
C SER L 177 -36.52 7.99 60.01
N ASP L 178 -35.66 7.77 59.02
CA ASP L 178 -34.50 8.63 58.75
C ASP L 178 -33.31 8.45 59.73
N LEU L 179 -33.48 7.64 60.77
CA LEU L 179 -32.48 7.50 61.84
C LEU L 179 -32.10 6.04 62.12
N TYR L 180 -30.81 5.76 62.16
CA TYR L 180 -30.32 4.41 62.44
C TYR L 180 -30.56 4.09 63.92
N THR L 181 -30.74 2.82 64.24
CA THR L 181 -30.75 2.38 65.64
C THR L 181 -30.07 1.01 65.79
N LEU L 182 -29.18 0.89 66.77
CA LEU L 182 -28.46 -0.38 66.98
C LEU L 182 -28.32 -0.74 68.45
N SER L 183 -27.92 -2.00 68.71
CA SER L 183 -27.76 -2.45 70.07
C SER L 183 -26.51 -3.30 70.22
N SER L 184 -25.86 -3.22 71.37
CA SER L 184 -24.70 -4.06 71.65
C SER L 184 -24.89 -4.84 72.94
N SER L 185 -24.54 -6.12 72.88
CA SER L 185 -24.80 -7.03 73.98
C SER L 185 -23.50 -7.67 74.49
N VAL L 186 -23.16 -7.42 75.75
CA VAL L 186 -21.93 -7.96 76.36
C VAL L 186 -22.28 -9.08 77.34
N THR L 187 -21.39 -10.07 77.44
CA THR L 187 -21.60 -11.20 78.34
C THR L 187 -20.36 -11.41 79.24
N VAL L 188 -20.60 -11.52 80.54
CA VAL L 188 -19.52 -11.77 81.48
C VAL L 188 -19.93 -12.76 82.56
N THR L 189 -18.99 -13.09 83.44
CA THR L 189 -19.28 -13.96 84.57
C THR L 189 -19.95 -13.20 85.72
N SER L 190 -20.77 -13.91 86.47
CA SER L 190 -21.43 -13.34 87.64
C SER L 190 -20.39 -12.94 88.69
N SER L 191 -19.14 -13.33 88.44
CA SER L 191 -18.03 -13.01 89.33
C SER L 191 -17.58 -11.55 89.20
N THR L 192 -17.46 -11.09 87.96
CA THR L 192 -16.89 -9.77 87.69
C THR L 192 -17.94 -8.65 87.55
N TRP L 193 -19.21 -8.98 87.78
CA TRP L 193 -20.27 -7.97 87.84
C TRP L 193 -21.25 -8.26 89.00
N PRO L 194 -21.71 -7.21 89.69
CA PRO L 194 -21.31 -5.80 89.57
C PRO L 194 -20.18 -5.37 90.50
N SER L 195 -19.06 -6.10 90.50
CA SER L 195 -17.88 -5.66 91.23
C SER L 195 -17.08 -4.75 90.33
N GLN L 196 -16.48 -5.30 89.28
CA GLN L 196 -15.77 -4.50 88.29
C GLN L 196 -16.76 -3.69 87.46
N SER L 197 -16.49 -2.40 87.34
CA SER L 197 -17.38 -1.47 86.65
C SER L 197 -17.20 -1.53 85.12
N ILE L 198 -18.27 -1.88 84.42
CA ILE L 198 -18.26 -1.95 82.97
C ILE L 198 -19.05 -0.78 82.38
N THR L 199 -18.46 -0.12 81.38
CA THR L 199 -19.15 0.95 80.66
C THR L 199 -19.01 0.72 79.17
N CYS L 200 -20.06 1.06 78.42
CA CYS L 200 -20.00 0.99 76.96
C CYS L 200 -19.66 2.36 76.41
N ASN L 201 -18.55 2.43 75.68
CA ASN L 201 -18.08 3.68 75.10
C ASN L 201 -18.64 3.87 73.68
N VAL L 202 -19.46 4.90 73.52
CA VAL L 202 -20.05 5.22 72.21
C VAL L 202 -19.41 6.47 71.65
N ALA L 203 -18.83 6.32 70.46
CA ALA L 203 -18.34 7.48 69.73
C ALA L 203 -19.09 7.60 68.41
N HIS L 204 -19.65 8.78 68.17
CA HIS L 204 -20.24 9.13 66.87
C HIS L 204 -19.40 10.26 66.26
N PRO L 205 -18.63 9.94 65.21
CA PRO L 205 -17.80 10.97 64.59
C PRO L 205 -18.61 12.14 64.03
N ALA L 206 -19.67 11.84 63.27
CA ALA L 206 -20.44 12.88 62.58
C ALA L 206 -21.29 13.71 63.54
N SER L 207 -21.40 13.26 64.78
CA SER L 207 -22.05 14.04 65.82
C SER L 207 -21.01 14.78 66.66
N SER L 208 -19.73 14.55 66.38
CA SER L 208 -18.65 15.03 67.23
C SER L 208 -18.90 14.66 68.69
N THR L 209 -19.33 13.42 68.93
CA THR L 209 -19.74 12.95 70.26
C THR L 209 -18.96 11.75 70.77
N LYS L 210 -18.54 11.81 72.03
CA LYS L 210 -18.00 10.65 72.73
C LYS L 210 -18.68 10.58 74.09
N VAL L 211 -19.47 9.53 74.33
CA VAL L 211 -20.13 9.37 75.64
C VAL L 211 -20.07 7.94 76.16
N ASP L 212 -19.94 7.82 77.48
CA ASP L 212 -19.84 6.52 78.13
C ASP L 212 -20.82 6.42 79.30
N LYS L 213 -21.82 5.54 79.19
CA LYS L 213 -22.81 5.36 80.26
C LYS L 213 -22.55 4.09 81.06
N LYS L 214 -22.11 4.27 82.30
CA LYS L 214 -21.82 3.16 83.20
C LYS L 214 -23.07 2.30 83.47
N ILE L 215 -22.92 0.99 83.44
CA ILE L 215 -24.08 0.12 83.63
C ILE L 215 -24.24 -0.19 85.11
N GLU L 216 -25.27 0.43 85.70
CA GLU L 216 -25.58 0.25 87.11
C GLU L 216 -26.66 -0.82 87.32
N PRO L 217 -26.52 -1.64 88.37
CA PRO L 217 -27.60 -2.58 88.73
C PRO L 217 -28.90 -1.85 89.06
N ARG L 218 -29.93 -2.59 89.45
CA ARG L 218 -31.20 -1.99 89.87
C ARG L 218 -31.93 -2.86 90.86
C1 NAG M . -18.71 -11.39 -28.53
C2 NAG M . -18.83 -12.50 -29.59
C3 NAG M . -20.27 -12.88 -29.92
C4 NAG M . -21.17 -12.97 -28.69
C5 NAG M . -20.91 -11.78 -27.78
C6 NAG M . -21.70 -11.87 -26.47
C7 NAG M . -17.03 -12.69 -31.19
C8 NAG M . -16.55 -12.42 -32.56
N2 NAG M . -18.15 -12.10 -30.80
O3 NAG M . -20.26 -14.14 -30.55
O4 NAG M . -22.54 -13.04 -29.07
O5 NAG M . -19.55 -11.74 -27.45
O6 NAG M . -21.19 -12.90 -25.66
O7 NAG M . -16.38 -13.43 -30.45
C1 NAG M . -23.01 -14.40 -28.92
C2 NAG M . -24.46 -14.40 -28.41
C3 NAG M . -25.13 -15.76 -28.50
C4 NAG M . -24.77 -16.52 -29.77
C5 NAG M . -23.26 -16.49 -30.00
C6 NAG M . -22.86 -17.20 -31.28
C7 NAG M . -25.13 -12.82 -26.69
C8 NAG M . -25.17 -12.53 -25.21
N2 NAG M . -24.51 -13.94 -27.04
O3 NAG M . -26.53 -15.60 -28.46
O4 NAG M . -25.21 -17.86 -29.65
O5 NAG M . -22.84 -15.14 -30.10
O6 NAG M . -23.30 -16.45 -32.41
O7 NAG M . -25.61 -12.03 -27.50
C1 NAG N . 18.08 -18.62 -4.75
C2 NAG N . 19.28 -18.89 -3.87
C3 NAG N . 20.46 -18.00 -4.26
C4 NAG N . 20.78 -18.09 -5.74
C5 NAG N . 19.50 -17.99 -6.58
C6 NAG N . 19.74 -18.39 -8.03
C7 NAG N . 18.99 -19.55 -1.53
C8 NAG N . 19.67 -19.12 -0.25
N2 NAG N . 18.92 -18.62 -2.49
O3 NAG N . 21.60 -18.39 -3.54
O4 NAG N . 21.63 -17.01 -6.05
O5 NAG N . 18.45 -18.81 -6.10
O6 NAG N . 20.25 -19.69 -8.11
O7 NAG N . 18.51 -20.67 -1.66
C1 NAG N . 22.90 -17.47 -6.56
C2 NAG N . 23.40 -16.46 -7.58
C3 NAG N . 24.76 -16.84 -8.16
C4 NAG N . 25.73 -17.21 -7.04
C5 NAG N . 25.05 -18.19 -6.10
C6 NAG N . 26.00 -18.67 -5.00
C7 NAG N . 21.83 -15.12 -8.81
C8 NAG N . 21.63 -14.64 -10.24
N2 NAG N . 22.43 -16.29 -8.64
O3 NAG N . 25.28 -15.74 -8.87
O4 NAG N . 26.88 -17.83 -7.57
O5 NAG N . 23.88 -17.61 -5.56
O6 NAG N . 26.82 -17.62 -4.53
O7 NAG N . 21.45 -14.41 -7.86
C1 BMA N . 27.95 -16.87 -7.69
C2 BMA N . 29.31 -17.59 -7.72
C3 BMA N . 30.45 -16.59 -7.92
C4 BMA N . 30.16 -15.61 -9.05
C5 BMA N . 28.79 -15.02 -8.82
C6 BMA N . 28.45 -13.97 -9.87
O2 BMA N . 29.33 -18.55 -8.75
O3 BMA N . 31.65 -17.27 -8.22
O4 BMA N . 31.14 -14.59 -9.06
O5 BMA N . 27.82 -16.05 -8.83
O6 BMA N . 29.28 -14.03 -11.01
C1 MAN N . 32.52 -17.16 -7.08
C2 MAN N . 33.94 -16.98 -7.58
C3 MAN N . 34.38 -18.25 -8.30
C4 MAN N . 34.03 -19.52 -7.51
C5 MAN N . 32.59 -19.50 -6.99
C6 MAN N . 32.33 -20.69 -6.08
O2 MAN N . 34.84 -16.63 -6.54
O3 MAN N . 35.77 -18.19 -8.52
O4 MAN N . 34.20 -20.66 -8.31
O5 MAN N . 32.40 -18.31 -6.26
O6 MAN N . 30.97 -20.67 -5.68
C1 MAN N . 28.41 -14.08 -12.16
C2 MAN N . 28.08 -15.48 -12.65
C3 MAN N . 29.26 -16.12 -13.37
C4 MAN N . 29.58 -15.25 -14.57
C5 MAN N . 29.85 -13.84 -14.06
C6 MAN N . 29.88 -12.85 -15.22
O2 MAN N . 27.01 -15.40 -13.57
O3 MAN N . 28.93 -17.40 -13.85
O4 MAN N . 30.69 -15.79 -15.25
O5 MAN N . 28.81 -13.31 -13.27
O6 MAN N . 28.68 -12.91 -15.96
C1 NAG O . -17.08 12.85 -32.13
C2 NAG O . -18.35 13.68 -32.32
C3 NAG O . -18.71 14.54 -31.11
C4 NAG O . -18.66 13.71 -29.84
C5 NAG O . -17.30 13.02 -29.73
C6 NAG O . -17.31 12.09 -28.54
C7 NAG O . -18.52 14.05 -34.69
C8 NAG O . -17.99 14.79 -35.88
N2 NAG O . -18.18 14.52 -33.49
O3 NAG O . -20.00 15.08 -31.26
O4 NAG O . -18.83 14.53 -28.69
O5 NAG O . -17.01 12.23 -30.87
O6 NAG O . -18.22 11.05 -28.83
O7 NAG O . -19.23 13.06 -34.84
C1 NAG O . -20.11 14.38 -28.05
C2 NAG O . -19.91 14.83 -26.61
C3 NAG O . -21.20 14.98 -25.81
C4 NAG O . -22.23 15.76 -26.61
C5 NAG O . -22.38 15.15 -28.00
C6 NAG O . -23.40 15.91 -28.86
C7 NAG O . -17.80 14.29 -25.55
C8 NAG O . -17.07 13.37 -24.61
N2 NAG O . -19.02 13.92 -25.92
O3 NAG O . -20.90 15.67 -24.62
O4 NAG O . -23.47 15.74 -25.90
O5 NAG O . -21.14 15.11 -28.69
O6 NAG O . -22.94 17.21 -29.15
O7 NAG O . -17.27 15.33 -25.97
C1 NAG P . 36.66 6.48 -11.48
C2 NAG P . 38.03 6.90 -10.96
C3 NAG P . 39.19 6.24 -11.70
C4 NAG P . 38.96 4.76 -11.99
C5 NAG P . 37.53 4.56 -12.51
C6 NAG P . 37.19 3.08 -12.73
C7 NAG P . 38.18 9.08 -9.97
C8 NAG P . 38.63 10.51 -10.12
N2 NAG P . 38.18 8.33 -11.07
O3 NAG P . 40.35 6.37 -10.91
O4 NAG P . 39.91 4.28 -12.92
O5 NAG P . 36.64 5.07 -11.55
O6 NAG P . 37.08 2.43 -11.48
O7 NAG P . 37.83 8.66 -8.87
C1 NAG P . 40.90 3.49 -12.22
C2 NAG P . 41.32 2.28 -13.06
C3 NAG P . 42.57 1.57 -12.53
C4 NAG P . 43.62 2.53 -12.00
C5 NAG P . 42.98 3.57 -11.07
C6 NAG P . 43.99 4.56 -10.54
C7 NAG P . 39.62 1.04 -14.30
C8 NAG P . 38.58 -0.05 -14.25
N2 NAG P . 40.24 1.32 -13.14
O3 NAG P . 43.15 0.82 -13.57
O4 NAG P . 44.61 1.80 -11.30
O5 NAG P . 42.00 4.28 -11.80
O6 NAG P . 44.41 5.41 -11.59
O7 NAG P . 39.84 1.64 -15.35
C1 NAG Q . 8.23 6.58 22.63
C2 NAG Q . 7.26 6.49 23.79
C3 NAG Q . 6.37 7.72 23.86
C4 NAG Q . 7.15 9.02 23.83
C5 NAG Q . 8.21 8.98 22.74
C6 NAG Q . 9.20 10.11 22.91
C7 NAG Q . 6.39 4.33 24.56
C8 NAG Q . 5.00 3.89 24.95
N2 NAG Q . 6.46 5.29 23.64
O3 NAG Q . 5.59 7.68 25.02
O4 NAG Q . 6.24 10.05 23.54
O5 NAG Q . 8.96 7.78 22.74
O6 NAG Q . 9.77 10.07 24.21
O7 NAG Q . 7.39 3.79 25.06
C1 NAG Q . 6.21 11.02 24.60
C2 NAG Q . 5.94 12.39 24.00
C3 NAG Q . 5.82 13.49 25.04
C4 NAG Q . 4.90 13.07 26.17
C5 NAG Q . 5.28 11.67 26.63
C6 NAG Q . 4.43 11.21 27.81
C7 NAG Q . 6.63 12.90 21.75
C8 NAG Q . 7.32 14.00 20.99
N2 NAG Q . 6.96 12.75 23.03
O3 NAG Q . 5.30 14.64 24.41
O4 NAG Q . 5.03 13.94 27.29
O5 NAG Q . 5.20 10.76 25.55
O6 NAG Q . 3.09 11.63 27.67
O7 NAG Q . 5.80 12.18 21.20
C1 BMA Q . 3.94 14.89 27.28
C2 BMA Q . 3.74 15.48 28.67
C3 BMA Q . 2.65 16.56 28.64
C4 BMA Q . 2.88 17.57 27.55
C5 BMA Q . 3.06 16.81 26.26
C6 BMA Q . 3.19 17.73 25.04
O2 BMA Q . 4.94 16.05 29.11
O3 BMA Q . 2.65 17.27 29.86
O4 BMA Q . 1.77 18.43 27.44
O5 BMA Q . 4.18 15.96 26.39
O6 BMA Q . 3.47 19.09 25.35
C1 MAN Q . 1.46 16.91 30.58
C2 MAN Q . 0.93 18.15 31.30
C3 MAN Q . 1.94 18.57 32.35
C4 MAN Q . 2.41 17.38 33.20
C5 MAN Q . 2.80 16.18 32.36
C6 MAN Q . 3.13 14.96 33.24
O2 MAN Q . -0.37 17.97 31.82
O3 MAN Q . 1.32 19.54 33.17
O4 MAN Q . 3.53 17.74 34.01
O5 MAN Q . 1.74 15.86 31.50
O6 MAN Q . 3.58 13.90 32.44
C1 MAN Q . 4.67 19.47 24.66
C2 MAN Q . 5.93 19.22 25.47
C3 MAN Q . 6.16 20.28 26.51
C4 MAN Q . 6.25 21.62 25.78
C5 MAN Q . 4.93 21.86 25.04
C6 MAN Q . 5.01 23.09 24.15
O2 MAN Q . 7.03 19.32 24.61
O3 MAN Q . 7.41 20.08 27.12
O4 MAN Q . 6.50 22.63 26.74
O5 MAN Q . 4.68 20.79 24.14
O6 MAN Q . 6.14 22.92 23.33
C1 NAG R . 22.98 17.39 -28.77
C2 NAG R . 23.23 17.07 -30.25
C3 NAG R . 22.14 16.20 -30.86
C4 NAG R . 21.85 14.98 -29.99
C5 NAG R . 21.52 15.45 -28.58
C6 NAG R . 21.40 14.24 -27.64
C7 NAG R . 24.52 18.91 -31.10
C8 NAG R . 24.52 20.35 -31.52
N2 NAG R . 23.34 18.32 -30.98
O3 NAG R . 22.54 15.77 -32.15
O4 NAG R . 20.75 14.27 -30.53
O5 NAG R . 22.53 16.28 -28.04
O6 NAG R . 22.66 13.63 -27.49
O7 NAG R . 25.57 18.32 -30.89
C1 NAG R . 21.12 12.97 -31.07
C2 NAG R . 19.87 12.10 -30.97
C3 NAG R . 19.94 10.81 -31.79
C4 NAG R . 20.47 11.06 -33.19
C5 NAG R . 21.77 11.87 -33.12
C6 NAG R . 22.33 12.19 -34.51
C7 NAG R . 18.50 12.29 -28.99
C8 NAG R . 18.12 11.69 -27.67
N2 NAG R . 19.58 11.78 -29.58
O3 NAG R . 18.64 10.27 -31.85
O4 NAG R . 20.67 9.83 -33.86
O5 NAG R . 21.61 13.08 -32.39
O6 NAG R . 21.47 13.05 -35.24
O7 NAG R . 17.83 13.21 -29.47
C1 BMA R . 19.45 9.35 -34.48
C2 BMA R . 19.79 8.64 -35.79
C3 BMA R . 18.60 7.91 -36.42
C4 BMA R . 17.78 7.17 -35.36
C5 BMA R . 17.47 8.12 -34.22
C6 BMA R . 16.51 7.49 -33.22
O2 BMA R . 20.83 7.72 -35.58
O3 BMA R . 19.08 6.99 -37.38
O4 BMA R . 16.57 6.69 -35.91
O5 BMA R . 18.69 8.51 -33.62
O6 BMA R . 17.01 6.29 -32.69
C1 NAG S . -9.25 56.22 -24.81
C2 NAG S . -10.44 57.16 -24.75
C3 NAG S . -11.63 56.56 -24.00
C4 NAG S . -11.94 55.17 -24.53
C5 NAG S . -10.67 54.32 -24.55
C6 NAG S . -10.93 52.95 -25.18
C7 NAG S . -10.15 59.53 -24.87
C8 NAG S . -9.95 60.82 -24.15
N2 NAG S . -10.08 58.42 -24.13
O3 NAG S . -12.76 57.37 -24.25
O4 NAG S . -12.91 54.60 -23.70
O5 NAG S . -9.65 54.95 -25.30
O6 NAG S . -11.11 53.09 -26.57
O7 NAG S . -10.39 59.50 -26.09
C1 NAG S . -14.03 54.09 -24.43
C2 NAG S . -14.72 53.09 -23.54
C3 NAG S . -16.02 52.53 -24.14
C4 NAG S . -16.84 53.60 -24.83
C5 NAG S . -15.96 54.52 -25.67
C6 NAG S . -16.74 55.62 -26.41
C7 NAG S . -13.00 52.06 -22.21
C8 NAG S . -12.01 50.93 -22.09
N2 NAG S . -13.81 52.00 -23.26
O3 NAG S . -16.76 51.93 -23.10
O4 NAG S . -17.80 52.99 -25.67
O5 NAG S . -14.94 55.08 -24.87
O6 NAG S . -17.25 56.57 -25.51
O7 NAG S . -13.04 52.96 -21.38
C1 BMA S . -18.99 52.59 -24.96
C2 BMA S . -20.02 52.25 -26.02
C3 BMA S . -21.33 51.88 -25.36
C4 BMA S . -21.07 50.72 -24.40
C5 BMA S . -19.96 51.11 -23.42
C6 BMA S . -19.67 49.96 -22.47
O2 BMA S . -19.57 51.17 -26.81
O3 BMA S . -22.28 51.58 -26.37
O4 BMA S . -22.23 50.42 -23.66
O5 BMA S . -18.79 51.47 -24.12
O6 BMA S . -18.85 48.99 -23.07
C1 MAN S . -23.30 52.59 -26.38
C2 MAN S . -24.59 52.07 -27.05
C3 MAN S . -24.44 51.96 -28.56
C4 MAN S . -23.88 53.27 -29.12
C5 MAN S . -22.63 53.67 -28.35
C6 MAN S . -22.10 54.99 -28.88
O2 MAN S . -25.65 52.92 -26.71
O3 MAN S . -25.69 51.71 -29.17
O4 MAN S . -23.56 53.11 -30.48
O5 MAN S . -22.92 53.81 -26.98
O6 MAN S . -20.75 55.13 -28.48
C1 NAG T . -12.47 29.95 15.29
C2 NAG T . -13.73 30.46 15.96
C3 NAG T . -13.45 31.50 17.06
C4 NAG T . -12.25 31.13 17.92
C5 NAG T . -11.12 30.64 17.04
C6 NAG T . -9.92 30.15 17.82
C7 NAG T . -15.77 30.42 14.69
C8 NAG T . -16.78 31.21 13.92
N2 NAG T . -14.63 31.04 14.99
O3 NAG T . -14.59 31.60 17.88
O4 NAG T . -11.89 32.25 18.72
O5 NAG T . -11.58 29.56 16.29
O6 NAG T . -10.25 28.94 18.47
O7 NAG T . -16.00 29.24 14.99
C1 NAG T . -12.33 32.02 20.08
C2 NAG T . -11.29 32.55 21.07
C3 NAG T . -11.78 32.64 22.51
C4 NAG T . -13.23 33.10 22.62
C5 NAG T . -14.10 32.34 21.62
C6 NAG T . -15.56 32.81 21.65
C7 NAG T . -8.93 32.15 20.64
C8 NAG T . -7.77 31.21 20.77
N2 NAG T . -10.10 31.71 21.07
O3 NAG T . -10.97 33.56 23.20
O4 NAG T . -13.69 32.91 23.95
O5 NAG T . -13.62 32.55 20.32
O6 NAG T . -15.64 34.11 21.11
O7 NAG T . -8.78 33.28 20.15
C1 BMA T . -13.33 34.00 24.86
C2 BMA T . -14.01 33.72 26.21
C3 BMA T . -13.67 34.81 27.24
C4 BMA T . -12.18 35.06 27.28
C5 BMA T . -11.66 35.34 25.86
C6 BMA T . -10.17 35.71 25.88
O2 BMA T . -13.59 32.48 26.72
O3 BMA T . -14.14 34.40 28.51
O4 BMA T . -11.90 36.17 28.12
O5 BMA T . -11.95 34.23 25.03
O6 BMA T . -9.30 34.60 25.84
C1 NAG U . -26.83 -9.52 10.44
C2 NAG U . -28.19 -10.11 10.04
C3 NAG U . -28.42 -11.57 10.42
C4 NAG U . -27.17 -12.46 10.33
C5 NAG U . -25.98 -11.71 10.91
C6 NAG U . -24.68 -12.52 10.88
C7 NAG U . -30.02 -8.50 9.94
C8 NAG U . -31.22 -7.93 10.66
N2 NAG U . -29.24 -9.30 10.65
O3 NAG U . -29.43 -12.10 9.59
O4 NAG U . -27.37 -13.66 11.09
O5 NAG U . -25.79 -10.47 10.25
O6 NAG U . -24.30 -12.81 9.55
O7 NAG U . -29.82 -8.22 8.77
C1 NAG U . -27.65 -14.89 10.37
C2 NAG U . -26.70 -16.04 10.82
C3 NAG U . -27.11 -17.43 10.30
C4 NAG U . -28.61 -17.66 10.50
C5 NAG U . -29.35 -16.50 9.84
C6 NAG U . -30.86 -16.71 9.81
C7 NAG U . -24.29 -16.11 11.27
C8 NAG U . -22.90 -15.92 10.73
N2 NAG U . -25.31 -15.81 10.46
O3 NAG U . -26.39 -18.46 10.95
O4 NAG U . -28.98 -18.88 9.91
O5 NAG U . -29.01 -15.29 10.50
O6 NAG U . -31.35 -17.06 11.08
O7 NAG U . -24.45 -16.52 12.42
C1 NAG V . -19.16 -12.31 3.43
C2 NAG V . -19.31 -13.78 3.08
C3 NAG V . -19.66 -13.97 1.61
C4 NAG V . -20.86 -13.14 1.18
C5 NAG V . -20.72 -11.72 1.71
C6 NAG V . -22.02 -10.94 1.56
C7 NAG V . -18.01 -15.49 4.24
C8 NAG V . -17.29 -16.73 3.77
N2 NAG V . -18.09 -14.48 3.36
O3 NAG V . -19.95 -15.31 1.40
O4 NAG V . -20.87 -13.11 -0.23
O5 NAG V . -20.35 -11.66 3.06
O6 NAG V . -23.07 -11.60 2.22
O7 NAG V . -18.48 -15.44 5.38
C1 NAG V . -22.08 -13.67 -0.76
C2 NAG V . -22.44 -12.94 -2.05
C3 NAG V . -23.70 -13.48 -2.70
C4 NAG V . -23.66 -14.99 -2.80
C5 NAG V . -23.25 -15.55 -1.43
C6 NAG V . -23.27 -17.07 -1.40
C7 NAG V . -21.72 -10.67 -2.39
C8 NAG V . -22.29 -9.37 -2.88
N2 NAG V . -22.57 -11.51 -1.81
O3 NAG V . -23.78 -12.95 -4.01
O4 NAG V . -24.92 -15.51 -3.12
O5 NAG V . -21.99 -15.04 -1.06
O6 NAG V . -22.75 -17.60 -2.59
O7 NAG V . -20.52 -10.92 -2.53
C1 BMA V . -24.96 -15.83 -4.52
C2 BMA V . -26.06 -16.86 -4.81
C3 BMA V . -26.17 -17.14 -6.30
C4 BMA V . -26.22 -15.87 -7.12
C5 BMA V . -25.08 -14.98 -6.67
C6 BMA V . -24.99 -13.69 -7.50
O2 BMA V . -27.30 -16.39 -4.33
O3 BMA V . -27.35 -17.85 -6.59
O4 BMA V . -26.12 -16.18 -8.48
O5 BMA V . -25.20 -14.70 -5.30
O6 BMA V . -26.17 -13.37 -8.23
C1 MAN V . -26.99 -19.19 -6.95
C2 MAN V . -27.92 -19.68 -8.06
C3 MAN V . -29.34 -19.80 -7.49
C4 MAN V . -29.36 -20.54 -6.15
C5 MAN V . -28.30 -20.00 -5.18
C6 MAN V . -28.24 -20.85 -3.93
O2 MAN V . -27.49 -20.89 -8.63
O3 MAN V . -30.13 -20.48 -8.43
O4 MAN V . -30.62 -20.40 -5.53
O5 MAN V . -27.05 -20.05 -5.83
O6 MAN V . -27.30 -20.30 -3.03
C1 MAN V . -26.55 -12.02 -7.88
C2 MAN V . -27.52 -11.90 -6.71
C3 MAN V . -28.95 -12.27 -7.07
C4 MAN V . -29.40 -11.35 -8.20
C5 MAN V . -28.40 -11.47 -9.35
C6 MAN V . -28.63 -10.38 -10.39
O2 MAN V . -27.52 -10.55 -6.29
O3 MAN V . -29.81 -12.07 -5.98
O4 MAN V . -30.70 -11.72 -8.59
O5 MAN V . -27.06 -11.26 -8.96
O6 MAN V . -28.54 -9.12 -9.76
C1 NAG W . -1.84 38.70 -5.07
C2 NAG W . -0.86 39.87 -4.98
C3 NAG W . 0.60 39.45 -5.18
C4 NAG W . 0.95 38.24 -4.31
C5 NAG W . -0.03 37.12 -4.60
C6 NAG W . 0.19 35.99 -3.60
C7 NAG W . -2.11 41.82 -5.64
C8 NAG W . -2.73 42.57 -6.78
N2 NAG W . -1.22 40.88 -5.94
O3 NAG W . 1.41 40.55 -4.86
O4 NAG W . 2.27 37.80 -4.60
O5 NAG W . -1.38 37.52 -4.42
O6 NAG W . -0.16 36.46 -2.32
O7 NAG W . -2.43 42.08 -4.48
C1 NAG W . 3.22 38.06 -3.53
C2 NAG W . 4.33 37.02 -3.69
C3 NAG W . 5.57 37.29 -2.87
C4 NAG W . 6.00 38.75 -2.99
C5 NAG W . 4.81 39.68 -2.70
C6 NAG W . 5.17 41.16 -2.84
C7 NAG W . 3.68 34.79 -4.34
C8 NAG W . 3.44 33.38 -3.89
N2 NAG W . 3.83 35.70 -3.37
O3 NAG W . 6.60 36.44 -3.33
O4 NAG W . 7.07 39.00 -2.08
O5 NAG W . 3.71 39.39 -3.55
O6 NAG W . 5.52 41.49 -4.17
O7 NAG W . 3.75 35.09 -5.53
C1 BMA W . 8.38 38.91 -2.68
C2 BMA W . 9.36 39.64 -1.75
C3 BMA W . 10.82 39.48 -2.19
C4 BMA W . 11.12 38.03 -2.50
C5 BMA W . 10.10 37.53 -3.50
C6 BMA W . 10.44 36.12 -4.01
O2 BMA W . 9.23 39.14 -0.43
O3 BMA W . 11.67 39.97 -1.18
O4 BMA W . 12.42 37.89 -3.02
O5 BMA W . 8.81 37.58 -2.92
O6 BMA W . 10.50 35.20 -2.95
C1 MAN W . 12.23 41.23 -1.60
C2 MAN W . 13.45 41.57 -0.74
C3 MAN W . 13.02 41.76 0.70
C4 MAN W . 11.93 42.81 0.78
C5 MAN W . 10.80 42.52 -0.20
C6 MAN W . 9.84 43.70 -0.24
O2 MAN W . 14.04 42.75 -1.21
O3 MAN W . 14.13 42.18 1.46
O4 MAN W . 11.42 42.87 2.10
O5 MAN W . 11.31 42.30 -1.51
O6 MAN W . 8.73 43.41 -1.06
C1 NAG X . -26.82 -28.03 -8.26
C2 NAG X . -27.44 -28.28 -9.65
C3 NAG X . -28.71 -27.46 -9.81
C4 NAG X . -29.62 -27.63 -8.57
C5 NAG X . -28.87 -27.61 -7.24
C6 NAG X . -29.73 -28.03 -6.06
C7 NAG X . -25.69 -28.94 -11.20
C8 NAG X . -24.21 -28.76 -10.99
N2 NAG X . -26.48 -27.99 -10.71
O3 NAG X . -29.37 -27.83 -11.00
O4 NAG X . -30.60 -26.60 -8.54
O5 NAG X . -27.75 -28.47 -7.32
O6 NAG X . -30.01 -29.42 -6.12
O7 NAG X . -26.11 -29.94 -11.78
C1 NAG X . -31.88 -27.24 -8.69
C2 NAG X . -32.97 -26.54 -7.87
C3 NAG X . -34.14 -27.52 -7.84
C4 NAG X . -34.61 -27.73 -9.28
C5 NAG X . -33.45 -28.12 -10.23
C6 NAG X . -33.83 -28.00 -11.70
C7 NAG X . -32.45 -24.81 -6.26
C8 NAG X . -33.53 -24.20 -5.43
N2 NAG X . -32.56 -26.11 -6.55
O3 NAG X . -35.20 -27.02 -7.05
O4 NAG X . -35.64 -28.69 -9.31
O5 NAG X . -32.28 -27.35 -10.03
O6 NAG X . -32.68 -27.91 -12.50
O7 NAG X . -31.50 -24.11 -6.63
C1 NAG Y . -12.33 28.90 -53.83
C2 NAG Y . -12.36 28.47 -55.28
C3 NAG Y . -11.85 27.05 -55.49
C4 NAG Y . -10.51 26.86 -54.79
C5 NAG Y . -10.58 27.36 -53.34
C6 NAG Y . -9.23 27.29 -52.64
C7 NAG Y . -13.90 29.46 -56.85
C8 NAG Y . -15.25 29.40 -57.50
N2 NAG Y . -13.69 28.60 -55.86
O3 NAG Y . -11.68 26.81 -56.87
O4 NAG Y . -10.16 25.50 -54.84
O5 NAG Y . -11.03 28.69 -53.29
O6 NAG Y . -8.39 28.31 -53.16
O7 NAG Y . -13.05 30.25 -57.24
C1 NAG Z . 15.85 -27.54 -10.33
C2 NAG Z . 17.12 -28.19 -10.90
C3 NAG Z . 17.91 -29.05 -9.90
C4 NAG Z . 17.91 -28.52 -8.48
C5 NAG Z . 16.51 -28.07 -8.10
C6 NAG Z . 16.43 -27.54 -6.66
C7 NAG Z . 17.10 -28.69 -13.30
C8 NAG Z . 16.90 -29.74 -14.34
N2 NAG Z . 16.77 -29.01 -12.04
O3 NAG Z . 19.24 -29.16 -10.35
O4 NAG Z . 18.32 -29.53 -7.57
O5 NAG Z . 16.06 -27.08 -9.00
O6 NAG Z . 17.23 -26.38 -6.50
O7 NAG Z . 17.54 -27.58 -13.61
S SO4 AA . 5.04 -3.51 -39.23
O1 SO4 AA . 6.35 -2.86 -39.20
O2 SO4 AA . 4.71 -3.85 -40.61
O3 SO4 AA . 4.01 -2.61 -38.70
O4 SO4 AA . 5.08 -4.73 -38.43
S SO4 BA . -10.96 -30.54 -15.51
O1 SO4 BA . -10.75 -29.12 -15.77
O2 SO4 BA . -11.67 -31.16 -16.63
O3 SO4 BA . -9.64 -31.16 -15.35
O4 SO4 BA . -11.76 -30.61 -14.28
S SO4 CA . -4.87 1.63 -9.37
O1 SO4 CA . -3.89 2.71 -9.28
O2 SO4 CA . -6.11 2.15 -9.95
O3 SO4 CA . -4.38 0.59 -10.27
O4 SO4 CA . -5.10 1.05 -8.04
S SO4 DA . -10.59 0.19 -20.92
O1 SO4 DA . -11.29 1.30 -20.27
O2 SO4 DA . -9.37 0.71 -21.52
O3 SO4 DA . -11.44 -0.31 -22.00
O4 SO4 DA . -10.29 -0.85 -19.93
S SO4 EA . -16.53 -1.26 -46.01
O1 SO4 EA . -16.77 0.12 -45.59
O2 SO4 EA . -16.14 -1.19 -47.42
O3 SO4 EA . -15.45 -1.86 -45.22
O4 SO4 EA . -17.73 -2.07 -45.86
C1 NAG FA . 1.09 45.38 -77.88
C2 NAG FA . 2.04 44.29 -78.41
C3 NAG FA . 2.51 44.56 -79.84
C4 NAG FA . 1.34 44.96 -80.74
C5 NAG FA . 0.60 46.13 -80.11
C6 NAG FA . -0.56 46.63 -80.98
C7 NAG FA . 3.46 43.02 -76.89
C8 NAG FA . 4.83 42.88 -76.28
N2 NAG FA . 3.22 44.13 -77.57
O3 NAG FA . 3.13 43.39 -80.33
O4 NAG FA . 1.82 45.34 -82.01
O5 NAG FA . 0.11 45.78 -78.83
O6 NAG FA . -1.71 45.85 -80.77
O7 NAG FA . 2.63 42.12 -76.75
S SO4 GA . 10.51 61.06 -72.61
O1 SO4 GA . 9.36 61.76 -72.05
O2 SO4 GA . 10.75 61.57 -73.95
O3 SO4 GA . 11.68 61.28 -71.77
O4 SO4 GA . 10.21 59.63 -72.69
S SO4 HA . -14.15 65.55 -67.33
O1 SO4 HA . -15.57 65.64 -66.99
O2 SO4 HA . -13.74 66.77 -68.02
O3 SO4 HA . -13.94 64.40 -68.18
O4 SO4 HA . -13.36 65.39 -66.11
S SO4 IA . -20.92 44.53 -64.31
O1 SO4 IA . -20.97 45.82 -63.61
O2 SO4 IA . -21.07 44.76 -65.74
O3 SO4 IA . -19.62 43.89 -64.13
O4 SO4 IA . -21.97 43.63 -63.81
C1 GOL JA . 0.89 25.14 -40.15
O1 GOL JA . 0.06 24.69 -39.11
C2 GOL JA . 0.70 26.63 -40.49
O2 GOL JA . -0.62 27.02 -40.13
C3 GOL JA . 1.79 27.50 -39.83
O3 GOL JA . 1.95 28.80 -40.37
C1 NAG KA . 23.75 41.55 -41.61
C2 NAG KA . 24.90 42.55 -41.60
C3 NAG KA . 25.65 42.58 -40.28
C4 NAG KA . 24.67 42.73 -39.13
C5 NAG KA . 23.54 41.70 -39.24
C6 NAG KA . 22.49 41.90 -38.15
C7 NAG KA . 26.02 43.21 -43.66
C8 NAG KA . 27.14 42.95 -44.62
N2 NAG KA . 25.84 42.30 -42.69
O3 NAG KA . 26.53 43.67 -40.25
O4 NAG KA . 25.36 42.56 -37.91
O5 NAG KA . 22.90 41.79 -40.50
O6 NAG KA . 21.76 43.08 -38.42
O7 NAG KA . 25.34 44.23 -43.76
C1 NAG LA . 18.22 7.01 26.54
C2 NAG LA . 18.33 7.96 27.74
C3 NAG LA . 17.87 7.38 29.08
C4 NAG LA . 16.69 6.42 28.97
C5 NAG LA . 16.89 5.47 27.79
C6 NAG LA . 15.76 4.46 27.64
C7 NAG LA . 20.11 9.65 27.61
C8 NAG LA . 21.49 10.03 28.04
N2 NAG LA . 19.72 8.41 27.88
O3 NAG LA . 17.53 8.44 29.96
O4 NAG LA . 16.56 5.67 30.16
O5 NAG LA . 17.05 6.21 26.60
O6 NAG LA . 14.53 5.10 27.35
O7 NAG LA . 19.39 10.45 27.04
S SO4 MA . 27.92 29.39 -0.83
O1 SO4 MA . 28.25 30.19 0.36
O2 SO4 MA . 28.18 30.16 -2.04
O3 SO4 MA . 28.75 28.18 -0.82
O4 SO4 MA . 26.51 29.03 -0.80
S SO4 NA . 36.93 -4.78 9.69
O1 SO4 NA . 38.20 -4.07 9.89
O2 SO4 NA . 36.74 -4.96 8.26
O3 SO4 NA . 36.97 -6.10 10.34
O4 SO4 NA . 35.83 -4.01 10.26
S SO4 OA . 30.20 15.44 9.04
O1 SO4 OA . 31.22 16.41 8.60
O2 SO4 OA . 29.20 15.42 7.98
O3 SO4 OA . 30.79 14.12 9.27
O4 SO4 OA . 29.59 15.90 10.30
C1 NAG PA . 21.73 72.35 -49.75
C2 NAG PA . 22.26 72.97 -48.45
C3 NAG PA . 22.72 74.41 -48.61
C4 NAG PA . 23.61 74.57 -49.83
C5 NAG PA . 22.88 74.01 -51.06
C6 NAG PA . 23.70 74.17 -52.34
C7 NAG PA . 21.39 72.22 -46.29
C8 NAG PA . 20.41 72.48 -45.17
N2 NAG PA . 21.24 72.94 -47.40
O3 NAG PA . 23.42 74.80 -47.45
O4 NAG PA . 23.92 75.93 -50.05
O5 NAG PA . 22.56 72.65 -50.85
O6 NAG PA . 24.63 73.11 -52.46
O7 NAG PA . 22.28 71.39 -46.16
S SO4 QA . 4.39 78.35 -54.24
O1 SO4 QA . 4.49 79.80 -54.12
O2 SO4 QA . 3.98 78.03 -55.61
O3 SO4 QA . 5.69 77.74 -53.98
O4 SO4 QA . 3.40 77.85 -53.31
S SO4 RA . 25.09 49.03 -60.48
O1 SO4 RA . 24.10 50.10 -60.52
O2 SO4 RA . 25.22 48.48 -61.83
O3 SO4 RA . 26.34 49.56 -59.95
O4 SO4 RA . 24.68 47.90 -59.64
C1 GOL SA . 10.71 37.45 -27.37
O1 GOL SA . 11.07 36.14 -27.74
C2 GOL SA . 10.18 38.34 -28.54
O2 GOL SA . 10.01 37.62 -29.74
C3 GOL SA . 8.88 39.06 -28.12
O3 GOL SA . 8.15 39.57 -29.23
S SO4 TA . -18.76 10.32 27.82
O1 SO4 TA . -19.71 11.30 28.35
O2 SO4 TA . -18.45 10.62 26.43
O3 SO4 TA . -17.54 10.29 28.64
O4 SO4 TA . -19.39 9.01 27.71
O1 PG4 UA . 1.19 16.84 5.19
C1 PG4 UA . 0.40 16.34 4.09
C2 PG4 UA . -1.03 16.88 4.17
O2 PG4 UA . -1.01 18.24 4.61
C3 PG4 UA . -2.24 18.61 5.24
C4 PG4 UA . -1.99 18.66 6.74
O3 PG4 UA . -2.92 17.80 7.40
C5 PG4 UA . -2.39 16.48 7.64
C6 PG4 UA . -3.03 15.81 8.86
O4 PG4 UA . -3.54 16.81 9.75
C7 PG4 UA . -4.12 16.27 10.95
C8 PG4 UA . -4.15 17.36 12.02
O5 PG4 UA . -3.81 16.83 13.31
C1 NAG VA . -22.21 70.52 -50.47
C2 NAG VA . -23.65 70.02 -50.31
C3 NAG VA . -24.68 70.84 -51.08
C4 NAG VA . -24.45 72.33 -50.88
C5 NAG VA . -23.00 72.68 -51.20
C6 NAG VA . -22.71 74.17 -51.04
C7 NAG VA . -24.07 67.64 -49.87
C8 NAG VA . -24.41 66.30 -50.48
N2 NAG VA . -23.76 68.62 -50.73
O3 NAG VA . -25.98 70.47 -50.67
O4 NAG VA . -25.32 73.08 -51.71
O5 NAG VA . -22.11 71.94 -50.39
O6 NAG VA . -22.46 74.48 -49.68
O7 NAG VA . -24.08 67.79 -48.65
S SO4 WA . -2.81 73.84 -33.75
O1 SO4 WA . -4.16 74.37 -33.54
O2 SO4 WA . -2.45 73.83 -35.18
O3 SO4 WA . -1.86 74.67 -33.02
O4 SO4 WA . -2.71 72.47 -33.22
S SO4 XA . -15.68 -26.61 9.84
O1 SO4 XA . -15.08 -25.44 9.20
O2 SO4 XA . -16.89 -26.98 9.10
O3 SO4 XA . -14.73 -27.71 9.88
O4 SO4 XA . -16.06 -26.30 11.22
C1 NAG YA . 38.48 -18.47 -1.66
C2 NAG YA . 39.75 -17.92 -2.35
C3 NAG YA . 39.91 -18.45 -3.77
C4 NAG YA . 39.79 -19.97 -3.77
C5 NAG YA . 38.48 -20.37 -3.11
C6 NAG YA . 38.26 -21.89 -3.14
C7 NAG YA . 40.80 -15.81 -1.80
C8 NAG YA . 41.75 -15.16 -2.79
N2 NAG YA . 39.77 -16.46 -2.32
O3 NAG YA . 41.17 -18.07 -4.31
O4 NAG YA . 39.86 -20.49 -5.08
O5 NAG YA . 38.43 -19.88 -1.78
O6 NAG YA . 39.28 -22.57 -2.44
O7 NAG YA . 41.01 -15.72 -0.59
S SO4 ZA . 21.79 -26.10 8.83
O1 SO4 ZA . 23.10 -25.93 9.44
O2 SO4 ZA . 21.77 -25.36 7.57
O3 SO4 ZA . 20.75 -25.63 9.75
O4 SO4 ZA . 21.57 -27.52 8.55
C1 NAG AB . -4.78 16.17 36.82
C2 NAG AB . -5.66 17.41 37.08
C3 NAG AB . -4.86 18.70 37.31
C4 NAG AB . -3.80 18.46 38.38
C5 NAG AB . -2.96 17.28 37.92
C6 NAG AB . -1.78 17.03 38.85
C7 NAG AB . -7.95 17.32 36.28
C8 NAG AB . -8.86 18.52 36.41
N2 NAG AB . -6.66 17.58 36.02
O3 NAG AB . -5.73 19.76 37.69
O4 NAG AB . -2.97 19.59 38.60
O5 NAG AB . -3.75 16.10 37.81
O6 NAG AB . -0.97 16.03 38.29
O7 NAG AB . -8.40 16.18 36.41
S SO4 BB . 2.34 -3.83 33.40
O1 SO4 BB . 1.72 -2.52 33.50
O2 SO4 BB . 3.58 -3.70 32.61
O3 SO4 BB . 2.65 -4.33 34.75
O4 SO4 BB . 1.46 -4.77 32.73
#